data_5J8H
#
_entry.id   5J8H
#
loop_
_entity.id
_entity.type
_entity.pdbx_description
1 polymer Calmodulin
2 polymer 'Eukaryotic elongation factor 2 kinase'
3 non-polymer 'CALCIUM ION'
#
loop_
_entity_poly.entity_id
_entity_poly.type
_entity_poly.pdbx_seq_one_letter_code
_entity_poly.pdbx_strand_id
1 'polypeptide(L)'
;ADQLTEEQIAEFKEAFSLFDKDGDGTITTKELGTVMRSLGQNPTEAELQDMINEVDADGNGTIDFPEFLTMMARKMKDTD
SEEEIREAFRVFDKDGNGYISAAELRHVMTNLGEKLTDEEVDEMIREADIDGDGQVNYEEFVQMMTAK
;
A
2 'polypeptide(L)' SPANSFHFKEAWKHAIQKAKHMPDPWA B
#
loop_
_chem_comp.id
_chem_comp.type
_chem_comp.name
_chem_comp.formula
CA non-polymer 'CALCIUM ION' 'Ca 2'
#
# COMPACT_ATOMS: atom_id res chain seq x y z
N ALA A 1 0.50 13.11 -9.61
CA ALA A 1 0.67 11.87 -8.84
C ALA A 1 -0.58 10.98 -8.91
N ASP A 2 -1.26 10.97 -10.06
CA ASP A 2 -2.52 10.18 -10.18
C ASP A 2 -2.41 9.22 -11.36
N GLN A 3 -1.21 9.01 -11.84
CA GLN A 3 -0.99 8.21 -13.05
C GLN A 3 -1.09 6.77 -12.85
N LEU A 4 -1.96 6.19 -13.61
CA LEU A 4 -2.01 4.80 -13.71
C LEU A 4 -2.09 4.41 -15.19
N THR A 5 -1.61 3.24 -15.53
CA THR A 5 -1.73 2.73 -16.88
C THR A 5 -3.08 1.97 -17.00
N GLU A 6 -3.48 1.60 -18.20
CA GLU A 6 -4.80 0.99 -18.40
C GLU A 6 -4.96 -0.37 -17.72
N GLU A 7 -3.95 -1.22 -17.83
CA GLU A 7 -3.96 -2.54 -17.17
C GLU A 7 -3.97 -2.35 -15.66
N GLN A 8 -3.26 -1.33 -15.24
CA GLN A 8 -3.15 -0.95 -13.85
C GLN A 8 -4.53 -0.54 -13.33
N ILE A 9 -5.20 0.34 -14.08
CA ILE A 9 -6.55 0.80 -13.77
C ILE A 9 -7.53 -0.38 -13.72
N ALA A 10 -7.36 -1.32 -14.64
CA ALA A 10 -8.19 -2.51 -14.72
C ALA A 10 -8.07 -3.37 -13.46
N GLU A 11 -6.88 -3.39 -12.90
CA GLU A 11 -6.64 -4.17 -11.68
C GLU A 11 -7.26 -3.46 -10.51
N PHE A 12 -7.19 -2.14 -10.53
CA PHE A 12 -7.80 -1.36 -9.49
C PHE A 12 -9.30 -1.44 -9.56
N LYS A 13 -9.84 -1.59 -10.76
CA LYS A 13 -11.27 -1.85 -10.94
C LYS A 13 -11.66 -3.07 -10.16
N GLU A 14 -10.88 -4.12 -10.31
CA GLU A 14 -11.10 -5.36 -9.60
C GLU A 14 -11.01 -5.13 -8.10
N ALA A 15 -9.87 -4.64 -7.65
CA ALA A 15 -9.59 -4.39 -6.22
C ALA A 15 -10.71 -3.57 -5.59
N PHE A 16 -11.07 -2.49 -6.25
CA PHE A 16 -12.12 -1.58 -5.83
C PHE A 16 -13.44 -2.31 -5.64
N SER A 17 -13.77 -3.18 -6.58
CA SER A 17 -15.01 -3.91 -6.52
C SER A 17 -14.96 -5.00 -5.44
N LEU A 18 -13.76 -5.50 -5.14
CA LEU A 18 -13.57 -6.49 -4.08
C LEU A 18 -13.86 -5.91 -2.71
N PHE A 19 -13.55 -4.65 -2.55
CA PHE A 19 -13.83 -3.95 -1.32
C PHE A 19 -15.22 -3.35 -1.34
N ASP A 20 -15.64 -2.88 -2.50
CA ASP A 20 -16.98 -2.35 -2.68
C ASP A 20 -17.97 -3.51 -2.78
N LYS A 21 -18.45 -3.92 -1.64
CA LYS A 21 -19.32 -5.05 -1.51
C LYS A 21 -20.68 -4.80 -2.09
N ASP A 22 -21.10 -3.56 -2.09
CA ASP A 22 -22.43 -3.25 -2.60
C ASP A 22 -22.41 -3.14 -4.12
N GLY A 23 -21.22 -3.05 -4.68
CA GLY A 23 -21.05 -2.90 -6.12
C GLY A 23 -21.74 -1.65 -6.65
N ASP A 24 -21.56 -0.56 -5.95
CA ASP A 24 -22.21 0.70 -6.30
C ASP A 24 -21.19 1.74 -6.75
N GLY A 25 -19.93 1.50 -6.46
CA GLY A 25 -18.91 2.42 -6.87
C GLY A 25 -18.41 3.33 -5.77
N THR A 26 -18.85 3.14 -4.54
CA THR A 26 -18.29 3.87 -3.40
C THR A 26 -18.12 2.94 -2.19
N ILE A 27 -16.95 2.95 -1.59
CA ILE A 27 -16.66 2.10 -0.46
C ILE A 27 -16.94 2.85 0.85
N THR A 28 -17.70 2.21 1.72
CA THR A 28 -18.04 2.72 3.04
C THR A 28 -17.17 2.04 4.12
N THR A 29 -17.24 2.53 5.34
CA THR A 29 -16.47 1.98 6.45
C THR A 29 -17.00 0.60 6.81
N LYS A 30 -18.27 0.37 6.49
CA LYS A 30 -18.95 -0.89 6.65
C LYS A 30 -18.19 -1.97 5.90
N GLU A 31 -17.98 -1.68 4.64
CA GLU A 31 -17.35 -2.58 3.71
C GLU A 31 -15.90 -2.80 4.08
N LEU A 32 -15.22 -1.70 4.43
CA LEU A 32 -13.83 -1.77 4.87
C LEU A 32 -13.72 -2.65 6.12
N GLY A 33 -14.50 -2.33 7.13
CA GLY A 33 -14.44 -3.07 8.36
C GLY A 33 -14.81 -4.53 8.20
N THR A 34 -15.64 -4.82 7.22
CA THR A 34 -16.02 -6.18 6.94
C THR A 34 -14.87 -6.94 6.23
N VAL A 35 -14.21 -6.29 5.25
CA VAL A 35 -13.09 -6.95 4.58
C VAL A 35 -11.92 -7.09 5.56
N MET A 36 -11.79 -6.10 6.44
CA MET A 36 -10.81 -6.16 7.51
C MET A 36 -11.17 -7.27 8.49
N ARG A 37 -12.45 -7.42 8.77
CA ARG A 37 -12.95 -8.44 9.70
C ARG A 37 -12.58 -9.83 9.20
N SER A 38 -12.84 -10.08 7.92
CA SER A 38 -12.51 -11.35 7.31
C SER A 38 -10.99 -11.54 7.17
N LEU A 39 -10.27 -10.44 7.20
CA LEU A 39 -8.82 -10.43 7.11
C LEU A 39 -8.23 -10.71 8.51
N GLY A 40 -9.00 -10.43 9.52
CA GLY A 40 -8.56 -10.66 10.86
C GLY A 40 -8.09 -9.39 11.55
N GLN A 41 -8.78 -8.31 11.31
CA GLN A 41 -8.49 -7.04 11.92
C GLN A 41 -9.80 -6.33 12.20
N ASN A 42 -9.96 -5.76 13.36
CA ASN A 42 -11.15 -4.98 13.67
C ASN A 42 -10.76 -3.55 14.05
N PRO A 43 -10.59 -2.67 13.05
CA PRO A 43 -10.29 -1.27 13.29
C PRO A 43 -11.55 -0.53 13.71
N THR A 44 -11.42 0.69 14.12
CA THR A 44 -12.56 1.43 14.58
C THR A 44 -13.21 2.18 13.41
N GLU A 45 -14.44 2.63 13.65
CA GLU A 45 -15.21 3.42 12.71
C GLU A 45 -14.42 4.69 12.37
N ALA A 46 -13.81 5.27 13.40
CA ALA A 46 -13.01 6.48 13.27
C ALA A 46 -11.80 6.29 12.35
N GLU A 47 -11.12 5.15 12.48
CA GLU A 47 -9.94 4.87 11.65
C GLU A 47 -10.31 4.79 10.20
N LEU A 48 -11.35 4.05 9.93
CA LEU A 48 -11.80 3.81 8.58
C LEU A 48 -12.39 5.06 7.96
N GLN A 49 -13.11 5.85 8.75
CA GLN A 49 -13.73 7.08 8.28
C GLN A 49 -12.66 8.06 7.86
N ASP A 50 -11.64 8.20 8.70
CA ASP A 50 -10.50 9.07 8.43
C ASP A 50 -9.79 8.61 7.18
N MET A 51 -9.58 7.31 7.08
CA MET A 51 -8.91 6.69 5.94
C MET A 51 -9.62 7.07 4.64
N ILE A 52 -10.94 7.02 4.68
CA ILE A 52 -11.77 7.43 3.58
C ILE A 52 -11.62 8.91 3.32
N ASN A 53 -11.88 9.71 4.34
CA ASN A 53 -11.93 11.16 4.22
C ASN A 53 -10.61 11.78 3.71
N GLU A 54 -9.51 11.10 3.89
CA GLU A 54 -8.28 11.50 3.40
C GLU A 54 -8.24 11.48 1.87
N VAL A 55 -8.86 10.46 1.29
CA VAL A 55 -8.85 10.33 -0.17
C VAL A 55 -10.12 10.93 -0.76
N ASP A 56 -11.12 11.10 0.09
CA ASP A 56 -12.41 11.64 -0.30
C ASP A 56 -12.30 13.12 -0.62
N ALA A 57 -12.02 13.41 -1.88
CA ALA A 57 -11.80 14.75 -2.37
C ALA A 57 -13.10 15.41 -2.76
N ASP A 58 -14.06 14.60 -3.14
CA ASP A 58 -15.36 15.14 -3.56
C ASP A 58 -16.24 15.46 -2.38
N GLY A 59 -15.83 15.00 -1.22
CA GLY A 59 -16.55 15.28 -0.01
C GLY A 59 -17.84 14.49 0.16
N ASN A 60 -18.01 13.38 -0.56
CA ASN A 60 -19.24 12.59 -0.38
C ASN A 60 -19.15 11.68 0.83
N GLY A 61 -17.95 11.46 1.32
CA GLY A 61 -17.77 10.65 2.50
C GLY A 61 -17.41 9.20 2.21
N THR A 62 -17.22 8.86 0.95
CA THR A 62 -16.84 7.50 0.59
C THR A 62 -15.72 7.49 -0.45
N ILE A 63 -15.10 6.34 -0.67
CA ILE A 63 -13.98 6.26 -1.60
C ILE A 63 -14.51 5.92 -2.99
N ASP A 64 -14.40 6.85 -3.87
CA ASP A 64 -14.80 6.67 -5.25
C ASP A 64 -13.58 6.15 -6.01
N PHE A 65 -13.80 5.57 -7.16
CA PHE A 65 -12.72 5.00 -7.95
C PHE A 65 -11.63 6.04 -8.34
N PRO A 66 -12.01 7.24 -8.89
CA PRO A 66 -11.05 8.32 -9.17
C PRO A 66 -10.16 8.64 -7.95
N GLU A 67 -10.77 8.66 -6.76
CA GLU A 67 -10.08 8.95 -5.52
C GLU A 67 -9.14 7.82 -5.14
N PHE A 68 -9.62 6.59 -5.32
CA PHE A 68 -8.80 5.40 -5.12
C PHE A 68 -7.57 5.43 -6.04
N LEU A 69 -7.79 5.79 -7.30
CA LEU A 69 -6.68 5.93 -8.25
C LEU A 69 -5.66 6.93 -7.73
N THR A 70 -6.15 8.06 -7.23
CA THR A 70 -5.31 9.06 -6.60
C THR A 70 -4.53 8.47 -5.41
N MET A 71 -5.26 7.85 -4.49
CA MET A 71 -4.71 7.24 -3.28
C MET A 71 -3.61 6.26 -3.59
N MET A 72 -3.89 5.34 -4.48
CA MET A 72 -2.96 4.28 -4.76
C MET A 72 -1.72 4.78 -5.43
N ALA A 73 -1.89 5.66 -6.39
CA ALA A 73 -0.80 6.19 -7.16
C ALA A 73 0.19 6.96 -6.27
N ARG A 74 -0.30 7.52 -5.18
CA ARG A 74 0.54 8.21 -4.25
C ARG A 74 1.26 7.20 -3.35
N LYS A 75 0.57 6.11 -3.00
CA LYS A 75 1.11 5.06 -2.11
C LYS A 75 2.16 4.24 -2.83
N MET A 76 1.98 4.11 -4.12
CA MET A 76 2.83 3.30 -4.96
C MET A 76 4.07 4.07 -5.40
N LYS A 77 4.05 5.38 -5.27
CA LYS A 77 5.15 6.16 -5.75
C LYS A 77 5.49 7.34 -4.82
N ASP A 78 4.66 8.38 -4.84
CA ASP A 78 4.92 9.58 -4.01
C ASP A 78 3.63 10.30 -3.70
N THR A 79 3.51 10.83 -2.50
CA THR A 79 2.43 11.74 -2.17
C THR A 79 2.80 13.11 -2.71
N ASP A 80 4.08 13.30 -2.74
CA ASP A 80 4.78 14.49 -3.20
C ASP A 80 6.23 14.26 -2.96
N SER A 81 6.52 13.94 -1.74
CA SER A 81 7.82 13.71 -1.25
C SER A 81 8.04 12.22 -0.96
N GLU A 82 9.19 11.89 -0.36
CA GLU A 82 9.61 10.51 -0.09
C GLU A 82 8.87 9.89 1.12
N GLU A 83 7.81 10.56 1.59
CA GLU A 83 7.03 10.11 2.75
C GLU A 83 6.60 8.67 2.61
N GLU A 84 6.01 8.37 1.47
CA GLU A 84 5.45 7.07 1.18
C GLU A 84 6.49 5.98 1.23
N ILE A 85 7.68 6.30 0.81
CA ILE A 85 8.75 5.35 0.76
C ILE A 85 9.26 5.06 2.17
N ARG A 86 9.45 6.12 2.95
CA ARG A 86 9.94 5.96 4.31
C ARG A 86 8.86 5.36 5.22
N GLU A 87 7.60 5.73 5.00
CA GLU A 87 6.48 5.15 5.76
C GLU A 87 6.37 3.65 5.52
N ALA A 88 6.66 3.22 4.30
CA ALA A 88 6.67 1.80 3.99
C ALA A 88 7.84 1.13 4.70
N PHE A 89 9.00 1.75 4.67
CA PHE A 89 10.18 1.22 5.36
C PHE A 89 9.88 1.10 6.88
N ARG A 90 9.22 2.12 7.39
CA ARG A 90 8.84 2.27 8.78
C ARG A 90 7.91 1.15 9.24
N VAL A 91 7.01 0.72 8.37
CA VAL A 91 6.08 -0.34 8.71
C VAL A 91 6.74 -1.73 8.58
N PHE A 92 7.84 -1.79 7.85
CA PHE A 92 8.55 -3.05 7.74
C PHE A 92 9.57 -3.21 8.85
N ASP A 93 10.43 -2.24 8.99
CA ASP A 93 11.46 -2.28 10.05
C ASP A 93 11.09 -1.35 11.18
N LYS A 94 10.32 -1.85 12.12
CA LYS A 94 9.90 -1.08 13.29
C LYS A 94 11.00 -1.03 14.31
N ASP A 95 11.82 -2.06 14.31
CA ASP A 95 12.82 -2.21 15.36
C ASP A 95 14.01 -1.29 15.16
N GLY A 96 14.12 -0.71 14.00
CA GLY A 96 15.19 0.19 13.74
C GLY A 96 16.49 -0.53 13.57
N ASN A 97 16.56 -1.35 12.57
CA ASN A 97 17.78 -2.06 12.26
C ASN A 97 18.51 -1.30 11.19
N GLY A 98 17.76 -0.44 10.51
CA GLY A 98 18.29 0.31 9.40
C GLY A 98 18.17 -0.50 8.14
N TYR A 99 17.74 -1.71 8.30
CA TYR A 99 17.57 -2.66 7.26
C TYR A 99 16.33 -3.46 7.58
N ILE A 100 15.59 -3.81 6.58
CA ILE A 100 14.41 -4.61 6.78
C ILE A 100 14.84 -6.05 6.92
N SER A 101 14.45 -6.68 7.98
CA SER A 101 14.76 -8.06 8.21
C SER A 101 13.57 -8.92 7.74
N ALA A 102 13.86 -10.06 7.11
CA ALA A 102 12.82 -10.95 6.57
C ALA A 102 11.94 -11.51 7.67
N ALA A 103 12.55 -11.86 8.79
CA ALA A 103 11.85 -12.41 9.93
C ALA A 103 10.82 -11.42 10.46
N GLU A 104 11.15 -10.15 10.43
CA GLU A 104 10.25 -9.12 10.89
C GLU A 104 9.18 -8.85 9.85
N LEU A 105 9.56 -8.91 8.58
CA LEU A 105 8.61 -8.68 7.53
C LEU A 105 7.57 -9.83 7.52
N ARG A 106 8.04 -11.04 7.81
CA ARG A 106 7.15 -12.21 7.91
C ARG A 106 6.14 -11.97 9.05
N HIS A 107 6.64 -11.40 10.13
CA HIS A 107 5.80 -11.08 11.28
C HIS A 107 4.76 -10.03 10.95
N VAL A 108 5.16 -8.96 10.25
CA VAL A 108 4.21 -7.92 9.91
C VAL A 108 3.17 -8.45 8.93
N MET A 109 3.58 -9.39 8.08
CA MET A 109 2.65 -10.00 7.12
C MET A 109 1.57 -10.78 7.81
N THR A 110 1.93 -11.49 8.85
CA THR A 110 0.99 -12.23 9.66
C THR A 110 -0.01 -11.23 10.30
N ASN A 111 0.52 -10.07 10.66
CA ASN A 111 -0.25 -8.98 11.27
C ASN A 111 -1.14 -8.28 10.24
N LEU A 112 -0.71 -8.29 8.99
CA LEU A 112 -1.42 -7.61 7.90
C LEU A 112 -2.41 -8.54 7.26
N GLY A 113 -2.26 -9.81 7.55
CA GLY A 113 -3.16 -10.81 7.04
C GLY A 113 -2.79 -11.29 5.66
N GLU A 114 -1.67 -10.81 5.13
CA GLU A 114 -1.22 -11.22 3.80
C GLU A 114 -0.75 -12.65 3.83
N LYS A 115 -0.22 -13.04 4.99
CA LYS A 115 0.23 -14.41 5.28
C LYS A 115 1.19 -14.93 4.23
N LEU A 116 2.45 -14.63 4.41
CA LEU A 116 3.47 -15.03 3.48
C LEU A 116 4.37 -16.05 4.14
N THR A 117 4.90 -16.94 3.36
CA THR A 117 5.82 -17.93 3.84
C THR A 117 7.20 -17.31 4.04
N ASP A 118 8.06 -18.02 4.76
CA ASP A 118 9.41 -17.54 5.02
C ASP A 118 10.16 -17.42 3.71
N GLU A 119 9.96 -18.39 2.83
CA GLU A 119 10.59 -18.41 1.52
C GLU A 119 10.13 -17.22 0.67
N GLU A 120 8.86 -16.86 0.83
CA GLU A 120 8.27 -15.74 0.10
C GLU A 120 8.93 -14.43 0.55
N VAL A 121 8.90 -14.17 1.85
CA VAL A 121 9.47 -12.95 2.40
C VAL A 121 10.99 -12.91 2.18
N ASP A 122 11.61 -14.09 2.21
CA ASP A 122 13.04 -14.24 2.01
C ASP A 122 13.42 -13.79 0.62
N GLU A 123 12.61 -14.19 -0.35
CA GLU A 123 12.84 -13.84 -1.74
C GLU A 123 12.62 -12.34 -1.94
N MET A 124 11.55 -11.82 -1.33
CA MET A 124 11.25 -10.39 -1.38
C MET A 124 12.40 -9.57 -0.84
N ILE A 125 12.88 -9.95 0.32
CA ILE A 125 14.02 -9.29 0.94
C ILE A 125 15.26 -9.45 0.10
N ARG A 126 15.48 -10.66 -0.40
CA ARG A 126 16.67 -10.99 -1.20
C ARG A 126 16.84 -10.07 -2.41
N GLU A 127 15.76 -9.81 -3.14
CA GLU A 127 15.86 -8.96 -4.30
C GLU A 127 16.08 -7.51 -3.89
N ALA A 128 15.53 -7.14 -2.76
CA ALA A 128 15.63 -5.78 -2.27
C ALA A 128 16.98 -5.53 -1.63
N ASP A 129 17.53 -6.58 -1.07
CA ASP A 129 18.85 -6.61 -0.51
C ASP A 129 19.85 -6.60 -1.66
N ILE A 130 20.28 -5.44 -2.04
CA ILE A 130 21.11 -5.29 -3.21
C ILE A 130 22.57 -5.60 -2.88
N ASP A 131 23.04 -5.11 -1.75
CA ASP A 131 24.46 -5.29 -1.39
C ASP A 131 24.72 -6.68 -0.83
N GLY A 132 23.67 -7.41 -0.52
CA GLY A 132 23.82 -8.77 -0.07
C GLY A 132 24.18 -8.88 1.40
N ASP A 133 23.43 -8.21 2.24
CA ASP A 133 23.64 -8.31 3.69
C ASP A 133 22.61 -9.26 4.26
N GLY A 134 21.60 -9.53 3.47
CA GLY A 134 20.51 -10.38 3.89
C GLY A 134 19.40 -9.54 4.43
N GLN A 135 19.62 -8.25 4.42
CA GLN A 135 18.69 -7.28 4.92
C GLN A 135 18.75 -6.09 4.00
N VAL A 136 17.62 -5.50 3.73
CA VAL A 136 17.54 -4.39 2.77
C VAL A 136 17.51 -3.01 3.46
N ASN A 137 18.46 -2.14 3.14
CA ASN A 137 18.47 -0.81 3.76
C ASN A 137 17.56 0.14 2.97
N TYR A 138 17.33 1.33 3.50
CA TYR A 138 16.43 2.31 2.91
C TYR A 138 16.79 2.62 1.45
N GLU A 139 18.06 2.86 1.17
CA GLU A 139 18.51 3.22 -0.17
C GLU A 139 18.28 2.10 -1.18
N GLU A 140 18.20 0.89 -0.70
CA GLU A 140 17.94 -0.24 -1.54
C GLU A 140 16.45 -0.41 -1.73
N PHE A 141 15.72 -0.16 -0.66
CA PHE A 141 14.28 -0.29 -0.67
C PHE A 141 13.60 0.80 -1.51
N VAL A 142 14.21 1.99 -1.58
CA VAL A 142 13.63 3.09 -2.35
C VAL A 142 13.46 2.75 -3.83
N GLN A 143 14.38 1.97 -4.36
CA GLN A 143 14.33 1.56 -5.76
C GLN A 143 13.30 0.46 -5.93
N MET A 144 13.19 -0.36 -4.91
CA MET A 144 12.31 -1.50 -4.89
C MET A 144 10.85 -1.12 -4.68
N MET A 145 10.62 -0.10 -3.89
CA MET A 145 9.28 0.34 -3.59
C MET A 145 8.58 0.87 -4.82
N THR A 146 9.30 1.57 -5.65
CA THR A 146 8.75 2.15 -6.86
C THR A 146 8.70 1.08 -8.00
N ALA A 147 9.33 -0.06 -7.78
CA ALA A 147 9.36 -1.13 -8.76
C ALA A 147 8.15 -2.05 -8.58
N LYS A 148 7.02 -1.59 -9.07
CA LYS A 148 5.78 -2.32 -8.98
C LYS A 148 5.11 -2.26 -10.33
N SER B 1 -7.10 -9.92 -6.84
CA SER B 1 -5.89 -9.61 -7.55
C SER B 1 -4.83 -10.64 -7.20
N PRO B 2 -4.70 -11.69 -8.05
CA PRO B 2 -3.75 -12.78 -7.83
C PRO B 2 -2.30 -12.40 -8.15
N ALA B 3 -1.43 -13.38 -8.03
CA ALA B 3 -0.02 -13.22 -8.30
C ALA B 3 0.50 -14.50 -8.91
N ASN B 4 0.43 -14.60 -10.21
CA ASN B 4 0.83 -15.83 -10.91
C ASN B 4 1.75 -15.54 -12.09
N SER B 5 1.50 -14.44 -12.78
CA SER B 5 2.27 -14.04 -13.96
C SER B 5 3.78 -13.98 -13.64
N PHE B 6 4.15 -13.08 -12.76
CA PHE B 6 5.54 -12.96 -12.34
C PHE B 6 5.63 -13.36 -10.88
N HIS B 7 4.47 -13.27 -10.22
CA HIS B 7 4.27 -13.62 -8.81
C HIS B 7 4.93 -12.62 -7.88
N PHE B 8 6.24 -12.47 -8.00
CA PHE B 8 7.01 -11.58 -7.14
C PHE B 8 6.51 -10.17 -7.31
N LYS B 9 6.48 -9.72 -8.55
CA LYS B 9 6.09 -8.36 -8.89
C LYS B 9 4.67 -8.05 -8.38
N GLU B 10 3.73 -8.95 -8.61
CA GLU B 10 2.36 -8.78 -8.14
C GLU B 10 2.27 -8.82 -6.61
N ALA B 11 2.99 -9.74 -5.98
CA ALA B 11 2.95 -9.87 -4.51
C ALA B 11 3.63 -8.68 -3.86
N TRP B 12 4.74 -8.27 -4.42
CA TRP B 12 5.54 -7.14 -3.97
C TRP B 12 4.73 -5.87 -4.18
N LYS B 13 3.82 -5.94 -5.06
CA LYS B 13 2.94 -4.87 -5.27
C LYS B 13 1.87 -4.89 -4.19
N HIS B 14 1.10 -5.95 -4.20
CA HIS B 14 -0.12 -6.09 -3.37
C HIS B 14 0.15 -6.08 -1.87
N ALA B 15 1.04 -6.94 -1.43
CA ALA B 15 1.33 -7.09 0.00
C ALA B 15 1.98 -5.84 0.56
N ILE B 16 2.72 -5.14 -0.27
CA ILE B 16 3.41 -3.95 0.17
C ILE B 16 2.47 -2.73 0.14
N GLN B 17 1.46 -2.76 -0.75
CA GLN B 17 0.41 -1.72 -0.79
C GLN B 17 -0.35 -1.75 0.52
N LYS B 18 -0.71 -2.97 0.91
CA LYS B 18 -1.47 -3.26 2.12
C LYS B 18 -0.70 -2.89 3.40
N ALA B 19 0.60 -2.89 3.32
CA ALA B 19 1.43 -2.62 4.48
C ALA B 19 1.48 -1.14 4.83
N LYS B 20 0.97 -0.31 3.95
CA LYS B 20 1.09 1.13 4.09
C LYS B 20 0.43 1.68 5.38
N HIS B 21 -0.59 1.02 5.88
CA HIS B 21 -1.26 1.46 7.10
C HIS B 21 -1.72 0.24 7.85
N MET B 22 -2.09 0.41 9.11
CA MET B 22 -2.67 -0.70 9.87
C MET B 22 -4.02 -1.09 9.25
N PRO B 23 -5.03 -0.18 9.12
CA PRO B 23 -6.27 -0.48 8.45
C PRO B 23 -6.18 0.03 7.01
N ASP B 24 -5.23 -0.50 6.27
CA ASP B 24 -4.92 -0.01 4.95
C ASP B 24 -5.82 -0.59 3.89
N PRO B 25 -6.46 0.26 3.11
CA PRO B 25 -7.20 -0.16 1.98
C PRO B 25 -6.33 -0.14 0.72
N TRP B 26 -6.14 -1.30 0.13
CA TRP B 26 -5.43 -1.38 -1.13
C TRP B 26 -6.41 -1.25 -2.26
N ALA B 27 -7.60 -0.84 -1.88
CA ALA B 27 -8.70 -0.55 -2.69
C ALA B 27 -9.49 0.47 -1.92
CA CA C . -20.46 0.31 -1.34
CA CA D . -15.70 10.39 -2.65
N ALA A 1 -0.05 21.00 2.72
CA ALA A 1 -0.42 19.61 2.96
C ALA A 1 -1.92 19.48 3.15
N ASP A 2 -2.51 20.41 3.90
CA ASP A 2 -3.93 20.35 4.13
C ASP A 2 -4.66 21.22 3.12
N GLN A 3 -4.87 20.65 1.97
CA GLN A 3 -5.57 21.31 0.89
C GLN A 3 -6.67 20.42 0.38
N LEU A 4 -7.86 20.65 0.84
CA LEU A 4 -8.94 19.84 0.40
C LEU A 4 -10.07 20.73 -0.05
N THR A 5 -10.58 20.46 -1.21
CA THR A 5 -11.67 21.20 -1.77
C THR A 5 -12.99 20.87 -1.07
N GLU A 6 -13.87 21.84 -1.08
CA GLU A 6 -15.15 21.82 -0.38
C GLU A 6 -16.02 20.60 -0.70
N GLU A 7 -16.12 20.22 -1.97
CA GLU A 7 -16.93 19.04 -2.33
C GLU A 7 -16.31 17.76 -1.84
N GLN A 8 -14.97 17.71 -1.84
CA GLN A 8 -14.27 16.55 -1.31
C GLN A 8 -14.63 16.42 0.15
N ILE A 9 -14.53 17.54 0.86
CA ILE A 9 -14.82 17.59 2.28
C ILE A 9 -16.28 17.20 2.56
N ALA A 10 -17.18 17.54 1.66
CA ALA A 10 -18.59 17.15 1.75
C ALA A 10 -18.72 15.63 1.65
N GLU A 11 -17.96 15.04 0.74
CA GLU A 11 -17.92 13.59 0.59
C GLU A 11 -17.32 12.97 1.82
N PHE A 12 -16.33 13.64 2.37
CA PHE A 12 -15.70 13.19 3.57
C PHE A 12 -16.61 13.33 4.76
N LYS A 13 -17.57 14.23 4.70
CA LYS A 13 -18.60 14.33 5.73
C LYS A 13 -19.37 13.00 5.76
N GLU A 14 -19.75 12.55 4.59
CA GLU A 14 -20.48 11.30 4.42
C GLU A 14 -19.60 10.10 4.84
N ALA A 15 -18.43 10.02 4.23
CA ALA A 15 -17.50 8.91 4.44
C ALA A 15 -16.96 8.84 5.87
N PHE A 16 -16.74 9.98 6.48
CA PHE A 16 -16.24 10.04 7.85
C PHE A 16 -17.26 9.46 8.79
N SER A 17 -18.49 9.86 8.61
CA SER A 17 -19.57 9.42 9.46
C SER A 17 -19.89 7.91 9.24
N LEU A 18 -19.40 7.35 8.14
CA LEU A 18 -19.48 5.90 7.92
C LEU A 18 -18.65 5.21 9.02
N PHE A 19 -17.50 5.78 9.30
CA PHE A 19 -16.61 5.29 10.33
C PHE A 19 -17.07 5.77 11.70
N ASP A 20 -17.28 7.08 11.81
CA ASP A 20 -17.74 7.72 13.04
C ASP A 20 -19.19 7.37 13.31
N LYS A 21 -19.36 6.43 14.17
CA LYS A 21 -20.63 5.87 14.49
C LYS A 21 -21.45 6.75 15.41
N ASP A 22 -20.81 7.71 16.05
CA ASP A 22 -21.52 8.53 17.02
C ASP A 22 -21.99 9.82 16.36
N GLY A 23 -21.47 10.12 15.19
CA GLY A 23 -21.82 11.37 14.52
C GLY A 23 -21.27 12.58 15.28
N ASP A 24 -20.06 12.45 15.77
CA ASP A 24 -19.42 13.47 16.61
C ASP A 24 -18.22 14.12 15.93
N GLY A 25 -17.73 13.51 14.88
CA GLY A 25 -16.60 14.07 14.16
C GLY A 25 -15.25 13.62 14.68
N THR A 26 -15.24 12.61 15.49
CA THR A 26 -14.00 12.03 15.96
C THR A 26 -14.11 10.51 15.87
N ILE A 27 -13.13 9.88 15.30
CA ILE A 27 -13.14 8.45 15.18
C ILE A 27 -12.19 7.84 16.19
N THR A 28 -12.72 7.01 17.04
CA THR A 28 -11.96 6.30 18.02
C THR A 28 -11.53 4.93 17.46
N THR A 29 -10.67 4.23 18.19
CA THR A 29 -10.23 2.89 17.82
C THR A 29 -11.45 1.96 17.75
N LYS A 30 -12.39 2.21 18.65
CA LYS A 30 -13.65 1.50 18.75
C LYS A 30 -14.39 1.50 17.42
N GLU A 31 -14.53 2.68 16.87
CA GLU A 31 -15.27 2.90 15.66
C GLU A 31 -14.56 2.32 14.45
N LEU A 32 -13.23 2.41 14.46
CA LEU A 32 -12.41 1.80 13.43
C LEU A 32 -12.63 0.30 13.43
N GLY A 33 -12.49 -0.29 14.60
CA GLY A 33 -12.67 -1.72 14.75
C GLY A 33 -14.08 -2.16 14.41
N THR A 34 -15.05 -1.27 14.64
CA THR A 34 -16.44 -1.55 14.30
C THR A 34 -16.60 -1.79 12.78
N VAL A 35 -16.12 -0.84 11.98
CA VAL A 35 -16.25 -0.96 10.53
C VAL A 35 -15.35 -2.05 9.97
N MET A 36 -14.22 -2.27 10.61
CA MET A 36 -13.29 -3.32 10.22
C MET A 36 -13.90 -4.68 10.49
N ARG A 37 -14.61 -4.78 11.59
CA ARG A 37 -15.29 -6.00 11.99
C ARG A 37 -16.40 -6.30 10.97
N SER A 38 -16.96 -5.25 10.41
CA SER A 38 -17.99 -5.37 9.39
C SER A 38 -17.35 -5.78 8.03
N LEU A 39 -16.03 -5.68 7.95
CA LEU A 39 -15.29 -6.07 6.75
C LEU A 39 -14.58 -7.40 6.98
N GLY A 40 -14.84 -8.01 8.13
CA GLY A 40 -14.26 -9.29 8.46
C GLY A 40 -12.82 -9.19 8.95
N GLN A 41 -12.43 -8.05 9.45
CA GLN A 41 -11.12 -7.88 9.97
C GLN A 41 -11.19 -7.49 11.42
N ASN A 42 -10.41 -8.15 12.23
CA ASN A 42 -10.30 -7.77 13.64
C ASN A 42 -8.84 -7.51 13.97
N PRO A 43 -8.30 -6.30 13.62
CA PRO A 43 -6.93 -5.92 13.96
C PRO A 43 -6.77 -5.78 15.47
N THR A 44 -5.56 -5.77 15.93
CA THR A 44 -5.30 -5.64 17.33
C THR A 44 -5.49 -4.20 17.80
N GLU A 45 -5.56 -3.99 19.11
CA GLU A 45 -5.73 -2.66 19.70
C GLU A 45 -4.55 -1.78 19.27
N ALA A 46 -3.37 -2.42 19.20
CA ALA A 46 -2.15 -1.77 18.77
C ALA A 46 -2.27 -1.24 17.35
N GLU A 47 -2.82 -2.08 16.45
CA GLU A 47 -3.02 -1.70 15.07
C GLU A 47 -3.94 -0.50 14.94
N LEU A 48 -5.00 -0.52 15.71
CA LEU A 48 -5.98 0.55 15.69
C LEU A 48 -5.38 1.86 16.23
N GLN A 49 -4.68 1.77 17.34
CA GLN A 49 -4.09 2.94 17.95
C GLN A 49 -2.94 3.51 17.12
N ASP A 50 -2.08 2.65 16.59
CA ASP A 50 -0.95 3.11 15.76
C ASP A 50 -1.47 3.83 14.54
N MET A 51 -2.50 3.25 13.97
CA MET A 51 -3.20 3.78 12.80
C MET A 51 -3.65 5.22 13.07
N ILE A 52 -4.26 5.42 14.23
CA ILE A 52 -4.70 6.74 14.64
C ILE A 52 -3.54 7.66 14.87
N ASN A 53 -2.61 7.23 15.71
CA ASN A 53 -1.51 8.07 16.17
C ASN A 53 -0.68 8.68 15.03
N GLU A 54 -0.65 8.01 13.89
CA GLU A 54 0.03 8.45 12.77
C GLU A 54 -0.59 9.73 12.15
N VAL A 55 -1.92 9.77 12.08
CA VAL A 55 -2.61 10.97 11.55
C VAL A 55 -3.01 11.91 12.66
N ASP A 56 -2.97 11.41 13.85
CA ASP A 56 -3.32 12.16 15.04
C ASP A 56 -2.24 13.21 15.27
N ALA A 57 -2.57 14.43 14.96
CA ALA A 57 -1.62 15.52 14.98
C ALA A 57 -1.49 16.11 16.36
N ASP A 58 -2.58 16.14 17.10
CA ASP A 58 -2.54 16.72 18.44
C ASP A 58 -2.22 15.64 19.47
N GLY A 59 -2.27 14.39 19.03
CA GLY A 59 -1.91 13.26 19.87
C GLY A 59 -2.87 13.07 21.02
N ASN A 60 -4.14 12.99 20.71
CA ASN A 60 -5.16 12.84 21.73
C ASN A 60 -5.76 11.43 21.73
N GLY A 61 -5.51 10.68 20.68
CA GLY A 61 -6.02 9.33 20.61
C GLY A 61 -7.15 9.16 19.60
N THR A 62 -7.57 10.23 18.99
CA THR A 62 -8.63 10.15 17.99
C THR A 62 -8.20 10.82 16.69
N ILE A 63 -8.75 10.35 15.59
CA ILE A 63 -8.53 10.98 14.32
C ILE A 63 -9.67 11.95 14.19
N ASP A 64 -9.38 13.18 14.39
CA ASP A 64 -10.40 14.18 14.40
C ASP A 64 -10.65 14.59 12.97
N PHE A 65 -11.81 15.15 12.71
CA PHE A 65 -12.20 15.52 11.35
C PHE A 65 -11.14 16.37 10.60
N PRO A 66 -10.62 17.49 11.19
CA PRO A 66 -9.55 18.30 10.59
C PRO A 66 -8.33 17.44 10.16
N GLU A 67 -7.92 16.53 11.02
CA GLU A 67 -6.76 15.67 10.77
C GLU A 67 -7.07 14.68 9.66
N PHE A 68 -8.30 14.21 9.65
CA PHE A 68 -8.77 13.26 8.68
C PHE A 68 -8.71 13.90 7.29
N LEU A 69 -9.07 15.17 7.22
CA LEU A 69 -9.02 15.92 5.96
C LEU A 69 -7.58 16.08 5.51
N THR A 70 -6.69 16.40 6.45
CA THR A 70 -5.26 16.51 6.21
C THR A 70 -4.75 15.19 5.59
N MET A 71 -5.13 14.09 6.23
CA MET A 71 -4.81 12.77 5.75
C MET A 71 -5.28 12.58 4.34
N MET A 72 -6.54 12.86 4.08
CA MET A 72 -7.13 12.61 2.77
C MET A 72 -6.54 13.44 1.66
N ALA A 73 -6.29 14.71 1.92
CA ALA A 73 -5.68 15.61 0.94
C ALA A 73 -4.32 15.08 0.50
N ARG A 74 -3.63 14.48 1.43
CA ARG A 74 -2.34 13.87 1.19
C ARG A 74 -2.46 12.44 0.62
N LYS A 75 -3.49 11.75 1.03
CA LYS A 75 -3.62 10.31 0.78
C LYS A 75 -4.18 10.01 -0.59
N MET A 76 -5.09 10.84 -1.06
CA MET A 76 -5.69 10.61 -2.37
C MET A 76 -4.78 11.08 -3.48
N LYS A 77 -4.17 12.21 -3.23
CA LYS A 77 -3.36 12.91 -4.21
C LYS A 77 -1.94 12.34 -4.33
N ASP A 78 -1.49 11.67 -3.26
CA ASP A 78 -0.08 11.26 -3.03
C ASP A 78 0.64 12.42 -2.41
N THR A 79 1.21 12.17 -1.30
CA THR A 79 1.79 13.19 -0.52
C THR A 79 3.12 13.67 -1.09
N ASP A 80 4.07 12.82 -1.02
CA ASP A 80 5.44 13.16 -1.36
C ASP A 80 6.11 12.02 -2.11
N SER A 81 5.55 10.82 -1.98
CA SER A 81 6.07 9.59 -2.55
C SER A 81 7.26 9.09 -1.73
N GLU A 82 8.29 9.93 -1.57
CA GLU A 82 9.49 9.60 -0.81
C GLU A 82 9.12 9.25 0.63
N GLU A 83 8.32 10.10 1.24
CA GLU A 83 7.86 9.86 2.61
C GLU A 83 6.99 8.61 2.70
N GLU A 84 6.33 8.29 1.61
CA GLU A 84 5.48 7.11 1.56
C GLU A 84 6.32 5.85 1.42
N ILE A 85 7.49 5.99 0.83
CA ILE A 85 8.43 4.89 0.74
C ILE A 85 8.99 4.67 2.14
N ARG A 86 9.22 5.78 2.82
CA ARG A 86 9.65 5.80 4.20
C ARG A 86 8.61 5.15 5.08
N GLU A 87 7.35 5.48 4.82
CA GLU A 87 6.23 4.89 5.53
C GLU A 87 6.28 3.39 5.40
N ALA A 88 6.40 2.96 4.16
CA ALA A 88 6.49 1.55 3.84
C ALA A 88 7.69 0.89 4.53
N PHE A 89 8.83 1.56 4.51
CA PHE A 89 10.02 1.04 5.17
C PHE A 89 9.76 0.89 6.67
N ARG A 90 9.32 1.98 7.26
CA ARG A 90 8.98 2.09 8.66
C ARG A 90 7.99 1.03 9.11
N VAL A 91 6.97 0.80 8.32
CA VAL A 91 5.95 -0.13 8.68
C VAL A 91 6.45 -1.58 8.61
N PHE A 92 7.45 -1.83 7.77
CA PHE A 92 8.03 -3.15 7.71
C PHE A 92 9.04 -3.31 8.83
N ASP A 93 10.02 -2.41 8.88
CA ASP A 93 11.05 -2.45 9.91
C ASP A 93 10.57 -1.76 11.17
N LYS A 94 9.88 -2.53 11.98
CA LYS A 94 9.31 -2.06 13.22
C LYS A 94 10.33 -1.97 14.33
N ASP A 95 11.30 -2.90 14.35
CA ASP A 95 12.32 -2.90 15.43
C ASP A 95 13.31 -1.75 15.24
N GLY A 96 13.29 -1.15 14.07
CA GLY A 96 14.19 -0.07 13.80
C GLY A 96 15.58 -0.61 13.62
N ASN A 97 15.71 -1.57 12.76
CA ASN A 97 16.98 -2.19 12.46
C ASN A 97 17.66 -1.40 11.35
N GLY A 98 16.88 -0.61 10.64
CA GLY A 98 17.41 0.19 9.56
C GLY A 98 17.51 -0.63 8.31
N TYR A 99 17.00 -1.82 8.40
CA TYR A 99 16.99 -2.79 7.34
C TYR A 99 15.74 -3.58 7.49
N ILE A 100 15.22 -4.06 6.41
CA ILE A 100 14.09 -4.93 6.47
C ILE A 100 14.62 -6.36 6.49
N SER A 101 14.24 -7.08 7.49
CA SER A 101 14.64 -8.44 7.68
C SER A 101 13.49 -9.36 7.32
N ALA A 102 13.82 -10.56 6.89
CA ALA A 102 12.83 -11.57 6.55
C ALA A 102 12.08 -11.99 7.80
N ALA A 103 12.79 -12.03 8.93
CA ALA A 103 12.21 -12.41 10.20
C ALA A 103 11.15 -11.41 10.63
N GLU A 104 11.49 -10.14 10.50
CA GLU A 104 10.56 -9.08 10.83
C GLU A 104 9.41 -9.06 9.86
N LEU A 105 9.73 -9.25 8.59
CA LEU A 105 8.74 -9.16 7.58
C LEU A 105 7.65 -10.24 7.84
N ARG A 106 8.11 -11.44 8.29
CA ARG A 106 7.20 -12.52 8.73
C ARG A 106 6.29 -12.03 9.87
N HIS A 107 6.90 -11.27 10.81
CA HIS A 107 6.20 -10.71 12.00
C HIS A 107 5.00 -9.89 11.56
N VAL A 108 5.24 -8.91 10.72
CA VAL A 108 4.18 -7.99 10.34
C VAL A 108 3.16 -8.68 9.44
N MET A 109 3.60 -9.58 8.58
CA MET A 109 2.71 -10.24 7.64
C MET A 109 1.66 -11.07 8.33
N THR A 110 2.08 -11.85 9.30
CA THR A 110 1.17 -12.65 10.07
C THR A 110 0.22 -11.75 10.85
N ASN A 111 0.76 -10.63 11.32
CA ASN A 111 0.00 -9.65 12.08
C ASN A 111 -1.06 -9.00 11.17
N LEU A 112 -0.74 -8.86 9.90
CA LEU A 112 -1.60 -8.21 8.92
C LEU A 112 -2.62 -9.19 8.36
N GLY A 113 -2.33 -10.46 8.53
CA GLY A 113 -3.19 -11.48 8.01
C GLY A 113 -2.94 -11.72 6.54
N GLU A 114 -1.73 -11.38 6.09
CA GLU A 114 -1.37 -11.57 4.69
C GLU A 114 -0.86 -13.01 4.55
N LYS A 115 -0.18 -13.44 5.61
CA LYS A 115 0.39 -14.78 5.76
C LYS A 115 1.20 -15.22 4.54
N LEU A 116 2.44 -14.88 4.55
CA LEU A 116 3.33 -15.25 3.48
C LEU A 116 4.15 -16.43 3.96
N THR A 117 4.64 -17.21 3.05
CA THR A 117 5.50 -18.29 3.41
C THR A 117 6.87 -17.73 3.76
N ASP A 118 7.70 -18.54 4.38
CA ASP A 118 9.03 -18.12 4.76
C ASP A 118 9.83 -17.81 3.50
N GLU A 119 9.55 -18.56 2.47
CA GLU A 119 10.15 -18.37 1.16
C GLU A 119 9.74 -17.02 0.60
N GLU A 120 8.46 -16.70 0.72
CA GLU A 120 7.92 -15.50 0.13
C GLU A 120 8.41 -14.24 0.85
N VAL A 121 8.58 -14.31 2.17
CA VAL A 121 9.12 -13.15 2.89
C VAL A 121 10.62 -12.99 2.59
N ASP A 122 11.29 -14.11 2.39
CA ASP A 122 12.73 -14.15 2.13
C ASP A 122 13.05 -13.60 0.74
N GLU A 123 12.25 -13.97 -0.26
CA GLU A 123 12.44 -13.46 -1.60
C GLU A 123 12.11 -11.97 -1.66
N MET A 124 11.17 -11.50 -0.84
CA MET A 124 10.87 -10.06 -0.79
C MET A 124 12.09 -9.29 -0.41
N ILE A 125 12.75 -9.73 0.63
CA ILE A 125 13.96 -9.10 1.08
C ILE A 125 15.01 -9.20 0.00
N ARG A 126 15.16 -10.37 -0.57
CA ARG A 126 16.12 -10.63 -1.63
C ARG A 126 15.92 -9.67 -2.82
N GLU A 127 14.67 -9.47 -3.22
CA GLU A 127 14.33 -8.60 -4.34
C GLU A 127 14.65 -7.12 -4.03
N ALA A 128 14.62 -6.75 -2.77
CA ALA A 128 14.88 -5.38 -2.39
C ALA A 128 16.33 -5.18 -1.93
N ASP A 129 16.97 -6.26 -1.55
CA ASP A 129 18.37 -6.29 -1.12
C ASP A 129 19.29 -6.05 -2.32
N ILE A 130 19.64 -4.81 -2.50
CA ILE A 130 20.49 -4.38 -3.58
C ILE A 130 21.99 -4.52 -3.23
N ASP A 131 22.34 -4.19 -2.01
CA ASP A 131 23.75 -4.13 -1.62
C ASP A 131 24.31 -5.50 -1.22
N GLY A 132 23.43 -6.46 -1.07
CA GLY A 132 23.85 -7.81 -0.79
C GLY A 132 24.27 -7.99 0.64
N ASP A 133 23.41 -7.66 1.56
CA ASP A 133 23.71 -7.82 2.98
C ASP A 133 22.80 -8.92 3.54
N GLY A 134 21.76 -9.20 2.80
CA GLY A 134 20.78 -10.18 3.19
C GLY A 134 19.63 -9.50 3.88
N GLN A 135 19.70 -8.18 3.89
CA GLN A 135 18.73 -7.31 4.49
C GLN A 135 18.70 -6.05 3.65
N VAL A 136 17.56 -5.46 3.52
CA VAL A 136 17.39 -4.27 2.66
C VAL A 136 17.31 -2.96 3.47
N ASN A 137 18.24 -2.05 3.21
CA ASN A 137 18.26 -0.73 3.88
C ASN A 137 17.35 0.24 3.11
N TYR A 138 17.06 1.39 3.69
CA TYR A 138 16.13 2.38 3.15
C TYR A 138 16.49 2.82 1.73
N GLU A 139 17.74 3.13 1.51
CA GLU A 139 18.19 3.59 0.21
C GLU A 139 18.10 2.52 -0.86
N GLU A 140 18.19 1.28 -0.47
CA GLU A 140 18.03 0.19 -1.38
C GLU A 140 16.58 0.08 -1.74
N PHE A 141 15.74 0.17 -0.73
CA PHE A 141 14.33 0.09 -0.88
C PHE A 141 13.77 1.24 -1.73
N VAL A 142 14.30 2.45 -1.55
CA VAL A 142 13.84 3.58 -2.37
C VAL A 142 14.22 3.39 -3.83
N GLN A 143 15.37 2.79 -4.05
CA GLN A 143 15.87 2.56 -5.38
C GLN A 143 15.06 1.44 -6.04
N MET A 144 14.70 0.44 -5.26
CA MET A 144 13.91 -0.69 -5.74
C MET A 144 12.45 -0.30 -5.99
N MET A 145 11.83 0.33 -5.00
CA MET A 145 10.38 0.67 -5.04
C MET A 145 10.10 1.63 -6.20
N THR A 146 11.01 2.53 -6.48
CA THR A 146 10.84 3.51 -7.55
C THR A 146 11.16 2.87 -8.94
N ALA A 147 11.65 1.65 -8.94
CA ALA A 147 11.98 0.95 -10.17
C ALA A 147 11.17 -0.32 -10.27
N LYS A 148 10.13 -0.33 -9.52
CA LYS A 148 9.23 -1.45 -9.43
C LYS A 148 7.98 -1.13 -10.23
N SER B 1 16.25 -11.81 -13.26
CA SER B 1 15.37 -11.75 -12.13
C SER B 1 15.38 -13.10 -11.38
N PRO B 2 16.27 -13.25 -10.39
CA PRO B 2 16.39 -14.48 -9.61
C PRO B 2 15.33 -14.58 -8.51
N ALA B 3 14.84 -13.43 -8.04
CA ALA B 3 13.86 -13.42 -6.97
C ALA B 3 12.45 -13.44 -7.53
N ASN B 4 12.38 -13.33 -8.85
CA ASN B 4 11.12 -13.31 -9.60
C ASN B 4 10.36 -12.01 -9.31
N SER B 5 10.76 -10.98 -9.99
CA SER B 5 10.21 -9.67 -9.85
C SER B 5 8.76 -9.61 -10.32
N PHE B 6 8.39 -10.55 -11.17
CA PHE B 6 7.04 -10.61 -11.71
C PHE B 6 6.08 -11.01 -10.61
N HIS B 7 6.42 -12.09 -9.93
CA HIS B 7 5.63 -12.60 -8.81
C HIS B 7 5.63 -11.58 -7.70
N PHE B 8 6.81 -11.08 -7.39
CA PHE B 8 6.95 -10.18 -6.32
C PHE B 8 6.43 -8.77 -6.56
N LYS B 9 6.20 -8.41 -7.81
CA LYS B 9 5.63 -7.10 -8.08
C LYS B 9 4.16 -7.10 -7.67
N GLU B 10 3.54 -8.27 -7.72
CA GLU B 10 2.18 -8.41 -7.27
C GLU B 10 2.19 -8.46 -5.76
N ALA B 11 3.11 -9.24 -5.24
CA ALA B 11 3.30 -9.40 -3.82
C ALA B 11 3.55 -8.06 -3.13
N TRP B 12 4.50 -7.27 -3.65
CA TRP B 12 4.82 -5.95 -3.09
C TRP B 12 3.62 -5.01 -3.11
N LYS B 13 2.80 -5.04 -4.18
CA LYS B 13 1.60 -4.17 -4.24
C LYS B 13 0.62 -4.52 -3.14
N HIS B 14 0.63 -5.77 -2.75
CA HIS B 14 -0.24 -6.19 -1.68
C HIS B 14 0.41 -5.92 -0.36
N ALA B 15 1.69 -6.22 -0.26
CA ALA B 15 2.47 -6.08 0.96
C ALA B 15 2.48 -4.65 1.48
N ILE B 16 2.93 -3.73 0.63
CA ILE B 16 3.05 -2.33 1.02
C ILE B 16 1.69 -1.73 1.38
N GLN B 17 0.72 -2.02 0.54
CA GLN B 17 -0.64 -1.53 0.71
C GLN B 17 -1.30 -2.13 1.96
N LYS B 18 -1.01 -3.40 2.24
CA LYS B 18 -1.56 -4.06 3.41
C LYS B 18 -0.89 -3.54 4.68
N ALA B 19 0.41 -3.30 4.59
CA ALA B 19 1.19 -2.78 5.71
C ALA B 19 0.74 -1.37 6.08
N LYS B 20 0.47 -0.54 5.07
CA LYS B 20 -0.05 0.83 5.30
C LYS B 20 -1.51 0.76 5.74
N HIS B 21 -2.04 -0.46 5.71
CA HIS B 21 -3.38 -0.84 6.12
C HIS B 21 -4.43 -0.59 5.07
N MET B 22 -5.12 -1.65 4.72
CA MET B 22 -6.28 -1.56 3.87
C MET B 22 -7.53 -1.37 4.73
N PRO B 23 -7.76 -2.23 5.80
CA PRO B 23 -8.73 -1.89 6.84
C PRO B 23 -8.12 -0.76 7.66
N ASP B 24 -8.52 0.43 7.33
CA ASP B 24 -7.92 1.66 7.77
C ASP B 24 -8.89 2.76 7.36
N PRO B 25 -8.85 3.96 7.95
CA PRO B 25 -9.68 5.07 7.51
C PRO B 25 -9.33 5.48 6.07
N TRP B 26 -9.94 4.81 5.16
CA TRP B 26 -9.79 5.04 3.77
C TRP B 26 -11.13 5.51 3.27
N ALA B 27 -11.26 6.78 3.14
CA ALA B 27 -12.49 7.39 2.73
C ALA B 27 -12.44 7.64 1.24
CA CA C . -17.13 9.06 17.36
CA CA D . -6.44 14.05 17.07
N ALA A 1 -2.22 18.68 -7.22
CA ALA A 1 -2.25 17.36 -7.84
C ALA A 1 -3.49 16.63 -7.38
N ASP A 2 -4.30 16.21 -8.34
CA ASP A 2 -5.56 15.51 -8.02
C ASP A 2 -5.98 14.61 -9.16
N GLN A 3 -5.08 14.39 -10.08
CA GLN A 3 -5.40 13.62 -11.25
C GLN A 3 -4.52 12.40 -11.33
N LEU A 4 -5.12 11.32 -11.70
CA LEU A 4 -4.47 10.06 -11.84
C LEU A 4 -4.85 9.50 -13.16
N THR A 5 -4.27 8.39 -13.50
CA THR A 5 -4.63 7.68 -14.67
C THR A 5 -5.88 6.88 -14.37
N GLU A 6 -6.59 6.46 -15.39
CA GLU A 6 -7.80 5.70 -15.20
C GLU A 6 -7.51 4.40 -14.51
N GLU A 7 -6.34 3.87 -14.75
CA GLU A 7 -5.91 2.64 -14.11
C GLU A 7 -5.79 2.83 -12.61
N GLN A 8 -5.23 3.98 -12.18
CA GLN A 8 -5.15 4.28 -10.74
C GLN A 8 -6.55 4.43 -10.19
N ILE A 9 -7.35 5.21 -10.89
CA ILE A 9 -8.75 5.48 -10.52
C ILE A 9 -9.52 4.16 -10.39
N ALA A 10 -9.26 3.26 -11.28
CA ALA A 10 -9.85 1.95 -11.31
C ALA A 10 -9.44 1.13 -10.07
N GLU A 11 -8.15 1.18 -9.72
CA GLU A 11 -7.64 0.53 -8.51
C GLU A 11 -8.30 1.13 -7.29
N PHE A 12 -8.37 2.45 -7.29
CA PHE A 12 -8.93 3.18 -6.18
C PHE A 12 -10.42 2.96 -6.04
N LYS A 13 -11.12 2.71 -7.13
CA LYS A 13 -12.54 2.39 -7.04
C LYS A 13 -12.75 1.03 -6.37
N GLU A 14 -11.83 0.11 -6.59
CA GLU A 14 -11.88 -1.17 -5.90
C GLU A 14 -11.58 -0.95 -4.41
N ALA A 15 -10.49 -0.22 -4.15
CA ALA A 15 -10.06 0.11 -2.77
C ALA A 15 -11.19 0.80 -2.02
N PHE A 16 -11.85 1.71 -2.70
CA PHE A 16 -12.95 2.47 -2.17
C PHE A 16 -14.08 1.53 -1.73
N SER A 17 -14.38 0.55 -2.55
CA SER A 17 -15.48 -0.36 -2.28
C SER A 17 -15.14 -1.36 -1.16
N LEU A 18 -13.85 -1.55 -0.93
CA LEU A 18 -13.34 -2.38 0.17
C LEU A 18 -13.68 -1.67 1.43
N PHE A 19 -13.30 -0.45 1.39
CA PHE A 19 -13.26 0.39 2.49
C PHE A 19 -14.67 0.90 2.87
N ASP A 20 -15.47 1.25 1.86
CA ASP A 20 -16.83 1.70 2.10
C ASP A 20 -17.67 0.50 2.55
N LYS A 21 -17.81 0.38 3.84
CA LYS A 21 -18.46 -0.74 4.47
C LYS A 21 -19.94 -0.72 4.32
N ASP A 22 -20.50 0.45 4.37
CA ASP A 22 -21.95 0.61 4.29
C ASP A 22 -22.41 0.85 2.85
N GLY A 23 -21.49 1.16 1.97
CA GLY A 23 -21.81 1.33 0.56
C GLY A 23 -22.67 2.56 0.28
N ASP A 24 -22.20 3.73 0.66
CA ASP A 24 -22.97 4.96 0.43
C ASP A 24 -22.26 5.86 -0.55
N GLY A 25 -21.03 5.56 -0.86
CA GLY A 25 -20.29 6.39 -1.76
C GLY A 25 -19.30 7.29 -1.06
N THR A 26 -19.13 7.14 0.27
CA THR A 26 -18.10 7.87 1.01
C THR A 26 -17.55 7.01 2.15
N ILE A 27 -16.36 7.32 2.58
CA ILE A 27 -15.73 6.58 3.66
C ILE A 27 -15.71 7.46 4.91
N THR A 28 -16.50 7.11 5.87
CA THR A 28 -16.57 7.88 7.08
C THR A 28 -15.48 7.45 8.06
N THR A 29 -15.29 8.24 9.11
CA THR A 29 -14.29 7.98 10.13
C THR A 29 -14.49 6.60 10.78
N LYS A 30 -15.77 6.22 10.88
CA LYS A 30 -16.17 4.93 11.42
C LYS A 30 -15.57 3.81 10.59
N GLU A 31 -15.59 3.99 9.28
CA GLU A 31 -15.13 3.00 8.34
C GLU A 31 -13.62 2.84 8.38
N LEU A 32 -12.89 3.95 8.65
CA LEU A 32 -11.43 3.87 8.83
C LEU A 32 -11.15 2.88 9.92
N GLY A 33 -11.68 3.19 11.10
CA GLY A 33 -11.48 2.39 12.25
C GLY A 33 -11.98 0.98 12.08
N THR A 34 -12.97 0.78 11.22
CA THR A 34 -13.49 -0.55 10.96
C THR A 34 -12.40 -1.43 10.27
N VAL A 35 -11.83 -0.96 9.16
CA VAL A 35 -10.82 -1.75 8.44
C VAL A 35 -9.52 -1.80 9.24
N MET A 36 -9.25 -0.72 9.94
CA MET A 36 -8.04 -0.58 10.75
C MET A 36 -8.13 -1.46 12.00
N ARG A 37 -9.34 -1.70 12.46
CA ARG A 37 -9.61 -2.59 13.59
C ARG A 37 -9.32 -4.02 13.16
N SER A 38 -9.62 -4.33 11.91
CA SER A 38 -9.31 -5.63 11.35
C SER A 38 -7.79 -5.85 11.32
N LEU A 39 -7.04 -4.75 11.24
CA LEU A 39 -5.58 -4.79 11.27
C LEU A 39 -5.05 -4.81 12.70
N GLY A 40 -5.92 -4.50 13.63
CA GLY A 40 -5.54 -4.49 15.01
C GLY A 40 -5.16 -3.12 15.53
N GLN A 41 -5.54 -2.09 14.80
CA GLN A 41 -5.27 -0.74 15.24
C GLN A 41 -6.56 -0.13 15.71
N ASN A 42 -6.53 0.45 16.88
CA ASN A 42 -7.71 1.04 17.44
C ASN A 42 -7.48 2.52 17.77
N PRO A 43 -7.61 3.42 16.80
CA PRO A 43 -7.54 4.85 17.04
C PRO A 43 -8.91 5.41 17.47
N THR A 44 -8.92 6.59 18.01
CA THR A 44 -10.15 7.20 18.44
C THR A 44 -10.82 7.97 17.29
N GLU A 45 -12.06 8.36 17.54
CA GLU A 45 -12.92 9.05 16.58
C GLU A 45 -12.26 10.34 16.11
N ALA A 46 -11.72 11.11 17.06
CA ALA A 46 -11.09 12.39 16.76
C ALA A 46 -9.86 12.22 15.87
N GLU A 47 -9.09 11.17 16.14
CA GLU A 47 -7.89 10.87 15.34
C GLU A 47 -8.29 10.58 13.91
N LEU A 48 -9.31 9.75 13.75
CA LEU A 48 -9.82 9.37 12.45
C LEU A 48 -10.42 10.58 11.74
N GLN A 49 -11.08 11.43 12.49
CA GLN A 49 -11.65 12.66 11.98
C GLN A 49 -10.54 13.55 11.43
N ASP A 50 -9.47 13.68 12.18
CA ASP A 50 -8.33 14.49 11.77
C ASP A 50 -7.68 13.92 10.50
N MET A 51 -7.60 12.59 10.43
CA MET A 51 -7.01 11.89 9.28
C MET A 51 -7.80 12.18 8.01
N ILE A 52 -9.11 12.12 8.12
CA ILE A 52 -9.99 12.38 6.99
C ILE A 52 -10.04 13.86 6.66
N ASN A 53 -10.02 14.69 7.68
CA ASN A 53 -10.15 16.14 7.54
C ASN A 53 -9.07 16.74 6.62
N GLU A 54 -7.96 16.02 6.47
CA GLU A 54 -6.91 16.38 5.64
C GLU A 54 -7.34 16.37 4.16
N VAL A 55 -8.26 15.50 3.80
CA VAL A 55 -8.72 15.45 2.43
C VAL A 55 -10.14 16.00 2.33
N ASP A 56 -10.81 15.97 3.46
CA ASP A 56 -12.21 16.35 3.55
C ASP A 56 -12.38 17.83 3.43
N ALA A 57 -13.04 18.25 2.39
CA ALA A 57 -13.34 19.63 2.18
C ALA A 57 -14.62 19.99 2.90
N ASP A 58 -15.38 18.98 3.28
CA ASP A 58 -16.69 19.21 3.90
C ASP A 58 -16.53 19.33 5.41
N GLY A 59 -15.32 18.99 5.88
CA GLY A 59 -14.98 19.07 7.30
C GLY A 59 -15.92 18.28 8.20
N ASN A 60 -16.49 17.21 7.67
CA ASN A 60 -17.46 16.43 8.42
C ASN A 60 -17.01 15.01 8.70
N GLY A 61 -15.94 14.58 8.06
CA GLY A 61 -15.44 13.25 8.31
C GLY A 61 -15.68 12.29 7.17
N THR A 62 -15.82 12.80 5.95
CA THR A 62 -16.04 11.93 4.81
C THR A 62 -14.94 12.08 3.76
N ILE A 63 -14.41 10.98 3.30
CA ILE A 63 -13.51 10.97 2.18
C ILE A 63 -14.37 10.68 0.98
N ASP A 64 -14.54 11.64 0.15
CA ASP A 64 -15.31 11.46 -1.05
C ASP A 64 -14.30 11.03 -2.09
N PHE A 65 -14.76 10.39 -3.14
CA PHE A 65 -13.86 9.86 -4.17
C PHE A 65 -12.92 10.95 -4.77
N PRO A 66 -13.45 12.13 -5.19
CA PRO A 66 -12.62 13.27 -5.63
C PRO A 66 -11.49 13.60 -4.62
N GLU A 67 -11.84 13.62 -3.33
CA GLU A 67 -10.89 13.94 -2.27
C GLU A 67 -9.85 12.83 -2.14
N PHE A 68 -10.30 11.60 -2.24
CA PHE A 68 -9.47 10.40 -2.22
C PHE A 68 -8.43 10.48 -3.36
N LEU A 69 -8.90 10.78 -4.56
CA LEU A 69 -8.01 10.92 -5.72
C LEU A 69 -7.01 12.04 -5.49
N THR A 70 -7.49 13.15 -4.91
CA THR A 70 -6.65 14.28 -4.58
C THR A 70 -5.54 13.84 -3.62
N MET A 71 -5.94 13.11 -2.59
CA MET A 71 -5.03 12.59 -1.59
C MET A 71 -3.97 11.70 -2.21
N MET A 72 -4.38 10.77 -3.01
CA MET A 72 -3.44 9.83 -3.59
C MET A 72 -2.49 10.50 -4.56
N ALA A 73 -3.00 11.36 -5.41
CA ALA A 73 -2.16 12.05 -6.40
C ALA A 73 -1.09 12.90 -5.70
N ARG A 74 -1.41 13.40 -4.54
CA ARG A 74 -0.46 14.15 -3.76
C ARG A 74 0.47 13.22 -2.99
N LYS A 75 -0.08 12.16 -2.47
CA LYS A 75 0.66 11.32 -1.54
C LYS A 75 1.62 10.41 -2.30
N MET A 76 1.18 9.93 -3.44
CA MET A 76 2.01 9.05 -4.23
C MET A 76 2.96 9.85 -5.08
N LYS A 77 2.58 11.08 -5.41
CA LYS A 77 3.36 11.90 -6.31
C LYS A 77 3.75 13.26 -5.73
N ASP A 78 2.85 14.22 -5.81
CA ASP A 78 3.19 15.61 -5.46
C ASP A 78 2.75 16.04 -4.08
N THR A 79 3.59 15.70 -3.10
CA THR A 79 3.58 16.06 -1.66
C THR A 79 4.58 15.09 -0.99
N ASP A 80 5.83 15.15 -1.48
CA ASP A 80 6.93 14.27 -1.03
C ASP A 80 6.62 12.81 -1.32
N SER A 81 7.05 12.36 -2.47
CA SER A 81 6.70 11.04 -2.98
C SER A 81 7.41 9.94 -2.17
N GLU A 82 8.47 10.30 -1.49
CA GLU A 82 9.20 9.33 -0.71
C GLU A 82 8.70 9.25 0.72
N GLU A 83 7.65 10.02 1.05
CA GLU A 83 7.01 9.87 2.34
C GLU A 83 6.37 8.50 2.45
N GLU A 84 5.73 8.08 1.37
CA GLU A 84 5.13 6.75 1.25
C GLU A 84 6.19 5.70 1.46
N ILE A 85 7.34 5.96 0.90
CA ILE A 85 8.46 5.06 0.95
C ILE A 85 8.98 4.94 2.37
N ARG A 86 9.12 6.06 3.04
CA ARG A 86 9.63 6.05 4.38
C ARG A 86 8.63 5.46 5.36
N GLU A 87 7.36 5.78 5.19
CA GLU A 87 6.32 5.21 6.03
C GLU A 87 6.21 3.72 5.84
N ALA A 88 6.32 3.28 4.59
CA ALA A 88 6.29 1.88 4.26
C ALA A 88 7.54 1.20 4.80
N PHE A 89 8.65 1.89 4.76
CA PHE A 89 9.86 1.34 5.28
C PHE A 89 9.72 1.14 6.79
N ARG A 90 9.25 2.19 7.47
CA ARG A 90 9.04 2.17 8.92
C ARG A 90 8.12 1.03 9.40
N VAL A 91 7.14 0.62 8.60
CA VAL A 91 6.25 -0.45 9.03
C VAL A 91 6.96 -1.82 8.96
N PHE A 92 7.90 -1.95 8.05
CA PHE A 92 8.67 -3.17 7.94
C PHE A 92 9.90 -3.11 8.84
N ASP A 93 10.48 -1.94 8.95
CA ASP A 93 11.57 -1.70 9.85
C ASP A 93 10.98 -1.29 11.19
N LYS A 94 10.38 -2.27 11.82
CA LYS A 94 9.58 -2.10 13.03
C LYS A 94 10.43 -1.69 14.23
N ASP A 95 11.64 -2.17 14.30
CA ASP A 95 12.48 -1.89 15.45
C ASP A 95 13.30 -0.63 15.23
N GLY A 96 13.22 -0.11 14.00
CA GLY A 96 13.95 1.09 13.65
C GLY A 96 15.42 0.81 13.54
N ASN A 97 15.75 -0.13 12.70
CA ASN A 97 17.11 -0.61 12.55
C ASN A 97 17.70 -0.07 11.28
N GLY A 98 16.85 0.36 10.38
CA GLY A 98 17.30 0.88 9.12
C GLY A 98 17.44 -0.20 8.09
N TYR A 99 16.94 -1.38 8.40
CA TYR A 99 17.01 -2.52 7.51
C TYR A 99 15.91 -3.50 7.81
N ILE A 100 15.37 -4.08 6.77
CA ILE A 100 14.28 -5.01 6.88
C ILE A 100 14.81 -6.41 6.85
N SER A 101 14.29 -7.24 7.71
CA SER A 101 14.67 -8.61 7.77
C SER A 101 13.47 -9.49 7.40
N ALA A 102 13.73 -10.70 6.97
CA ALA A 102 12.70 -11.66 6.62
C ALA A 102 11.91 -12.03 7.87
N ALA A 103 12.61 -12.10 8.99
CA ALA A 103 12.02 -12.41 10.28
C ALA A 103 10.92 -11.43 10.63
N GLU A 104 11.22 -10.13 10.56
CA GLU A 104 10.21 -9.12 10.84
C GLU A 104 9.12 -9.14 9.85
N LEU A 105 9.49 -9.26 8.60
CA LEU A 105 8.54 -9.13 7.55
C LEU A 105 7.42 -10.21 7.78
N ARG A 106 7.82 -11.40 8.21
CA ARG A 106 6.87 -12.46 8.60
C ARG A 106 6.04 -12.08 9.84
N HIS A 107 6.66 -11.35 10.78
CA HIS A 107 5.96 -10.87 11.99
C HIS A 107 4.78 -10.01 11.57
N VAL A 108 5.10 -8.99 10.78
CA VAL A 108 4.10 -8.04 10.35
C VAL A 108 3.05 -8.71 9.47
N MET A 109 3.47 -9.64 8.62
CA MET A 109 2.54 -10.36 7.73
C MET A 109 1.50 -11.13 8.49
N THR A 110 1.93 -11.70 9.59
CA THR A 110 1.04 -12.42 10.46
C THR A 110 -0.02 -11.47 11.01
N ASN A 111 0.40 -10.26 11.34
CA ASN A 111 -0.50 -9.24 11.90
C ASN A 111 -1.32 -8.54 10.80
N LEU A 112 -0.89 -8.67 9.54
CA LEU A 112 -1.55 -7.96 8.41
C LEU A 112 -2.62 -8.81 7.77
N GLY A 113 -2.61 -10.09 8.09
CA GLY A 113 -3.55 -10.99 7.50
C GLY A 113 -3.09 -11.44 6.14
N GLU A 114 -1.87 -11.06 5.76
CA GLU A 114 -1.31 -11.46 4.48
C GLU A 114 -0.92 -12.91 4.55
N LYS A 115 -0.29 -13.27 5.67
CA LYS A 115 0.18 -14.63 5.95
C LYS A 115 1.15 -15.10 4.87
N LEU A 116 2.41 -14.85 5.08
CA LEU A 116 3.42 -15.22 4.11
C LEU A 116 4.46 -16.05 4.81
N THR A 117 4.80 -17.17 4.22
CA THR A 117 5.78 -18.02 4.79
C THR A 117 7.20 -17.57 4.44
N ASP A 118 8.19 -18.26 4.99
CA ASP A 118 9.60 -17.85 4.89
C ASP A 118 10.12 -17.77 3.45
N GLU A 119 9.56 -18.53 2.52
CA GLU A 119 10.02 -18.46 1.16
C GLU A 119 9.65 -17.12 0.51
N GLU A 120 8.38 -16.76 0.62
CA GLU A 120 7.85 -15.53 0.02
C GLU A 120 8.59 -14.30 0.55
N VAL A 121 8.71 -14.24 1.87
CA VAL A 121 9.32 -13.07 2.49
C VAL A 121 10.82 -13.04 2.21
N ASP A 122 11.42 -14.22 2.03
CA ASP A 122 12.85 -14.31 1.72
C ASP A 122 13.11 -13.71 0.39
N GLU A 123 12.28 -14.06 -0.58
CA GLU A 123 12.39 -13.57 -1.93
C GLU A 123 12.18 -12.06 -1.94
N MET A 124 11.26 -11.59 -1.09
CA MET A 124 11.00 -10.16 -0.93
C MET A 124 12.24 -9.43 -0.47
N ILE A 125 12.87 -9.94 0.56
CA ILE A 125 14.07 -9.33 1.11
C ILE A 125 15.24 -9.45 0.16
N ARG A 126 15.52 -10.66 -0.25
CA ARG A 126 16.70 -11.03 -1.04
C ARG A 126 16.80 -10.26 -2.35
N GLU A 127 15.69 -10.07 -3.03
CA GLU A 127 15.73 -9.37 -4.31
C GLU A 127 15.74 -7.86 -4.12
N ALA A 128 15.27 -7.41 -2.97
CA ALA A 128 15.30 -5.99 -2.64
C ALA A 128 16.71 -5.63 -2.17
N ASP A 129 17.28 -6.57 -1.47
CA ASP A 129 18.65 -6.54 -0.98
C ASP A 129 19.60 -6.47 -2.17
N ILE A 130 20.15 -5.31 -2.38
CA ILE A 130 21.00 -5.02 -3.50
C ILE A 130 22.44 -5.44 -3.24
N ASP A 131 22.92 -5.11 -2.06
CA ASP A 131 24.36 -5.28 -1.75
C ASP A 131 24.69 -6.72 -1.33
N GLY A 132 23.68 -7.51 -1.09
CA GLY A 132 23.88 -8.90 -0.75
C GLY A 132 24.22 -9.11 0.70
N ASP A 133 23.40 -8.59 1.59
CA ASP A 133 23.64 -8.73 3.02
C ASP A 133 22.54 -9.55 3.68
N GLY A 134 21.44 -9.69 2.98
CA GLY A 134 20.33 -10.46 3.47
C GLY A 134 19.36 -9.59 4.24
N GLN A 135 19.57 -8.29 4.16
CA GLN A 135 18.76 -7.30 4.83
C GLN A 135 18.68 -6.09 3.93
N VAL A 136 17.49 -5.66 3.64
CA VAL A 136 17.27 -4.53 2.76
C VAL A 136 17.21 -3.21 3.53
N ASN A 137 18.14 -2.32 3.24
CA ASN A 137 18.20 -1.00 3.87
C ASN A 137 17.29 -0.03 3.14
N TYR A 138 17.18 1.18 3.68
CA TYR A 138 16.28 2.19 3.10
C TYR A 138 16.72 2.55 1.68
N GLU A 139 18.01 2.71 1.48
CA GLU A 139 18.58 3.04 0.18
C GLU A 139 18.35 1.94 -0.85
N GLU A 140 18.12 0.76 -0.40
CA GLU A 140 17.85 -0.35 -1.28
C GLU A 140 16.36 -0.41 -1.57
N PHE A 141 15.57 -0.07 -0.58
CA PHE A 141 14.13 -0.05 -0.69
C PHE A 141 13.63 1.14 -1.55
N VAL A 142 14.29 2.29 -1.44
CA VAL A 142 13.91 3.50 -2.21
C VAL A 142 13.97 3.24 -3.71
N GLN A 143 14.96 2.43 -4.11
CA GLN A 143 15.19 2.14 -5.50
C GLN A 143 14.10 1.26 -6.07
N MET A 144 13.50 0.44 -5.23
CA MET A 144 12.45 -0.51 -5.64
C MET A 144 11.27 0.19 -6.29
N MET A 145 10.89 1.32 -5.75
CA MET A 145 9.74 2.06 -6.29
C MET A 145 10.12 2.74 -7.61
N THR A 146 11.38 3.09 -7.73
CA THR A 146 11.87 3.74 -8.92
C THR A 146 12.13 2.67 -10.01
N ALA A 147 12.33 1.45 -9.55
CA ALA A 147 12.64 0.31 -10.38
C ALA A 147 11.46 -0.64 -10.42
N LYS A 148 10.29 -0.12 -10.36
CA LYS A 148 9.11 -0.94 -10.37
C LYS A 148 8.53 -0.92 -11.76
N SER B 1 17.04 -12.56 -14.96
CA SER B 1 16.03 -11.82 -15.66
C SER B 1 14.67 -12.45 -15.33
N PRO B 2 13.82 -11.76 -14.57
CA PRO B 2 12.53 -12.28 -14.16
C PRO B 2 11.49 -12.21 -15.29
N ALA B 3 10.98 -13.35 -15.70
CA ALA B 3 9.93 -13.37 -16.70
C ALA B 3 8.62 -13.02 -16.02
N ASN B 4 8.10 -13.96 -15.29
CA ASN B 4 6.90 -13.78 -14.48
C ASN B 4 7.09 -14.65 -13.26
N SER B 5 8.33 -15.03 -13.08
CA SER B 5 8.79 -15.91 -12.05
C SER B 5 8.83 -15.19 -10.71
N PHE B 6 8.86 -13.87 -10.76
CA PHE B 6 8.93 -13.06 -9.62
C PHE B 6 7.75 -12.15 -9.63
N HIS B 7 7.02 -12.18 -8.58
CA HIS B 7 5.86 -11.34 -8.45
C HIS B 7 6.17 -10.29 -7.44
N PHE B 8 7.48 -10.13 -7.24
CA PHE B 8 8.12 -9.24 -6.29
C PHE B 8 7.47 -7.87 -6.21
N LYS B 9 7.29 -7.25 -7.35
CA LYS B 9 6.78 -5.90 -7.42
C LYS B 9 5.33 -5.84 -6.98
N GLU B 10 4.55 -6.83 -7.34
CA GLU B 10 3.16 -6.84 -7.00
C GLU B 10 2.98 -7.35 -5.61
N ALA B 11 3.79 -8.32 -5.23
CA ALA B 11 3.78 -8.86 -3.88
C ALA B 11 4.12 -7.77 -2.88
N TRP B 12 5.19 -7.01 -3.17
CA TRP B 12 5.55 -5.87 -2.35
C TRP B 12 4.49 -4.81 -2.38
N LYS B 13 3.94 -4.52 -3.55
CA LYS B 13 2.86 -3.51 -3.71
C LYS B 13 1.74 -3.84 -2.75
N HIS B 14 1.33 -5.08 -2.82
CA HIS B 14 0.26 -5.63 -2.02
C HIS B 14 0.60 -5.49 -0.54
N ALA B 15 1.83 -5.83 -0.21
CA ALA B 15 2.36 -5.74 1.15
C ALA B 15 2.34 -4.30 1.65
N ILE B 16 2.89 -3.39 0.83
CA ILE B 16 2.95 -1.96 1.15
C ILE B 16 1.55 -1.44 1.40
N GLN B 17 0.67 -1.72 0.46
CA GLN B 17 -0.70 -1.26 0.48
C GLN B 17 -1.47 -1.80 1.71
N LYS B 18 -1.10 -2.95 2.19
CA LYS B 18 -1.70 -3.49 3.39
C LYS B 18 -1.07 -2.87 4.66
N ALA B 19 0.25 -2.93 4.75
CA ALA B 19 0.98 -2.52 5.94
C ALA B 19 0.97 -1.00 6.15
N LYS B 20 1.19 -0.25 5.08
CA LYS B 20 1.32 1.20 5.16
C LYS B 20 -0.07 1.85 5.22
N HIS B 21 -1.09 1.03 5.31
CA HIS B 21 -2.44 1.54 5.40
C HIS B 21 -3.08 1.15 6.69
N MET B 22 -2.27 0.79 7.65
CA MET B 22 -2.78 0.56 8.97
C MET B 22 -3.10 1.90 9.65
N PRO B 23 -2.16 2.90 9.71
CA PRO B 23 -2.44 4.21 10.30
C PRO B 23 -2.70 5.29 9.23
N ASP B 24 -2.90 4.86 8.01
CA ASP B 24 -3.06 5.75 6.87
C ASP B 24 -4.17 5.24 5.98
N PRO B 25 -5.14 6.11 5.63
CA PRO B 25 -6.28 5.76 4.77
C PRO B 25 -5.86 5.00 3.50
N TRP B 26 -6.36 3.76 3.39
CA TRP B 26 -6.17 2.89 2.23
C TRP B 26 -6.88 3.53 1.05
N ALA B 27 -7.94 4.20 1.36
CA ALA B 27 -8.78 4.85 0.46
C ALA B 27 -9.21 6.06 1.20
CA CA C . -19.76 4.64 3.84
CA CA D . -15.83 14.84 1.98
N ALA A 1 -2.83 13.36 -19.60
CA ALA A 1 -2.29 12.32 -20.47
C ALA A 1 -1.98 11.05 -19.68
N ASP A 2 -1.61 11.23 -18.39
CA ASP A 2 -1.39 10.13 -17.41
C ASP A 2 -0.11 9.35 -17.69
N GLN A 3 -0.12 8.61 -18.78
CA GLN A 3 0.95 7.72 -19.24
C GLN A 3 1.37 6.70 -18.20
N LEU A 4 0.56 5.72 -18.02
CA LEU A 4 0.83 4.70 -17.08
C LEU A 4 1.11 3.44 -17.86
N THR A 5 2.09 2.69 -17.43
CA THR A 5 2.40 1.47 -18.10
C THR A 5 1.27 0.45 -17.91
N GLU A 6 1.01 -0.32 -18.96
CA GLU A 6 -0.12 -1.22 -19.04
C GLU A 6 -0.11 -2.27 -17.93
N GLU A 7 1.08 -2.69 -17.52
CA GLU A 7 1.22 -3.66 -16.47
C GLU A 7 0.74 -3.09 -15.16
N GLN A 8 1.08 -1.82 -14.90
CA GLN A 8 0.65 -1.19 -13.67
C GLN A 8 -0.83 -1.02 -13.73
N ILE A 9 -1.32 -0.63 -14.90
CA ILE A 9 -2.75 -0.47 -15.12
C ILE A 9 -3.51 -1.78 -14.83
N ALA A 10 -2.95 -2.91 -15.25
CA ALA A 10 -3.54 -4.22 -15.01
C ALA A 10 -3.57 -4.53 -13.52
N GLU A 11 -2.49 -4.20 -12.84
CA GLU A 11 -2.39 -4.44 -11.42
C GLU A 11 -3.32 -3.50 -10.66
N PHE A 12 -3.54 -2.32 -11.20
CA PHE A 12 -4.49 -1.41 -10.62
C PHE A 12 -5.91 -1.83 -10.91
N LYS A 13 -6.12 -2.60 -11.98
CA LYS A 13 -7.45 -3.14 -12.31
C LYS A 13 -7.93 -4.07 -11.22
N GLU A 14 -7.06 -4.97 -10.79
CA GLU A 14 -7.44 -5.90 -9.75
C GLU A 14 -7.62 -5.20 -8.39
N ALA A 15 -6.74 -4.24 -8.11
CA ALA A 15 -6.82 -3.47 -6.87
C ALA A 15 -8.07 -2.60 -6.87
N PHE A 16 -8.38 -2.06 -8.04
CA PHE A 16 -9.58 -1.28 -8.26
C PHE A 16 -10.79 -2.12 -7.97
N SER A 17 -10.79 -3.33 -8.49
CA SER A 17 -11.91 -4.26 -8.32
C SER A 17 -12.02 -4.74 -6.86
N LEU A 18 -10.95 -4.58 -6.09
CA LEU A 18 -10.98 -4.94 -4.68
C LEU A 18 -11.81 -3.89 -3.94
N PHE A 19 -11.74 -2.67 -4.42
CA PHE A 19 -12.49 -1.56 -3.86
C PHE A 19 -13.85 -1.43 -4.52
N ASP A 20 -13.87 -1.65 -5.82
CA ASP A 20 -15.09 -1.65 -6.59
C ASP A 20 -15.77 -2.98 -6.43
N LYS A 21 -16.71 -3.00 -5.55
CA LYS A 21 -17.40 -4.21 -5.22
C LYS A 21 -18.40 -4.64 -6.29
N ASP A 22 -18.61 -3.80 -7.30
CA ASP A 22 -19.55 -4.17 -8.35
C ASP A 22 -18.79 -4.63 -9.57
N GLY A 23 -17.48 -4.32 -9.58
CA GLY A 23 -16.63 -4.61 -10.73
C GLY A 23 -17.16 -3.92 -11.98
N ASP A 24 -17.50 -2.66 -11.83
CA ASP A 24 -18.14 -1.92 -12.91
C ASP A 24 -17.25 -0.80 -13.46
N GLY A 25 -16.22 -0.45 -12.72
CA GLY A 25 -15.30 0.58 -13.17
C GLY A 25 -15.53 1.92 -12.50
N THR A 26 -16.45 1.98 -11.56
CA THR A 26 -16.62 3.19 -10.79
C THR A 26 -16.70 2.85 -9.31
N ILE A 27 -16.09 3.63 -8.49
CA ILE A 27 -16.12 3.43 -7.07
C ILE A 27 -16.91 4.56 -6.44
N THR A 28 -17.85 4.20 -5.60
CA THR A 28 -18.67 5.15 -4.90
C THR A 28 -18.17 5.36 -3.46
N THR A 29 -18.78 6.30 -2.77
CA THR A 29 -18.50 6.58 -1.38
C THR A 29 -18.90 5.39 -0.51
N LYS A 30 -19.93 4.69 -0.96
CA LYS A 30 -20.47 3.52 -0.31
C LYS A 30 -19.41 2.44 -0.24
N GLU A 31 -18.82 2.17 -1.39
CA GLU A 31 -17.80 1.15 -1.54
C GLU A 31 -16.56 1.52 -0.75
N LEU A 32 -16.16 2.80 -0.82
CA LEU A 32 -15.02 3.30 -0.07
C LEU A 32 -15.18 3.05 1.42
N GLY A 33 -16.30 3.50 1.98
CA GLY A 33 -16.52 3.34 3.41
C GLY A 33 -16.63 1.88 3.82
N THR A 34 -17.25 1.07 3.00
CA THR A 34 -17.40 -0.35 3.30
C THR A 34 -16.02 -1.06 3.39
N VAL A 35 -15.13 -0.79 2.43
CA VAL A 35 -13.82 -1.42 2.45
C VAL A 35 -12.96 -0.83 3.57
N MET A 36 -13.15 0.46 3.83
CA MET A 36 -12.44 1.16 4.88
C MET A 36 -12.84 0.65 6.25
N ARG A 37 -14.10 0.31 6.39
CA ARG A 37 -14.62 -0.24 7.61
C ARG A 37 -13.93 -1.57 7.91
N SER A 38 -13.74 -2.36 6.87
CA SER A 38 -13.02 -3.62 6.98
C SER A 38 -11.52 -3.40 7.31
N LEU A 39 -11.00 -2.25 6.88
CA LEU A 39 -9.60 -1.90 7.13
C LEU A 39 -9.40 -1.32 8.52
N GLY A 40 -10.51 -1.04 9.18
CA GLY A 40 -10.46 -0.51 10.52
C GLY A 40 -10.25 0.99 10.56
N GLN A 41 -10.63 1.67 9.50
CA GLN A 41 -10.52 3.11 9.43
C GLN A 41 -11.53 3.61 8.45
N ASN A 42 -12.65 4.10 8.92
CA ASN A 42 -13.66 4.55 7.99
C ASN A 42 -14.05 6.02 8.17
N PRO A 43 -13.38 6.93 7.42
CA PRO A 43 -13.73 8.37 7.35
C PRO A 43 -15.19 8.56 6.89
N THR A 44 -15.75 9.72 7.14
CA THR A 44 -17.13 9.99 6.82
C THR A 44 -17.34 10.20 5.31
N GLU A 45 -18.60 10.05 4.88
CA GLU A 45 -19.01 10.16 3.48
C GLU A 45 -18.52 11.45 2.83
N ALA A 46 -18.66 12.56 3.52
CA ALA A 46 -18.26 13.87 3.00
C ALA A 46 -16.77 13.87 2.64
N GLU A 47 -15.99 13.21 3.46
CA GLU A 47 -14.56 13.14 3.23
C GLU A 47 -14.29 12.22 2.05
N LEU A 48 -14.99 11.11 2.01
CA LEU A 48 -14.84 10.11 0.96
C LEU A 48 -15.21 10.71 -0.39
N GLN A 49 -16.26 11.51 -0.40
CA GLN A 49 -16.74 12.17 -1.59
C GLN A 49 -15.73 13.18 -2.05
N ASP A 50 -15.05 13.82 -1.11
CA ASP A 50 -14.01 14.81 -1.43
C ASP A 50 -12.82 14.12 -2.04
N MET A 51 -12.50 12.95 -1.50
CA MET A 51 -11.43 12.09 -2.04
C MET A 51 -11.74 11.76 -3.49
N ILE A 52 -12.99 11.37 -3.73
CA ILE A 52 -13.47 11.10 -5.08
C ILE A 52 -13.33 12.35 -5.94
N ASN A 53 -13.82 13.45 -5.43
CA ASN A 53 -13.90 14.69 -6.15
C ASN A 53 -12.52 15.27 -6.55
N GLU A 54 -11.44 14.77 -5.95
CA GLU A 54 -10.15 15.14 -6.29
C GLU A 54 -9.78 14.56 -7.65
N VAL A 55 -10.21 13.34 -7.89
CA VAL A 55 -9.88 12.64 -9.13
C VAL A 55 -11.02 12.70 -10.11
N ASP A 56 -12.21 12.96 -9.61
CA ASP A 56 -13.42 13.04 -10.40
C ASP A 56 -13.34 14.27 -11.30
N ALA A 57 -12.98 14.05 -12.53
CA ALA A 57 -12.72 15.12 -13.46
C ALA A 57 -13.97 15.58 -14.15
N ASP A 58 -14.92 14.69 -14.32
CA ASP A 58 -16.16 15.08 -14.99
C ASP A 58 -17.18 15.55 -13.97
N GLY A 59 -16.85 15.33 -12.70
CA GLY A 59 -17.64 15.82 -11.61
C GLY A 59 -18.99 15.15 -11.52
N ASN A 60 -19.01 13.84 -11.61
CA ASN A 60 -20.29 13.13 -11.56
C ASN A 60 -20.51 12.49 -10.18
N GLY A 61 -19.48 12.52 -9.36
CA GLY A 61 -19.61 12.00 -8.02
C GLY A 61 -18.94 10.65 -7.83
N THR A 62 -18.46 10.04 -8.89
CA THR A 62 -17.80 8.77 -8.80
C THR A 62 -16.44 8.79 -9.51
N ILE A 63 -15.61 7.83 -9.18
CA ILE A 63 -14.30 7.71 -9.79
C ILE A 63 -14.39 6.66 -10.87
N ASP A 64 -14.12 7.03 -12.07
CA ASP A 64 -14.08 6.09 -13.17
C ASP A 64 -12.65 5.57 -13.22
N PHE A 65 -12.44 4.47 -13.86
CA PHE A 65 -11.14 3.82 -13.93
C PHE A 65 -10.01 4.78 -14.45
N PRO A 66 -10.17 5.45 -15.63
CA PRO A 66 -9.20 6.46 -16.13
C PRO A 66 -8.85 7.54 -15.10
N GLU A 67 -9.84 7.98 -14.31
CA GLU A 67 -9.62 9.01 -13.30
C GLU A 67 -8.77 8.46 -12.16
N PHE A 68 -9.01 7.20 -11.85
CA PHE A 68 -8.28 6.49 -10.83
C PHE A 68 -6.84 6.30 -11.31
N LEU A 69 -6.70 6.01 -12.60
CA LEU A 69 -5.39 5.85 -13.23
C LEU A 69 -4.58 7.12 -13.17
N THR A 70 -5.24 8.26 -13.37
CA THR A 70 -4.59 9.56 -13.26
C THR A 70 -3.95 9.70 -11.88
N MET A 71 -4.73 9.37 -10.87
CA MET A 71 -4.29 9.43 -9.49
C MET A 71 -3.12 8.49 -9.23
N MET A 72 -3.18 7.31 -9.79
CA MET A 72 -2.14 6.33 -9.57
C MET A 72 -0.88 6.64 -10.33
N ALA A 73 -1.01 7.18 -11.53
CA ALA A 73 0.13 7.62 -12.30
C ALA A 73 0.80 8.75 -11.54
N ARG A 74 -0.01 9.65 -10.98
CA ARG A 74 0.49 10.74 -10.15
C ARG A 74 1.18 10.22 -8.90
N LYS A 75 0.75 9.06 -8.40
CA LYS A 75 1.34 8.45 -7.23
C LYS A 75 2.79 8.09 -7.50
N MET A 76 3.05 7.57 -8.68
CA MET A 76 4.39 7.13 -9.04
C MET A 76 5.09 8.13 -9.93
N LYS A 77 4.55 9.33 -10.03
CA LYS A 77 5.13 10.35 -10.86
C LYS A 77 5.26 11.65 -10.10
N ASP A 78 4.14 12.32 -9.89
CA ASP A 78 4.13 13.62 -9.23
C ASP A 78 3.95 13.47 -7.74
N THR A 79 4.90 12.80 -7.16
CA THR A 79 5.02 12.56 -5.75
C THR A 79 6.50 12.22 -5.54
N ASP A 80 7.15 12.89 -4.60
CA ASP A 80 8.58 12.63 -4.36
C ASP A 80 8.77 11.22 -3.85
N SER A 81 7.77 10.77 -3.12
CA SER A 81 7.59 9.37 -2.71
C SER A 81 8.37 8.97 -1.47
N GLU A 82 9.29 9.83 -0.99
CA GLU A 82 10.02 9.53 0.25
C GLU A 82 9.01 9.32 1.36
N GLU A 83 8.03 10.20 1.39
CA GLU A 83 6.91 10.20 2.30
C GLU A 83 6.30 8.80 2.39
N GLU A 84 5.90 8.32 1.23
CA GLU A 84 5.22 7.06 1.10
C GLU A 84 6.11 5.86 1.41
N ILE A 85 7.31 5.88 0.87
CA ILE A 85 8.21 4.74 1.01
C ILE A 85 8.78 4.64 2.41
N ARG A 86 9.05 5.77 3.02
CA ARG A 86 9.59 5.78 4.35
C ARG A 86 8.51 5.43 5.36
N GLU A 87 7.28 5.80 5.06
CA GLU A 87 6.13 5.45 5.91
C GLU A 87 6.00 3.94 5.92
N ALA A 88 6.12 3.37 4.74
CA ALA A 88 6.08 1.94 4.55
C ALA A 88 7.29 1.25 5.18
N PHE A 89 8.45 1.86 5.08
CA PHE A 89 9.64 1.28 5.68
C PHE A 89 9.48 1.27 7.21
N ARG A 90 8.96 2.39 7.72
CA ARG A 90 8.67 2.59 9.15
C ARG A 90 7.79 1.46 9.72
N VAL A 91 6.80 1.01 8.93
CA VAL A 91 5.91 -0.07 9.38
C VAL A 91 6.61 -1.43 9.30
N PHE A 92 7.54 -1.58 8.38
CA PHE A 92 8.25 -2.83 8.26
C PHE A 92 9.30 -2.95 9.34
N ASP A 93 10.28 -2.07 9.34
CA ASP A 93 11.40 -2.15 10.27
C ASP A 93 11.09 -1.48 11.58
N LYS A 94 10.65 -2.27 12.52
CA LYS A 94 10.27 -1.80 13.85
C LYS A 94 11.46 -1.60 14.77
N ASP A 95 12.61 -2.18 14.44
CA ASP A 95 13.78 -2.09 15.32
C ASP A 95 14.68 -0.94 15.00
N GLY A 96 14.45 -0.33 13.86
CA GLY A 96 15.26 0.81 13.48
C GLY A 96 16.65 0.37 13.06
N ASN A 97 16.68 -0.67 12.28
CA ASN A 97 17.94 -1.26 11.85
C ASN A 97 18.35 -0.66 10.50
N GLY A 98 17.38 -0.07 9.82
CA GLY A 98 17.64 0.52 8.52
C GLY A 98 17.66 -0.55 7.45
N TYR A 99 17.10 -1.69 7.81
CA TYR A 99 17.03 -2.87 6.99
C TYR A 99 15.79 -3.63 7.35
N ILE A 100 15.25 -4.37 6.42
CA ILE A 100 14.12 -5.24 6.69
C ILE A 100 14.63 -6.66 6.63
N SER A 101 14.30 -7.43 7.61
CA SER A 101 14.69 -8.80 7.66
C SER A 101 13.47 -9.69 7.46
N ALA A 102 13.69 -10.91 7.00
CA ALA A 102 12.61 -11.86 6.72
C ALA A 102 11.82 -12.18 7.97
N ALA A 103 12.51 -12.37 9.08
CA ALA A 103 11.85 -12.68 10.37
C ALA A 103 10.87 -11.56 10.77
N GLU A 104 11.35 -10.33 10.72
CA GLU A 104 10.53 -9.14 10.98
C GLU A 104 9.33 -9.13 10.06
N LEU A 105 9.64 -9.26 8.79
CA LEU A 105 8.68 -9.12 7.76
C LEU A 105 7.61 -10.22 7.88
N ARG A 106 8.04 -11.43 8.19
CA ARG A 106 7.15 -12.56 8.37
C ARG A 106 6.19 -12.26 9.52
N HIS A 107 6.71 -11.70 10.59
CA HIS A 107 5.90 -11.38 11.74
C HIS A 107 4.92 -10.25 11.43
N VAL A 108 5.34 -9.25 10.64
CA VAL A 108 4.42 -8.17 10.30
C VAL A 108 3.30 -8.72 9.42
N MET A 109 3.61 -9.77 8.64
CA MET A 109 2.61 -10.44 7.81
C MET A 109 1.52 -11.01 8.66
N THR A 110 1.90 -11.57 9.79
CA THR A 110 0.96 -12.08 10.75
C THR A 110 0.04 -10.92 11.25
N ASN A 111 0.63 -9.76 11.47
CA ASN A 111 -0.11 -8.59 11.93
C ASN A 111 -0.96 -7.96 10.80
N LEU A 112 -0.64 -8.30 9.56
CA LEU A 112 -1.35 -7.75 8.41
C LEU A 112 -2.42 -8.74 7.91
N GLY A 113 -2.24 -10.00 8.26
CA GLY A 113 -3.18 -11.03 7.87
C GLY A 113 -2.73 -11.81 6.65
N GLU A 114 -1.49 -11.63 6.26
CA GLU A 114 -0.96 -12.27 5.09
C GLU A 114 -0.39 -13.61 5.48
N LYS A 115 -0.66 -14.59 4.69
CA LYS A 115 -0.14 -15.91 4.93
C LYS A 115 0.74 -16.34 3.77
N LEU A 116 2.00 -16.04 3.92
CA LEU A 116 3.02 -16.34 2.93
C LEU A 116 3.92 -17.41 3.51
N THR A 117 4.74 -18.02 2.69
CA THR A 117 5.66 -18.98 3.22
C THR A 117 7.02 -18.31 3.35
N ASP A 118 7.96 -18.99 3.96
CA ASP A 118 9.30 -18.43 4.19
C ASP A 118 10.02 -18.16 2.88
N GLU A 119 9.64 -18.88 1.84
CA GLU A 119 10.24 -18.75 0.55
C GLU A 119 9.91 -17.38 -0.08
N GLU A 120 8.67 -16.91 0.10
CA GLU A 120 8.28 -15.64 -0.49
C GLU A 120 8.84 -14.48 0.26
N VAL A 121 8.79 -14.55 1.58
CA VAL A 121 9.28 -13.45 2.39
C VAL A 121 10.81 -13.35 2.25
N ASP A 122 11.46 -14.50 2.00
CA ASP A 122 12.90 -14.53 1.78
C ASP A 122 13.24 -13.91 0.45
N GLU A 123 12.46 -14.24 -0.60
CA GLU A 123 12.70 -13.68 -1.93
C GLU A 123 12.48 -12.18 -1.89
N MET A 124 11.50 -11.73 -1.08
CA MET A 124 11.25 -10.30 -0.87
C MET A 124 12.50 -9.61 -0.43
N ILE A 125 13.13 -10.17 0.59
CA ILE A 125 14.31 -9.60 1.17
C ILE A 125 15.48 -9.70 0.23
N ARG A 126 15.83 -10.92 -0.13
CA ARG A 126 17.07 -11.19 -0.87
C ARG A 126 17.12 -10.51 -2.24
N GLU A 127 15.99 -10.37 -2.89
CA GLU A 127 15.98 -9.75 -4.20
C GLU A 127 16.01 -8.22 -4.08
N ALA A 128 15.55 -7.71 -2.96
CA ALA A 128 15.58 -6.27 -2.71
C ALA A 128 16.87 -5.89 -1.99
N ASP A 129 17.55 -6.90 -1.52
CA ASP A 129 18.83 -6.78 -0.88
C ASP A 129 19.93 -6.63 -1.91
N ILE A 130 19.95 -5.46 -2.49
CA ILE A 130 20.99 -5.09 -3.42
C ILE A 130 22.20 -4.60 -2.62
N ASP A 131 21.97 -4.38 -1.32
CA ASP A 131 22.98 -3.84 -0.43
C ASP A 131 23.94 -4.95 0.00
N GLY A 132 23.55 -6.18 -0.32
CA GLY A 132 24.35 -7.35 -0.06
C GLY A 132 24.59 -7.58 1.41
N ASP A 133 23.57 -7.36 2.19
CA ASP A 133 23.68 -7.49 3.63
C ASP A 133 22.86 -8.68 4.11
N GLY A 134 21.98 -9.14 3.25
CA GLY A 134 21.08 -10.22 3.60
C GLY A 134 19.81 -9.68 4.18
N GLN A 135 19.64 -8.39 3.99
CA GLN A 135 18.51 -7.65 4.46
C GLN A 135 18.28 -6.51 3.49
N VAL A 136 17.04 -6.23 3.19
CA VAL A 136 16.72 -5.17 2.27
C VAL A 136 16.86 -3.81 2.95
N ASN A 137 17.67 -2.96 2.35
CA ASN A 137 17.94 -1.64 2.89
C ASN A 137 16.96 -0.65 2.28
N TYR A 138 16.71 0.42 3.01
CA TYR A 138 15.80 1.48 2.61
C TYR A 138 16.25 2.08 1.28
N GLU A 139 17.52 2.40 1.20
CA GLU A 139 18.09 3.04 0.03
C GLU A 139 18.10 2.14 -1.21
N GLU A 140 18.03 0.85 -1.03
CA GLU A 140 17.96 -0.04 -2.15
C GLU A 140 16.51 -0.23 -2.56
N PHE A 141 15.65 -0.27 -1.55
CA PHE A 141 14.25 -0.46 -1.77
C PHE A 141 13.61 0.77 -2.43
N VAL A 142 14.09 1.97 -2.08
CA VAL A 142 13.59 3.20 -2.72
C VAL A 142 13.94 3.20 -4.21
N GLN A 143 15.07 2.58 -4.54
CA GLN A 143 15.56 2.54 -5.90
C GLN A 143 14.64 1.62 -6.68
N MET A 144 14.37 0.45 -6.13
CA MET A 144 13.54 -0.57 -6.77
C MET A 144 12.09 -0.13 -6.91
N MET A 145 11.72 0.89 -6.18
CA MET A 145 10.38 1.43 -6.27
C MET A 145 10.25 2.31 -7.51
N THR A 146 11.27 3.12 -7.77
CA THR A 146 11.22 3.99 -8.92
C THR A 146 11.67 3.26 -10.19
N ALA A 147 12.52 2.26 -10.02
CA ALA A 147 12.98 1.44 -11.12
C ALA A 147 11.95 0.37 -11.36
N LYS A 148 11.26 0.47 -12.45
CA LYS A 148 10.24 -0.48 -12.76
C LYS A 148 10.38 -0.89 -14.21
N SER B 1 17.58 -10.89 -9.87
CA SER B 1 18.45 -12.00 -10.14
C SER B 1 17.99 -12.69 -11.41
N PRO B 2 18.89 -13.41 -12.15
CA PRO B 2 18.53 -14.13 -13.38
C PRO B 2 17.36 -15.11 -13.20
N ALA B 3 17.30 -15.76 -12.05
CA ALA B 3 16.24 -16.70 -11.76
C ALA B 3 15.60 -16.38 -10.43
N ASN B 4 14.29 -16.42 -10.41
CA ASN B 4 13.49 -16.20 -9.21
C ASN B 4 12.23 -17.02 -9.35
N SER B 5 11.39 -17.04 -8.33
CA SER B 5 10.10 -17.69 -8.45
C SER B 5 9.16 -16.68 -9.11
N PHE B 6 9.59 -15.41 -8.98
CA PHE B 6 8.94 -14.22 -9.52
C PHE B 6 7.67 -13.90 -8.73
N HIS B 7 7.50 -14.59 -7.62
CA HIS B 7 6.34 -14.36 -6.75
C HIS B 7 6.54 -13.05 -6.03
N PHE B 8 7.81 -12.60 -6.01
CA PHE B 8 8.28 -11.31 -5.49
C PHE B 8 7.34 -10.17 -5.87
N LYS B 9 6.88 -10.19 -7.12
CA LYS B 9 6.02 -9.17 -7.66
C LYS B 9 4.69 -9.09 -6.89
N GLU B 10 4.03 -10.23 -6.75
CA GLU B 10 2.74 -10.30 -6.04
C GLU B 10 2.96 -10.24 -4.54
N ALA B 11 4.11 -10.69 -4.11
CA ALA B 11 4.49 -10.69 -2.72
C ALA B 11 4.57 -9.25 -2.19
N TRP B 12 5.45 -8.43 -2.76
CA TRP B 12 5.58 -7.04 -2.33
C TRP B 12 4.32 -6.23 -2.60
N LYS B 13 3.62 -6.61 -3.65
CA LYS B 13 2.36 -6.01 -4.07
C LYS B 13 1.39 -6.00 -2.92
N HIS B 14 1.25 -7.15 -2.30
CA HIS B 14 0.39 -7.29 -1.13
C HIS B 14 1.05 -6.72 0.11
N ALA B 15 2.33 -6.97 0.25
CA ALA B 15 3.10 -6.55 1.41
C ALA B 15 3.02 -5.05 1.68
N ILE B 16 3.43 -4.23 0.72
CA ILE B 16 3.41 -2.78 0.91
C ILE B 16 2.00 -2.26 0.98
N GLN B 17 1.10 -2.94 0.32
CA GLN B 17 -0.30 -2.61 0.29
C GLN B 17 -0.88 -2.68 1.70
N LYS B 18 -0.83 -3.87 2.27
CA LYS B 18 -1.40 -4.10 3.57
C LYS B 18 -0.65 -3.34 4.67
N ALA B 19 0.65 -3.19 4.52
CA ALA B 19 1.46 -2.49 5.49
C ALA B 19 1.23 -0.97 5.43
N LYS B 20 0.96 -0.47 4.22
CA LYS B 20 0.75 0.96 4.01
C LYS B 20 -0.49 1.39 4.76
N HIS B 21 -1.59 0.67 4.50
CA HIS B 21 -2.90 0.94 5.13
C HIS B 21 -3.30 2.42 4.96
N MET B 22 -3.90 2.73 3.86
CA MET B 22 -4.18 4.11 3.52
C MET B 22 -5.66 4.32 3.33
N PRO B 23 -6.18 5.52 3.66
CA PRO B 23 -7.54 5.92 3.29
C PRO B 23 -7.51 6.40 1.82
N ASP B 24 -8.43 7.31 1.44
CA ASP B 24 -8.51 7.82 0.05
C ASP B 24 -8.93 6.69 -0.91
N PRO B 25 -9.05 6.89 -2.24
CA PRO B 25 -9.32 5.80 -3.14
C PRO B 25 -8.00 5.11 -3.47
N TRP B 26 -7.56 4.36 -2.54
CA TRP B 26 -6.27 3.76 -2.52
C TRP B 26 -6.19 2.43 -3.27
N ALA B 27 -5.13 2.31 -4.04
CA ALA B 27 -4.69 1.12 -4.67
C ALA B 27 -3.16 1.19 -4.66
CA CA C . -18.86 0.18 -8.05
CA CA D . -16.05 10.61 -12.72
N ALA A 1 -4.37 18.70 -1.74
CA ALA A 1 -5.34 17.88 -1.04
C ALA A 1 -6.74 18.41 -1.32
N ASP A 2 -7.76 17.75 -0.74
CA ASP A 2 -9.20 18.08 -0.89
C ASP A 2 -9.73 17.81 -2.29
N GLN A 3 -9.19 18.48 -3.26
CA GLN A 3 -9.59 18.29 -4.64
C GLN A 3 -8.73 17.25 -5.28
N LEU A 4 -9.36 16.20 -5.71
CA LEU A 4 -8.68 15.06 -6.25
C LEU A 4 -8.56 15.18 -7.75
N THR A 5 -7.45 14.76 -8.28
CA THR A 5 -7.19 14.83 -9.68
C THR A 5 -7.86 13.66 -10.42
N GLU A 6 -8.13 13.85 -11.71
CA GLU A 6 -8.90 12.90 -12.51
C GLU A 6 -8.32 11.49 -12.53
N GLU A 7 -7.01 11.38 -12.71
CA GLU A 7 -6.39 10.08 -12.81
C GLU A 7 -6.44 9.35 -11.46
N GLN A 8 -6.34 10.11 -10.37
CA GLN A 8 -6.52 9.54 -9.05
C GLN A 8 -7.93 9.04 -8.92
N ILE A 9 -8.86 9.84 -9.38
CA ILE A 9 -10.27 9.49 -9.34
C ILE A 9 -10.56 8.24 -10.17
N ALA A 10 -9.82 8.04 -11.25
CA ALA A 10 -9.95 6.83 -12.06
C ALA A 10 -9.52 5.60 -11.25
N GLU A 11 -8.38 5.74 -10.57
CA GLU A 11 -7.87 4.71 -9.66
C GLU A 11 -8.93 4.40 -8.61
N PHE A 12 -9.46 5.45 -8.02
CA PHE A 12 -10.44 5.32 -6.98
C PHE A 12 -11.80 4.86 -7.50
N LYS A 13 -12.04 4.94 -8.80
CA LYS A 13 -13.26 4.37 -9.38
C LYS A 13 -13.19 2.87 -9.31
N GLU A 14 -12.03 2.34 -9.65
CA GLU A 14 -11.82 0.93 -9.66
C GLU A 14 -11.76 0.40 -8.22
N ALA A 15 -11.10 1.16 -7.37
CA ALA A 15 -10.98 0.84 -5.97
C ALA A 15 -12.32 1.00 -5.26
N PHE A 16 -13.17 1.88 -5.76
CA PHE A 16 -14.47 2.12 -5.17
C PHE A 16 -15.32 0.91 -5.29
N SER A 17 -15.43 0.39 -6.49
CA SER A 17 -16.24 -0.79 -6.73
C SER A 17 -15.55 -2.04 -6.15
N LEU A 18 -14.26 -1.94 -5.86
CA LEU A 18 -13.55 -3.00 -5.20
C LEU A 18 -14.10 -3.18 -3.79
N PHE A 19 -14.45 -2.07 -3.17
CA PHE A 19 -15.09 -2.07 -1.87
C PHE A 19 -16.58 -2.15 -2.01
N ASP A 20 -17.10 -1.41 -2.95
CA ASP A 20 -18.49 -1.42 -3.27
C ASP A 20 -18.81 -2.62 -4.15
N LYS A 21 -18.97 -3.73 -3.50
CA LYS A 21 -19.14 -4.99 -4.13
C LYS A 21 -20.53 -5.19 -4.70
N ASP A 22 -21.48 -4.40 -4.23
CA ASP A 22 -22.87 -4.49 -4.77
C ASP A 22 -22.96 -3.78 -6.10
N GLY A 23 -21.95 -2.98 -6.41
CA GLY A 23 -21.96 -2.21 -7.65
C GLY A 23 -23.05 -1.17 -7.67
N ASP A 24 -23.35 -0.62 -6.51
CA ASP A 24 -24.44 0.35 -6.38
C ASP A 24 -23.90 1.73 -6.03
N GLY A 25 -22.66 1.77 -5.58
CA GLY A 25 -22.01 3.01 -5.27
C GLY A 25 -22.09 3.46 -3.82
N THR A 26 -22.23 2.53 -2.90
CA THR A 26 -22.18 2.89 -1.49
C THR A 26 -21.45 1.79 -0.73
N ILE A 27 -20.50 2.14 0.07
CA ILE A 27 -19.77 1.18 0.82
C ILE A 27 -20.44 1.02 2.18
N THR A 28 -20.93 -0.17 2.42
CA THR A 28 -21.54 -0.50 3.68
C THR A 28 -20.52 -1.19 4.59
N THR A 29 -20.83 -1.32 5.87
CA THR A 29 -19.98 -2.00 6.81
C THR A 29 -19.85 -3.48 6.44
N LYS A 30 -20.90 -3.99 5.77
CA LYS A 30 -20.95 -5.33 5.22
C LYS A 30 -19.75 -5.53 4.32
N GLU A 31 -19.65 -4.65 3.35
CA GLU A 31 -18.64 -4.71 2.33
C GLU A 31 -17.27 -4.48 2.92
N LEU A 32 -17.17 -3.55 3.87
CA LEU A 32 -15.91 -3.29 4.56
C LEU A 32 -15.40 -4.56 5.23
N GLY A 33 -16.19 -5.13 6.13
CA GLY A 33 -15.77 -6.32 6.84
C GLY A 33 -15.51 -7.49 5.92
N THR A 34 -16.23 -7.54 4.81
CA THR A 34 -16.03 -8.58 3.83
C THR A 34 -14.67 -8.43 3.12
N VAL A 35 -14.37 -7.21 2.64
CA VAL A 35 -13.10 -6.99 1.94
C VAL A 35 -11.94 -7.13 2.91
N MET A 36 -12.13 -6.63 4.14
CA MET A 36 -11.16 -6.78 5.20
C MET A 36 -10.90 -8.25 5.47
N ARG A 37 -11.96 -9.02 5.54
CA ARG A 37 -11.88 -10.47 5.80
C ARG A 37 -11.12 -11.16 4.66
N SER A 38 -11.32 -10.65 3.45
CA SER A 38 -10.65 -11.18 2.28
C SER A 38 -9.18 -10.72 2.23
N LEU A 39 -8.85 -9.75 3.07
CA LEU A 39 -7.48 -9.26 3.17
C LEU A 39 -6.78 -9.93 4.34
N GLY A 40 -7.54 -10.51 5.24
CA GLY A 40 -6.97 -11.10 6.42
C GLY A 40 -6.91 -10.11 7.57
N GLN A 41 -7.87 -9.20 7.59
CA GLN A 41 -7.97 -8.18 8.60
C GLN A 41 -9.39 -8.22 9.14
N ASN A 42 -9.58 -8.18 10.43
CA ASN A 42 -10.95 -8.26 10.98
C ASN A 42 -11.27 -7.18 12.00
N PRO A 43 -11.62 -5.96 11.55
CA PRO A 43 -12.12 -4.92 12.45
C PRO A 43 -13.59 -5.19 12.81
N THR A 44 -14.04 -4.68 13.94
CA THR A 44 -15.40 -4.92 14.37
C THR A 44 -16.39 -3.93 13.73
N GLU A 45 -17.67 -4.24 13.87
CA GLU A 45 -18.77 -3.47 13.29
C GLU A 45 -18.73 -1.99 13.71
N ALA A 46 -18.51 -1.75 15.01
CA ALA A 46 -18.47 -0.38 15.55
C ALA A 46 -17.36 0.42 14.89
N GLU A 47 -16.21 -0.22 14.70
CA GLU A 47 -15.06 0.39 14.05
C GLU A 47 -15.41 0.71 12.62
N LEU A 48 -15.99 -0.26 11.92
CA LEU A 48 -16.38 -0.12 10.53
C LEU A 48 -17.38 1.03 10.34
N GLN A 49 -18.34 1.12 11.23
CA GLN A 49 -19.34 2.16 11.15
C GLN A 49 -18.75 3.54 11.44
N ASP A 50 -17.90 3.63 12.45
CA ASP A 50 -17.28 4.91 12.83
C ASP A 50 -16.36 5.39 11.71
N MET A 51 -15.72 4.41 11.10
CA MET A 51 -14.83 4.58 9.95
C MET A 51 -15.56 5.25 8.80
N ILE A 52 -16.79 4.87 8.62
CA ILE A 52 -17.67 5.48 7.64
C ILE A 52 -18.13 6.84 8.11
N ASN A 53 -18.60 6.89 9.32
CA ASN A 53 -19.24 8.09 9.89
C ASN A 53 -18.33 9.33 9.84
N GLU A 54 -17.02 9.13 9.93
CA GLU A 54 -16.08 10.24 9.91
C GLU A 54 -15.98 10.91 8.53
N VAL A 55 -16.54 10.29 7.51
CA VAL A 55 -16.61 10.90 6.18
C VAL A 55 -18.05 11.05 5.74
N ASP A 56 -18.93 10.31 6.39
CA ASP A 56 -20.33 10.29 6.03
C ASP A 56 -20.99 11.59 6.37
N ALA A 57 -21.29 12.35 5.36
CA ALA A 57 -21.87 13.65 5.53
C ALA A 57 -23.39 13.62 5.65
N ASP A 58 -24.01 12.47 5.38
CA ASP A 58 -25.47 12.41 5.41
C ASP A 58 -25.94 11.82 6.70
N GLY A 59 -25.02 11.26 7.46
CA GLY A 59 -25.38 10.56 8.68
C GLY A 59 -26.30 9.39 8.35
N ASN A 60 -25.97 8.67 7.28
CA ASN A 60 -26.78 7.57 6.82
C ASN A 60 -26.04 6.25 6.96
N GLY A 61 -24.77 6.34 7.24
CA GLY A 61 -24.00 5.17 7.53
C GLY A 61 -23.35 4.53 6.33
N THR A 62 -23.26 5.25 5.23
CA THR A 62 -22.59 4.73 4.04
C THR A 62 -21.71 5.80 3.37
N ILE A 63 -20.61 5.36 2.77
CA ILE A 63 -19.67 6.25 2.07
C ILE A 63 -19.97 6.18 0.58
N ASP A 64 -20.50 7.21 -0.01
CA ASP A 64 -20.80 7.21 -1.43
C ASP A 64 -19.51 7.60 -2.20
N PHE A 65 -19.58 7.67 -3.50
CA PHE A 65 -18.41 7.93 -4.34
C PHE A 65 -17.74 9.29 -4.02
N PRO A 66 -18.49 10.43 -4.03
CA PRO A 66 -17.95 11.75 -3.67
C PRO A 66 -17.25 11.72 -2.31
N GLU A 67 -17.88 11.03 -1.35
CA GLU A 67 -17.34 10.93 0.00
C GLU A 67 -16.05 10.12 -0.01
N PHE A 68 -16.05 9.00 -0.74
CA PHE A 68 -14.88 8.14 -0.89
C PHE A 68 -13.72 8.93 -1.53
N LEU A 69 -14.05 9.75 -2.55
CA LEU A 69 -13.06 10.60 -3.21
C LEU A 69 -12.51 11.67 -2.26
N THR A 70 -13.43 12.45 -1.68
CA THR A 70 -13.09 13.52 -0.76
C THR A 70 -12.26 12.98 0.41
N MET A 71 -12.65 11.81 0.90
CA MET A 71 -11.95 11.13 1.96
C MET A 71 -10.49 10.91 1.62
N MET A 72 -10.23 10.43 0.42
CA MET A 72 -8.85 10.11 0.05
C MET A 72 -8.07 11.35 -0.17
N ALA A 73 -8.69 12.32 -0.80
CA ALA A 73 -8.04 13.58 -1.09
C ALA A 73 -7.69 14.35 0.19
N ARG A 74 -8.44 14.12 1.24
CA ARG A 74 -8.16 14.70 2.55
C ARG A 74 -7.13 13.87 3.29
N LYS A 75 -7.15 12.58 3.03
CA LYS A 75 -6.33 11.61 3.75
C LYS A 75 -4.93 11.53 3.12
N MET A 76 -4.76 12.26 2.05
CA MET A 76 -3.48 12.36 1.42
C MET A 76 -2.59 13.30 2.19
N LYS A 77 -1.85 12.71 3.10
CA LYS A 77 -0.90 13.43 3.93
C LYS A 77 0.46 13.37 3.22
N ASP A 78 0.38 13.04 1.95
CA ASP A 78 1.50 12.89 1.05
C ASP A 78 2.30 14.16 0.94
N THR A 79 3.52 14.07 1.31
CA THR A 79 4.45 15.10 1.20
C THR A 79 5.82 14.40 1.02
N ASP A 80 6.58 14.83 0.03
CA ASP A 80 7.88 14.21 -0.36
C ASP A 80 7.68 12.82 -1.00
N SER A 81 8.31 12.61 -2.12
CA SER A 81 8.13 11.41 -2.93
C SER A 81 8.69 10.13 -2.27
N GLU A 82 9.63 10.30 -1.36
CA GLU A 82 10.26 9.15 -0.75
C GLU A 82 9.71 8.90 0.64
N GLU A 83 9.00 9.88 1.17
CA GLU A 83 8.42 9.77 2.50
C GLU A 83 7.40 8.65 2.57
N GLU A 84 6.68 8.42 1.47
CA GLU A 84 5.70 7.33 1.42
C GLU A 84 6.40 6.00 1.53
N ILE A 85 7.60 5.98 1.03
CA ILE A 85 8.35 4.77 0.98
C ILE A 85 8.98 4.57 2.35
N ARG A 86 9.24 5.66 3.03
CA ARG A 86 9.77 5.63 4.38
C ARG A 86 8.63 5.34 5.37
N GLU A 87 7.42 5.69 4.98
CA GLU A 87 6.21 5.34 5.70
C GLU A 87 6.09 3.84 5.70
N ALA A 88 6.12 3.30 4.50
CA ALA A 88 6.11 1.87 4.27
C ALA A 88 7.28 1.19 4.99
N PHE A 89 8.42 1.84 4.97
CA PHE A 89 9.60 1.33 5.62
C PHE A 89 9.37 1.22 7.14
N ARG A 90 8.81 2.27 7.73
CA ARG A 90 8.56 2.33 9.19
C ARG A 90 7.48 1.35 9.64
N VAL A 91 6.59 0.98 8.75
CA VAL A 91 5.55 0.04 9.10
C VAL A 91 6.08 -1.42 9.01
N PHE A 92 7.17 -1.61 8.28
CA PHE A 92 7.78 -2.93 8.21
C PHE A 92 8.84 -3.06 9.28
N ASP A 93 9.80 -2.15 9.25
CA ASP A 93 10.88 -2.12 10.23
C ASP A 93 10.41 -1.37 11.45
N LYS A 94 9.73 -2.09 12.30
CA LYS A 94 9.15 -1.57 13.51
C LYS A 94 10.21 -1.41 14.58
N ASP A 95 11.17 -2.34 14.60
CA ASP A 95 12.24 -2.33 15.61
C ASP A 95 13.23 -1.18 15.34
N GLY A 96 13.13 -0.62 14.15
CA GLY A 96 13.93 0.51 13.79
C GLY A 96 15.38 0.15 13.62
N ASN A 97 15.66 -0.82 12.79
CA ASN A 97 17.03 -1.19 12.50
C ASN A 97 17.55 -0.39 11.34
N GLY A 98 16.63 0.17 10.58
CA GLY A 98 17.01 0.92 9.42
C GLY A 98 17.22 0.01 8.25
N TYR A 99 16.78 -1.20 8.41
CA TYR A 99 16.85 -2.23 7.41
C TYR A 99 15.66 -3.10 7.67
N ILE A 100 15.05 -3.61 6.64
CA ILE A 100 13.92 -4.47 6.84
C ILE A 100 14.45 -5.89 6.99
N SER A 101 14.36 -6.40 8.18
CA SER A 101 14.78 -7.74 8.48
C SER A 101 13.68 -8.73 8.04
N ALA A 102 14.08 -9.87 7.47
CA ALA A 102 13.14 -10.88 6.98
C ALA A 102 12.26 -11.40 8.10
N ALA A 103 12.86 -11.58 9.27
CA ALA A 103 12.14 -12.08 10.43
C ALA A 103 11.00 -11.15 10.82
N GLU A 104 11.28 -9.86 10.96
CA GLU A 104 10.23 -8.91 11.32
C GLU A 104 9.25 -8.70 10.21
N LEU A 105 9.75 -8.67 8.98
CA LEU A 105 8.90 -8.51 7.82
C LEU A 105 7.89 -9.68 7.81
N ARG A 106 8.39 -10.87 8.06
CA ARG A 106 7.57 -12.07 8.10
C ARG A 106 6.52 -11.95 9.21
N HIS A 107 6.97 -11.47 10.38
CA HIS A 107 6.09 -11.29 11.52
C HIS A 107 4.96 -10.31 11.22
N VAL A 108 5.30 -9.15 10.67
CA VAL A 108 4.28 -8.16 10.39
C VAL A 108 3.30 -8.67 9.34
N MET A 109 3.78 -9.47 8.40
CA MET A 109 2.94 -10.05 7.35
C MET A 109 1.86 -10.93 7.93
N THR A 110 2.22 -11.70 8.91
CA THR A 110 1.30 -12.55 9.63
C THR A 110 0.22 -11.69 10.32
N ASN A 111 0.64 -10.55 10.84
CA ASN A 111 -0.26 -9.60 11.52
C ASN A 111 -1.10 -8.80 10.52
N LEU A 112 -0.61 -8.69 9.30
CA LEU A 112 -1.28 -7.90 8.28
C LEU A 112 -2.29 -8.76 7.52
N GLY A 113 -2.11 -10.05 7.61
CA GLY A 113 -3.01 -10.95 6.93
C GLY A 113 -2.44 -11.46 5.64
N GLU A 114 -1.21 -11.04 5.32
CA GLU A 114 -0.57 -11.51 4.10
C GLU A 114 -0.18 -12.97 4.26
N LYS A 115 0.26 -13.32 5.48
CA LYS A 115 0.58 -14.72 5.86
C LYS A 115 1.66 -15.31 4.95
N LEU A 116 2.57 -14.47 4.52
CA LEU A 116 3.64 -14.85 3.62
C LEU A 116 4.57 -15.86 4.28
N THR A 117 4.97 -16.86 3.54
CA THR A 117 5.84 -17.87 4.04
C THR A 117 7.29 -17.37 4.11
N ASP A 118 8.18 -18.18 4.66
CA ASP A 118 9.58 -17.78 4.82
C ASP A 118 10.24 -17.55 3.48
N GLU A 119 9.99 -18.47 2.55
CA GLU A 119 10.59 -18.39 1.20
C GLU A 119 10.16 -17.09 0.52
N GLU A 120 8.92 -16.72 0.78
CA GLU A 120 8.31 -15.54 0.22
C GLU A 120 8.99 -14.28 0.76
N VAL A 121 9.02 -14.15 2.09
CA VAL A 121 9.60 -12.98 2.72
C VAL A 121 11.10 -12.90 2.42
N ASP A 122 11.73 -14.09 2.29
CA ASP A 122 13.13 -14.23 1.92
C ASP A 122 13.37 -13.63 0.55
N GLU A 123 12.49 -13.94 -0.40
CA GLU A 123 12.60 -13.44 -1.77
C GLU A 123 12.42 -11.94 -1.78
N MET A 124 11.44 -11.47 -1.02
CA MET A 124 11.13 -10.06 -0.90
C MET A 124 12.31 -9.25 -0.44
N ILE A 125 13.09 -9.83 0.44
CA ILE A 125 14.28 -9.20 0.91
C ILE A 125 15.37 -9.35 -0.16
N ARG A 126 15.67 -10.59 -0.52
CA ARG A 126 16.77 -10.95 -1.42
C ARG A 126 16.77 -10.19 -2.75
N GLU A 127 15.63 -10.04 -3.39
CA GLU A 127 15.60 -9.43 -4.70
C GLU A 127 15.59 -7.89 -4.60
N ALA A 128 15.32 -7.39 -3.41
CA ALA A 128 15.31 -5.96 -3.17
C ALA A 128 16.66 -5.55 -2.59
N ASP A 129 17.34 -6.50 -2.00
CA ASP A 129 18.64 -6.31 -1.40
C ASP A 129 19.72 -6.11 -2.46
N ILE A 130 19.95 -4.88 -2.77
CA ILE A 130 20.96 -4.48 -3.73
C ILE A 130 22.35 -4.42 -3.09
N ASP A 131 22.39 -4.35 -1.77
CA ASP A 131 23.67 -4.15 -1.07
C ASP A 131 24.32 -5.49 -0.75
N GLY A 132 23.55 -6.54 -0.91
CA GLY A 132 24.03 -7.86 -0.63
C GLY A 132 24.19 -8.08 0.84
N ASP A 133 23.29 -7.52 1.62
CA ASP A 133 23.36 -7.63 3.06
C ASP A 133 22.50 -8.78 3.52
N GLY A 134 21.62 -9.23 2.65
CA GLY A 134 20.69 -10.28 3.01
C GLY A 134 19.54 -9.67 3.78
N GLN A 135 19.47 -8.38 3.74
CA GLN A 135 18.53 -7.59 4.44
C GLN A 135 18.33 -6.36 3.60
N VAL A 136 17.14 -5.84 3.57
CA VAL A 136 16.85 -4.75 2.66
C VAL A 136 16.94 -3.37 3.32
N ASN A 137 17.93 -2.61 2.90
CA ASN A 137 18.14 -1.25 3.41
C ASN A 137 17.13 -0.30 2.75
N TYR A 138 16.95 0.88 3.34
CA TYR A 138 16.02 1.88 2.86
C TYR A 138 16.28 2.28 1.40
N GLU A 139 17.53 2.56 1.08
CA GLU A 139 17.89 2.99 -0.27
C GLU A 139 17.68 1.85 -1.28
N GLU A 140 18.06 0.66 -0.88
CA GLU A 140 17.83 -0.56 -1.63
C GLU A 140 16.32 -0.73 -1.92
N PHE A 141 15.53 -0.51 -0.89
CA PHE A 141 14.09 -0.60 -0.94
C PHE A 141 13.48 0.47 -1.86
N VAL A 142 13.86 1.73 -1.68
CA VAL A 142 13.29 2.82 -2.47
C VAL A 142 13.58 2.66 -3.95
N GLN A 143 14.79 2.21 -4.27
CA GLN A 143 15.25 2.05 -5.65
C GLN A 143 14.24 1.25 -6.46
N MET A 144 13.97 0.04 -6.04
CA MET A 144 13.14 -0.85 -6.83
C MET A 144 11.66 -0.54 -6.69
N MET A 145 11.28 0.04 -5.57
CA MET A 145 9.87 0.26 -5.30
C MET A 145 9.37 1.51 -6.03
N THR A 146 10.22 2.52 -6.16
CA THR A 146 9.81 3.75 -6.86
C THR A 146 10.07 3.63 -8.35
N ALA A 147 10.53 2.46 -8.76
CA ALA A 147 10.86 2.16 -10.14
C ALA A 147 9.58 1.76 -10.89
N LYS A 148 8.55 2.59 -10.76
CA LYS A 148 7.23 2.40 -11.34
C LYS A 148 6.53 1.23 -10.65
N SER B 1 17.45 -3.30 -9.08
CA SER B 1 17.55 -4.45 -8.23
C SER B 1 18.44 -5.46 -8.94
N PRO B 2 18.98 -6.50 -8.23
CA PRO B 2 19.80 -7.57 -8.85
C PRO B 2 19.14 -8.08 -10.13
N ALA B 3 17.84 -8.31 -10.03
CA ALA B 3 17.00 -8.64 -11.15
C ALA B 3 15.58 -8.36 -10.77
N ASN B 4 14.67 -8.58 -11.67
CA ASN B 4 13.26 -8.48 -11.39
C ASN B 4 12.53 -9.36 -12.36
N SER B 5 12.19 -10.53 -11.91
CA SER B 5 11.56 -11.56 -12.69
C SER B 5 10.03 -11.37 -12.84
N PHE B 6 9.58 -10.12 -12.66
CA PHE B 6 8.16 -9.73 -12.72
C PHE B 6 7.35 -10.32 -11.56
N HIS B 7 6.14 -9.77 -11.33
CA HIS B 7 5.20 -10.17 -10.24
C HIS B 7 5.68 -9.77 -8.84
N PHE B 8 6.99 -9.84 -8.65
CA PHE B 8 7.66 -9.54 -7.39
C PHE B 8 7.32 -8.12 -6.88
N LYS B 9 7.27 -7.18 -7.79
CA LYS B 9 6.96 -5.81 -7.45
C LYS B 9 5.50 -5.68 -7.08
N GLU B 10 4.65 -6.43 -7.76
CA GLU B 10 3.21 -6.41 -7.50
C GLU B 10 2.93 -7.06 -6.15
N ALA B 11 3.77 -8.02 -5.81
CA ALA B 11 3.74 -8.65 -4.52
C ALA B 11 4.03 -7.62 -3.44
N TRP B 12 5.17 -6.92 -3.59
CA TRP B 12 5.52 -5.83 -2.68
C TRP B 12 4.45 -4.76 -2.66
N LYS B 13 3.92 -4.44 -3.83
CA LYS B 13 2.90 -3.43 -3.99
C LYS B 13 1.73 -3.70 -3.09
N HIS B 14 1.14 -4.89 -3.25
CA HIS B 14 -0.01 -5.25 -2.42
C HIS B 14 0.35 -5.40 -0.95
N ALA B 15 1.57 -5.82 -0.68
CA ALA B 15 2.06 -5.95 0.70
C ALA B 15 2.15 -4.58 1.37
N ILE B 16 2.73 -3.62 0.66
CA ILE B 16 2.84 -2.23 1.12
C ILE B 16 1.46 -1.61 1.19
N GLN B 17 0.63 -1.97 0.24
CA GLN B 17 -0.73 -1.50 0.17
C GLN B 17 -1.46 -1.90 1.45
N LYS B 18 -1.26 -3.14 1.85
CA LYS B 18 -1.81 -3.65 3.09
C LYS B 18 -1.21 -2.93 4.31
N ALA B 19 0.09 -2.74 4.27
CA ALA B 19 0.79 -2.07 5.36
C ALA B 19 0.29 -0.63 5.53
N LYS B 20 -0.08 -0.02 4.43
CA LYS B 20 -0.65 1.31 4.40
C LYS B 20 -2.18 1.29 4.59
N HIS B 21 -2.70 0.13 4.92
CA HIS B 21 -4.10 -0.04 5.18
C HIS B 21 -4.36 -0.48 6.59
N MET B 22 -4.65 0.46 7.43
CA MET B 22 -5.08 0.19 8.78
C MET B 22 -6.60 -0.05 8.69
N PRO B 23 -7.37 -0.27 9.79
CA PRO B 23 -8.82 -0.33 9.69
C PRO B 23 -9.40 1.06 9.35
N ASP B 24 -9.26 1.42 8.09
CA ASP B 24 -9.68 2.69 7.55
C ASP B 24 -9.56 2.58 6.01
N PRO B 25 -10.52 3.09 5.22
CA PRO B 25 -10.52 2.93 3.79
C PRO B 25 -9.66 3.95 3.06
N TRP B 26 -9.03 3.49 2.01
CA TRP B 26 -8.18 4.30 1.17
C TRP B 26 -8.41 3.88 -0.29
N ALA B 27 -8.54 2.61 -0.43
CA ALA B 27 -8.69 1.88 -1.63
C ALA B 27 -8.60 0.50 -1.10
CA CA C . -22.56 -1.43 -1.85
CA CA D . -23.14 9.19 2.75
N ALA A 1 5.01 12.56 -10.18
CA ALA A 1 4.36 12.97 -11.41
C ALA A 1 3.00 13.51 -11.06
N ASP A 2 2.22 13.82 -12.07
CA ASP A 2 0.87 14.31 -11.83
C ASP A 2 -0.12 13.47 -12.62
N GLN A 3 0.26 13.13 -13.83
CA GLN A 3 -0.56 12.26 -14.65
C GLN A 3 -0.05 10.86 -14.51
N LEU A 4 -0.84 9.91 -14.92
CA LEU A 4 -0.49 8.54 -14.73
C LEU A 4 -0.56 7.82 -16.05
N THR A 5 0.23 6.79 -16.18
CA THR A 5 0.28 6.03 -17.39
C THR A 5 -0.86 4.99 -17.41
N GLU A 6 -1.28 4.62 -18.62
CA GLU A 6 -2.46 3.77 -18.84
C GLU A 6 -2.44 2.46 -18.08
N GLU A 7 -1.32 1.76 -18.07
CA GLU A 7 -1.24 0.47 -17.40
C GLU A 7 -1.41 0.61 -15.91
N GLN A 8 -0.86 1.68 -15.35
CA GLN A 8 -0.94 1.91 -13.93
C GLN A 8 -2.34 2.32 -13.57
N ILE A 9 -2.99 3.04 -14.48
CA ILE A 9 -4.38 3.42 -14.28
C ILE A 9 -5.30 2.20 -14.28
N ALA A 10 -4.98 1.20 -15.08
CA ALA A 10 -5.74 -0.05 -15.07
C ALA A 10 -5.52 -0.80 -13.75
N GLU A 11 -4.29 -0.73 -13.27
CA GLU A 11 -3.89 -1.30 -11.99
C GLU A 11 -4.67 -0.59 -10.87
N PHE A 12 -4.82 0.70 -11.00
CA PHE A 12 -5.57 1.47 -10.06
C PHE A 12 -7.07 1.38 -10.25
N LYS A 13 -7.53 0.92 -11.41
CA LYS A 13 -8.95 0.63 -11.62
C LYS A 13 -9.37 -0.45 -10.64
N GLU A 14 -8.54 -1.49 -10.60
CA GLU A 14 -8.75 -2.62 -9.71
C GLU A 14 -8.77 -2.15 -8.24
N ALA A 15 -7.72 -1.43 -7.85
CA ALA A 15 -7.59 -0.92 -6.49
C ALA A 15 -8.71 0.05 -6.12
N PHE A 16 -9.14 0.84 -7.08
CA PHE A 16 -10.23 1.77 -6.87
C PHE A 16 -11.53 1.03 -6.61
N SER A 17 -11.80 0.02 -7.41
CA SER A 17 -13.04 -0.72 -7.29
C SER A 17 -13.06 -1.57 -6.00
N LEU A 18 -11.87 -1.88 -5.48
CA LEU A 18 -11.72 -2.56 -4.20
C LEU A 18 -12.30 -1.68 -3.16
N PHE A 19 -11.73 -0.52 -3.16
CA PHE A 19 -11.91 0.39 -2.15
C PHE A 19 -13.31 1.01 -2.26
N ASP A 20 -13.77 1.17 -3.49
CA ASP A 20 -15.11 1.62 -3.72
C ASP A 20 -16.06 0.45 -3.51
N LYS A 21 -16.40 0.26 -2.27
CA LYS A 21 -17.21 -0.81 -1.82
C LYS A 21 -18.63 -0.70 -2.30
N ASP A 22 -19.09 0.54 -2.46
CA ASP A 22 -20.48 0.77 -2.85
C ASP A 22 -20.59 0.76 -4.36
N GLY A 23 -19.47 0.82 -5.05
CA GLY A 23 -19.46 0.88 -6.51
C GLY A 23 -20.16 2.13 -7.04
N ASP A 24 -19.77 3.27 -6.51
CA ASP A 24 -20.40 4.55 -6.86
C ASP A 24 -19.45 5.48 -7.60
N GLY A 25 -18.19 5.15 -7.61
CA GLY A 25 -17.22 5.95 -8.30
C GLY A 25 -16.46 6.89 -7.38
N THR A 26 -16.68 6.79 -6.09
CA THR A 26 -15.97 7.63 -5.14
C THR A 26 -15.63 6.88 -3.86
N ILE A 27 -14.52 7.19 -3.27
CA ILE A 27 -14.11 6.59 -2.01
C ILE A 27 -14.54 7.53 -0.89
N THR A 28 -15.40 7.04 -0.04
CA THR A 28 -15.95 7.80 1.06
C THR A 28 -15.23 7.44 2.38
N THR A 29 -15.48 8.22 3.45
CA THR A 29 -14.87 7.93 4.76
C THR A 29 -15.35 6.58 5.28
N LYS A 30 -16.59 6.24 4.90
CA LYS A 30 -17.23 4.96 5.19
C LYS A 30 -16.29 3.83 4.80
N GLU A 31 -15.90 3.86 3.56
CA GLU A 31 -15.08 2.86 2.95
C GLU A 31 -13.68 2.85 3.54
N LEU A 32 -13.13 4.04 3.79
CA LEU A 32 -11.80 4.17 4.42
C LEU A 32 -11.76 3.38 5.73
N GLY A 33 -12.70 3.71 6.60
CA GLY A 33 -12.77 3.06 7.89
C GLY A 33 -13.17 1.59 7.81
N THR A 34 -13.79 1.19 6.71
CA THR A 34 -14.16 -0.20 6.51
C THR A 34 -12.92 -1.04 6.16
N VAL A 35 -12.12 -0.55 5.22
CA VAL A 35 -10.92 -1.28 4.82
C VAL A 35 -9.93 -1.23 5.98
N MET A 36 -9.96 -0.14 6.73
CA MET A 36 -9.14 0.02 7.91
C MET A 36 -9.63 -0.83 9.07
N ARG A 37 -10.92 -1.09 9.10
CA ARG A 37 -11.55 -1.94 10.12
C ARG A 37 -10.95 -3.34 10.05
N SER A 38 -10.72 -3.81 8.82
CA SER A 38 -10.10 -5.10 8.59
C SER A 38 -8.64 -5.13 9.14
N LEU A 39 -8.01 -3.97 9.18
CA LEU A 39 -6.65 -3.83 9.68
C LEU A 39 -6.64 -3.58 11.20
N GLY A 40 -7.74 -3.08 11.70
CA GLY A 40 -7.82 -2.80 13.13
C GLY A 40 -7.69 -1.33 13.44
N GLN A 41 -7.76 -0.52 12.43
CA GLN A 41 -7.65 0.89 12.59
C GLN A 41 -9.03 1.48 12.54
N ASN A 42 -9.40 2.20 13.54
CA ASN A 42 -10.70 2.85 13.57
C ASN A 42 -10.52 4.35 13.83
N PRO A 43 -10.08 5.12 12.81
CA PRO A 43 -9.95 6.56 12.93
C PRO A 43 -11.31 7.21 12.83
N THR A 44 -11.49 8.30 13.51
CA THR A 44 -12.76 8.99 13.48
C THR A 44 -13.01 9.62 12.10
N GLU A 45 -14.28 9.81 11.75
CA GLU A 45 -14.67 10.34 10.46
C GLU A 45 -14.08 11.74 10.25
N ALA A 46 -13.90 12.46 11.34
CA ALA A 46 -13.28 13.78 11.32
C ALA A 46 -11.88 13.70 10.70
N GLU A 47 -11.10 12.74 11.16
CA GLU A 47 -9.75 12.53 10.68
C GLU A 47 -9.77 12.10 9.23
N LEU A 48 -10.68 11.21 8.92
CA LEU A 48 -10.79 10.64 7.59
C LEU A 48 -11.24 11.66 6.56
N GLN A 49 -12.09 12.58 6.98
CA GLN A 49 -12.58 13.66 6.14
C GLN A 49 -11.37 14.53 5.76
N ASP A 50 -10.55 14.81 6.77
CA ASP A 50 -9.35 15.63 6.60
C ASP A 50 -8.36 14.94 5.66
N MET A 51 -8.22 13.62 5.83
CA MET A 51 -7.34 12.80 4.99
C MET A 51 -7.78 12.84 3.53
N ILE A 52 -9.07 12.76 3.30
CA ILE A 52 -9.61 12.85 1.95
C ILE A 52 -9.33 14.22 1.35
N ASN A 53 -9.55 15.24 2.15
CA ASN A 53 -9.41 16.64 1.72
C ASN A 53 -7.99 17.01 1.20
N GLU A 54 -6.98 16.20 1.52
CA GLU A 54 -5.68 16.39 1.07
C GLU A 54 -5.63 16.22 -0.46
N VAL A 55 -6.34 15.24 -0.95
CA VAL A 55 -6.35 14.92 -2.37
C VAL A 55 -7.63 15.36 -3.04
N ASP A 56 -8.65 15.60 -2.25
CA ASP A 56 -9.94 16.00 -2.79
C ASP A 56 -9.81 17.39 -3.38
N ALA A 57 -9.96 17.47 -4.70
CA ALA A 57 -9.76 18.71 -5.41
C ALA A 57 -10.99 19.57 -5.33
N ASP A 58 -12.11 18.95 -5.10
CA ASP A 58 -13.37 19.67 -5.05
C ASP A 58 -13.75 19.94 -3.60
N GLY A 59 -13.05 19.29 -2.70
CA GLY A 59 -13.32 19.43 -1.27
C GLY A 59 -14.74 19.08 -0.93
N ASN A 60 -15.18 17.92 -1.36
CA ASN A 60 -16.55 17.52 -1.16
C ASN A 60 -16.66 16.31 -0.25
N GLY A 61 -15.53 15.77 0.13
CA GLY A 61 -15.51 14.70 1.09
C GLY A 61 -15.36 13.34 0.46
N THR A 62 -15.00 13.31 -0.80
CA THR A 62 -14.83 12.06 -1.51
C THR A 62 -13.63 12.14 -2.45
N ILE A 63 -12.87 11.07 -2.52
CA ILE A 63 -11.75 11.03 -3.41
C ILE A 63 -12.26 10.44 -4.71
N ASP A 64 -12.27 11.24 -5.73
CA ASP A 64 -12.71 10.80 -7.03
C ASP A 64 -11.56 10.12 -7.73
N PHE A 65 -11.86 9.42 -8.80
CA PHE A 65 -10.86 8.66 -9.54
C PHE A 65 -9.70 9.57 -10.04
N PRO A 66 -9.96 10.65 -10.84
CA PRO A 66 -8.92 11.58 -11.29
C PRO A 66 -8.11 12.18 -10.12
N GLU A 67 -8.81 12.51 -9.02
CA GLU A 67 -8.20 13.10 -7.85
C GLU A 67 -7.20 12.13 -7.23
N PHE A 68 -7.61 10.88 -7.11
CA PHE A 68 -6.76 9.88 -6.52
C PHE A 68 -5.64 9.45 -7.48
N LEU A 69 -5.89 9.57 -8.79
CA LEU A 69 -4.84 9.30 -9.77
C LEU A 69 -3.71 10.30 -9.61
N THR A 70 -4.08 11.56 -9.40
CA THR A 70 -3.11 12.60 -9.12
C THR A 70 -2.27 12.21 -7.89
N MET A 71 -2.97 11.79 -6.83
CA MET A 71 -2.34 11.32 -5.61
C MET A 71 -1.35 10.21 -5.90
N MET A 72 -1.83 9.16 -6.56
CA MET A 72 -1.01 8.00 -6.85
C MET A 72 0.16 8.32 -7.73
N ALA A 73 -0.04 9.17 -8.69
CA ALA A 73 1.02 9.54 -9.59
C ALA A 73 2.11 10.38 -8.89
N ARG A 74 1.78 10.97 -7.75
CA ARG A 74 2.76 11.67 -6.93
C ARG A 74 3.50 10.69 -6.03
N LYS A 75 2.82 9.63 -5.66
CA LYS A 75 3.36 8.62 -4.73
C LYS A 75 4.21 7.62 -5.49
N MET A 76 3.82 7.37 -6.71
CA MET A 76 4.47 6.41 -7.54
C MET A 76 5.65 7.00 -8.25
N LYS A 77 6.80 6.37 -8.04
CA LYS A 77 8.03 6.65 -8.75
C LYS A 77 8.49 8.10 -8.57
N ASP A 78 9.37 8.29 -7.59
CA ASP A 78 9.88 9.61 -7.15
C ASP A 78 8.90 10.30 -6.26
N THR A 79 9.34 10.64 -5.11
CA THR A 79 8.52 11.30 -4.15
C THR A 79 9.04 12.72 -3.89
N ASP A 80 8.31 13.53 -3.14
CA ASP A 80 8.76 14.90 -2.92
C ASP A 80 9.61 15.02 -1.66
N SER A 81 9.20 14.40 -0.58
CA SER A 81 9.98 14.45 0.64
C SER A 81 10.37 13.03 1.07
N GLU A 82 10.20 12.08 0.11
CA GLU A 82 10.51 10.64 0.29
C GLU A 82 9.63 10.02 1.36
N GLU A 83 8.54 10.72 1.65
CA GLU A 83 7.61 10.38 2.69
C GLU A 83 6.97 9.02 2.48
N GLU A 84 6.54 8.74 1.25
CA GLU A 84 5.89 7.47 0.90
C GLU A 84 6.80 6.31 1.19
N ILE A 85 8.03 6.51 0.82
CA ILE A 85 9.04 5.49 0.89
C ILE A 85 9.36 5.21 2.33
N ARG A 86 9.50 6.27 3.09
CA ARG A 86 9.83 6.17 4.49
C ARG A 86 8.66 5.60 5.28
N GLU A 87 7.43 6.00 4.93
CA GLU A 87 6.23 5.44 5.57
C GLU A 87 6.20 3.94 5.39
N ALA A 88 6.44 3.51 4.15
CA ALA A 88 6.43 2.09 3.82
C ALA A 88 7.55 1.35 4.52
N PHE A 89 8.71 1.96 4.60
CA PHE A 89 9.85 1.35 5.24
C PHE A 89 9.58 1.19 6.74
N ARG A 90 9.13 2.27 7.35
CA ARG A 90 8.81 2.34 8.77
C ARG A 90 7.76 1.32 9.19
N VAL A 91 6.78 1.12 8.35
CA VAL A 91 5.68 0.23 8.68
C VAL A 91 6.10 -1.26 8.56
N PHE A 92 7.19 -1.52 7.83
CA PHE A 92 7.73 -2.87 7.74
C PHE A 92 8.70 -3.11 8.88
N ASP A 93 9.64 -2.21 9.06
CA ASP A 93 10.61 -2.37 10.11
C ASP A 93 10.20 -1.61 11.36
N LYS A 94 9.26 -2.18 12.07
CA LYS A 94 8.77 -1.58 13.30
C LYS A 94 9.71 -1.85 14.46
N ASP A 95 10.43 -2.97 14.40
CA ASP A 95 11.34 -3.37 15.47
C ASP A 95 12.61 -2.49 15.50
N GLY A 96 12.79 -1.74 14.44
CA GLY A 96 13.89 -0.81 14.38
C GLY A 96 15.18 -1.51 14.12
N ASN A 97 15.19 -2.38 13.13
CA ASN A 97 16.38 -3.11 12.77
C ASN A 97 17.25 -2.22 11.91
N GLY A 98 16.64 -1.21 11.33
CA GLY A 98 17.33 -0.29 10.48
C GLY A 98 17.34 -0.79 9.07
N TYR A 99 16.75 -1.93 8.88
CA TYR A 99 16.68 -2.60 7.62
C TYR A 99 15.50 -3.52 7.64
N ILE A 100 15.01 -3.88 6.51
CA ILE A 100 13.88 -4.75 6.47
C ILE A 100 14.39 -6.17 6.50
N SER A 101 14.23 -6.79 7.64
CA SER A 101 14.65 -8.12 7.86
C SER A 101 13.49 -9.06 7.58
N ALA A 102 13.79 -10.22 7.02
CA ALA A 102 12.78 -11.21 6.62
C ALA A 102 12.04 -11.75 7.82
N ALA A 103 12.76 -11.96 8.92
CA ALA A 103 12.16 -12.47 10.14
C ALA A 103 11.09 -11.50 10.64
N GLU A 104 11.42 -10.22 10.64
CA GLU A 104 10.48 -9.18 11.01
C GLU A 104 9.37 -9.09 9.99
N LEU A 105 9.74 -9.11 8.74
CA LEU A 105 8.80 -8.93 7.69
C LEU A 105 7.74 -10.07 7.77
N ARG A 106 8.21 -11.25 8.14
CA ARG A 106 7.35 -12.43 8.31
C ARG A 106 6.38 -12.18 9.46
N HIS A 107 6.88 -11.47 10.50
CA HIS A 107 6.08 -11.10 11.68
C HIS A 107 4.86 -10.32 11.25
N VAL A 108 5.08 -9.29 10.45
CA VAL A 108 3.99 -8.44 10.04
C VAL A 108 3.08 -9.20 9.06
N MET A 109 3.65 -10.07 8.25
CA MET A 109 2.87 -10.84 7.28
C MET A 109 1.85 -11.73 7.94
N THR A 110 2.26 -12.45 8.95
CA THR A 110 1.36 -13.30 9.69
C THR A 110 0.31 -12.42 10.43
N ASN A 111 0.73 -11.22 10.79
CA ASN A 111 -0.12 -10.24 11.45
C ASN A 111 -1.16 -9.67 10.47
N LEU A 112 -0.76 -9.56 9.21
CA LEU A 112 -1.60 -8.97 8.17
C LEU A 112 -2.55 -10.00 7.59
N GLY A 113 -2.22 -11.25 7.79
CA GLY A 113 -3.04 -12.31 7.29
C GLY A 113 -2.60 -12.75 5.92
N GLU A 114 -1.41 -12.31 5.51
CA GLU A 114 -0.88 -12.71 4.21
C GLU A 114 -0.42 -14.14 4.28
N LYS A 115 0.13 -14.52 5.42
CA LYS A 115 0.60 -15.87 5.68
C LYS A 115 1.61 -16.31 4.62
N LEU A 116 2.68 -15.60 4.57
CA LEU A 116 3.73 -15.90 3.63
C LEU A 116 4.71 -16.81 4.32
N THR A 117 5.32 -17.70 3.59
CA THR A 117 6.25 -18.63 4.18
C THR A 117 7.59 -17.93 4.45
N ASP A 118 8.50 -18.62 5.09
CA ASP A 118 9.79 -18.05 5.43
C ASP A 118 10.60 -17.82 4.16
N GLU A 119 10.48 -18.76 3.24
CA GLU A 119 11.14 -18.67 1.95
C GLU A 119 10.60 -17.47 1.20
N GLU A 120 9.28 -17.31 1.29
CA GLU A 120 8.52 -16.26 0.62
C GLU A 120 8.97 -14.89 1.12
N VAL A 121 8.92 -14.70 2.43
CA VAL A 121 9.27 -13.42 3.04
C VAL A 121 10.74 -13.08 2.79
N ASP A 122 11.59 -14.09 2.82
CA ASP A 122 13.01 -13.90 2.56
C ASP A 122 13.26 -13.60 1.10
N GLU A 123 12.44 -14.19 0.21
CA GLU A 123 12.53 -13.94 -1.22
C GLU A 123 12.22 -12.49 -1.51
N MET A 124 11.13 -11.98 -0.92
CA MET A 124 10.75 -10.56 -1.05
C MET A 124 11.92 -9.68 -0.69
N ILE A 125 12.50 -9.98 0.46
CA ILE A 125 13.63 -9.25 0.97
C ILE A 125 14.81 -9.34 0.02
N ARG A 126 15.14 -10.54 -0.42
CA ARG A 126 16.31 -10.81 -1.25
C ARG A 126 16.16 -10.14 -2.65
N GLU A 127 14.93 -10.03 -3.12
CA GLU A 127 14.67 -9.37 -4.40
C GLU A 127 14.74 -7.85 -4.26
N ALA A 128 14.30 -7.37 -3.09
CA ALA A 128 14.31 -5.94 -2.81
C ALA A 128 15.71 -5.52 -2.44
N ASP A 129 16.45 -6.45 -1.88
CA ASP A 129 17.83 -6.29 -1.57
C ASP A 129 18.65 -6.36 -2.85
N ILE A 130 18.91 -5.21 -3.39
CA ILE A 130 19.68 -5.09 -4.60
C ILE A 130 21.18 -5.15 -4.25
N ASP A 131 21.50 -4.90 -2.98
CA ASP A 131 22.90 -4.79 -2.52
C ASP A 131 23.51 -6.17 -2.25
N GLY A 132 22.67 -7.18 -2.21
CA GLY A 132 23.16 -8.53 -2.03
C GLY A 132 23.55 -8.76 -0.59
N ASP A 133 22.96 -7.99 0.29
CA ASP A 133 23.27 -8.06 1.71
C ASP A 133 22.39 -9.11 2.38
N GLY A 134 21.34 -9.49 1.68
CA GLY A 134 20.43 -10.49 2.18
C GLY A 134 19.24 -9.88 2.84
N GLN A 135 19.35 -8.62 3.21
CA GLN A 135 18.29 -7.88 3.85
C GLN A 135 18.22 -6.55 3.17
N VAL A 136 17.06 -5.97 3.07
CA VAL A 136 16.90 -4.75 2.29
C VAL A 136 17.01 -3.48 3.13
N ASN A 137 17.93 -2.60 2.77
CA ASN A 137 18.11 -1.33 3.47
C ASN A 137 17.29 -0.25 2.77
N TYR A 138 17.26 0.95 3.33
CA TYR A 138 16.44 2.04 2.82
C TYR A 138 16.79 2.42 1.36
N GLU A 139 18.07 2.56 1.05
CA GLU A 139 18.51 2.93 -0.30
C GLU A 139 18.09 1.91 -1.32
N GLU A 140 18.25 0.68 -1.00
CA GLU A 140 17.87 -0.38 -1.89
C GLU A 140 16.35 -0.44 -2.03
N PHE A 141 15.65 -0.12 -0.96
CA PHE A 141 14.21 -0.07 -0.97
C PHE A 141 13.72 1.09 -1.85
N VAL A 142 14.40 2.25 -1.82
CA VAL A 142 13.95 3.42 -2.60
C VAL A 142 13.91 3.10 -4.10
N GLN A 143 14.88 2.33 -4.56
CA GLN A 143 14.99 2.04 -5.98
C GLN A 143 13.96 0.99 -6.44
N MET A 144 13.76 -0.03 -5.63
CA MET A 144 12.82 -1.09 -6.00
C MET A 144 11.36 -0.65 -5.82
N MET A 145 11.12 0.18 -4.82
CA MET A 145 9.78 0.69 -4.54
C MET A 145 9.34 1.67 -5.62
N THR A 146 10.30 2.32 -6.26
CA THR A 146 9.96 3.26 -7.31
C THR A 146 10.10 2.61 -8.69
N ALA A 147 10.34 1.32 -8.71
CA ALA A 147 10.52 0.60 -9.95
C ALA A 147 9.18 0.28 -10.61
N LYS A 148 8.66 1.24 -11.30
CA LYS A 148 7.42 1.11 -12.03
C LYS A 148 7.67 1.55 -13.45
N SER B 1 10.38 -20.24 -8.02
CA SER B 1 10.70 -19.56 -9.24
C SER B 1 11.93 -18.64 -9.02
N PRO B 2 12.95 -18.69 -9.91
CA PRO B 2 14.21 -17.92 -9.74
C PRO B 2 14.07 -16.40 -9.97
N ALA B 3 12.97 -15.98 -10.55
CA ALA B 3 12.71 -14.56 -10.74
C ALA B 3 11.46 -14.17 -10.01
N ASN B 4 10.33 -14.75 -10.45
CA ASN B 4 9.02 -14.58 -9.82
C ASN B 4 8.59 -13.09 -9.85
N SER B 5 9.05 -12.41 -10.89
CA SER B 5 8.89 -10.96 -11.05
C SER B 5 7.43 -10.54 -11.28
N PHE B 6 6.65 -11.36 -11.94
CA PHE B 6 5.26 -11.00 -12.20
C PHE B 6 4.44 -11.18 -10.95
N HIS B 7 4.84 -12.15 -10.15
CA HIS B 7 4.18 -12.37 -8.88
C HIS B 7 4.65 -11.35 -7.87
N PHE B 8 5.89 -10.89 -8.06
CA PHE B 8 6.52 -9.86 -7.23
C PHE B 8 5.65 -8.61 -7.14
N LYS B 9 5.06 -8.23 -8.27
CA LYS B 9 4.22 -7.09 -8.35
C LYS B 9 2.96 -7.28 -7.48
N GLU B 10 2.34 -8.45 -7.63
CA GLU B 10 1.16 -8.86 -6.84
C GLU B 10 1.52 -8.85 -5.37
N ALA B 11 2.56 -9.59 -5.11
CA ALA B 11 3.12 -9.79 -3.79
C ALA B 11 3.41 -8.48 -3.07
N TRP B 12 4.10 -7.59 -3.73
CA TRP B 12 4.41 -6.31 -3.15
C TRP B 12 3.22 -5.38 -3.05
N LYS B 13 2.24 -5.52 -3.96
CA LYS B 13 0.99 -4.76 -3.81
C LYS B 13 0.41 -5.16 -2.51
N HIS B 14 0.23 -6.46 -2.38
CA HIS B 14 -0.24 -7.10 -1.13
C HIS B 14 0.51 -6.57 0.08
N ALA B 15 1.82 -6.72 0.05
CA ALA B 15 2.69 -6.33 1.16
C ALA B 15 2.53 -4.85 1.54
N ILE B 16 2.65 -3.95 0.57
CA ILE B 16 2.54 -2.51 0.83
C ILE B 16 1.11 -2.18 1.29
N GLN B 17 0.14 -2.67 0.53
CA GLN B 17 -1.28 -2.41 0.77
C GLN B 17 -1.74 -2.91 2.13
N LYS B 18 -1.22 -4.03 2.56
CA LYS B 18 -1.60 -4.59 3.84
C LYS B 18 -0.86 -3.96 5.02
N ALA B 19 0.43 -3.72 4.88
CA ALA B 19 1.21 -3.16 5.98
C ALA B 19 0.98 -1.66 6.12
N LYS B 20 1.14 -0.95 5.02
CA LYS B 20 1.05 0.51 4.96
C LYS B 20 -0.42 0.97 4.99
N HIS B 21 -1.27 0.03 5.29
CA HIS B 21 -2.71 0.18 5.39
C HIS B 21 -3.07 0.91 6.69
N MET B 22 -2.04 1.12 7.54
CA MET B 22 -2.21 1.78 8.85
C MET B 22 -2.89 3.16 8.73
N PRO B 23 -2.38 4.12 7.91
CA PRO B 23 -3.01 5.41 7.71
C PRO B 23 -3.76 5.42 6.38
N ASP B 24 -4.49 4.33 6.16
CA ASP B 24 -5.31 4.07 4.97
C ASP B 24 -4.45 3.72 3.72
N PRO B 25 -4.84 2.68 2.96
CA PRO B 25 -4.11 2.24 1.76
C PRO B 25 -4.27 3.14 0.55
N TRP B 26 -5.26 4.00 0.61
CA TRP B 26 -5.68 4.94 -0.46
C TRP B 26 -6.35 4.21 -1.63
N ALA B 27 -5.72 3.12 -2.08
CA ALA B 27 -6.21 2.22 -3.10
C ALA B 27 -5.22 1.08 -3.24
CA CA C . -18.06 4.44 -2.61
CA CA D . -13.83 14.89 -4.82
N ALA A 1 -10.66 18.42 -4.83
CA ALA A 1 -9.68 18.55 -3.74
C ALA A 1 -8.49 17.61 -3.95
N ASP A 2 -8.30 17.13 -5.16
CA ASP A 2 -7.20 16.23 -5.43
C ASP A 2 -6.50 16.66 -6.68
N GLN A 3 -5.27 16.30 -6.81
CA GLN A 3 -4.50 16.57 -8.00
C GLN A 3 -3.91 15.27 -8.49
N LEU A 4 -4.71 14.23 -8.33
CA LEU A 4 -4.28 12.89 -8.61
C LEU A 4 -4.17 12.67 -10.12
N THR A 5 -3.16 11.95 -10.51
CA THR A 5 -2.89 11.71 -11.88
C THR A 5 -3.73 10.53 -12.41
N GLU A 6 -3.98 10.54 -13.71
CA GLU A 6 -4.82 9.58 -14.42
C GLU A 6 -4.35 8.15 -14.13
N GLU A 7 -3.04 7.95 -14.17
CA GLU A 7 -2.41 6.66 -13.92
C GLU A 7 -2.82 6.13 -12.54
N GLN A 8 -2.71 6.98 -11.53
CA GLN A 8 -3.05 6.59 -10.19
C GLN A 8 -4.54 6.36 -10.07
N ILE A 9 -5.31 7.30 -10.60
CA ILE A 9 -6.76 7.22 -10.53
C ILE A 9 -7.28 5.93 -11.16
N ALA A 10 -6.69 5.52 -12.28
CA ALA A 10 -7.06 4.27 -12.95
C ALA A 10 -6.87 3.06 -12.03
N GLU A 11 -5.69 2.99 -11.41
CA GLU A 11 -5.37 1.92 -10.48
C GLU A 11 -6.36 1.94 -9.31
N PHE A 12 -6.66 3.13 -8.84
CA PHE A 12 -7.58 3.29 -7.74
C PHE A 12 -9.04 3.11 -8.14
N LYS A 13 -9.33 3.12 -9.43
CA LYS A 13 -10.68 2.81 -9.90
C LYS A 13 -10.94 1.35 -9.67
N GLU A 14 -9.94 0.55 -9.99
CA GLU A 14 -10.02 -0.87 -9.75
C GLU A 14 -10.10 -1.14 -8.24
N ALA A 15 -9.25 -0.47 -7.48
CA ALA A 15 -9.21 -0.59 -6.03
C ALA A 15 -10.57 -0.22 -5.41
N PHE A 16 -11.11 0.90 -5.84
CA PHE A 16 -12.38 1.42 -5.36
C PHE A 16 -13.50 0.41 -5.56
N SER A 17 -13.58 -0.11 -6.74
CA SER A 17 -14.66 -0.99 -7.10
C SER A 17 -14.48 -2.42 -6.52
N LEU A 18 -13.25 -2.80 -6.13
CA LEU A 18 -13.08 -4.10 -5.51
C LEU A 18 -13.48 -4.05 -4.06
N PHE A 19 -13.46 -2.84 -3.53
CA PHE A 19 -13.87 -2.58 -2.19
C PHE A 19 -15.36 -2.50 -2.20
N ASP A 20 -15.83 -1.70 -3.11
CA ASP A 20 -17.21 -1.45 -3.31
C ASP A 20 -17.88 -2.62 -4.02
N LYS A 21 -18.16 -3.63 -3.22
CA LYS A 21 -18.72 -4.92 -3.64
C LYS A 21 -20.00 -4.76 -4.43
N ASP A 22 -20.75 -3.78 -4.06
CA ASP A 22 -22.08 -3.62 -4.56
C ASP A 22 -22.15 -2.72 -5.79
N GLY A 23 -21.02 -2.09 -6.12
CA GLY A 23 -20.95 -1.26 -7.31
C GLY A 23 -21.87 -0.06 -7.24
N ASP A 24 -21.97 0.51 -6.07
CA ASP A 24 -22.85 1.65 -5.86
C ASP A 24 -22.07 2.95 -5.84
N GLY A 25 -20.77 2.85 -5.68
CA GLY A 25 -19.94 4.02 -5.72
C GLY A 25 -19.77 4.71 -4.38
N THR A 26 -20.27 4.13 -3.32
CA THR A 26 -20.07 4.71 -2.00
C THR A 26 -19.52 3.64 -1.06
N ILE A 27 -18.48 3.95 -0.36
CA ILE A 27 -17.92 3.01 0.58
C ILE A 27 -18.47 3.30 1.97
N THR A 28 -19.10 2.32 2.56
CA THR A 28 -19.69 2.43 3.89
C THR A 28 -18.78 1.76 4.92
N THR A 29 -19.05 1.98 6.22
CA THR A 29 -18.28 1.34 7.28
C THR A 29 -18.47 -0.17 7.25
N LYS A 30 -19.64 -0.58 6.76
CA LYS A 30 -19.98 -1.98 6.59
C LYS A 30 -18.95 -2.63 5.70
N GLU A 31 -18.81 -2.07 4.53
CA GLU A 31 -17.91 -2.57 3.52
C GLU A 31 -16.47 -2.51 3.96
N LEU A 32 -16.11 -1.42 4.66
CA LEU A 32 -14.75 -1.25 5.17
C LEU A 32 -14.34 -2.46 5.96
N GLY A 33 -15.05 -2.71 7.04
CA GLY A 33 -14.68 -3.79 7.88
C GLY A 33 -14.93 -5.14 7.27
N THR A 34 -15.92 -5.25 6.38
CA THR A 34 -16.20 -6.52 5.73
C THR A 34 -14.98 -7.00 4.92
N VAL A 35 -14.49 -6.16 4.01
CA VAL A 35 -13.39 -6.57 3.17
C VAL A 35 -12.08 -6.54 3.95
N MET A 36 -11.95 -5.58 4.86
CA MET A 36 -10.76 -5.45 5.67
C MET A 36 -10.59 -6.64 6.60
N ARG A 37 -11.69 -7.15 7.13
CA ARG A 37 -11.69 -8.35 7.98
C ARG A 37 -11.24 -9.56 7.18
N SER A 38 -11.70 -9.65 5.94
CA SER A 38 -11.31 -10.73 5.04
C SER A 38 -9.80 -10.61 4.71
N LEU A 39 -9.29 -9.39 4.77
CA LEU A 39 -7.90 -9.13 4.50
C LEU A 39 -7.05 -9.12 5.77
N GLY A 40 -7.65 -9.53 6.87
CA GLY A 40 -6.87 -9.70 8.09
C GLY A 40 -6.72 -8.45 8.95
N GLN A 41 -7.74 -7.63 9.00
CA GLN A 41 -7.77 -6.50 9.93
C GLN A 41 -9.17 -6.33 10.43
N ASN A 42 -9.37 -6.39 11.71
CA ASN A 42 -10.73 -6.27 12.24
C ASN A 42 -10.88 -5.02 13.11
N PRO A 43 -11.15 -3.85 12.50
CA PRO A 43 -11.39 -2.62 13.24
C PRO A 43 -12.85 -2.51 13.68
N THR A 44 -13.12 -1.56 14.53
CA THR A 44 -14.44 -1.34 15.04
C THR A 44 -15.18 -0.25 14.25
N GLU A 45 -16.48 -0.12 14.52
CA GLU A 45 -17.38 0.85 13.88
C GLU A 45 -16.84 2.28 14.06
N ALA A 46 -16.38 2.56 15.27
CA ALA A 46 -15.86 3.88 15.63
C ALA A 46 -14.64 4.24 14.77
N GLU A 47 -13.71 3.31 14.66
CA GLU A 47 -12.49 3.50 13.87
C GLU A 47 -12.82 3.69 12.42
N LEU A 48 -13.73 2.87 11.95
CA LEU A 48 -14.17 2.91 10.57
C LEU A 48 -14.85 4.22 10.22
N GLN A 49 -15.54 4.80 11.17
CA GLN A 49 -16.20 6.06 10.95
C GLN A 49 -15.18 7.19 10.88
N ASP A 50 -14.10 7.10 11.66
CA ASP A 50 -13.04 8.12 11.62
C ASP A 50 -12.37 8.05 10.26
N MET A 51 -12.14 6.82 9.80
CA MET A 51 -11.56 6.55 8.48
C MET A 51 -12.37 7.22 7.39
N ILE A 52 -13.67 7.14 7.49
CA ILE A 52 -14.54 7.81 6.56
C ILE A 52 -14.50 9.31 6.75
N ASN A 53 -14.81 9.76 7.95
CA ASN A 53 -14.93 11.20 8.27
C ASN A 53 -13.68 12.03 7.90
N GLU A 54 -12.52 11.41 7.96
CA GLU A 54 -11.28 11.99 7.56
C GLU A 54 -11.34 12.43 6.08
N VAL A 55 -11.90 11.59 5.25
CA VAL A 55 -11.93 11.82 3.82
C VAL A 55 -13.29 12.31 3.37
N ASP A 56 -14.29 12.08 4.20
CA ASP A 56 -15.65 12.47 3.95
C ASP A 56 -15.70 13.97 4.01
N ALA A 57 -15.90 14.56 2.88
CA ALA A 57 -15.86 15.98 2.72
C ALA A 57 -17.17 16.61 3.11
N ASP A 58 -18.24 15.97 2.73
CA ASP A 58 -19.56 16.52 2.99
C ASP A 58 -20.13 15.97 4.28
N GLY A 59 -19.47 14.97 4.83
CA GLY A 59 -19.89 14.40 6.09
C GLY A 59 -21.22 13.72 6.00
N ASN A 60 -21.35 12.83 5.06
CA ASN A 60 -22.62 12.14 4.87
C ASN A 60 -22.53 10.70 5.33
N GLY A 61 -21.34 10.24 5.63
CA GLY A 61 -21.18 8.90 6.14
C GLY A 61 -20.58 7.95 5.13
N THR A 62 -20.29 8.44 3.94
CA THR A 62 -19.70 7.58 2.93
C THR A 62 -18.55 8.26 2.23
N ILE A 63 -17.62 7.45 1.76
CA ILE A 63 -16.48 7.90 0.97
C ILE A 63 -16.87 7.77 -0.49
N ASP A 64 -17.05 8.87 -1.15
CA ASP A 64 -17.37 8.85 -2.57
C ASP A 64 -16.06 8.68 -3.33
N PHE A 65 -16.13 8.54 -4.62
CA PHE A 65 -14.95 8.34 -5.45
C PHE A 65 -13.98 9.55 -5.36
N PRO A 66 -14.45 10.82 -5.59
CA PRO A 66 -13.63 12.03 -5.40
C PRO A 66 -12.97 12.09 -4.01
N GLU A 67 -13.67 11.61 -3.00
CA GLU A 67 -13.17 11.62 -1.64
C GLU A 67 -12.09 10.57 -1.45
N PHE A 68 -12.30 9.40 -2.05
CA PHE A 68 -11.29 8.35 -2.05
C PHE A 68 -10.03 8.83 -2.78
N LEU A 69 -10.24 9.53 -3.89
CA LEU A 69 -9.13 10.11 -4.64
C LEU A 69 -8.39 11.10 -3.77
N THR A 70 -9.14 11.97 -3.10
CA THR A 70 -8.57 12.97 -2.18
C THR A 70 -7.75 12.28 -1.08
N MET A 71 -8.27 11.18 -0.54
CA MET A 71 -7.57 10.42 0.50
C MET A 71 -6.22 9.96 0.03
N MET A 72 -6.18 9.43 -1.15
CA MET A 72 -4.96 8.89 -1.67
C MET A 72 -4.04 10.02 -2.11
N ALA A 73 -4.63 11.07 -2.60
CA ALA A 73 -3.91 12.22 -3.08
C ALA A 73 -3.29 13.01 -1.93
N ARG A 74 -3.82 12.84 -0.74
CA ARG A 74 -3.23 13.43 0.46
C ARG A 74 -2.12 12.52 0.98
N LYS A 75 -2.24 11.26 0.69
CA LYS A 75 -1.35 10.27 1.23
C LYS A 75 -0.10 10.12 0.34
N MET A 76 -0.29 10.19 -0.96
CA MET A 76 0.82 10.01 -1.90
C MET A 76 1.33 11.34 -2.37
N LYS A 77 0.45 12.32 -2.45
CA LYS A 77 0.77 13.57 -3.02
C LYS A 77 0.58 14.60 -1.93
N ASP A 78 0.89 15.84 -2.25
CA ASP A 78 0.90 16.98 -1.30
C ASP A 78 2.03 16.76 -0.27
N THR A 79 2.94 15.92 -0.70
CA THR A 79 4.10 15.51 0.01
C THR A 79 5.06 14.88 -0.99
N ASP A 80 6.29 15.35 -1.02
CA ASP A 80 7.21 14.90 -2.06
C ASP A 80 8.42 14.17 -1.50
N SER A 81 8.78 14.46 -0.28
CA SER A 81 10.02 13.95 0.25
C SER A 81 9.87 12.58 0.91
N GLU A 82 9.67 11.58 0.04
CA GLU A 82 9.64 10.16 0.39
C GLU A 82 8.66 9.84 1.52
N GLU A 83 7.46 10.43 1.49
CA GLU A 83 6.46 10.18 2.54
C GLU A 83 6.09 8.69 2.59
N GLU A 84 5.51 8.19 1.48
CA GLU A 84 5.08 6.78 1.41
C GLU A 84 6.26 5.88 1.44
N ILE A 85 7.33 6.32 0.83
CA ILE A 85 8.53 5.53 0.73
C ILE A 85 9.06 5.22 2.12
N ARG A 86 9.09 6.24 2.96
CA ARG A 86 9.50 6.04 4.32
C ARG A 86 8.48 5.23 5.05
N GLU A 87 7.19 5.61 4.96
CA GLU A 87 6.13 4.89 5.67
C GLU A 87 6.10 3.40 5.37
N ALA A 88 6.32 3.05 4.11
CA ALA A 88 6.33 1.67 3.69
C ALA A 88 7.50 0.91 4.29
N PHE A 89 8.64 1.55 4.37
CA PHE A 89 9.79 0.91 4.97
C PHE A 89 9.58 0.81 6.49
N ARG A 90 9.20 1.94 7.06
CA ARG A 90 8.94 2.15 8.49
C ARG A 90 7.89 1.19 9.04
N VAL A 91 6.93 0.82 8.23
CA VAL A 91 5.89 -0.07 8.69
C VAL A 91 6.39 -1.53 8.76
N PHE A 92 7.35 -1.88 7.91
CA PHE A 92 7.96 -3.22 7.99
C PHE A 92 9.00 -3.18 9.08
N ASP A 93 9.82 -2.15 9.02
CA ASP A 93 10.84 -1.89 10.02
C ASP A 93 10.18 -1.14 11.17
N LYS A 94 9.23 -1.80 11.76
CA LYS A 94 8.39 -1.22 12.76
C LYS A 94 9.07 -1.10 14.11
N ASP A 95 10.07 -1.93 14.35
CA ASP A 95 10.71 -1.91 15.65
C ASP A 95 11.93 -1.00 15.63
N GLY A 96 12.34 -0.62 14.44
CA GLY A 96 13.45 0.29 14.30
C GLY A 96 14.75 -0.44 14.28
N ASN A 97 14.92 -1.25 13.28
CA ASN A 97 16.13 -1.99 13.09
C ASN A 97 16.91 -1.38 11.93
N GLY A 98 16.22 -0.62 11.11
CA GLY A 98 16.85 0.09 10.01
C GLY A 98 16.96 -0.74 8.75
N TYR A 99 16.74 -2.01 8.89
CA TYR A 99 16.87 -2.98 7.82
C TYR A 99 15.75 -3.95 7.93
N ILE A 100 15.07 -4.24 6.85
CA ILE A 100 13.95 -5.15 6.90
C ILE A 100 14.51 -6.55 6.88
N SER A 101 14.20 -7.32 7.88
CA SER A 101 14.67 -8.66 7.96
C SER A 101 13.54 -9.64 7.54
N ALA A 102 13.89 -10.87 7.21
CA ALA A 102 12.94 -11.84 6.65
C ALA A 102 11.89 -12.34 7.66
N ALA A 103 12.35 -12.83 8.81
CA ALA A 103 11.44 -13.34 9.83
C ALA A 103 10.64 -12.19 10.39
N GLU A 104 11.26 -11.04 10.38
CA GLU A 104 10.67 -9.80 10.79
C GLU A 104 9.53 -9.41 9.84
N LEU A 105 9.73 -9.64 8.57
CA LEU A 105 8.74 -9.37 7.56
C LEU A 105 7.54 -10.31 7.81
N ARG A 106 7.82 -11.60 8.05
CA ARG A 106 6.72 -12.55 8.39
C ARG A 106 6.01 -12.15 9.67
N HIS A 107 6.78 -11.61 10.61
CA HIS A 107 6.25 -11.18 11.89
C HIS A 107 5.21 -10.07 11.68
N VAL A 108 5.59 -9.04 10.92
CA VAL A 108 4.66 -7.97 10.66
C VAL A 108 3.49 -8.48 9.82
N MET A 109 3.75 -9.43 8.91
CA MET A 109 2.71 -10.02 8.06
C MET A 109 1.64 -10.72 8.85
N THR A 110 2.03 -11.42 9.89
CA THR A 110 1.08 -12.08 10.78
C THR A 110 0.17 -11.01 11.41
N ASN A 111 0.77 -9.89 11.79
CA ASN A 111 0.02 -8.75 12.36
C ASN A 111 -0.80 -8.02 11.28
N LEU A 112 -0.36 -8.09 10.03
CA LEU A 112 -1.03 -7.42 8.91
C LEU A 112 -2.12 -8.30 8.35
N GLY A 113 -2.17 -9.52 8.85
CA GLY A 113 -3.15 -10.48 8.44
C GLY A 113 -2.95 -10.98 7.03
N GLU A 114 -1.78 -10.71 6.45
CA GLU A 114 -1.53 -11.14 5.09
C GLU A 114 -1.00 -12.56 5.11
N LYS A 115 -0.20 -12.85 6.15
CA LYS A 115 0.38 -14.18 6.41
C LYS A 115 1.22 -14.68 5.22
N LEU A 116 2.50 -14.46 5.26
CA LEU A 116 3.38 -14.84 4.15
C LEU A 116 4.29 -15.98 4.53
N THR A 117 4.73 -16.71 3.55
CA THR A 117 5.60 -17.85 3.74
C THR A 117 7.06 -17.41 3.82
N ASP A 118 7.91 -18.27 4.37
CA ASP A 118 9.33 -17.93 4.59
C ASP A 118 10.07 -17.70 3.28
N GLU A 119 9.81 -18.52 2.27
CA GLU A 119 10.47 -18.40 0.99
C GLU A 119 10.01 -17.14 0.27
N GLU A 120 8.78 -16.81 0.50
CA GLU A 120 8.13 -15.64 -0.07
C GLU A 120 8.72 -14.36 0.49
N VAL A 121 8.80 -14.25 1.81
CA VAL A 121 9.38 -13.06 2.44
C VAL A 121 10.88 -13.00 2.16
N ASP A 122 11.49 -14.17 2.02
CA ASP A 122 12.92 -14.29 1.72
C ASP A 122 13.21 -13.72 0.36
N GLU A 123 12.36 -14.06 -0.60
CA GLU A 123 12.49 -13.58 -1.96
C GLU A 123 12.34 -12.08 -1.96
N MET A 124 11.35 -11.60 -1.21
CA MET A 124 11.11 -10.17 -1.06
C MET A 124 12.34 -9.46 -0.54
N ILE A 125 12.86 -9.92 0.60
CA ILE A 125 14.05 -9.34 1.21
C ILE A 125 15.21 -9.39 0.25
N ARG A 126 15.53 -10.58 -0.23
CA ARG A 126 16.69 -10.81 -1.08
C ARG A 126 16.66 -9.98 -2.37
N GLU A 127 15.51 -9.87 -3.01
CA GLU A 127 15.43 -9.16 -4.27
C GLU A 127 15.45 -7.64 -4.02
N ALA A 128 14.97 -7.23 -2.87
CA ALA A 128 14.98 -5.84 -2.47
C ALA A 128 16.35 -5.44 -1.95
N ASP A 129 17.04 -6.42 -1.40
CA ASP A 129 18.38 -6.26 -0.89
C ASP A 129 19.38 -6.20 -2.03
N ILE A 130 19.55 -5.03 -2.55
CA ILE A 130 20.46 -4.80 -3.65
C ILE A 130 21.90 -4.75 -3.13
N ASP A 131 22.05 -4.44 -1.85
CA ASP A 131 23.37 -4.25 -1.28
C ASP A 131 24.00 -5.59 -0.88
N GLY A 132 23.18 -6.64 -0.89
CA GLY A 132 23.68 -7.97 -0.60
C GLY A 132 24.04 -8.11 0.86
N ASP A 133 23.25 -7.49 1.70
CA ASP A 133 23.51 -7.51 3.13
C ASP A 133 22.71 -8.64 3.77
N GLY A 134 21.73 -9.12 3.05
CA GLY A 134 20.85 -10.16 3.56
C GLY A 134 19.59 -9.56 4.10
N GLN A 135 19.61 -8.26 4.31
CA GLN A 135 18.49 -7.49 4.81
C GLN A 135 18.38 -6.28 3.96
N VAL A 136 17.19 -5.91 3.61
CA VAL A 136 16.98 -4.76 2.74
C VAL A 136 17.06 -3.44 3.51
N ASN A 137 17.98 -2.60 3.10
CA ASN A 137 18.16 -1.29 3.68
C ASN A 137 17.24 -0.30 2.96
N TYR A 138 17.08 0.89 3.54
CA TYR A 138 16.15 1.89 3.05
C TYR A 138 16.49 2.33 1.63
N GLU A 139 17.74 2.61 1.38
CA GLU A 139 18.19 3.08 0.09
C GLU A 139 18.00 2.03 -1.00
N GLU A 140 18.29 0.79 -0.65
CA GLU A 140 18.06 -0.34 -1.54
C GLU A 140 16.57 -0.44 -1.86
N PHE A 141 15.76 -0.27 -0.83
CA PHE A 141 14.33 -0.25 -0.96
C PHE A 141 13.84 0.86 -1.90
N VAL A 142 14.35 2.07 -1.72
CA VAL A 142 13.90 3.19 -2.55
C VAL A 142 14.26 2.95 -4.01
N GLN A 143 15.44 2.39 -4.24
CA GLN A 143 15.95 2.15 -5.57
C GLN A 143 15.10 1.14 -6.31
N MET A 144 14.71 0.08 -5.64
CA MET A 144 13.93 -0.95 -6.29
C MET A 144 12.47 -0.55 -6.42
N MET A 145 11.94 0.13 -5.42
CA MET A 145 10.52 0.39 -5.37
C MET A 145 10.13 1.44 -6.40
N THR A 146 10.96 2.44 -6.58
CA THR A 146 10.67 3.47 -7.54
C THR A 146 11.05 3.00 -8.96
N ALA A 147 12.02 2.13 -9.07
CA ALA A 147 12.42 1.63 -10.37
C ALA A 147 11.74 0.31 -10.67
N LYS A 148 10.51 0.40 -11.10
CA LYS A 148 9.73 -0.76 -11.43
C LYS A 148 9.98 -1.18 -12.86
N SER B 1 8.00 -8.36 -16.40
CA SER B 1 9.02 -8.07 -15.44
C SER B 1 9.74 -9.36 -15.06
N PRO B 2 11.04 -9.49 -15.44
CA PRO B 2 11.84 -10.67 -15.09
C PRO B 2 11.91 -10.89 -13.58
N ALA B 3 12.18 -9.81 -12.84
CA ALA B 3 12.24 -9.89 -11.41
C ALA B 3 10.86 -9.77 -10.81
N ASN B 4 10.12 -10.82 -10.94
CA ASN B 4 8.76 -10.91 -10.44
C ASN B 4 8.49 -12.38 -10.18
N SER B 5 9.56 -13.04 -9.74
CA SER B 5 9.65 -14.49 -9.57
C SER B 5 8.41 -15.16 -8.97
N PHE B 6 8.14 -14.96 -7.70
CA PHE B 6 6.96 -15.51 -7.09
C PHE B 6 6.00 -14.36 -6.84
N HIS B 7 5.62 -13.71 -7.94
CA HIS B 7 4.75 -12.53 -7.95
C HIS B 7 5.37 -11.39 -7.16
N PHE B 8 6.71 -11.38 -7.08
CA PHE B 8 7.48 -10.42 -6.27
C PHE B 8 6.99 -8.98 -6.34
N LYS B 9 6.83 -8.43 -7.53
CA LYS B 9 6.46 -7.02 -7.62
C LYS B 9 4.99 -6.79 -7.35
N GLU B 10 4.19 -7.79 -7.60
CA GLU B 10 2.77 -7.71 -7.31
C GLU B 10 2.58 -7.83 -5.80
N ALA B 11 3.32 -8.75 -5.23
CA ALA B 11 3.26 -9.05 -3.82
C ALA B 11 3.91 -7.97 -2.99
N TRP B 12 4.98 -7.36 -3.49
CA TRP B 12 5.66 -6.32 -2.76
C TRP B 12 4.81 -5.07 -2.78
N LYS B 13 4.14 -4.86 -3.92
CA LYS B 13 3.18 -3.77 -4.05
C LYS B 13 2.13 -3.96 -3.00
N HIS B 14 1.56 -5.13 -3.02
CA HIS B 14 0.56 -5.52 -2.03
C HIS B 14 1.07 -5.42 -0.61
N ALA B 15 2.31 -5.81 -0.37
CA ALA B 15 2.92 -5.74 0.96
C ALA B 15 3.01 -4.29 1.45
N ILE B 16 3.63 -3.42 0.65
CA ILE B 16 3.77 -2.01 1.04
C ILE B 16 2.41 -1.35 1.14
N GLN B 17 1.52 -1.73 0.26
CA GLN B 17 0.18 -1.21 0.23
C GLN B 17 -0.62 -1.68 1.44
N LYS B 18 -0.44 -2.92 1.80
CA LYS B 18 -1.16 -3.53 2.90
C LYS B 18 -0.78 -2.88 4.20
N ALA B 19 0.50 -2.70 4.40
CA ALA B 19 1.01 -2.18 5.63
C ALA B 19 0.94 -0.64 5.72
N LYS B 20 1.39 0.04 4.67
CA LYS B 20 1.43 1.50 4.64
C LYS B 20 0.04 2.12 4.46
N HIS B 21 -0.95 1.29 4.25
CA HIS B 21 -2.31 1.77 4.02
C HIS B 21 -3.29 0.89 4.82
N MET B 22 -2.77 0.27 5.86
CA MET B 22 -3.56 -0.62 6.72
C MET B 22 -4.66 0.11 7.55
N PRO B 23 -4.33 1.19 8.33
CA PRO B 23 -5.33 1.87 9.17
C PRO B 23 -6.16 2.89 8.38
N ASP B 24 -6.31 2.65 7.11
CA ASP B 24 -7.10 3.47 6.23
C ASP B 24 -8.08 2.51 5.57
N PRO B 25 -9.12 3.00 4.88
CA PRO B 25 -9.95 2.14 4.03
C PRO B 25 -9.04 1.54 2.97
N TRP B 26 -8.80 0.25 3.06
CA TRP B 26 -7.80 -0.37 2.23
C TRP B 26 -8.24 -0.61 0.79
N ALA B 27 -8.08 0.42 0.03
CA ALA B 27 -8.31 0.43 -1.38
C ALA B 27 -7.08 1.03 -1.99
CA CA C . -20.95 0.40 -1.44
CA CA D . -19.06 11.86 1.30
N ALA A 1 -1.47 14.60 -4.40
CA ALA A 1 -1.47 13.70 -5.55
C ALA A 1 -2.89 13.35 -5.93
N ASP A 2 -3.38 13.88 -7.03
CA ASP A 2 -4.76 13.61 -7.49
C ASP A 2 -4.74 13.29 -8.96
N GLN A 3 -3.61 12.81 -9.44
CA GLN A 3 -3.43 12.56 -10.86
C GLN A 3 -4.17 11.30 -11.33
N LEU A 4 -5.42 11.49 -11.66
CA LEU A 4 -6.28 10.44 -12.15
C LEU A 4 -7.00 10.99 -13.35
N THR A 5 -6.70 10.49 -14.52
CA THR A 5 -7.39 10.96 -15.69
C THR A 5 -8.75 10.27 -15.82
N GLU A 6 -9.68 10.89 -16.52
CA GLU A 6 -11.06 10.42 -16.62
C GLU A 6 -11.15 8.98 -17.18
N GLU A 7 -10.24 8.62 -18.07
CA GLU A 7 -10.17 7.27 -18.66
C GLU A 7 -9.95 6.25 -17.55
N GLN A 8 -9.01 6.57 -16.69
CA GLN A 8 -8.64 5.71 -15.61
C GLN A 8 -9.70 5.77 -14.51
N ILE A 9 -10.31 6.92 -14.36
CA ILE A 9 -11.40 7.06 -13.41
C ILE A 9 -12.57 6.18 -13.85
N ALA A 10 -12.80 6.08 -15.16
CA ALA A 10 -13.83 5.19 -15.71
C ALA A 10 -13.55 3.75 -15.33
N GLU A 11 -12.27 3.37 -15.38
CA GLU A 11 -11.82 2.06 -14.94
C GLU A 11 -12.23 1.87 -13.48
N PHE A 12 -11.89 2.85 -12.65
CA PHE A 12 -12.23 2.83 -11.23
C PHE A 12 -13.73 2.81 -10.98
N LYS A 13 -14.52 3.40 -11.87
CA LYS A 13 -15.99 3.44 -11.71
C LYS A 13 -16.56 2.03 -11.75
N GLU A 14 -16.12 1.27 -12.73
CA GLU A 14 -16.58 -0.09 -12.87
C GLU A 14 -15.97 -0.96 -11.79
N ALA A 15 -14.67 -0.76 -11.56
CA ALA A 15 -13.92 -1.49 -10.55
C ALA A 15 -14.57 -1.36 -9.18
N PHE A 16 -14.89 -0.14 -8.82
CA PHE A 16 -15.52 0.20 -7.55
C PHE A 16 -16.82 -0.52 -7.41
N SER A 17 -17.69 -0.35 -8.37
CA SER A 17 -19.02 -0.92 -8.30
C SER A 17 -19.00 -2.45 -8.37
N LEU A 18 -17.89 -3.01 -8.85
CA LEU A 18 -17.71 -4.45 -8.88
C LEU A 18 -17.62 -4.93 -7.43
N PHE A 19 -16.89 -4.20 -6.61
CA PHE A 19 -16.72 -4.61 -5.24
C PHE A 19 -17.71 -3.89 -4.30
N ASP A 20 -18.18 -2.73 -4.72
CA ASP A 20 -19.28 -2.05 -4.06
C ASP A 20 -20.55 -2.72 -4.55
N LYS A 21 -20.82 -3.83 -3.91
CA LYS A 21 -21.85 -4.78 -4.30
C LYS A 21 -23.24 -4.18 -4.38
N ASP A 22 -23.53 -3.20 -3.54
CA ASP A 22 -24.86 -2.59 -3.61
C ASP A 22 -24.92 -1.44 -4.61
N GLY A 23 -23.74 -0.99 -5.05
CA GLY A 23 -23.66 0.10 -6.00
C GLY A 23 -24.20 1.40 -5.44
N ASP A 24 -23.60 1.87 -4.37
CA ASP A 24 -24.10 3.08 -3.68
C ASP A 24 -23.14 4.21 -3.87
N GLY A 25 -21.93 3.88 -4.27
CA GLY A 25 -20.89 4.88 -4.35
C GLY A 25 -20.18 5.01 -3.04
N THR A 26 -20.42 4.04 -2.17
CA THR A 26 -19.79 3.98 -0.89
C THR A 26 -19.49 2.53 -0.52
N ILE A 27 -18.35 2.31 0.03
CA ILE A 27 -17.94 1.01 0.48
C ILE A 27 -18.05 1.02 2.00
N THR A 28 -18.73 0.06 2.53
CA THR A 28 -18.87 -0.08 3.96
C THR A 28 -17.86 -1.12 4.48
N THR A 29 -17.74 -1.25 5.81
CA THR A 29 -16.82 -2.21 6.42
C THR A 29 -17.16 -3.62 5.97
N LYS A 30 -18.48 -3.88 5.89
CA LYS A 30 -19.03 -5.14 5.43
C LYS A 30 -18.42 -5.52 4.09
N GLU A 31 -18.52 -4.61 3.17
CA GLU A 31 -18.11 -4.82 1.81
C GLU A 31 -16.61 -4.99 1.70
N LEU A 32 -15.86 -4.14 2.39
CA LEU A 32 -14.39 -4.22 2.39
C LEU A 32 -13.92 -5.61 2.78
N GLY A 33 -14.42 -6.10 3.88
CA GLY A 33 -14.00 -7.39 4.31
C GLY A 33 -14.57 -8.50 3.48
N THR A 34 -15.81 -8.39 3.01
CA THR A 34 -16.42 -9.44 2.18
C THR A 34 -15.58 -9.67 0.91
N VAL A 35 -15.25 -8.58 0.23
CA VAL A 35 -14.48 -8.67 -0.99
C VAL A 35 -13.06 -9.18 -0.71
N MET A 36 -12.51 -8.79 0.45
CA MET A 36 -11.18 -9.21 0.84
C MET A 36 -11.12 -10.67 1.29
N ARG A 37 -12.15 -11.14 1.96
CA ARG A 37 -12.23 -12.52 2.39
C ARG A 37 -12.33 -13.43 1.20
N SER A 38 -12.94 -12.91 0.15
CA SER A 38 -13.07 -13.63 -1.08
C SER A 38 -11.70 -13.74 -1.79
N LEU A 39 -10.87 -12.73 -1.60
CA LEU A 39 -9.54 -12.69 -2.19
C LEU A 39 -8.53 -13.48 -1.34
N GLY A 40 -8.91 -13.77 -0.11
CA GLY A 40 -8.08 -14.58 0.75
C GLY A 40 -7.43 -13.83 1.90
N GLN A 41 -8.15 -12.89 2.49
CA GLN A 41 -7.69 -12.20 3.67
C GLN A 41 -8.87 -11.81 4.52
N ASN A 42 -8.82 -12.10 5.79
CA ASN A 42 -9.94 -11.77 6.69
C ASN A 42 -9.52 -10.74 7.74
N PRO A 43 -9.49 -9.43 7.39
CA PRO A 43 -9.21 -8.37 8.36
C PRO A 43 -10.43 -8.11 9.24
N THR A 44 -10.20 -7.61 10.42
CA THR A 44 -11.27 -7.34 11.36
C THR A 44 -11.90 -5.98 11.05
N GLU A 45 -13.09 -5.72 11.59
CA GLU A 45 -13.81 -4.50 11.33
C GLU A 45 -13.08 -3.28 11.89
N ALA A 46 -12.31 -3.49 12.95
CA ALA A 46 -11.50 -2.41 13.52
C ALA A 46 -10.54 -1.87 12.45
N GLU A 47 -9.90 -2.81 11.75
CA GLU A 47 -8.98 -2.49 10.68
C GLU A 47 -9.73 -1.87 9.52
N LEU A 48 -10.84 -2.51 9.13
CA LEU A 48 -11.68 -2.08 8.01
C LEU A 48 -12.17 -0.65 8.20
N GLN A 49 -12.55 -0.33 9.42
CA GLN A 49 -13.07 0.96 9.74
C GLN A 49 -11.97 2.01 9.70
N ASP A 50 -10.76 1.62 10.11
CA ASP A 50 -9.61 2.55 10.09
C ASP A 50 -9.25 2.85 8.65
N MET A 51 -9.31 1.80 7.84
CA MET A 51 -9.08 1.89 6.39
C MET A 51 -10.01 2.92 5.77
N ILE A 52 -11.27 2.86 6.15
CA ILE A 52 -12.27 3.79 5.70
C ILE A 52 -12.01 5.19 6.23
N ASN A 53 -11.91 5.29 7.53
CA ASN A 53 -11.85 6.57 8.23
C ASN A 53 -10.71 7.47 7.75
N GLU A 54 -9.61 6.88 7.34
CA GLU A 54 -8.51 7.58 6.84
C GLU A 54 -8.84 8.38 5.58
N VAL A 55 -9.69 7.83 4.73
CA VAL A 55 -10.08 8.51 3.51
C VAL A 55 -11.42 9.19 3.70
N ASP A 56 -12.10 8.83 4.77
CA ASP A 56 -13.41 9.34 5.06
C ASP A 56 -13.33 10.70 5.66
N ALA A 57 -13.67 11.68 4.88
CA ALA A 57 -13.63 13.06 5.30
C ALA A 57 -14.95 13.45 5.98
N ASP A 58 -15.93 12.56 5.89
CA ASP A 58 -17.26 12.87 6.43
C ASP A 58 -17.40 12.38 7.85
N GLY A 59 -16.45 11.56 8.31
CA GLY A 59 -16.54 10.98 9.64
C GLY A 59 -17.81 10.14 9.81
N ASN A 60 -18.20 9.45 8.77
CA ASN A 60 -19.44 8.67 8.77
C ASN A 60 -19.16 7.19 8.66
N GLY A 61 -17.97 6.85 8.26
CA GLY A 61 -17.59 5.48 8.18
C GLY A 61 -17.87 4.85 6.82
N THR A 62 -17.94 5.67 5.80
CA THR A 62 -18.17 5.18 4.44
C THR A 62 -17.21 5.84 3.44
N ILE A 63 -16.66 5.04 2.53
CA ILE A 63 -15.73 5.54 1.51
C ILE A 63 -16.52 5.91 0.28
N ASP A 64 -16.62 7.15 -0.01
CA ASP A 64 -17.33 7.61 -1.18
C ASP A 64 -16.49 7.34 -2.39
N PHE A 65 -17.12 7.20 -3.52
CA PHE A 65 -16.43 7.01 -4.79
C PHE A 65 -15.33 8.08 -5.01
N PRO A 66 -15.64 9.41 -4.88
CA PRO A 66 -14.64 10.48 -4.92
C PRO A 66 -13.46 10.20 -3.97
N GLU A 67 -13.75 9.69 -2.77
CA GLU A 67 -12.72 9.38 -1.77
C GLU A 67 -11.88 8.18 -2.24
N PHE A 68 -12.55 7.18 -2.81
CA PHE A 68 -11.89 6.01 -3.40
C PHE A 68 -10.93 6.47 -4.50
N LEU A 69 -11.37 7.45 -5.29
CA LEU A 69 -10.55 8.05 -6.33
C LEU A 69 -9.36 8.77 -5.71
N THR A 70 -9.61 9.65 -4.75
CA THR A 70 -8.57 10.42 -4.07
C THR A 70 -7.52 9.48 -3.43
N MET A 71 -8.01 8.45 -2.76
CA MET A 71 -7.17 7.45 -2.12
C MET A 71 -6.28 6.75 -3.11
N MET A 72 -6.84 6.40 -4.25
CA MET A 72 -6.09 5.68 -5.25
C MET A 72 -5.12 6.59 -5.95
N ALA A 73 -5.54 7.82 -6.17
CA ALA A 73 -4.71 8.84 -6.80
C ALA A 73 -3.48 9.10 -5.97
N ARG A 74 -3.69 9.30 -4.66
CA ARG A 74 -2.62 9.54 -3.73
C ARG A 74 -1.77 8.31 -3.51
N LYS A 75 -2.30 7.19 -3.90
CA LYS A 75 -1.62 5.93 -3.79
C LYS A 75 -0.76 5.64 -5.04
N MET A 76 -1.01 6.34 -6.13
CA MET A 76 -0.46 5.94 -7.41
C MET A 76 0.52 6.94 -8.05
N LYS A 77 0.04 8.12 -8.40
CA LYS A 77 0.80 9.00 -9.23
C LYS A 77 0.91 10.35 -8.59
N ASP A 78 2.16 10.84 -8.59
CA ASP A 78 2.66 12.04 -7.84
C ASP A 78 2.93 11.57 -6.40
N THR A 79 2.87 10.27 -6.30
CA THR A 79 3.02 9.53 -5.12
C THR A 79 4.41 8.91 -5.05
N ASP A 80 4.94 8.87 -3.85
CA ASP A 80 6.18 8.19 -3.53
C ASP A 80 7.40 8.99 -3.87
N SER A 81 7.76 9.88 -3.01
CA SER A 81 8.97 10.63 -3.16
C SER A 81 9.94 10.23 -2.06
N GLU A 82 9.54 10.46 -0.82
CA GLU A 82 10.36 10.13 0.29
C GLU A 82 9.52 9.59 1.45
N GLU A 83 8.57 10.36 1.93
CA GLU A 83 7.81 9.99 3.12
C GLU A 83 6.90 8.79 2.85
N GLU A 84 6.30 8.76 1.66
CA GLU A 84 5.48 7.60 1.24
C GLU A 84 6.30 6.32 1.29
N ILE A 85 7.57 6.45 0.91
CA ILE A 85 8.49 5.33 0.86
C ILE A 85 8.75 4.89 2.28
N ARG A 86 9.02 5.87 3.11
CA ARG A 86 9.43 5.65 4.46
C ARG A 86 8.32 5.13 5.33
N GLU A 87 7.08 5.48 5.03
CA GLU A 87 5.95 4.91 5.74
C GLU A 87 5.83 3.43 5.42
N ALA A 88 5.96 3.12 4.14
CA ALA A 88 5.87 1.75 3.65
C ALA A 88 7.08 0.94 4.13
N PHE A 89 8.15 1.62 4.42
CA PHE A 89 9.34 1.00 4.95
C PHE A 89 9.18 0.78 6.47
N ARG A 90 8.63 1.81 7.13
CA ARG A 90 8.43 1.85 8.60
C ARG A 90 7.59 0.71 9.11
N VAL A 91 6.65 0.26 8.30
CA VAL A 91 5.80 -0.86 8.68
C VAL A 91 6.67 -2.12 8.97
N PHE A 92 7.80 -2.22 8.27
CA PHE A 92 8.72 -3.31 8.46
C PHE A 92 9.76 -2.89 9.47
N ASP A 93 10.52 -1.85 9.13
CA ASP A 93 11.57 -1.35 9.98
C ASP A 93 11.01 -0.37 10.99
N LYS A 94 10.58 -0.94 12.06
CA LYS A 94 9.93 -0.25 13.14
C LYS A 94 10.92 0.47 14.02
N ASP A 95 12.06 -0.16 14.27
CA ASP A 95 13.05 0.39 15.21
C ASP A 95 13.91 1.47 14.55
N GLY A 96 13.83 1.57 13.24
CA GLY A 96 14.59 2.58 12.54
C GLY A 96 16.02 2.17 12.37
N ASN A 97 16.20 0.97 11.86
CA ASN A 97 17.52 0.41 11.65
C ASN A 97 17.93 0.60 10.21
N GLY A 98 16.98 0.97 9.38
CA GLY A 98 17.27 1.28 8.00
C GLY A 98 17.41 0.04 7.16
N TYR A 99 16.88 -1.08 7.62
CA TYR A 99 16.94 -2.30 6.87
C TYR A 99 15.74 -3.17 7.17
N ILE A 100 15.40 -4.03 6.26
CA ILE A 100 14.31 -4.95 6.43
C ILE A 100 14.89 -6.36 6.55
N SER A 101 14.37 -7.13 7.49
CA SER A 101 14.78 -8.50 7.71
C SER A 101 13.60 -9.45 7.42
N ALA A 102 13.90 -10.69 7.07
CA ALA A 102 12.87 -11.67 6.69
C ALA A 102 11.96 -12.06 7.85
N ALA A 103 12.55 -12.30 9.02
CA ALA A 103 11.78 -12.71 10.20
C ALA A 103 10.78 -11.63 10.60
N GLU A 104 11.27 -10.40 10.71
CA GLU A 104 10.44 -9.23 11.02
C GLU A 104 9.32 -9.12 10.02
N LEU A 105 9.68 -9.26 8.76
CA LEU A 105 8.75 -9.04 7.70
C LEU A 105 7.56 -10.03 7.87
N ARG A 106 7.85 -11.31 8.17
CA ARG A 106 6.78 -12.29 8.46
C ARG A 106 5.97 -11.90 9.68
N HIS A 107 6.65 -11.35 10.68
CA HIS A 107 5.99 -10.91 11.91
C HIS A 107 4.96 -9.84 11.61
N VAL A 108 5.32 -8.87 10.78
CA VAL A 108 4.37 -7.83 10.44
C VAL A 108 3.28 -8.37 9.51
N MET A 109 3.63 -9.34 8.68
CA MET A 109 2.65 -9.95 7.77
C MET A 109 1.59 -10.66 8.52
N THR A 110 1.99 -11.40 9.51
CA THR A 110 1.08 -12.12 10.36
C THR A 110 0.17 -11.10 11.08
N ASN A 111 0.72 -9.93 11.39
CA ASN A 111 -0.02 -8.85 12.04
C ASN A 111 -0.96 -8.14 11.03
N LEU A 112 -0.55 -8.10 9.78
CA LEU A 112 -1.32 -7.47 8.70
C LEU A 112 -2.40 -8.44 8.21
N GLY A 113 -2.22 -9.69 8.52
CA GLY A 113 -3.15 -10.72 8.14
C GLY A 113 -2.88 -11.22 6.75
N GLU A 114 -1.66 -11.05 6.29
CA GLU A 114 -1.30 -11.49 4.98
C GLU A 114 -0.53 -12.77 5.11
N LYS A 115 -1.02 -13.79 4.47
CA LYS A 115 -0.38 -15.08 4.51
C LYS A 115 0.72 -15.13 3.48
N LEU A 116 1.94 -15.11 3.94
CA LEU A 116 3.10 -15.24 3.09
C LEU A 116 3.91 -16.40 3.63
N THR A 117 4.65 -17.03 2.78
CA THR A 117 5.49 -18.11 3.19
C THR A 117 6.84 -17.54 3.62
N ASP A 118 7.72 -18.38 4.15
CA ASP A 118 9.06 -17.93 4.48
C ASP A 118 9.81 -17.72 3.19
N GLU A 119 9.42 -18.49 2.18
CA GLU A 119 9.96 -18.41 0.85
C GLU A 119 9.70 -17.03 0.27
N GLU A 120 8.44 -16.60 0.37
CA GLU A 120 7.99 -15.33 -0.14
C GLU A 120 8.80 -14.17 0.47
N VAL A 121 8.84 -14.12 1.80
CA VAL A 121 9.50 -13.02 2.49
C VAL A 121 11.01 -13.08 2.30
N ASP A 122 11.55 -14.29 2.18
CA ASP A 122 12.98 -14.47 2.00
C ASP A 122 13.39 -13.94 0.67
N GLU A 123 12.61 -14.26 -0.37
CA GLU A 123 12.87 -13.77 -1.71
C GLU A 123 12.74 -12.27 -1.76
N MET A 124 11.72 -11.75 -1.04
CA MET A 124 11.49 -10.31 -0.91
C MET A 124 12.75 -9.62 -0.46
N ILE A 125 13.30 -10.08 0.64
CA ILE A 125 14.51 -9.50 1.20
C ILE A 125 15.67 -9.73 0.27
N ARG A 126 15.91 -10.97 -0.07
CA ARG A 126 17.07 -11.43 -0.85
C ARG A 126 17.31 -10.63 -2.15
N GLU A 127 16.26 -10.39 -2.91
CA GLU A 127 16.42 -9.68 -4.17
C GLU A 127 16.45 -8.16 -3.93
N ALA A 128 15.80 -7.71 -2.87
CA ALA A 128 15.76 -6.29 -2.52
C ALA A 128 17.06 -5.91 -1.82
N ASP A 129 17.72 -6.92 -1.32
CA ASP A 129 19.00 -6.82 -0.69
C ASP A 129 20.07 -6.59 -1.74
N ILE A 130 20.09 -5.38 -2.24
CA ILE A 130 21.06 -4.93 -3.21
C ILE A 130 22.40 -4.70 -2.49
N ASP A 131 22.31 -4.66 -1.18
CA ASP A 131 23.45 -4.44 -0.33
C ASP A 131 24.20 -5.77 -0.13
N GLY A 132 23.57 -6.86 -0.56
CA GLY A 132 24.15 -8.19 -0.54
C GLY A 132 24.53 -8.68 0.83
N ASP A 133 23.80 -8.25 1.82
CA ASP A 133 24.14 -8.54 3.20
C ASP A 133 23.09 -9.40 3.87
N GLY A 134 21.98 -9.55 3.21
CA GLY A 134 20.87 -10.30 3.76
C GLY A 134 19.92 -9.37 4.45
N GLN A 135 20.07 -8.08 4.17
CA GLN A 135 19.26 -7.05 4.75
C GLN A 135 19.05 -5.99 3.69
N VAL A 136 17.82 -5.68 3.42
CA VAL A 136 17.52 -4.66 2.44
C VAL A 136 17.46 -3.32 3.11
N ASN A 137 18.41 -2.47 2.78
CA ASN A 137 18.48 -1.15 3.36
C ASN A 137 17.54 -0.20 2.67
N TYR A 138 17.24 0.89 3.35
CA TYR A 138 16.31 1.90 2.85
C TYR A 138 16.77 2.43 1.49
N GLU A 139 18.07 2.68 1.38
CA GLU A 139 18.69 3.16 0.16
C GLU A 139 18.54 2.19 -1.02
N GLU A 140 18.31 0.93 -0.72
CA GLU A 140 18.14 -0.04 -1.77
C GLU A 140 16.65 -0.04 -2.14
N PHE A 141 15.84 -0.05 -1.11
CA PHE A 141 14.38 -0.09 -1.22
C PHE A 141 13.80 1.14 -1.94
N VAL A 142 14.37 2.33 -1.68
CA VAL A 142 13.90 3.58 -2.30
C VAL A 142 13.94 3.50 -3.84
N GLN A 143 14.88 2.73 -4.35
CA GLN A 143 15.09 2.61 -5.76
C GLN A 143 14.07 1.66 -6.38
N MET A 144 13.57 0.74 -5.59
CA MET A 144 12.68 -0.30 -6.08
C MET A 144 11.26 0.21 -6.24
N MET A 145 10.96 1.31 -5.56
CA MET A 145 9.60 1.87 -5.55
C MET A 145 9.14 2.33 -6.94
N THR A 146 10.07 2.60 -7.83
CA THR A 146 9.69 3.07 -9.13
C THR A 146 9.27 1.91 -10.07
N ALA A 147 9.36 0.68 -9.56
CA ALA A 147 8.97 -0.50 -10.34
C ALA A 147 7.52 -0.86 -10.05
N LYS A 148 6.84 0.11 -9.53
CA LYS A 148 5.44 0.04 -9.13
C LYS A 148 4.51 -0.45 -10.25
N SER B 1 15.19 -5.41 -15.80
CA SER B 1 13.94 -5.00 -15.22
C SER B 1 13.84 -5.58 -13.81
N PRO B 2 13.66 -4.73 -12.77
CA PRO B 2 13.53 -5.20 -11.37
C PRO B 2 12.37 -6.19 -11.17
N ALA B 3 11.34 -6.07 -12.00
CA ALA B 3 10.17 -6.92 -11.91
C ALA B 3 10.34 -8.20 -12.74
N ASN B 4 11.58 -8.57 -13.04
CA ASN B 4 11.86 -9.79 -13.83
C ASN B 4 11.45 -11.07 -13.11
N SER B 5 11.28 -10.98 -11.81
CA SER B 5 10.82 -12.10 -11.01
C SER B 5 9.27 -12.08 -10.92
N PHE B 6 8.67 -11.30 -11.81
CA PHE B 6 7.21 -11.18 -12.02
C PHE B 6 6.38 -10.95 -10.76
N HIS B 7 5.99 -12.03 -10.09
CA HIS B 7 5.10 -11.95 -8.91
C HIS B 7 5.78 -11.26 -7.76
N PHE B 8 7.10 -11.30 -7.77
CA PHE B 8 7.94 -10.63 -6.76
C PHE B 8 7.58 -9.14 -6.64
N LYS B 9 7.28 -8.51 -7.78
CA LYS B 9 6.96 -7.10 -7.77
C LYS B 9 5.59 -6.87 -7.14
N GLU B 10 4.60 -7.62 -7.60
CA GLU B 10 3.24 -7.50 -7.06
C GLU B 10 3.18 -7.93 -5.60
N ALA B 11 4.08 -8.81 -5.21
CA ALA B 11 4.24 -9.20 -3.82
C ALA B 11 4.59 -7.96 -2.98
N TRP B 12 5.68 -7.27 -3.37
CA TRP B 12 6.07 -6.02 -2.69
C TRP B 12 4.99 -4.96 -2.83
N LYS B 13 4.42 -4.87 -4.03
CA LYS B 13 3.35 -3.94 -4.38
C LYS B 13 2.25 -3.99 -3.37
N HIS B 14 1.75 -5.19 -3.16
CA HIS B 14 0.70 -5.43 -2.19
C HIS B 14 1.16 -5.11 -0.79
N ALA B 15 2.35 -5.58 -0.43
CA ALA B 15 2.91 -5.40 0.91
C ALA B 15 3.07 -3.91 1.28
N ILE B 16 3.73 -3.16 0.42
CA ILE B 16 3.99 -1.74 0.67
C ILE B 16 2.71 -0.93 0.62
N GLN B 17 1.76 -1.38 -0.16
CA GLN B 17 0.51 -0.70 -0.31
C GLN B 17 -0.37 -0.98 0.89
N LYS B 18 -0.40 -2.27 1.32
CA LYS B 18 -1.17 -2.76 2.50
C LYS B 18 -0.81 -1.95 3.71
N ALA B 19 0.46 -1.63 3.79
CA ALA B 19 1.03 -0.86 4.86
C ALA B 19 0.44 0.54 4.91
N LYS B 20 0.08 1.07 3.77
CA LYS B 20 -0.49 2.38 3.72
C LYS B 20 -1.99 2.27 3.96
N HIS B 21 -2.64 1.44 3.15
CA HIS B 21 -4.09 1.23 3.17
C HIS B 21 -4.40 -0.08 2.48
N MET B 22 -5.63 -0.43 2.40
CA MET B 22 -6.07 -1.65 1.76
C MET B 22 -5.76 -1.64 0.24
N PRO B 23 -4.98 -2.64 -0.23
CA PRO B 23 -4.56 -2.77 -1.63
C PRO B 23 -5.48 -3.65 -2.46
N ASP B 24 -6.42 -4.23 -1.81
CA ASP B 24 -7.34 -5.12 -2.47
C ASP B 24 -8.50 -4.31 -3.06
N PRO B 25 -9.16 -3.39 -2.29
CA PRO B 25 -10.12 -2.42 -2.85
C PRO B 25 -9.36 -1.26 -3.55
N TRP B 26 -8.47 -1.64 -4.44
CA TRP B 26 -7.68 -0.70 -5.23
C TRP B 26 -8.48 -0.37 -6.47
N ALA B 27 -9.18 -1.36 -6.92
CA ALA B 27 -9.96 -1.37 -8.09
C ALA B 27 -10.60 -2.73 -8.15
CA CA C . -22.06 -0.15 -0.68
CA CA D . -17.08 9.57 3.08
N ALA A 1 -2.20 15.11 -6.37
CA ALA A 1 -2.65 14.15 -7.36
C ALA A 1 -4.10 13.75 -7.15
N ASP A 2 -4.98 14.31 -7.95
CA ASP A 2 -6.38 13.88 -8.01
C ASP A 2 -6.75 13.64 -9.46
N GLN A 3 -5.82 13.93 -10.30
CA GLN A 3 -5.92 13.76 -11.73
C GLN A 3 -4.93 12.69 -12.11
N LEU A 4 -5.40 11.67 -12.73
CA LEU A 4 -4.55 10.59 -13.06
C LEU A 4 -4.07 10.74 -14.49
N THR A 5 -2.98 10.09 -14.80
CA THR A 5 -2.36 10.17 -16.07
C THR A 5 -2.98 9.17 -17.04
N GLU A 6 -3.09 9.57 -18.30
CA GLU A 6 -3.75 8.80 -19.35
C GLU A 6 -3.23 7.36 -19.47
N GLU A 7 -1.91 7.19 -19.47
CA GLU A 7 -1.28 5.88 -19.57
C GLU A 7 -1.70 5.01 -18.40
N GLN A 8 -1.65 5.56 -17.21
CA GLN A 8 -1.98 4.82 -16.04
C GLN A 8 -3.46 4.45 -16.06
N ILE A 9 -4.27 5.37 -16.55
CA ILE A 9 -5.70 5.16 -16.70
C ILE A 9 -5.98 4.02 -17.70
N ALA A 10 -5.26 4.01 -18.81
CA ALA A 10 -5.42 2.97 -19.84
C ALA A 10 -5.00 1.60 -19.30
N GLU A 11 -3.89 1.60 -18.57
CA GLU A 11 -3.39 0.41 -17.94
C GLU A 11 -4.43 -0.11 -16.95
N PHE A 12 -5.02 0.80 -16.19
CA PHE A 12 -6.09 0.46 -15.29
C PHE A 12 -7.29 -0.07 -16.02
N LYS A 13 -7.66 0.53 -17.15
CA LYS A 13 -8.83 0.09 -17.96
C LYS A 13 -8.84 -1.41 -18.17
N GLU A 14 -7.74 -1.90 -18.67
CA GLU A 14 -7.62 -3.32 -18.99
C GLU A 14 -7.66 -4.19 -17.73
N ALA A 15 -6.89 -3.83 -16.74
CA ALA A 15 -6.80 -4.62 -15.51
C ALA A 15 -8.10 -4.53 -14.68
N PHE A 16 -8.76 -3.40 -14.77
CA PHE A 16 -10.02 -3.13 -14.10
C PHE A 16 -11.11 -4.04 -14.66
N SER A 17 -11.07 -4.22 -15.97
CA SER A 17 -12.01 -5.09 -16.64
C SER A 17 -11.71 -6.57 -16.28
N LEU A 18 -10.45 -6.84 -15.92
CA LEU A 18 -10.05 -8.15 -15.44
C LEU A 18 -10.65 -8.38 -14.03
N PHE A 19 -10.58 -7.36 -13.20
CA PHE A 19 -11.15 -7.40 -11.84
C PHE A 19 -12.64 -7.52 -11.86
N ASP A 20 -13.25 -6.75 -12.73
CA ASP A 20 -14.69 -6.77 -12.90
C ASP A 20 -15.11 -8.08 -13.53
N LYS A 21 -15.60 -8.95 -12.72
CA LYS A 21 -15.99 -10.27 -13.13
C LYS A 21 -17.32 -10.31 -13.87
N ASP A 22 -17.94 -9.16 -14.08
CA ASP A 22 -19.18 -9.07 -14.85
C ASP A 22 -18.86 -8.38 -16.16
N GLY A 23 -17.68 -7.78 -16.18
CA GLY A 23 -17.22 -7.00 -17.31
C GLY A 23 -18.03 -5.73 -17.51
N ASP A 24 -18.66 -5.24 -16.44
CA ASP A 24 -19.56 -4.07 -16.61
C ASP A 24 -18.88 -2.76 -16.23
N GLY A 25 -17.80 -2.84 -15.49
CA GLY A 25 -17.05 -1.65 -15.18
C GLY A 25 -17.36 -1.05 -13.81
N THR A 26 -17.76 -1.86 -12.87
CA THR A 26 -17.96 -1.43 -11.49
C THR A 26 -17.55 -2.59 -10.60
N ILE A 27 -16.73 -2.37 -9.62
CA ILE A 27 -16.27 -3.45 -8.77
C ILE A 27 -17.03 -3.45 -7.45
N THR A 28 -17.79 -4.50 -7.23
CA THR A 28 -18.55 -4.65 -6.01
C THR A 28 -17.68 -5.27 -4.90
N THR A 29 -18.26 -5.44 -3.72
CA THR A 29 -17.58 -6.08 -2.59
C THR A 29 -17.32 -7.54 -2.94
N LYS A 30 -18.20 -8.08 -3.77
CA LYS A 30 -18.14 -9.43 -4.28
C LYS A 30 -16.85 -9.61 -5.03
N GLU A 31 -16.68 -8.77 -6.02
CA GLU A 31 -15.55 -8.79 -6.90
C GLU A 31 -14.27 -8.48 -6.14
N LEU A 32 -14.34 -7.53 -5.21
CA LEU A 32 -13.20 -7.21 -4.35
C LEU A 32 -12.73 -8.45 -3.63
N GLY A 33 -13.62 -9.07 -2.87
CA GLY A 33 -13.27 -10.24 -2.10
C GLY A 33 -12.85 -11.39 -2.98
N THR A 34 -13.41 -11.47 -4.18
CA THR A 34 -13.05 -12.50 -5.11
C THR A 34 -11.61 -12.30 -5.64
N VAL A 35 -11.26 -11.08 -6.03
CA VAL A 35 -9.91 -10.80 -6.54
C VAL A 35 -8.88 -10.86 -5.42
N MET A 36 -9.32 -10.55 -4.21
CA MET A 36 -8.50 -10.71 -3.03
C MET A 36 -8.30 -12.20 -2.76
N ARG A 37 -9.35 -12.97 -2.94
CA ARG A 37 -9.34 -14.42 -2.78
C ARG A 37 -8.46 -15.08 -3.84
N SER A 38 -8.38 -14.48 -5.02
CA SER A 38 -7.52 -14.97 -6.08
C SER A 38 -6.03 -14.87 -5.65
N LEU A 39 -5.76 -13.95 -4.74
CA LEU A 39 -4.42 -13.75 -4.21
C LEU A 39 -4.32 -14.28 -2.78
N GLY A 40 -5.32 -15.06 -2.39
CA GLY A 40 -5.31 -15.73 -1.11
C GLY A 40 -5.64 -14.85 0.09
N GLN A 41 -6.51 -13.88 -0.06
CA GLN A 41 -6.92 -13.06 1.07
C GLN A 41 -8.40 -12.97 1.12
N ASN A 42 -8.98 -13.23 2.26
CA ASN A 42 -10.43 -13.09 2.42
C ASN A 42 -10.75 -12.12 3.54
N PRO A 43 -10.80 -10.82 3.22
CA PRO A 43 -11.15 -9.76 4.18
C PRO A 43 -12.61 -9.81 4.57
N THR A 44 -12.94 -9.16 5.65
CA THR A 44 -14.31 -9.04 6.05
C THR A 44 -14.98 -8.04 5.10
N GLU A 45 -16.22 -8.29 4.76
CA GLU A 45 -16.89 -7.46 3.79
C GLU A 45 -17.23 -6.08 4.38
N ALA A 46 -17.23 -5.99 5.70
CA ALA A 46 -17.40 -4.72 6.40
C ALA A 46 -16.26 -3.76 6.04
N GLU A 47 -15.03 -4.31 5.95
CA GLU A 47 -13.88 -3.51 5.53
C GLU A 47 -14.07 -3.07 4.12
N LEU A 48 -14.54 -3.99 3.31
CA LEU A 48 -14.70 -3.78 1.89
C LEU A 48 -15.74 -2.71 1.56
N GLN A 49 -16.86 -2.69 2.29
CA GLN A 49 -17.89 -1.67 2.05
C GLN A 49 -17.31 -0.29 2.38
N ASP A 50 -16.62 -0.20 3.51
CA ASP A 50 -16.00 1.06 3.93
C ASP A 50 -14.90 1.49 2.94
N MET A 51 -14.19 0.51 2.45
CA MET A 51 -13.13 0.70 1.47
C MET A 51 -13.71 1.32 0.21
N ILE A 52 -14.76 0.72 -0.28
CA ILE A 52 -15.47 1.21 -1.44
C ILE A 52 -16.00 2.60 -1.19
N ASN A 53 -16.71 2.74 -0.10
CA ASN A 53 -17.41 3.98 0.22
C ASN A 53 -16.48 5.19 0.45
N GLU A 54 -15.17 4.94 0.61
CA GLU A 54 -14.25 6.01 0.75
C GLU A 54 -14.09 6.69 -0.62
N VAL A 55 -14.03 5.90 -1.65
CA VAL A 55 -13.82 6.40 -2.99
C VAL A 55 -15.13 6.56 -3.74
N ASP A 56 -16.14 5.83 -3.29
CA ASP A 56 -17.46 5.84 -3.89
C ASP A 56 -18.16 7.15 -3.57
N ALA A 57 -18.35 7.96 -4.57
CA ALA A 57 -18.98 9.26 -4.39
C ALA A 57 -20.49 9.13 -4.47
N ASP A 58 -20.96 8.13 -5.18
CA ASP A 58 -22.41 8.01 -5.40
C ASP A 58 -23.00 7.09 -4.34
N GLY A 59 -22.11 6.42 -3.61
CA GLY A 59 -22.52 5.50 -2.59
C GLY A 59 -23.36 4.37 -3.15
N ASN A 60 -22.80 3.63 -4.08
CA ASN A 60 -23.55 2.54 -4.73
C ASN A 60 -23.09 1.23 -4.15
N GLY A 61 -21.96 1.28 -3.51
CA GLY A 61 -21.36 0.08 -3.04
C GLY A 61 -20.46 -0.48 -4.11
N THR A 62 -20.02 0.41 -5.01
CA THR A 62 -19.16 0.04 -6.12
C THR A 62 -18.10 1.10 -6.35
N ILE A 63 -16.89 0.65 -6.58
CA ILE A 63 -15.83 1.52 -6.96
C ILE A 63 -15.87 1.52 -8.45
N ASP A 64 -16.35 2.59 -8.99
CA ASP A 64 -16.51 2.68 -10.41
C ASP A 64 -15.18 3.14 -10.98
N PHE A 65 -15.02 3.06 -12.28
CA PHE A 65 -13.76 3.36 -12.93
C PHE A 65 -13.17 4.75 -12.55
N PRO A 66 -13.93 5.88 -12.73
CA PRO A 66 -13.47 7.22 -12.33
C PRO A 66 -13.01 7.28 -10.86
N GLU A 67 -13.74 6.59 -10.00
CA GLU A 67 -13.47 6.58 -8.56
C GLU A 67 -12.18 5.82 -8.28
N PHE A 68 -11.99 4.74 -9.03
CA PHE A 68 -10.82 3.90 -8.93
C PHE A 68 -9.60 4.74 -9.29
N LEU A 69 -9.75 5.54 -10.34
CA LEU A 69 -8.71 6.44 -10.80
C LEU A 69 -8.37 7.46 -9.73
N THR A 70 -9.41 8.08 -9.17
CA THR A 70 -9.25 9.07 -8.13
C THR A 70 -8.49 8.47 -6.92
N MET A 71 -8.84 7.24 -6.56
CA MET A 71 -8.19 6.52 -5.47
C MET A 71 -6.70 6.35 -5.69
N MET A 72 -6.34 5.95 -6.89
CA MET A 72 -4.96 5.70 -7.22
C MET A 72 -4.18 6.97 -7.33
N ALA A 73 -4.82 7.97 -7.87
CA ALA A 73 -4.22 9.28 -7.97
C ALA A 73 -3.94 9.82 -6.55
N ARG A 74 -4.90 9.64 -5.65
CA ARG A 74 -4.74 10.02 -4.25
C ARG A 74 -3.63 9.24 -3.57
N LYS A 75 -3.38 8.03 -4.04
CA LYS A 75 -2.33 7.19 -3.48
C LYS A 75 -0.99 7.80 -3.84
N MET A 76 -0.90 8.32 -5.05
CA MET A 76 0.31 8.94 -5.54
C MET A 76 0.55 10.24 -4.79
N LYS A 77 -0.51 11.06 -4.69
CA LYS A 77 -0.53 12.32 -3.89
C LYS A 77 0.38 13.45 -4.46
N ASP A 78 1.46 13.07 -5.16
CA ASP A 78 2.54 13.95 -5.67
C ASP A 78 3.52 14.19 -4.55
N THR A 79 3.38 13.42 -3.52
CA THR A 79 4.24 13.49 -2.37
C THR A 79 4.51 12.04 -1.94
N ASP A 80 4.66 11.19 -2.93
CA ASP A 80 4.91 9.77 -2.69
C ASP A 80 6.37 9.54 -2.38
N SER A 81 7.22 10.30 -3.03
CA SER A 81 8.63 10.10 -2.98
C SER A 81 9.14 10.46 -1.63
N GLU A 82 9.84 9.52 -1.03
CA GLU A 82 10.39 9.59 0.31
C GLU A 82 9.33 9.53 1.39
N GLU A 83 8.27 10.32 1.27
CA GLU A 83 7.30 10.46 2.34
C GLU A 83 6.55 9.17 2.56
N GLU A 84 6.02 8.61 1.49
CA GLU A 84 5.23 7.41 1.63
C GLU A 84 6.14 6.23 1.64
N ILE A 85 7.29 6.40 1.03
CA ILE A 85 8.22 5.32 0.88
C ILE A 85 8.87 5.00 2.22
N ARG A 86 9.13 6.04 2.99
CA ARG A 86 9.67 5.88 4.32
C ARG A 86 8.61 5.34 5.25
N GLU A 87 7.37 5.69 4.98
CA GLU A 87 6.25 5.22 5.76
C GLU A 87 6.08 3.72 5.53
N ALA A 88 6.14 3.35 4.27
CA ALA A 88 6.06 1.96 3.84
C ALA A 88 7.25 1.15 4.34
N PHE A 89 8.36 1.80 4.54
CA PHE A 89 9.53 1.16 5.07
C PHE A 89 9.37 0.95 6.59
N ARG A 90 8.91 2.00 7.25
CA ARG A 90 8.68 2.03 8.69
C ARG A 90 7.67 0.94 9.12
N VAL A 91 6.67 0.74 8.29
CA VAL A 91 5.63 -0.23 8.58
C VAL A 91 6.18 -1.67 8.53
N PHE A 92 7.31 -1.88 7.88
CA PHE A 92 7.90 -3.21 7.84
C PHE A 92 8.98 -3.34 8.90
N ASP A 93 9.91 -2.41 8.92
CA ASP A 93 11.02 -2.45 9.88
C ASP A 93 10.59 -1.92 11.24
N LYS A 94 10.32 -2.83 12.14
CA LYS A 94 9.87 -2.49 13.48
C LYS A 94 11.00 -2.06 14.39
N ASP A 95 12.22 -2.49 14.08
CA ASP A 95 13.33 -2.16 14.98
C ASP A 95 13.87 -0.77 14.67
N GLY A 96 13.47 -0.25 13.54
CA GLY A 96 13.90 1.08 13.14
C GLY A 96 15.37 1.12 12.91
N ASN A 97 15.87 0.12 12.25
CA ASN A 97 17.30 -0.04 12.06
C ASN A 97 17.70 0.40 10.67
N GLY A 98 16.74 0.46 9.77
CA GLY A 98 17.06 0.86 8.41
C GLY A 98 17.38 -0.34 7.55
N TYR A 99 17.08 -1.50 8.08
CA TYR A 99 17.29 -2.77 7.42
C TYR A 99 16.11 -3.66 7.74
N ILE A 100 15.52 -4.28 6.74
CA ILE A 100 14.40 -5.17 6.97
C ILE A 100 14.88 -6.62 6.86
N SER A 101 14.50 -7.43 7.79
CA SER A 101 14.87 -8.82 7.81
C SER A 101 13.70 -9.68 7.29
N ALA A 102 13.99 -10.89 6.84
CA ALA A 102 12.97 -11.82 6.37
C ALA A 102 12.14 -12.28 7.55
N ALA A 103 12.83 -12.57 8.65
CA ALA A 103 12.18 -12.97 9.88
C ALA A 103 11.30 -11.82 10.39
N GLU A 104 11.75 -10.60 10.15
CA GLU A 104 10.96 -9.44 10.49
C GLU A 104 9.73 -9.42 9.63
N LEU A 105 9.94 -9.59 8.33
CA LEU A 105 8.85 -9.52 7.42
C LEU A 105 7.76 -10.50 7.77
N ARG A 106 8.12 -11.76 8.03
CA ARG A 106 7.13 -12.79 8.38
C ARG A 106 6.33 -12.32 9.60
N HIS A 107 7.04 -11.77 10.57
CA HIS A 107 6.47 -11.20 11.78
C HIS A 107 5.38 -10.13 11.44
N VAL A 108 5.73 -9.15 10.65
CA VAL A 108 4.79 -8.08 10.34
C VAL A 108 3.70 -8.57 9.37
N MET A 109 4.04 -9.47 8.47
CA MET A 109 3.11 -9.98 7.47
C MET A 109 1.99 -10.75 8.11
N THR A 110 2.34 -11.59 9.07
CA THR A 110 1.35 -12.32 9.82
C THR A 110 0.45 -11.33 10.58
N ASN A 111 1.05 -10.24 11.04
CA ASN A 111 0.32 -9.20 11.76
C ASN A 111 -0.57 -8.37 10.80
N LEU A 112 -0.18 -8.30 9.53
CA LEU A 112 -0.91 -7.51 8.55
C LEU A 112 -2.00 -8.32 7.87
N GLY A 113 -1.88 -9.63 7.91
CA GLY A 113 -2.86 -10.48 7.28
C GLY A 113 -2.40 -11.01 5.93
N GLU A 114 -1.10 -11.00 5.73
CA GLU A 114 -0.48 -11.49 4.52
C GLU A 114 0.08 -12.88 4.77
N LYS A 115 -0.53 -13.86 4.16
CA LYS A 115 -0.11 -15.24 4.33
C LYS A 115 1.07 -15.58 3.43
N LEU A 116 2.17 -14.99 3.78
CA LEU A 116 3.43 -15.20 3.12
C LEU A 116 4.23 -16.15 4.00
N THR A 117 4.93 -17.09 3.39
CA THR A 117 5.72 -18.04 4.13
C THR A 117 7.09 -17.47 4.44
N ASP A 118 7.87 -18.16 5.28
CA ASP A 118 9.23 -17.72 5.60
C ASP A 118 10.08 -17.74 4.33
N GLU A 119 9.75 -18.67 3.44
CA GLU A 119 10.40 -18.81 2.17
C GLU A 119 10.10 -17.59 1.30
N GLU A 120 8.83 -17.27 1.19
CA GLU A 120 8.39 -16.19 0.36
C GLU A 120 8.86 -14.84 0.86
N VAL A 121 8.79 -14.61 2.17
CA VAL A 121 9.27 -13.33 2.73
C VAL A 121 10.78 -13.18 2.57
N ASP A 122 11.50 -14.29 2.60
CA ASP A 122 12.94 -14.29 2.36
C ASP A 122 13.22 -13.93 0.91
N GLU A 123 12.39 -14.44 0.03
CA GLU A 123 12.46 -14.12 -1.38
C GLU A 123 12.12 -12.66 -1.62
N MET A 124 11.23 -12.12 -0.80
CA MET A 124 10.89 -10.71 -0.84
C MET A 124 12.12 -9.91 -0.50
N ILE A 125 12.83 -10.33 0.54
CA ILE A 125 14.07 -9.67 0.94
C ILE A 125 15.05 -9.67 -0.22
N ARG A 126 15.27 -10.83 -0.82
CA ARG A 126 16.22 -10.97 -1.93
C ARG A 126 15.86 -10.05 -3.13
N GLU A 127 14.58 -9.70 -3.25
CA GLU A 127 14.13 -8.75 -4.26
C GLU A 127 14.68 -7.35 -3.99
N ALA A 128 14.55 -6.89 -2.77
CA ALA A 128 14.90 -5.54 -2.40
C ALA A 128 16.35 -5.41 -1.92
N ASP A 129 16.90 -6.51 -1.44
CA ASP A 129 18.30 -6.58 -1.01
C ASP A 129 19.18 -6.56 -2.26
N ILE A 130 19.66 -5.39 -2.58
CA ILE A 130 20.45 -5.18 -3.76
C ILE A 130 21.91 -5.53 -3.52
N ASP A 131 22.49 -4.93 -2.48
CA ASP A 131 23.91 -5.07 -2.22
C ASP A 131 24.29 -6.37 -1.54
N GLY A 132 23.30 -7.11 -1.11
CA GLY A 132 23.54 -8.43 -0.58
C GLY A 132 24.00 -8.43 0.86
N ASP A 133 23.23 -7.83 1.72
CA ASP A 133 23.59 -7.81 3.13
C ASP A 133 22.72 -8.81 3.87
N GLY A 134 21.65 -9.19 3.22
CA GLY A 134 20.72 -10.15 3.80
C GLY A 134 19.56 -9.45 4.41
N GLN A 135 19.63 -8.15 4.41
CA GLN A 135 18.62 -7.30 4.96
C GLN A 135 18.52 -6.08 4.07
N VAL A 136 17.34 -5.79 3.63
CA VAL A 136 17.09 -4.70 2.72
C VAL A 136 17.14 -3.32 3.40
N ASN A 137 17.91 -2.45 2.84
CA ASN A 137 18.06 -1.08 3.31
C ASN A 137 16.97 -0.19 2.78
N TYR A 138 16.81 0.94 3.42
CA TYR A 138 15.87 1.95 3.01
C TYR A 138 16.31 2.49 1.66
N GLU A 139 17.61 2.64 1.53
CA GLU A 139 18.24 3.15 0.34
C GLU A 139 18.13 2.15 -0.82
N GLU A 140 17.93 0.90 -0.51
CA GLU A 140 17.72 -0.10 -1.54
C GLU A 140 16.24 -0.17 -1.88
N PHE A 141 15.42 -0.07 -0.86
CA PHE A 141 13.99 -0.07 -1.02
C PHE A 141 13.50 1.13 -1.85
N VAL A 142 14.04 2.33 -1.59
CA VAL A 142 13.67 3.52 -2.38
C VAL A 142 14.05 3.35 -3.84
N GLN A 143 15.12 2.59 -4.07
CA GLN A 143 15.63 2.34 -5.39
C GLN A 143 14.67 1.36 -6.08
N MET A 144 14.33 0.28 -5.38
CA MET A 144 13.38 -0.72 -5.89
C MET A 144 12.01 -0.08 -6.17
N MET A 145 11.58 0.76 -5.26
CA MET A 145 10.30 1.47 -5.36
C MET A 145 10.22 2.38 -6.60
N THR A 146 11.35 2.84 -7.08
CA THR A 146 11.38 3.68 -8.25
C THR A 146 11.86 2.90 -9.48
N ALA A 147 12.12 1.62 -9.30
CA ALA A 147 12.64 0.80 -10.36
C ALA A 147 11.53 0.11 -11.12
N LYS A 148 11.09 0.78 -12.17
CA LYS A 148 10.10 0.27 -13.08
C LYS A 148 10.62 0.51 -14.47
N SER B 1 9.31 -1.72 -16.79
CA SER B 1 9.29 -3.15 -16.65
C SER B 1 8.90 -3.51 -15.23
N PRO B 2 8.02 -4.50 -15.04
CA PRO B 2 7.67 -4.97 -13.73
C PRO B 2 8.72 -5.92 -13.17
N ALA B 3 9.63 -6.38 -14.07
CA ALA B 3 10.74 -7.32 -13.78
C ALA B 3 10.27 -8.73 -13.40
N ASN B 4 9.41 -8.80 -12.44
CA ASN B 4 8.84 -10.05 -11.99
C ASN B 4 7.34 -9.90 -11.83
N SER B 5 6.60 -10.64 -12.59
CA SER B 5 5.16 -10.62 -12.49
C SER B 5 4.66 -11.90 -11.80
N PHE B 6 5.52 -12.55 -11.04
CA PHE B 6 5.20 -13.84 -10.47
C PHE B 6 5.39 -13.87 -8.96
N HIS B 7 4.43 -13.30 -8.23
CA HIS B 7 4.36 -13.32 -6.74
C HIS B 7 5.47 -12.63 -5.96
N PHE B 8 6.70 -12.65 -6.44
CA PHE B 8 7.81 -12.05 -5.71
C PHE B 8 7.70 -10.54 -5.64
N LYS B 9 7.61 -9.89 -6.79
CA LYS B 9 7.44 -8.46 -6.84
C LYS B 9 6.04 -8.11 -6.32
N GLU B 10 5.10 -9.01 -6.56
CA GLU B 10 3.72 -8.82 -6.19
C GLU B 10 3.53 -8.86 -4.68
N ALA B 11 4.41 -9.56 -3.99
CA ALA B 11 4.38 -9.63 -2.55
C ALA B 11 4.64 -8.24 -1.99
N TRP B 12 5.62 -7.56 -2.57
CA TRP B 12 5.93 -6.20 -2.18
C TRP B 12 4.78 -5.28 -2.51
N LYS B 13 4.29 -5.37 -3.75
CA LYS B 13 3.17 -4.54 -4.20
C LYS B 13 1.97 -4.69 -3.28
N HIS B 14 1.65 -5.93 -2.93
CA HIS B 14 0.58 -6.19 -1.99
C HIS B 14 0.87 -5.58 -0.65
N ALA B 15 2.00 -5.95 -0.07
CA ALA B 15 2.39 -5.54 1.28
C ALA B 15 2.39 -4.02 1.47
N ILE B 16 3.07 -3.30 0.58
CA ILE B 16 3.18 -1.84 0.71
C ILE B 16 1.81 -1.19 0.61
N GLN B 17 1.01 -1.64 -0.33
CA GLN B 17 -0.29 -1.07 -0.55
C GLN B 17 -1.25 -1.46 0.57
N LYS B 18 -1.19 -2.72 0.97
CA LYS B 18 -1.99 -3.29 2.07
C LYS B 18 -1.79 -2.54 3.36
N ALA B 19 -0.56 -2.23 3.67
CA ALA B 19 -0.21 -1.53 4.88
C ALA B 19 -0.81 -0.13 4.92
N LYS B 20 -0.94 0.47 3.77
CA LYS B 20 -1.41 1.86 3.68
C LYS B 20 -2.88 1.96 3.32
N HIS B 21 -3.46 0.84 2.92
CA HIS B 21 -4.84 0.79 2.44
C HIS B 21 -5.24 -0.69 2.46
N MET B 22 -6.24 -1.04 3.28
CA MET B 22 -6.68 -2.41 3.49
C MET B 22 -7.09 -2.99 2.18
N PRO B 23 -6.89 -4.34 2.00
CA PRO B 23 -6.88 -5.03 0.72
C PRO B 23 -7.05 -4.12 -0.47
N ASP B 24 -5.96 -3.41 -0.74
CA ASP B 24 -5.88 -2.36 -1.74
C ASP B 24 -6.34 -2.86 -3.09
N PRO B 25 -7.50 -2.37 -3.58
CA PRO B 25 -8.02 -2.76 -4.86
C PRO B 25 -7.22 -2.09 -5.95
N TRP B 26 -6.23 -2.78 -6.43
CA TRP B 26 -5.33 -2.26 -7.40
C TRP B 26 -5.30 -3.19 -8.56
N ALA B 27 -5.72 -2.70 -9.66
CA ALA B 27 -5.81 -3.48 -10.85
C ALA B 27 -4.49 -3.46 -11.58
CA CA C . -18.83 -5.79 -11.82
CA CA D . -19.64 4.75 -7.29
N ALA A 1 4.49 17.10 -5.01
CA ALA A 1 3.79 17.47 -6.23
C ALA A 1 2.31 17.49 -5.95
N ASP A 2 1.67 18.58 -6.30
CA ASP A 2 0.22 18.74 -6.07
C ASP A 2 -0.46 19.27 -7.32
N GLN A 3 0.32 19.85 -8.23
CA GLN A 3 -0.22 20.39 -9.47
C GLN A 3 -0.42 19.26 -10.46
N LEU A 4 -1.58 19.21 -11.07
CA LEU A 4 -1.90 18.14 -11.97
C LEU A 4 -2.47 18.71 -13.26
N THR A 5 -2.56 17.90 -14.28
CA THR A 5 -3.04 18.31 -15.57
C THR A 5 -4.58 18.11 -15.69
N GLU A 6 -5.23 19.03 -16.40
CA GLU A 6 -6.70 19.11 -16.57
C GLU A 6 -7.34 17.75 -16.93
N GLU A 7 -6.85 17.14 -18.00
CA GLU A 7 -7.36 15.87 -18.50
C GLU A 7 -7.21 14.76 -17.46
N GLN A 8 -6.07 14.76 -16.79
CA GLN A 8 -5.80 13.78 -15.76
C GLN A 8 -6.77 13.99 -14.60
N ILE A 9 -6.99 15.25 -14.26
CA ILE A 9 -7.92 15.63 -13.23
C ILE A 9 -9.36 15.21 -13.62
N ALA A 10 -9.68 15.30 -14.90
CA ALA A 10 -10.99 14.87 -15.41
C ALA A 10 -11.15 13.36 -15.28
N GLU A 11 -10.06 12.64 -15.55
CA GLU A 11 -10.01 11.20 -15.39
C GLU A 11 -10.29 10.87 -13.92
N PHE A 12 -9.59 11.58 -13.02
CA PHE A 12 -9.80 11.47 -11.60
C PHE A 12 -11.23 11.76 -11.22
N LYS A 13 -11.83 12.83 -11.75
CA LYS A 13 -13.23 13.23 -11.47
C LYS A 13 -14.19 12.04 -11.57
N GLU A 14 -14.09 11.33 -12.66
CA GLU A 14 -14.97 10.22 -12.94
C GLU A 14 -14.76 9.08 -11.94
N ALA A 15 -13.55 8.59 -11.86
CA ALA A 15 -13.25 7.45 -11.02
C ALA A 15 -13.37 7.79 -9.52
N PHE A 16 -13.16 9.04 -9.19
CA PHE A 16 -13.34 9.54 -7.83
C PHE A 16 -14.79 9.39 -7.42
N SER A 17 -15.68 9.71 -8.33
CA SER A 17 -17.10 9.59 -8.08
C SER A 17 -17.52 8.11 -8.05
N LEU A 18 -16.68 7.23 -8.61
CA LEU A 18 -16.89 5.80 -8.51
C LEU A 18 -16.66 5.33 -7.08
N PHE A 19 -15.63 5.86 -6.45
CA PHE A 19 -15.29 5.52 -5.07
C PHE A 19 -16.17 6.28 -4.10
N ASP A 20 -16.50 7.49 -4.46
CA ASP A 20 -17.41 8.30 -3.68
C ASP A 20 -18.84 7.86 -3.95
N LYS A 21 -19.36 7.07 -3.05
CA LYS A 21 -20.64 6.44 -3.18
C LYS A 21 -21.80 7.40 -2.98
N ASP A 22 -21.52 8.65 -2.64
CA ASP A 22 -22.60 9.61 -2.42
C ASP A 22 -22.64 10.63 -3.49
N GLY A 23 -21.57 10.69 -4.28
CA GLY A 23 -21.44 11.69 -5.31
C GLY A 23 -21.37 13.09 -4.72
N ASP A 24 -20.95 13.16 -3.47
CA ASP A 24 -20.95 14.41 -2.72
C ASP A 24 -19.58 15.04 -2.77
N GLY A 25 -18.59 14.25 -3.14
CA GLY A 25 -17.26 14.76 -3.28
C GLY A 25 -16.34 14.43 -2.14
N THR A 26 -16.74 13.60 -1.22
CA THR A 26 -15.86 13.24 -0.14
C THR A 26 -15.83 11.73 0.01
N ILE A 27 -14.67 11.17 0.19
CA ILE A 27 -14.57 9.76 0.43
C ILE A 27 -14.33 9.55 1.91
N THR A 28 -15.28 8.95 2.56
CA THR A 28 -15.17 8.64 3.97
C THR A 28 -14.47 7.29 4.17
N THR A 29 -14.17 6.97 5.42
CA THR A 29 -13.54 5.72 5.76
C THR A 29 -14.48 4.56 5.47
N LYS A 30 -15.77 4.83 5.63
CA LYS A 30 -16.82 3.86 5.36
C LYS A 30 -16.80 3.50 3.89
N GLU A 31 -16.70 4.50 3.05
CA GLU A 31 -16.65 4.30 1.62
C GLU A 31 -15.37 3.59 1.22
N LEU A 32 -14.24 3.98 1.84
CA LEU A 32 -12.96 3.32 1.60
C LEU A 32 -13.08 1.85 1.90
N GLY A 33 -13.40 1.53 3.14
CA GLY A 33 -13.45 0.14 3.55
C GLY A 33 -14.44 -0.67 2.77
N THR A 34 -15.50 -0.06 2.29
CA THR A 34 -16.47 -0.78 1.50
C THR A 34 -15.93 -1.10 0.08
N VAL A 35 -15.31 -0.12 -0.59
CA VAL A 35 -14.77 -0.35 -1.94
C VAL A 35 -13.53 -1.23 -1.86
N MET A 36 -12.86 -1.13 -0.75
CA MET A 36 -11.69 -1.92 -0.46
C MET A 36 -12.08 -3.32 -0.05
N ARG A 37 -13.26 -3.46 0.53
CA ARG A 37 -13.81 -4.76 0.91
C ARG A 37 -14.14 -5.56 -0.35
N SER A 38 -14.47 -4.84 -1.42
CA SER A 38 -14.68 -5.44 -2.71
C SER A 38 -13.34 -6.04 -3.21
N LEU A 39 -12.24 -5.37 -2.89
CA LEU A 39 -10.89 -5.81 -3.28
C LEU A 39 -10.33 -6.85 -2.33
N GLY A 40 -10.85 -6.88 -1.13
CA GLY A 40 -10.42 -7.85 -0.17
C GLY A 40 -9.60 -7.28 0.98
N GLN A 41 -9.78 -6.01 1.29
CA GLN A 41 -9.08 -5.41 2.44
C GLN A 41 -10.02 -4.48 3.17
N ASN A 42 -10.23 -4.72 4.44
CA ASN A 42 -11.02 -3.79 5.23
C ASN A 42 -10.44 -3.63 6.63
N PRO A 43 -9.54 -2.65 6.78
CA PRO A 43 -8.92 -2.34 8.06
C PRO A 43 -9.87 -1.59 8.99
N THR A 44 -9.44 -1.41 10.20
CA THR A 44 -10.20 -0.71 11.18
C THR A 44 -10.21 0.81 10.92
N GLU A 45 -11.14 1.48 11.58
CA GLU A 45 -11.38 2.92 11.44
C GLU A 45 -10.09 3.71 11.65
N ALA A 46 -9.37 3.37 12.70
CA ALA A 46 -8.13 4.05 13.07
C ALA A 46 -7.10 4.02 11.95
N GLU A 47 -6.95 2.87 11.31
CA GLU A 47 -5.96 2.69 10.25
C GLU A 47 -6.27 3.59 9.06
N LEU A 48 -7.54 3.63 8.72
CA LEU A 48 -8.02 4.41 7.62
C LEU A 48 -7.90 5.90 7.92
N GLN A 49 -8.34 6.29 9.11
CA GLN A 49 -8.31 7.67 9.57
C GLN A 49 -6.86 8.18 9.56
N ASP A 50 -5.98 7.35 10.09
CA ASP A 50 -4.54 7.65 10.18
C ASP A 50 -3.91 7.82 8.79
N MET A 51 -4.44 7.10 7.81
CA MET A 51 -3.91 7.22 6.46
C MET A 51 -4.51 8.43 5.76
N ILE A 52 -5.80 8.66 5.96
CA ILE A 52 -6.48 9.82 5.40
C ILE A 52 -5.79 11.08 5.86
N ASN A 53 -5.45 11.12 7.13
CA ASN A 53 -4.81 12.26 7.79
C ASN A 53 -3.49 12.72 7.10
N GLU A 54 -2.89 11.87 6.28
CA GLU A 54 -1.73 12.19 5.58
C GLU A 54 -2.05 13.20 4.48
N VAL A 55 -3.14 12.98 3.78
CA VAL A 55 -3.52 13.83 2.67
C VAL A 55 -4.51 14.88 3.14
N ASP A 56 -5.21 14.54 4.20
CA ASP A 56 -6.25 15.36 4.75
C ASP A 56 -5.66 16.62 5.34
N ALA A 57 -6.01 17.72 4.78
CA ALA A 57 -5.51 18.98 5.22
C ALA A 57 -6.21 19.40 6.50
N ASP A 58 -7.44 18.93 6.67
CA ASP A 58 -8.24 19.35 7.80
C ASP A 58 -8.08 18.36 8.91
N GLY A 59 -7.50 17.21 8.59
CA GLY A 59 -7.40 16.09 9.53
C GLY A 59 -8.77 15.72 10.05
N ASN A 60 -9.77 15.78 9.19
CA ASN A 60 -11.15 15.62 9.60
C ASN A 60 -11.71 14.26 9.25
N GLY A 61 -10.96 13.49 8.50
CA GLY A 61 -11.36 12.13 8.25
C GLY A 61 -12.03 11.92 6.92
N THR A 62 -11.76 12.80 5.99
CA THR A 62 -12.30 12.68 4.65
C THR A 62 -11.29 13.18 3.64
N ILE A 63 -11.09 12.39 2.60
CA ILE A 63 -10.22 12.77 1.50
C ILE A 63 -11.10 13.44 0.47
N ASP A 64 -10.95 14.72 0.31
CA ASP A 64 -11.72 15.43 -0.69
C ASP A 64 -10.96 15.31 -2.01
N PHE A 65 -11.48 15.86 -3.06
CA PHE A 65 -10.91 15.70 -4.38
C PHE A 65 -9.49 16.31 -4.49
N PRO A 66 -9.27 17.62 -4.15
CA PRO A 66 -7.94 18.23 -4.14
C PRO A 66 -6.91 17.42 -3.33
N GLU A 67 -7.35 16.89 -2.18
CA GLU A 67 -6.47 16.10 -1.31
C GLU A 67 -6.08 14.81 -2.01
N PHE A 68 -7.05 14.21 -2.68
CA PHE A 68 -6.85 13.01 -3.47
C PHE A 68 -5.88 13.29 -4.63
N LEU A 69 -6.03 14.44 -5.26
CA LEU A 69 -5.13 14.86 -6.34
C LEU A 69 -3.72 14.98 -5.83
N THR A 70 -3.55 15.67 -4.70
CA THR A 70 -2.25 15.85 -4.09
C THR A 70 -1.61 14.47 -3.79
N MET A 71 -2.42 13.56 -3.25
CA MET A 71 -1.97 12.21 -2.89
C MET A 71 -1.40 11.45 -4.07
N MET A 72 -2.04 11.52 -5.20
CA MET A 72 -1.56 10.78 -6.33
C MET A 72 -0.50 11.54 -7.11
N ALA A 73 -0.61 12.85 -7.16
CA ALA A 73 0.35 13.68 -7.90
C ALA A 73 1.77 13.56 -7.31
N ARG A 74 1.85 13.54 -5.97
CA ARG A 74 3.15 13.41 -5.26
C ARG A 74 3.76 12.04 -5.54
N LYS A 75 2.91 11.10 -5.83
CA LYS A 75 3.25 9.71 -6.04
C LYS A 75 3.63 9.50 -7.50
N MET A 76 3.05 10.33 -8.36
CA MET A 76 3.22 10.29 -9.79
C MET A 76 4.56 10.88 -10.21
N LYS A 77 4.71 12.17 -10.01
CA LYS A 77 5.89 12.86 -10.48
C LYS A 77 6.88 13.09 -9.38
N ASP A 78 7.78 12.13 -9.23
CA ASP A 78 8.91 12.16 -8.29
C ASP A 78 8.51 12.42 -6.87
N THR A 79 8.43 11.40 -6.09
CA THR A 79 8.17 11.58 -4.69
C THR A 79 9.49 11.91 -3.97
N ASP A 80 10.10 13.03 -4.38
CA ASP A 80 11.35 13.49 -3.81
C ASP A 80 11.03 14.21 -2.53
N SER A 81 10.85 13.41 -1.55
CA SER A 81 10.40 13.74 -0.21
C SER A 81 10.48 12.43 0.54
N GLU A 82 10.29 11.33 -0.24
CA GLU A 82 10.40 9.95 0.21
C GLU A 82 9.37 9.61 1.25
N GLU A 83 8.29 10.34 1.27
CA GLU A 83 7.25 10.15 2.27
C GLU A 83 6.58 8.79 2.18
N GLU A 84 5.96 8.50 1.01
CA GLU A 84 5.31 7.20 0.74
C GLU A 84 6.30 6.07 0.98
N ILE A 85 7.51 6.35 0.59
CA ILE A 85 8.59 5.41 0.59
C ILE A 85 8.97 5.04 2.02
N ARG A 86 9.20 6.05 2.82
CA ARG A 86 9.60 5.87 4.19
C ARG A 86 8.47 5.35 5.04
N GLU A 87 7.23 5.72 4.69
CA GLU A 87 6.07 5.17 5.39
C GLU A 87 6.01 3.66 5.21
N ALA A 88 6.24 3.22 3.99
CA ALA A 88 6.25 1.80 3.70
C ALA A 88 7.45 1.13 4.36
N PHE A 89 8.55 1.85 4.44
CA PHE A 89 9.73 1.31 5.06
C PHE A 89 9.51 1.09 6.56
N ARG A 90 9.02 2.12 7.26
CA ARG A 90 8.83 2.11 8.66
C ARG A 90 7.75 1.11 9.09
N VAL A 91 6.88 0.73 8.19
CA VAL A 91 5.90 -0.26 8.56
C VAL A 91 6.48 -1.70 8.46
N PHE A 92 7.45 -1.89 7.56
CA PHE A 92 8.11 -3.20 7.43
C PHE A 92 9.21 -3.32 8.46
N ASP A 93 10.05 -2.29 8.55
CA ASP A 93 11.10 -2.23 9.56
C ASP A 93 10.40 -1.88 10.85
N LYS A 94 10.26 -2.85 11.69
CA LYS A 94 9.43 -2.74 12.85
C LYS A 94 10.09 -1.95 13.99
N ASP A 95 11.39 -1.78 13.92
CA ASP A 95 12.08 -1.06 15.00
C ASP A 95 12.70 0.25 14.51
N GLY A 96 12.75 0.42 13.22
CA GLY A 96 13.37 1.59 12.65
C GLY A 96 14.86 1.43 12.77
N ASN A 97 15.36 0.35 12.24
CA ASN A 97 16.76 -0.01 12.36
C ASN A 97 17.51 0.35 11.09
N GLY A 98 16.78 0.54 10.02
CA GLY A 98 17.37 0.87 8.74
C GLY A 98 17.65 -0.38 7.95
N TYR A 99 17.09 -1.48 8.43
CA TYR A 99 17.29 -2.80 7.87
C TYR A 99 16.03 -3.59 8.08
N ILE A 100 15.55 -4.19 7.04
CA ILE A 100 14.40 -5.07 7.15
C ILE A 100 14.92 -6.48 7.07
N SER A 101 14.48 -7.30 7.97
CA SER A 101 14.92 -8.67 7.99
C SER A 101 13.80 -9.62 7.58
N ALA A 102 14.16 -10.84 7.16
CA ALA A 102 13.19 -11.80 6.64
C ALA A 102 12.18 -12.24 7.70
N ALA A 103 12.67 -12.57 8.88
CA ALA A 103 11.80 -12.98 9.99
C ALA A 103 10.86 -11.85 10.36
N GLU A 104 11.39 -10.67 10.38
CA GLU A 104 10.67 -9.46 10.71
C GLU A 104 9.55 -9.20 9.71
N LEU A 105 9.83 -9.44 8.45
CA LEU A 105 8.86 -9.29 7.41
C LEU A 105 7.69 -10.27 7.70
N ARG A 106 8.03 -11.51 8.09
CA ARG A 106 7.01 -12.49 8.50
C ARG A 106 6.23 -11.99 9.72
N HIS A 107 6.94 -11.39 10.67
CA HIS A 107 6.31 -10.85 11.87
C HIS A 107 5.22 -9.83 11.53
N VAL A 108 5.55 -8.85 10.68
CA VAL A 108 4.57 -7.85 10.32
C VAL A 108 3.47 -8.47 9.47
N MET A 109 3.82 -9.45 8.64
CA MET A 109 2.85 -10.11 7.79
C MET A 109 1.86 -10.90 8.59
N THR A 110 2.32 -11.50 9.68
CA THR A 110 1.45 -12.23 10.58
C THR A 110 0.44 -11.25 11.18
N ASN A 111 0.90 -10.04 11.45
CA ASN A 111 0.06 -8.97 11.98
C ASN A 111 -0.94 -8.51 10.90
N LEU A 112 -0.50 -8.53 9.65
CA LEU A 112 -1.27 -7.98 8.54
C LEU A 112 -2.23 -9.00 7.94
N GLY A 113 -1.96 -10.26 8.18
CA GLY A 113 -2.79 -11.32 7.65
C GLY A 113 -2.65 -11.49 6.15
N GLU A 114 -1.45 -11.21 5.63
CA GLU A 114 -1.21 -11.30 4.20
C GLU A 114 -0.96 -12.75 3.80
N LYS A 115 -0.49 -13.53 4.77
CA LYS A 115 -0.21 -14.97 4.60
C LYS A 115 1.01 -15.18 3.69
N LEU A 116 2.18 -14.87 4.19
CA LEU A 116 3.40 -15.05 3.43
C LEU A 116 4.30 -16.05 4.15
N THR A 117 4.77 -17.01 3.42
CA THR A 117 5.65 -18.01 3.96
C THR A 117 7.10 -17.51 3.98
N ASP A 118 7.98 -18.31 4.58
CA ASP A 118 9.41 -17.98 4.70
C ASP A 118 10.02 -17.73 3.33
N GLU A 119 9.69 -18.61 2.39
CA GLU A 119 10.20 -18.52 1.02
C GLU A 119 9.90 -17.16 0.41
N GLU A 120 8.68 -16.72 0.61
CA GLU A 120 8.20 -15.49 0.02
C GLU A 120 8.85 -14.28 0.62
N VAL A 121 8.89 -14.23 1.94
CA VAL A 121 9.47 -13.08 2.61
C VAL A 121 10.98 -13.03 2.37
N ASP A 122 11.60 -14.20 2.28
CA ASP A 122 13.03 -14.32 2.05
C ASP A 122 13.36 -13.89 0.63
N GLU A 123 12.51 -14.29 -0.31
CA GLU A 123 12.70 -13.91 -1.69
C GLU A 123 12.54 -12.38 -1.81
N MET A 124 11.54 -11.84 -1.12
CA MET A 124 11.29 -10.39 -1.08
C MET A 124 12.51 -9.63 -0.58
N ILE A 125 13.04 -10.07 0.56
CA ILE A 125 14.22 -9.44 1.13
C ILE A 125 15.35 -9.46 0.11
N ARG A 126 15.54 -10.61 -0.49
CA ARG A 126 16.59 -10.82 -1.48
C ARG A 126 16.41 -9.95 -2.74
N GLU A 127 15.17 -9.63 -3.09
CA GLU A 127 14.92 -8.76 -4.23
C GLU A 127 15.35 -7.33 -3.92
N ALA A 128 15.03 -6.88 -2.72
CA ALA A 128 15.33 -5.51 -2.34
C ALA A 128 16.79 -5.34 -1.89
N ASP A 129 17.32 -6.37 -1.29
CA ASP A 129 18.72 -6.42 -0.83
C ASP A 129 19.65 -6.45 -2.02
N ILE A 130 20.32 -5.36 -2.26
CA ILE A 130 21.19 -5.23 -3.39
C ILE A 130 22.57 -5.84 -3.09
N ASP A 131 23.07 -5.59 -1.89
CA ASP A 131 24.43 -6.02 -1.51
C ASP A 131 24.48 -7.52 -1.20
N GLY A 132 23.33 -8.13 -1.08
CA GLY A 132 23.28 -9.54 -0.80
C GLY A 132 23.78 -9.81 0.61
N ASP A 133 23.28 -9.03 1.52
CA ASP A 133 23.67 -9.12 2.92
C ASP A 133 22.62 -9.90 3.71
N GLY A 134 21.47 -10.05 3.12
CA GLY A 134 20.40 -10.79 3.76
C GLY A 134 19.41 -9.89 4.43
N GLN A 135 19.70 -8.60 4.40
CA GLN A 135 18.86 -7.58 4.97
C GLN A 135 18.79 -6.45 3.99
N VAL A 136 17.64 -5.84 3.87
CA VAL A 136 17.44 -4.74 2.97
C VAL A 136 17.49 -3.41 3.70
N ASN A 137 18.34 -2.52 3.21
CA ASN A 137 18.47 -1.16 3.77
C ASN A 137 17.45 -0.24 3.17
N TYR A 138 17.33 0.94 3.75
CA TYR A 138 16.38 1.94 3.26
C TYR A 138 16.71 2.31 1.82
N GLU A 139 17.98 2.54 1.55
CA GLU A 139 18.47 2.93 0.24
C GLU A 139 18.19 1.84 -0.81
N GLU A 140 18.17 0.62 -0.37
CA GLU A 140 17.94 -0.49 -1.25
C GLU A 140 16.45 -0.66 -1.48
N PHE A 141 15.67 -0.40 -0.44
CA PHE A 141 14.24 -0.47 -0.51
C PHE A 141 13.68 0.65 -1.39
N VAL A 142 14.24 1.87 -1.28
CA VAL A 142 13.76 3.01 -2.10
C VAL A 142 13.87 2.68 -3.58
N GLN A 143 14.91 1.93 -3.92
CA GLN A 143 15.19 1.53 -5.28
C GLN A 143 14.03 0.70 -5.88
N MET A 144 13.45 -0.19 -5.08
CA MET A 144 12.32 -0.98 -5.54
C MET A 144 11.01 -0.29 -5.35
N MET A 145 10.89 0.45 -4.27
CA MET A 145 9.64 1.13 -3.92
C MET A 145 9.23 2.13 -5.00
N THR A 146 10.20 2.86 -5.56
CA THR A 146 9.89 3.80 -6.60
C THR A 146 10.08 3.17 -8.00
N ALA A 147 10.26 1.86 -8.03
CA ALA A 147 10.41 1.15 -9.28
C ALA A 147 9.07 0.59 -9.70
N LYS A 148 9.02 0.02 -10.87
CA LYS A 148 7.80 -0.57 -11.37
C LYS A 148 7.62 -1.95 -10.76
N SER B 1 6.40 -11.15 -17.66
CA SER B 1 6.14 -10.94 -16.25
C SER B 1 7.40 -10.42 -15.54
N PRO B 2 7.25 -9.33 -14.73
CA PRO B 2 8.36 -8.77 -13.94
C PRO B 2 8.99 -9.83 -13.04
N ALA B 3 8.16 -10.51 -12.26
CA ALA B 3 8.62 -11.58 -11.44
C ALA B 3 8.57 -12.85 -12.25
N ASN B 4 9.63 -13.62 -12.20
CA ASN B 4 9.77 -14.83 -13.03
C ASN B 4 8.67 -15.86 -12.74
N SER B 5 8.29 -15.97 -11.49
CA SER B 5 7.26 -16.91 -11.08
C SER B 5 5.86 -16.26 -11.18
N PHE B 6 5.82 -14.93 -11.23
CA PHE B 6 4.58 -14.12 -11.15
C PHE B 6 3.90 -14.39 -9.81
N HIS B 7 4.11 -13.48 -8.88
CA HIS B 7 3.68 -13.64 -7.49
C HIS B 7 4.26 -12.51 -6.67
N PHE B 8 5.49 -12.13 -6.99
CA PHE B 8 6.22 -11.19 -6.16
C PHE B 8 5.92 -9.74 -6.40
N LYS B 9 5.91 -9.28 -7.66
CA LYS B 9 5.60 -7.91 -7.97
C LYS B 9 4.18 -7.60 -7.48
N GLU B 10 3.35 -8.58 -7.65
CA GLU B 10 1.98 -8.58 -7.25
C GLU B 10 1.90 -8.46 -5.72
N ALA B 11 2.68 -9.29 -5.05
CA ALA B 11 2.73 -9.30 -3.61
C ALA B 11 3.36 -8.03 -3.05
N TRP B 12 4.32 -7.45 -3.76
CA TRP B 12 4.93 -6.18 -3.30
C TRP B 12 3.93 -5.06 -3.27
N LYS B 13 3.11 -4.98 -4.32
CA LYS B 13 2.09 -3.96 -4.40
C LYS B 13 1.13 -4.16 -3.26
N HIS B 14 0.75 -5.41 -3.10
CA HIS B 14 -0.12 -5.83 -2.00
C HIS B 14 0.51 -5.55 -0.64
N ALA B 15 1.78 -5.85 -0.48
CA ALA B 15 2.51 -5.66 0.77
C ALA B 15 2.49 -4.22 1.23
N ILE B 16 2.93 -3.30 0.38
CA ILE B 16 2.97 -1.88 0.76
C ILE B 16 1.57 -1.33 1.01
N GLN B 17 0.62 -1.86 0.28
CA GLN B 17 -0.78 -1.53 0.40
C GLN B 17 -1.33 -2.03 1.73
N LYS B 18 -1.13 -3.30 2.01
CA LYS B 18 -1.63 -3.94 3.22
C LYS B 18 -0.94 -3.41 4.47
N ALA B 19 0.36 -3.27 4.41
CA ALA B 19 1.16 -2.85 5.55
C ALA B 19 0.75 -1.47 6.05
N LYS B 20 0.68 -0.51 5.14
CA LYS B 20 0.26 0.83 5.52
C LYS B 20 -1.26 0.91 5.68
N HIS B 21 -1.95 -0.17 5.27
CA HIS B 21 -3.42 -0.23 5.25
C HIS B 21 -3.94 0.84 4.35
N MET B 22 -3.30 0.92 3.22
CA MET B 22 -3.57 1.90 2.22
C MET B 22 -4.92 1.71 1.65
N PRO B 23 -5.75 2.74 1.69
CA PRO B 23 -6.98 2.73 0.96
C PRO B 23 -6.63 2.67 -0.51
N ASP B 24 -5.54 3.41 -0.82
CA ASP B 24 -4.92 3.55 -2.14
C ASP B 24 -6.01 3.65 -3.20
N PRO B 25 -6.83 4.73 -3.16
CA PRO B 25 -7.98 4.86 -4.02
C PRO B 25 -7.61 4.78 -5.48
N TRP B 26 -7.93 3.64 -6.09
CA TRP B 26 -7.65 3.35 -7.50
C TRP B 26 -8.63 4.09 -8.39
N ALA B 27 -8.86 5.32 -8.07
CA ALA B 27 -9.73 6.14 -8.78
C ALA B 27 -8.89 6.99 -9.69
CA CA C . -19.15 10.19 0.02
CA CA D . -10.21 16.82 4.15
N ALA A 1 -6.82 23.86 -0.12
CA ALA A 1 -5.88 23.88 -1.24
C ALA A 1 -5.44 22.47 -1.57
N ASP A 2 -5.72 22.03 -2.78
CA ASP A 2 -5.33 20.68 -3.17
C ASP A 2 -4.01 20.72 -3.90
N GLN A 3 -4.03 21.41 -5.04
CA GLN A 3 -2.91 21.49 -5.97
C GLN A 3 -2.64 20.13 -6.57
N LEU A 4 -3.53 19.69 -7.40
CA LEU A 4 -3.42 18.40 -7.99
C LEU A 4 -3.49 18.55 -9.49
N THR A 5 -2.85 17.65 -10.17
CA THR A 5 -2.84 17.64 -11.60
C THR A 5 -4.15 17.05 -12.16
N GLU A 6 -4.59 17.62 -13.27
CA GLU A 6 -5.87 17.27 -13.90
C GLU A 6 -5.99 15.78 -14.23
N GLU A 7 -4.92 15.20 -14.78
CA GLU A 7 -4.90 13.79 -15.13
C GLU A 7 -5.00 12.94 -13.87
N GLN A 8 -4.30 13.35 -12.84
CA GLN A 8 -4.30 12.65 -11.57
C GLN A 8 -5.71 12.67 -10.98
N ILE A 9 -6.36 13.83 -11.05
CA ILE A 9 -7.73 13.97 -10.58
C ILE A 9 -8.67 13.08 -11.41
N ALA A 10 -8.39 13.00 -12.70
CA ALA A 10 -9.16 12.15 -13.62
C ALA A 10 -9.03 10.69 -13.22
N GLU A 11 -7.81 10.29 -12.85
CA GLU A 11 -7.55 8.94 -12.36
C GLU A 11 -8.34 8.68 -11.10
N PHE A 12 -8.34 9.66 -10.18
CA PHE A 12 -9.09 9.56 -8.96
C PHE A 12 -10.57 9.40 -9.24
N LYS A 13 -11.12 10.24 -10.11
CA LYS A 13 -12.55 10.18 -10.49
C LYS A 13 -12.99 8.77 -10.88
N GLU A 14 -12.16 8.11 -11.67
CA GLU A 14 -12.47 6.80 -12.16
C GLU A 14 -12.47 5.77 -11.02
N ALA A 15 -11.34 5.64 -10.35
CA ALA A 15 -11.15 4.63 -9.32
C ALA A 15 -12.02 4.89 -8.08
N PHE A 16 -12.23 6.14 -7.77
CA PHE A 16 -13.05 6.55 -6.64
C PHE A 16 -14.49 6.10 -6.85
N SER A 17 -14.99 6.31 -8.05
CA SER A 17 -16.34 5.90 -8.38
C SER A 17 -16.43 4.37 -8.55
N LEU A 18 -15.27 3.75 -8.72
CA LEU A 18 -15.18 2.32 -8.83
C LEU A 18 -15.27 1.70 -7.43
N PHE A 19 -14.41 2.14 -6.52
CA PHE A 19 -14.34 1.52 -5.20
C PHE A 19 -15.45 2.01 -4.26
N ASP A 20 -16.03 3.19 -4.55
CA ASP A 20 -17.22 3.65 -3.82
C ASP A 20 -18.35 2.74 -4.17
N LYS A 21 -18.63 1.82 -3.30
CA LYS A 21 -19.54 0.74 -3.54
C LYS A 21 -20.99 1.14 -3.83
N ASP A 22 -21.32 2.41 -3.69
CA ASP A 22 -22.69 2.87 -3.96
C ASP A 22 -22.68 3.71 -5.22
N GLY A 23 -21.48 4.11 -5.63
CA GLY A 23 -21.31 4.98 -6.76
C GLY A 23 -21.88 6.35 -6.49
N ASP A 24 -21.87 6.76 -5.24
CA ASP A 24 -22.48 8.03 -4.88
C ASP A 24 -21.41 9.08 -4.62
N GLY A 25 -20.21 8.65 -4.40
CA GLY A 25 -19.15 9.58 -4.24
C GLY A 25 -18.83 9.96 -2.79
N THR A 26 -19.48 9.38 -1.82
CA THR A 26 -19.04 9.58 -0.46
C THR A 26 -18.77 8.26 0.19
N ILE A 27 -17.63 8.13 0.79
CA ILE A 27 -17.18 6.89 1.35
C ILE A 27 -17.60 6.78 2.79
N THR A 28 -18.24 5.70 3.11
CA THR A 28 -18.60 5.38 4.45
C THR A 28 -17.64 4.31 4.99
N THR A 29 -17.66 4.10 6.29
CA THR A 29 -16.79 3.15 6.97
C THR A 29 -16.86 1.73 6.38
N LYS A 30 -18.07 1.27 6.12
CA LYS A 30 -18.32 -0.06 5.60
C LYS A 30 -17.63 -0.27 4.25
N GLU A 31 -17.58 0.78 3.45
CA GLU A 31 -16.98 0.71 2.12
C GLU A 31 -15.48 0.55 2.21
N LEU A 32 -14.87 1.24 3.17
CA LEU A 32 -13.44 1.11 3.43
C LEU A 32 -13.15 -0.32 3.79
N GLY A 33 -13.96 -0.83 4.70
CA GLY A 33 -13.80 -2.19 5.15
C GLY A 33 -14.07 -3.18 4.04
N THR A 34 -14.87 -2.81 3.06
CA THR A 34 -15.17 -3.70 1.94
C THR A 34 -13.93 -3.89 1.06
N VAL A 35 -13.28 -2.80 0.68
CA VAL A 35 -12.10 -2.89 -0.16
C VAL A 35 -10.91 -3.48 0.61
N MET A 36 -10.89 -3.24 1.92
CA MET A 36 -9.88 -3.83 2.79
C MET A 36 -10.12 -5.34 2.91
N ARG A 37 -11.39 -5.70 3.05
CA ARG A 37 -11.86 -7.10 3.14
C ARG A 37 -11.41 -7.87 1.90
N SER A 38 -11.47 -7.20 0.77
CA SER A 38 -11.05 -7.77 -0.51
C SER A 38 -9.55 -8.05 -0.53
N LEU A 39 -8.78 -7.23 0.17
CA LEU A 39 -7.34 -7.42 0.25
C LEU A 39 -6.99 -8.35 1.41
N GLY A 40 -7.95 -8.58 2.27
CA GLY A 40 -7.79 -9.49 3.37
C GLY A 40 -7.42 -8.79 4.65
N GLN A 41 -8.12 -7.72 4.97
CA GLN A 41 -7.91 -7.02 6.20
C GLN A 41 -9.22 -6.44 6.62
N ASN A 42 -9.59 -6.65 7.83
CA ASN A 42 -10.86 -6.14 8.30
C ASN A 42 -10.74 -5.42 9.63
N PRO A 43 -10.32 -4.15 9.60
CA PRO A 43 -10.29 -3.31 10.79
C PRO A 43 -11.71 -2.98 11.24
N THR A 44 -11.87 -2.58 12.46
CA THR A 44 -13.19 -2.31 12.95
C THR A 44 -13.65 -0.92 12.49
N GLU A 45 -14.96 -0.70 12.45
CA GLU A 45 -15.53 0.56 11.98
C GLU A 45 -15.02 1.79 12.73
N ALA A 46 -14.67 1.63 13.99
CA ALA A 46 -14.10 2.72 14.78
C ALA A 46 -12.78 3.21 14.15
N GLU A 47 -11.95 2.26 13.72
CA GLU A 47 -10.66 2.58 13.08
C GLU A 47 -10.91 3.26 11.75
N LEU A 48 -11.86 2.72 11.02
CA LEU A 48 -12.22 3.21 9.70
C LEU A 48 -12.78 4.63 9.79
N GLN A 49 -13.56 4.89 10.82
CA GLN A 49 -14.17 6.18 11.02
C GLN A 49 -13.12 7.24 11.30
N ASP A 50 -12.11 6.86 12.06
CA ASP A 50 -11.01 7.76 12.40
C ASP A 50 -10.23 8.10 11.14
N MET A 51 -10.05 7.09 10.28
CA MET A 51 -9.38 7.24 8.98
C MET A 51 -10.15 8.24 8.11
N ILE A 52 -11.46 8.16 8.16
CA ILE A 52 -12.33 9.07 7.43
C ILE A 52 -12.20 10.48 7.98
N ASN A 53 -12.26 10.59 9.29
CA ASN A 53 -12.30 11.87 9.97
C ASN A 53 -11.00 12.69 9.76
N GLU A 54 -9.95 12.05 9.24
CA GLU A 54 -8.74 12.65 8.93
C GLU A 54 -8.95 13.71 7.85
N VAL A 55 -9.80 13.41 6.90
CA VAL A 55 -10.07 14.32 5.81
C VAL A 55 -11.49 14.86 5.86
N ASP A 56 -12.32 14.27 6.71
CA ASP A 56 -13.70 14.70 6.81
C ASP A 56 -13.81 16.03 7.51
N ALA A 57 -14.02 17.04 6.74
CA ALA A 57 -14.09 18.38 7.21
C ALA A 57 -15.50 18.76 7.65
N ASP A 58 -16.46 17.92 7.33
CA ASP A 58 -17.85 18.24 7.66
C ASP A 58 -18.23 17.66 9.00
N GLY A 59 -17.39 16.79 9.51
CA GLY A 59 -17.64 16.14 10.78
C GLY A 59 -18.90 15.30 10.73
N ASN A 60 -19.14 14.68 9.60
CA ASN A 60 -20.34 13.88 9.41
C ASN A 60 -20.00 12.42 9.20
N GLY A 61 -18.74 12.14 8.99
CA GLY A 61 -18.28 10.78 8.92
C GLY A 61 -18.16 10.21 7.53
N THR A 62 -18.12 11.04 6.51
CA THR A 62 -17.96 10.54 5.13
C THR A 62 -16.89 11.33 4.38
N ILE A 63 -16.12 10.65 3.53
CA ILE A 63 -15.08 11.30 2.72
C ILE A 63 -15.68 11.69 1.37
N ASP A 64 -15.80 12.96 1.13
CA ASP A 64 -16.30 13.45 -0.15
C ASP A 64 -15.17 13.51 -1.14
N PHE A 65 -15.51 13.56 -2.42
CA PHE A 65 -14.52 13.66 -3.49
C PHE A 65 -13.59 14.89 -3.29
N PRO A 66 -14.14 16.13 -3.03
CA PRO A 66 -13.33 17.31 -2.71
C PRO A 66 -12.31 17.02 -1.58
N GLU A 67 -12.76 16.34 -0.53
CA GLU A 67 -11.91 16.02 0.62
C GLU A 67 -10.88 14.97 0.24
N PHE A 68 -11.32 14.04 -0.60
CA PHE A 68 -10.51 12.94 -1.06
C PHE A 68 -9.32 13.48 -1.85
N LEU A 69 -9.59 14.46 -2.70
CA LEU A 69 -8.54 15.08 -3.47
C LEU A 69 -7.54 15.73 -2.56
N THR A 70 -8.01 16.45 -1.55
CA THR A 70 -7.16 17.11 -0.57
C THR A 70 -6.24 16.08 0.13
N MET A 71 -6.80 14.91 0.44
CA MET A 71 -6.12 13.82 1.11
C MET A 71 -4.86 13.39 0.38
N MET A 72 -5.02 13.05 -0.87
CA MET A 72 -3.89 12.62 -1.65
C MET A 72 -3.05 13.75 -2.15
N ALA A 73 -3.67 14.84 -2.55
CA ALA A 73 -2.94 15.99 -3.12
C ALA A 73 -1.95 16.59 -2.13
N ARG A 74 -2.30 16.55 -0.86
CA ARG A 74 -1.41 17.03 0.16
C ARG A 74 -0.42 15.95 0.56
N LYS A 75 -0.73 14.73 0.24
CA LYS A 75 0.13 13.62 0.56
C LYS A 75 1.20 13.49 -0.50
N MET A 76 0.79 13.53 -1.75
CA MET A 76 1.69 13.42 -2.87
C MET A 76 1.96 14.73 -3.55
N LYS A 77 3.12 15.26 -3.31
CA LYS A 77 3.58 16.46 -3.94
C LYS A 77 4.83 16.12 -4.72
N ASP A 78 5.86 15.79 -3.98
CA ASP A 78 7.17 15.38 -4.48
C ASP A 78 7.63 14.27 -3.58
N THR A 79 6.63 13.61 -3.13
CA THR A 79 6.59 12.54 -2.16
C THR A 79 7.34 11.26 -2.65
N ASP A 80 7.78 11.30 -3.89
CA ASP A 80 8.49 10.21 -4.56
C ASP A 80 9.85 10.01 -3.94
N SER A 81 10.39 11.07 -3.37
CA SER A 81 11.72 11.07 -2.87
C SER A 81 11.84 10.28 -1.56
N GLU A 82 10.99 10.58 -0.60
CA GLU A 82 11.05 9.89 0.68
C GLU A 82 9.71 9.77 1.38
N GLU A 83 8.87 10.80 1.32
CA GLU A 83 7.65 10.90 2.16
C GLU A 83 6.83 9.60 2.31
N GLU A 84 6.35 9.05 1.20
CA GLU A 84 5.48 7.85 1.28
C GLU A 84 6.33 6.62 1.35
N ILE A 85 7.51 6.74 0.84
CA ILE A 85 8.40 5.63 0.67
C ILE A 85 8.95 5.23 2.03
N ARG A 86 9.25 6.22 2.81
CA ARG A 86 9.75 6.05 4.14
C ARG A 86 8.61 5.61 5.06
N GLU A 87 7.36 5.96 4.72
CA GLU A 87 6.20 5.46 5.47
C GLU A 87 6.13 3.96 5.30
N ALA A 88 6.33 3.54 4.05
CA ALA A 88 6.31 2.15 3.69
C ALA A 88 7.47 1.40 4.30
N PHE A 89 8.61 2.04 4.38
CA PHE A 89 9.77 1.42 4.96
C PHE A 89 9.62 1.28 6.48
N ARG A 90 9.19 2.37 7.13
CA ARG A 90 9.06 2.41 8.58
C ARG A 90 7.93 1.54 9.12
N VAL A 91 6.99 1.16 8.27
CA VAL A 91 5.91 0.30 8.74
C VAL A 91 6.43 -1.15 8.89
N PHE A 92 7.52 -1.45 8.21
CA PHE A 92 8.19 -2.73 8.37
C PHE A 92 9.33 -2.58 9.35
N ASP A 93 10.21 -1.64 9.08
CA ASP A 93 11.32 -1.35 9.98
C ASP A 93 10.85 -0.40 11.06
N LYS A 94 10.18 -0.97 12.00
CA LYS A 94 9.55 -0.28 13.10
C LYS A 94 10.56 0.10 14.16
N ASP A 95 11.70 -0.55 14.14
CA ASP A 95 12.73 -0.30 15.15
C ASP A 95 13.69 0.78 14.70
N GLY A 96 13.61 1.12 13.42
CA GLY A 96 14.47 2.12 12.87
C GLY A 96 15.89 1.61 12.78
N ASN A 97 16.03 0.41 12.28
CA ASN A 97 17.32 -0.22 12.17
C ASN A 97 17.90 0.02 10.77
N GLY A 98 17.02 0.44 9.87
CA GLY A 98 17.45 0.75 8.51
C GLY A 98 17.48 -0.46 7.63
N TYR A 99 16.98 -1.57 8.13
CA TYR A 99 16.96 -2.81 7.40
C TYR A 99 15.71 -3.56 7.68
N ILE A 100 15.15 -4.15 6.66
CA ILE A 100 14.01 -4.99 6.83
C ILE A 100 14.54 -6.41 6.87
N SER A 101 14.21 -7.12 7.91
CA SER A 101 14.64 -8.48 8.11
C SER A 101 13.49 -9.46 7.76
N ALA A 102 13.84 -10.65 7.30
CA ALA A 102 12.86 -11.64 6.84
C ALA A 102 11.98 -12.16 7.97
N ALA A 103 12.59 -12.48 9.10
CA ALA A 103 11.89 -13.00 10.27
C ALA A 103 10.82 -12.01 10.74
N GLU A 104 11.19 -10.73 10.73
CA GLU A 104 10.28 -9.64 11.05
C GLU A 104 9.11 -9.64 10.13
N LEU A 105 9.43 -9.60 8.84
CA LEU A 105 8.47 -9.44 7.82
C LEU A 105 7.47 -10.62 7.87
N ARG A 106 7.99 -11.82 8.11
CA ARG A 106 7.17 -13.02 8.20
C ARG A 106 6.22 -12.92 9.43
N HIS A 107 6.75 -12.37 10.52
CA HIS A 107 5.99 -12.19 11.75
C HIS A 107 4.83 -11.23 11.53
N VAL A 108 5.11 -10.07 10.93
CA VAL A 108 4.07 -9.08 10.71
C VAL A 108 3.05 -9.61 9.70
N MET A 109 3.50 -10.43 8.75
CA MET A 109 2.60 -11.01 7.75
C MET A 109 1.54 -11.88 8.37
N THR A 110 1.93 -12.60 9.40
CA THR A 110 1.00 -13.40 10.16
C THR A 110 -0.06 -12.48 10.77
N ASN A 111 0.42 -11.38 11.35
CA ASN A 111 -0.42 -10.37 12.01
C ASN A 111 -1.27 -9.57 10.99
N LEU A 112 -0.93 -9.65 9.73
CA LEU A 112 -1.61 -8.91 8.69
C LEU A 112 -2.59 -9.79 7.92
N GLY A 113 -2.63 -11.06 8.27
CA GLY A 113 -3.52 -11.99 7.60
C GLY A 113 -2.96 -12.48 6.28
N GLU A 114 -1.76 -12.02 5.96
CA GLU A 114 -1.08 -12.41 4.75
C GLU A 114 -0.65 -13.85 4.85
N LYS A 115 -0.01 -14.18 5.98
CA LYS A 115 0.52 -15.51 6.26
C LYS A 115 1.40 -16.01 5.10
N LEU A 116 2.58 -15.44 5.00
CA LEU A 116 3.46 -15.78 3.92
C LEU A 116 4.46 -16.81 4.38
N THR A 117 5.01 -17.52 3.45
CA THR A 117 5.99 -18.53 3.71
C THR A 117 7.34 -17.85 3.98
N ASP A 118 8.23 -18.56 4.66
CA ASP A 118 9.56 -18.02 4.96
C ASP A 118 10.36 -17.87 3.69
N GLU A 119 9.99 -18.62 2.67
CA GLU A 119 10.59 -18.54 1.39
C GLU A 119 10.14 -17.25 0.66
N GLU A 120 8.86 -16.92 0.75
CA GLU A 120 8.30 -15.77 0.07
C GLU A 120 8.86 -14.49 0.68
N VAL A 121 8.89 -14.44 2.00
CA VAL A 121 9.40 -13.27 2.70
C VAL A 121 10.92 -13.16 2.49
N ASP A 122 11.57 -14.30 2.31
CA ASP A 122 13.00 -14.34 2.04
C ASP A 122 13.27 -13.72 0.70
N GLU A 123 12.42 -14.00 -0.27
CA GLU A 123 12.56 -13.40 -1.57
C GLU A 123 12.36 -11.91 -1.44
N MET A 124 11.33 -11.53 -0.66
CA MET A 124 11.04 -10.12 -0.40
C MET A 124 12.24 -9.36 0.12
N ILE A 125 13.05 -10.02 0.90
CA ILE A 125 14.23 -9.41 1.45
C ILE A 125 15.41 -9.52 0.48
N ARG A 126 15.76 -10.72 0.13
CA ARG A 126 16.96 -11.02 -0.65
C ARG A 126 16.91 -10.48 -2.09
N GLU A 127 15.75 -10.54 -2.72
CA GLU A 127 15.61 -10.03 -4.09
C GLU A 127 15.70 -8.51 -4.06
N ALA A 128 15.30 -7.94 -2.95
CA ALA A 128 15.32 -6.52 -2.71
C ALA A 128 16.72 -6.07 -2.33
N ASP A 129 17.39 -6.92 -1.59
CA ASP A 129 18.74 -6.68 -1.14
C ASP A 129 19.75 -6.76 -2.28
N ILE A 130 19.90 -5.64 -2.93
CA ILE A 130 20.89 -5.45 -3.97
C ILE A 130 22.26 -5.10 -3.32
N ASP A 131 22.23 -4.85 -2.01
CA ASP A 131 23.40 -4.35 -1.30
C ASP A 131 24.26 -5.49 -0.76
N GLY A 132 23.70 -6.67 -0.78
CA GLY A 132 24.41 -7.83 -0.32
C GLY A 132 24.53 -7.83 1.19
N ASP A 133 23.52 -7.36 1.87
CA ASP A 133 23.53 -7.34 3.33
C ASP A 133 22.72 -8.50 3.88
N GLY A 134 21.91 -9.08 3.02
CA GLY A 134 21.03 -10.15 3.43
C GLY A 134 19.73 -9.59 3.94
N GLN A 135 19.67 -8.28 3.97
CA GLN A 135 18.55 -7.52 4.44
C GLN A 135 18.33 -6.36 3.51
N VAL A 136 17.10 -5.97 3.35
CA VAL A 136 16.80 -4.88 2.48
C VAL A 136 16.91 -3.55 3.21
N ASN A 137 17.78 -2.71 2.72
CA ASN A 137 18.00 -1.40 3.29
C ASN A 137 17.09 -0.37 2.64
N TYR A 138 17.15 0.85 3.11
CA TYR A 138 16.25 1.90 2.66
C TYR A 138 16.54 2.33 1.23
N GLU A 139 17.81 2.45 0.89
CA GLU A 139 18.22 2.87 -0.44
C GLU A 139 17.80 1.85 -1.50
N GLU A 140 17.97 0.59 -1.19
CA GLU A 140 17.55 -0.44 -2.11
C GLU A 140 16.04 -0.54 -2.19
N PHE A 141 15.37 -0.21 -1.11
CA PHE A 141 13.93 -0.21 -1.11
C PHE A 141 13.39 0.96 -1.95
N VAL A 142 13.96 2.16 -1.77
CA VAL A 142 13.51 3.33 -2.53
C VAL A 142 13.74 3.14 -4.02
N GLN A 143 14.83 2.44 -4.34
CA GLN A 143 15.18 2.10 -5.71
C GLN A 143 14.08 1.27 -6.37
N MET A 144 13.60 0.25 -5.66
CA MET A 144 12.58 -0.63 -6.21
C MET A 144 11.24 0.05 -6.21
N MET A 145 10.96 0.77 -5.14
CA MET A 145 9.67 1.42 -4.93
C MET A 145 9.37 2.43 -6.05
N THR A 146 10.41 3.06 -6.57
CA THR A 146 10.24 4.02 -7.64
C THR A 146 10.33 3.34 -9.03
N ALA A 147 10.74 2.08 -9.05
CA ALA A 147 10.83 1.29 -10.28
C ALA A 147 9.74 0.24 -10.27
N LYS A 148 8.71 0.59 -9.58
CA LYS A 148 7.58 -0.25 -9.35
C LYS A 148 6.41 0.27 -10.16
N SER B 1 10.15 -9.95 -17.23
CA SER B 1 10.44 -10.02 -15.83
C SER B 1 10.35 -11.46 -15.37
N PRO B 2 11.30 -11.93 -14.52
CA PRO B 2 11.25 -13.29 -13.98
C PRO B 2 10.01 -13.48 -13.13
N ALA B 3 9.44 -14.68 -13.15
CA ALA B 3 8.20 -15.00 -12.44
C ALA B 3 8.28 -14.66 -10.95
N ASN B 4 9.36 -15.07 -10.31
CA ASN B 4 9.55 -14.82 -8.89
C ASN B 4 9.69 -13.33 -8.61
N SER B 5 10.46 -12.63 -9.43
CA SER B 5 10.68 -11.22 -9.26
C SER B 5 9.40 -10.43 -9.53
N PHE B 6 8.60 -10.89 -10.48
CA PHE B 6 7.34 -10.26 -10.79
C PHE B 6 6.38 -10.41 -9.63
N HIS B 7 6.25 -11.65 -9.13
CA HIS B 7 5.38 -11.92 -7.99
C HIS B 7 5.84 -11.12 -6.77
N PHE B 8 7.15 -11.03 -6.62
CA PHE B 8 7.78 -10.23 -5.59
C PHE B 8 7.33 -8.75 -5.64
N LYS B 9 7.43 -8.13 -6.81
CA LYS B 9 7.06 -6.72 -6.98
C LYS B 9 5.56 -6.47 -6.85
N GLU B 10 4.77 -7.49 -7.14
CA GLU B 10 3.34 -7.41 -7.03
C GLU B 10 2.92 -7.59 -5.59
N ALA B 11 3.52 -8.56 -4.93
CA ALA B 11 3.24 -8.88 -3.54
C ALA B 11 3.55 -7.71 -2.64
N TRP B 12 4.65 -6.98 -2.96
CA TRP B 12 5.01 -5.80 -2.19
C TRP B 12 3.90 -4.76 -2.16
N LYS B 13 3.29 -4.47 -3.32
CA LYS B 13 2.21 -3.46 -3.41
C LYS B 13 1.09 -3.81 -2.44
N HIS B 14 0.71 -5.04 -2.53
CA HIS B 14 -0.35 -5.63 -1.75
C HIS B 14 0.02 -5.67 -0.25
N ALA B 15 1.28 -5.94 0.03
CA ALA B 15 1.77 -6.06 1.40
C ALA B 15 1.96 -4.71 2.06
N ILE B 16 2.49 -3.75 1.31
CA ILE B 16 2.77 -2.40 1.82
C ILE B 16 1.50 -1.72 2.37
N GLN B 17 0.44 -1.71 1.58
CA GLN B 17 -0.81 -1.11 2.03
C GLN B 17 -1.45 -1.90 3.16
N LYS B 18 -1.24 -3.21 3.15
CA LYS B 18 -1.73 -4.10 4.17
C LYS B 18 -1.05 -3.80 5.51
N ALA B 19 0.27 -3.65 5.46
CA ALA B 19 1.08 -3.35 6.63
C ALA B 19 0.70 -2.03 7.25
N LYS B 20 0.42 -1.04 6.41
CA LYS B 20 0.00 0.29 6.84
C LYS B 20 -1.39 0.26 7.48
N HIS B 21 -2.11 -0.87 7.29
CA HIS B 21 -3.50 -1.07 7.77
C HIS B 21 -4.46 -0.23 6.97
N MET B 22 -4.00 0.17 5.79
CA MET B 22 -4.73 1.04 4.87
C MET B 22 -5.26 2.32 5.51
N PRO B 23 -4.41 3.33 5.70
CA PRO B 23 -4.83 4.63 6.19
C PRO B 23 -5.22 5.51 5.02
N ASP B 24 -5.23 4.90 3.86
CA ASP B 24 -5.48 5.54 2.62
C ASP B 24 -6.50 4.74 1.85
N PRO B 25 -7.65 5.31 1.56
CA PRO B 25 -8.58 4.69 0.65
C PRO B 25 -8.03 4.91 -0.76
N TRP B 26 -7.32 3.94 -1.26
CA TRP B 26 -6.62 4.10 -2.52
C TRP B 26 -7.51 3.99 -3.74
N ALA B 27 -7.55 5.05 -4.47
CA ALA B 27 -8.23 5.12 -5.70
C ALA B 27 -7.20 5.32 -6.78
CA CA C . -20.52 5.37 -0.93
CA CA D . -17.34 14.98 4.32
N ALA A 1 2.31 14.45 -11.80
CA ALA A 1 1.79 13.84 -13.03
C ALA A 1 1.40 12.40 -12.77
N ASP A 2 0.14 12.12 -12.82
CA ASP A 2 -0.36 10.80 -12.54
C ASP A 2 -0.37 9.88 -13.74
N GLN A 3 0.72 9.16 -13.87
CA GLN A 3 0.85 8.14 -14.87
C GLN A 3 0.69 6.81 -14.18
N LEU A 4 -0.37 6.10 -14.51
CA LEU A 4 -0.66 4.85 -13.87
C LEU A 4 -0.99 3.84 -14.97
N THR A 5 -0.63 2.61 -14.78
CA THR A 5 -0.82 1.61 -15.79
C THR A 5 -2.25 1.03 -15.77
N GLU A 6 -2.74 0.69 -16.96
CA GLU A 6 -4.12 0.19 -17.18
C GLU A 6 -4.48 -0.98 -16.28
N GLU A 7 -3.64 -1.98 -16.23
CA GLU A 7 -3.90 -3.18 -15.45
C GLU A 7 -3.91 -2.86 -13.96
N GLN A 8 -3.06 -1.94 -13.56
CA GLN A 8 -2.95 -1.58 -12.19
C GLN A 8 -4.15 -0.74 -11.75
N ILE A 9 -4.63 0.12 -12.64
CA ILE A 9 -5.83 0.93 -12.38
C ILE A 9 -7.05 0.03 -12.12
N ALA A 10 -7.18 -1.04 -12.88
CA ALA A 10 -8.28 -2.00 -12.70
C ALA A 10 -8.19 -2.66 -11.33
N GLU A 11 -6.97 -2.95 -10.91
CA GLU A 11 -6.72 -3.52 -9.60
C GLU A 11 -7.16 -2.54 -8.53
N PHE A 12 -6.79 -1.28 -8.72
CA PHE A 12 -7.15 -0.21 -7.82
C PHE A 12 -8.64 -0.06 -7.72
N LYS A 13 -9.36 -0.19 -8.83
CA LYS A 13 -10.82 -0.09 -8.84
C LYS A 13 -11.44 -1.08 -7.84
N GLU A 14 -11.04 -2.33 -7.93
CA GLU A 14 -11.58 -3.36 -7.07
C GLU A 14 -11.15 -3.16 -5.61
N ALA A 15 -9.86 -2.90 -5.42
CA ALA A 15 -9.30 -2.76 -4.09
C ALA A 15 -9.76 -1.48 -3.41
N PHE A 16 -10.19 -0.52 -4.18
CA PHE A 16 -10.77 0.71 -3.68
C PHE A 16 -12.08 0.42 -3.04
N SER A 17 -12.95 -0.25 -3.76
CA SER A 17 -14.29 -0.53 -3.26
C SER A 17 -14.20 -1.53 -2.08
N LEU A 18 -13.06 -2.19 -1.97
CA LEU A 18 -12.75 -3.04 -0.84
C LEU A 18 -12.77 -2.23 0.45
N PHE A 19 -12.14 -1.07 0.45
CA PHE A 19 -12.12 -0.27 1.65
C PHE A 19 -13.11 0.87 1.59
N ASP A 20 -13.44 1.29 0.39
CA ASP A 20 -14.47 2.28 0.21
C ASP A 20 -15.80 1.59 0.40
N LYS A 21 -16.32 1.77 1.59
CA LYS A 21 -17.49 1.07 2.09
C LYS A 21 -18.70 1.03 1.20
N ASP A 22 -18.94 2.07 0.44
CA ASP A 22 -20.13 2.11 -0.43
C ASP A 22 -19.81 2.02 -1.92
N GLY A 23 -18.55 2.19 -2.28
CA GLY A 23 -18.12 2.08 -3.66
C GLY A 23 -18.65 3.22 -4.52
N ASP A 24 -18.90 4.37 -3.92
CA ASP A 24 -19.48 5.52 -4.64
C ASP A 24 -18.41 6.28 -5.41
N GLY A 25 -17.16 6.05 -5.05
CA GLY A 25 -16.08 6.73 -5.68
C GLY A 25 -15.47 7.84 -4.84
N THR A 26 -15.97 8.09 -3.64
CA THR A 26 -15.31 9.06 -2.76
C THR A 26 -15.07 8.44 -1.40
N ILE A 27 -13.86 8.52 -0.90
CA ILE A 27 -13.55 7.98 0.39
C ILE A 27 -13.81 9.09 1.39
N THR A 28 -14.80 8.89 2.19
CA THR A 28 -15.18 9.86 3.18
C THR A 28 -14.41 9.64 4.49
N THR A 29 -14.52 10.58 5.41
CA THR A 29 -13.85 10.47 6.69
C THR A 29 -14.37 9.27 7.48
N LYS A 30 -15.67 8.98 7.29
CA LYS A 30 -16.31 7.81 7.88
C LYS A 30 -15.52 6.57 7.50
N GLU A 31 -15.32 6.42 6.22
CA GLU A 31 -14.68 5.26 5.66
C GLU A 31 -13.22 5.19 6.06
N LEU A 32 -12.52 6.31 5.99
CA LEU A 32 -11.11 6.36 6.38
C LEU A 32 -10.91 5.98 7.84
N GLY A 33 -11.72 6.53 8.71
CA GLY A 33 -11.56 6.21 10.11
C GLY A 33 -12.00 4.81 10.43
N THR A 34 -12.95 4.28 9.67
CA THR A 34 -13.41 2.92 9.87
C THR A 34 -12.32 1.93 9.45
N VAL A 35 -11.69 2.19 8.31
CA VAL A 35 -10.64 1.31 7.81
C VAL A 35 -9.41 1.37 8.74
N MET A 36 -9.15 2.55 9.27
CA MET A 36 -8.08 2.74 10.23
C MET A 36 -8.42 2.04 11.54
N ARG A 37 -9.66 2.18 11.97
CA ARG A 37 -10.18 1.59 13.20
C ARG A 37 -10.12 0.07 13.14
N SER A 38 -10.15 -0.47 11.92
CA SER A 38 -10.09 -1.89 11.71
C SER A 38 -8.73 -2.44 12.20
N LEU A 39 -7.69 -1.61 12.14
CA LEU A 39 -6.36 -2.00 12.62
C LEU A 39 -6.11 -1.47 14.02
N GLY A 40 -7.15 -0.95 14.64
CA GLY A 40 -7.02 -0.45 15.98
C GLY A 40 -6.69 1.02 16.03
N GLN A 41 -6.37 1.59 14.90
CA GLN A 41 -6.04 2.99 14.82
C GLN A 41 -7.30 3.79 15.01
N ASN A 42 -7.34 4.57 16.04
CA ASN A 42 -8.49 5.42 16.28
C ASN A 42 -8.10 6.86 16.12
N PRO A 43 -8.12 7.37 14.89
CA PRO A 43 -7.80 8.74 14.62
C PRO A 43 -9.06 9.60 14.68
N THR A 44 -8.86 10.86 14.81
CA THR A 44 -9.93 11.81 14.79
C THR A 44 -10.18 12.23 13.35
N GLU A 45 -11.29 12.89 13.11
CA GLU A 45 -11.63 13.31 11.78
C GLU A 45 -10.64 14.33 11.22
N ALA A 46 -10.05 15.12 12.09
CA ALA A 46 -9.05 16.11 11.69
C ALA A 46 -7.87 15.43 10.99
N GLU A 47 -7.43 14.31 11.55
CA GLU A 47 -6.32 13.52 11.00
C GLU A 47 -6.71 12.91 9.64
N LEU A 48 -7.94 12.48 9.56
CA LEU A 48 -8.48 11.88 8.33
C LEU A 48 -8.61 12.93 7.24
N GLN A 49 -9.12 14.07 7.63
CA GLN A 49 -9.31 15.22 6.77
C GLN A 49 -7.97 15.73 6.28
N ASP A 50 -6.97 15.63 7.13
CA ASP A 50 -5.61 16.02 6.79
C ASP A 50 -5.07 15.15 5.66
N MET A 51 -5.33 13.85 5.74
CA MET A 51 -4.90 12.93 4.70
C MET A 51 -5.70 13.16 3.43
N ILE A 52 -6.97 13.48 3.59
CA ILE A 52 -7.82 13.80 2.46
C ILE A 52 -7.32 15.03 1.74
N ASN A 53 -7.18 16.11 2.47
CA ASN A 53 -6.79 17.41 1.92
C ASN A 53 -5.44 17.34 1.19
N GLU A 54 -4.56 16.47 1.68
CA GLU A 54 -3.25 16.24 1.10
C GLU A 54 -3.39 15.83 -0.38
N VAL A 55 -4.46 15.13 -0.72
CA VAL A 55 -4.70 14.70 -2.09
C VAL A 55 -5.94 15.36 -2.71
N ASP A 56 -6.72 16.02 -1.88
CA ASP A 56 -7.98 16.59 -2.32
C ASP A 56 -7.73 17.85 -3.11
N ALA A 57 -8.06 17.82 -4.36
CA ALA A 57 -7.85 18.92 -5.25
C ALA A 57 -9.02 19.90 -5.21
N ASP A 58 -10.10 19.50 -4.58
CA ASP A 58 -11.29 20.35 -4.56
C ASP A 58 -11.46 20.96 -3.20
N GLY A 59 -10.70 20.45 -2.24
CA GLY A 59 -10.84 20.87 -0.87
C GLY A 59 -12.26 20.64 -0.38
N ASN A 60 -12.82 19.49 -0.67
CA ASN A 60 -14.22 19.24 -0.34
C ASN A 60 -14.39 18.13 0.68
N GLY A 61 -13.29 17.57 1.13
CA GLY A 61 -13.37 16.59 2.20
C GLY A 61 -13.58 15.18 1.72
N THR A 62 -13.21 14.90 0.49
CA THR A 62 -13.35 13.56 -0.08
C THR A 62 -12.28 13.30 -1.14
N ILE A 63 -11.78 12.08 -1.17
CA ILE A 63 -10.83 11.67 -2.19
C ILE A 63 -11.63 10.93 -3.25
N ASP A 64 -11.86 11.56 -4.38
CA ASP A 64 -12.65 10.92 -5.43
C ASP A 64 -11.74 9.95 -6.17
N PHE A 65 -12.30 9.05 -6.94
CA PHE A 65 -11.54 8.02 -7.63
C PHE A 65 -10.37 8.59 -8.48
N PRO A 66 -10.58 9.62 -9.35
CA PRO A 66 -9.50 10.32 -10.05
C PRO A 66 -8.39 10.76 -9.08
N GLU A 67 -8.77 11.42 -7.98
CA GLU A 67 -7.80 11.89 -6.98
C GLU A 67 -7.09 10.70 -6.35
N PHE A 68 -7.85 9.63 -6.14
CA PHE A 68 -7.33 8.41 -5.59
C PHE A 68 -6.29 7.78 -6.53
N LEU A 69 -6.55 7.84 -7.84
CA LEU A 69 -5.60 7.35 -8.84
C LEU A 69 -4.35 8.21 -8.84
N THR A 70 -4.54 9.52 -8.74
CA THR A 70 -3.44 10.45 -8.63
C THR A 70 -2.60 10.09 -7.39
N MET A 71 -3.28 9.82 -6.29
CA MET A 71 -2.63 9.44 -5.06
C MET A 71 -1.92 8.09 -5.19
N MET A 72 -2.51 7.15 -5.92
CA MET A 72 -1.88 5.85 -6.14
C MET A 72 -0.60 6.00 -6.93
N ALA A 73 -0.64 6.83 -7.95
CA ALA A 73 0.55 7.11 -8.74
C ALA A 73 1.57 7.84 -7.89
N ARG A 74 1.08 8.68 -7.00
CA ARG A 74 1.89 9.46 -6.07
C ARG A 74 2.53 8.53 -5.00
N LYS A 75 1.91 7.39 -4.76
CA LYS A 75 2.45 6.41 -3.81
C LYS A 75 3.55 5.57 -4.44
N MET A 76 3.59 5.51 -5.76
CA MET A 76 4.51 4.59 -6.41
C MET A 76 5.50 5.23 -7.39
N LYS A 77 5.09 6.29 -8.05
CA LYS A 77 5.90 6.86 -9.13
C LYS A 77 6.10 8.35 -8.94
N ASP A 78 5.01 9.08 -8.96
CA ASP A 78 5.03 10.55 -8.89
C ASP A 78 4.99 10.95 -7.42
N THR A 79 5.78 10.29 -6.67
CA THR A 79 5.92 10.48 -5.28
C THR A 79 6.62 11.82 -5.02
N ASP A 80 5.87 12.77 -4.51
CA ASP A 80 6.37 14.12 -4.27
C ASP A 80 7.37 14.12 -3.14
N SER A 81 7.01 13.52 -2.05
CA SER A 81 7.88 13.43 -0.93
C SER A 81 8.11 11.96 -0.67
N GLU A 82 9.29 11.59 -0.21
CA GLU A 82 9.66 10.18 -0.01
C GLU A 82 8.98 9.58 1.23
N GLU A 83 7.92 10.25 1.69
CA GLU A 83 7.18 9.85 2.88
C GLU A 83 6.65 8.45 2.68
N GLU A 84 5.99 8.21 1.55
CA GLU A 84 5.40 6.90 1.26
C GLU A 84 6.44 5.79 1.11
N ILE A 85 7.61 6.17 0.67
CA ILE A 85 8.68 5.22 0.48
C ILE A 85 9.18 4.79 1.85
N ARG A 86 9.40 5.78 2.70
CA ARG A 86 9.85 5.51 4.04
C ARG A 86 8.73 4.86 4.86
N GLU A 87 7.48 5.18 4.52
CA GLU A 87 6.28 4.57 5.12
C GLU A 87 6.28 3.06 4.97
N ALA A 88 6.56 2.60 3.77
CA ALA A 88 6.56 1.19 3.51
C ALA A 88 7.68 0.52 4.30
N PHE A 89 8.83 1.16 4.34
CA PHE A 89 9.96 0.64 5.10
C PHE A 89 9.60 0.61 6.61
N ARG A 90 9.03 1.71 7.05
CA ARG A 90 8.59 1.98 8.42
C ARG A 90 7.63 0.91 8.94
N VAL A 91 6.70 0.50 8.09
CA VAL A 91 5.71 -0.46 8.50
C VAL A 91 6.31 -1.87 8.62
N PHE A 92 7.38 -2.13 7.87
CA PHE A 92 8.03 -3.42 7.92
C PHE A 92 9.03 -3.47 9.07
N ASP A 93 10.02 -2.59 9.04
CA ASP A 93 11.07 -2.55 10.06
C ASP A 93 10.58 -1.85 11.31
N LYS A 94 9.87 -2.60 12.12
CA LYS A 94 9.32 -2.11 13.36
C LYS A 94 10.34 -2.07 14.46
N ASP A 95 11.22 -3.06 14.48
CA ASP A 95 12.20 -3.16 15.56
C ASP A 95 13.31 -2.11 15.38
N GLY A 96 13.36 -1.52 14.20
CA GLY A 96 14.28 -0.45 13.93
C GLY A 96 15.71 -0.91 13.80
N ASN A 97 15.95 -1.77 12.87
CA ASN A 97 17.30 -2.25 12.64
C ASN A 97 17.93 -1.52 11.49
N GLY A 98 17.13 -0.75 10.77
CA GLY A 98 17.64 0.01 9.65
C GLY A 98 17.64 -0.82 8.41
N TYR A 99 17.15 -2.00 8.55
CA TYR A 99 17.03 -2.96 7.52
C TYR A 99 15.90 -3.88 7.85
N ILE A 100 15.27 -4.39 6.86
CA ILE A 100 14.17 -5.29 7.05
C ILE A 100 14.71 -6.68 6.89
N SER A 101 14.50 -7.49 7.87
CA SER A 101 14.93 -8.85 7.81
C SER A 101 13.71 -9.73 7.51
N ALA A 102 13.96 -10.93 7.01
CA ALA A 102 12.89 -11.85 6.61
C ALA A 102 11.97 -12.21 7.77
N ALA A 103 12.55 -12.44 8.94
CA ALA A 103 11.78 -12.78 10.13
C ALA A 103 10.90 -11.61 10.54
N GLU A 104 11.48 -10.41 10.52
CA GLU A 104 10.74 -9.19 10.82
C GLU A 104 9.59 -9.01 9.88
N LEU A 105 9.87 -9.19 8.62
CA LEU A 105 8.88 -8.93 7.63
C LEU A 105 7.68 -9.88 7.86
N ARG A 106 7.97 -11.11 8.26
CA ARG A 106 6.91 -12.09 8.54
C ARG A 106 6.14 -11.66 9.81
N HIS A 107 6.85 -11.02 10.75
CA HIS A 107 6.24 -10.50 12.01
C HIS A 107 5.04 -9.61 11.69
N VAL A 108 5.30 -8.59 10.88
CA VAL A 108 4.26 -7.65 10.51
C VAL A 108 3.17 -8.35 9.70
N MET A 109 3.57 -9.31 8.86
CA MET A 109 2.62 -10.05 8.01
C MET A 109 1.62 -10.81 8.82
N THR A 110 2.10 -11.45 9.86
CA THR A 110 1.26 -12.18 10.77
C THR A 110 0.21 -11.23 11.40
N ASN A 111 0.63 -10.01 11.69
CA ASN A 111 -0.28 -9.00 12.26
C ASN A 111 -1.16 -8.36 11.18
N LEU A 112 -0.71 -8.40 9.94
CA LEU A 112 -1.46 -7.84 8.82
C LEU A 112 -2.47 -8.83 8.30
N GLY A 113 -2.27 -10.09 8.60
CA GLY A 113 -3.18 -11.11 8.19
C GLY A 113 -2.65 -11.91 7.02
N GLU A 114 -1.45 -11.60 6.57
CA GLU A 114 -0.90 -12.25 5.41
C GLU A 114 -0.22 -13.55 5.77
N LYS A 115 -0.76 -14.61 5.26
CA LYS A 115 -0.22 -15.94 5.49
C LYS A 115 0.87 -16.20 4.47
N LEU A 116 2.01 -15.60 4.68
CA LEU A 116 3.10 -15.74 3.75
C LEU A 116 4.10 -16.73 4.28
N THR A 117 4.74 -17.45 3.39
CA THR A 117 5.72 -18.41 3.77
C THR A 117 7.07 -17.72 3.97
N ASP A 118 8.00 -18.41 4.60
CA ASP A 118 9.33 -17.86 4.84
C ASP A 118 10.03 -17.62 3.52
N GLU A 119 9.84 -18.56 2.59
CA GLU A 119 10.38 -18.47 1.23
C GLU A 119 9.94 -17.15 0.59
N GLU A 120 8.64 -16.88 0.67
CA GLU A 120 8.02 -15.72 0.06
C GLU A 120 8.64 -14.43 0.60
N VAL A 121 8.62 -14.30 1.94
CA VAL A 121 9.09 -13.09 2.61
C VAL A 121 10.59 -12.88 2.40
N ASP A 122 11.34 -13.99 2.38
CA ASP A 122 12.79 -13.95 2.22
C ASP A 122 13.15 -13.45 0.84
N GLU A 123 12.43 -13.92 -0.17
CA GLU A 123 12.71 -13.52 -1.54
C GLU A 123 12.36 -12.06 -1.78
N MET A 124 11.36 -11.55 -1.05
CA MET A 124 11.02 -10.12 -1.09
C MET A 124 12.23 -9.34 -0.67
N ILE A 125 12.81 -9.77 0.45
CA ILE A 125 14.01 -9.18 1.01
C ILE A 125 15.11 -9.15 -0.05
N ARG A 126 15.28 -10.28 -0.73
CA ARG A 126 16.35 -10.43 -1.72
C ARG A 126 16.22 -9.44 -2.90
N GLU A 127 15.00 -9.08 -3.27
CA GLU A 127 14.83 -8.11 -4.35
C GLU A 127 15.06 -6.69 -3.87
N ALA A 128 14.65 -6.42 -2.67
CA ALA A 128 14.81 -5.10 -2.12
C ALA A 128 16.24 -4.89 -1.62
N ASP A 129 16.91 -6.00 -1.37
CA ASP A 129 18.32 -6.04 -1.02
C ASP A 129 19.13 -5.98 -2.30
N ILE A 130 19.43 -4.80 -2.74
CA ILE A 130 20.15 -4.62 -3.97
C ILE A 130 21.66 -4.80 -3.79
N ASP A 131 22.23 -4.25 -2.73
CA ASP A 131 23.68 -4.32 -2.54
C ASP A 131 24.15 -5.70 -2.08
N GLY A 132 23.22 -6.57 -1.74
CA GLY A 132 23.57 -7.92 -1.40
C GLY A 132 24.07 -8.02 0.01
N ASP A 133 23.28 -7.54 0.93
CA ASP A 133 23.61 -7.59 2.33
C ASP A 133 22.75 -8.67 2.99
N GLY A 134 21.77 -9.15 2.24
CA GLY A 134 20.91 -10.22 2.72
C GLY A 134 19.70 -9.70 3.42
N GLN A 135 19.70 -8.41 3.66
CA GLN A 135 18.66 -7.73 4.37
C GLN A 135 18.45 -6.42 3.68
N VAL A 136 17.25 -6.02 3.52
CA VAL A 136 16.95 -4.82 2.78
C VAL A 136 17.11 -3.55 3.62
N ASN A 137 18.06 -2.75 3.24
CA ASN A 137 18.27 -1.44 3.84
C ASN A 137 17.46 -0.43 3.07
N TYR A 138 17.25 0.74 3.66
CA TYR A 138 16.40 1.78 3.10
C TYR A 138 16.80 2.17 1.71
N GLU A 139 18.01 2.66 1.51
CA GLU A 139 18.45 3.23 0.27
C GLU A 139 18.24 2.26 -0.94
N GLU A 140 18.44 0.97 -0.74
CA GLU A 140 18.22 0.01 -1.81
C GLU A 140 16.72 -0.19 -2.06
N PHE A 141 15.96 -0.13 -1.00
CA PHE A 141 14.51 -0.22 -1.09
C PHE A 141 13.96 1.00 -1.81
N VAL A 142 14.49 2.19 -1.48
CA VAL A 142 14.14 3.43 -2.08
C VAL A 142 14.24 3.31 -3.59
N GLN A 143 15.31 2.68 -4.05
CA GLN A 143 15.58 2.49 -5.46
C GLN A 143 14.56 1.58 -6.12
N MET A 144 14.39 0.37 -5.61
CA MET A 144 13.53 -0.60 -6.27
C MET A 144 12.04 -0.35 -6.07
N MET A 145 11.68 0.39 -5.03
CA MET A 145 10.29 0.76 -4.82
C MET A 145 9.87 1.82 -5.83
N THR A 146 10.78 2.70 -6.18
CA THR A 146 10.44 3.71 -7.14
C THR A 146 10.69 3.18 -8.57
N ALA A 147 11.77 2.46 -8.75
CA ALA A 147 12.10 1.89 -10.02
C ALA A 147 11.62 0.45 -10.09
N LYS A 148 10.41 0.32 -10.53
CA LYS A 148 9.75 -0.95 -10.68
C LYS A 148 8.87 -0.91 -11.89
N SER B 1 -5.35 -12.30 -18.50
CA SER B 1 -4.24 -12.93 -17.81
C SER B 1 -3.09 -11.92 -17.72
N PRO B 2 -2.57 -11.63 -16.52
CA PRO B 2 -1.46 -10.70 -16.38
C PRO B 2 -0.12 -11.36 -16.77
N ALA B 3 0.48 -12.09 -15.83
CA ALA B 3 1.75 -12.76 -16.01
C ALA B 3 2.02 -13.56 -14.77
N ASN B 4 3.18 -14.16 -14.69
CA ASN B 4 3.57 -14.93 -13.53
C ASN B 4 5.01 -14.65 -13.13
N SER B 5 5.78 -14.10 -14.06
CA SER B 5 7.20 -13.83 -13.81
C SER B 5 7.41 -12.49 -13.10
N PHE B 6 6.33 -11.97 -12.56
CA PHE B 6 6.38 -10.75 -11.80
C PHE B 6 5.90 -11.07 -10.39
N HIS B 7 6.13 -12.33 -9.97
CA HIS B 7 5.65 -12.83 -8.66
C HIS B 7 6.23 -12.01 -7.51
N PHE B 8 7.37 -11.39 -7.77
CA PHE B 8 8.00 -10.47 -6.84
C PHE B 8 7.02 -9.35 -6.50
N LYS B 9 6.39 -8.83 -7.52
CA LYS B 9 5.44 -7.75 -7.39
C LYS B 9 4.14 -8.25 -6.81
N GLU B 10 3.78 -9.50 -7.08
CA GLU B 10 2.61 -10.11 -6.45
C GLU B 10 2.85 -10.20 -4.96
N ALA B 11 4.09 -10.49 -4.60
CA ALA B 11 4.52 -10.53 -3.24
C ALA B 11 4.44 -9.12 -2.65
N TRP B 12 4.94 -8.12 -3.38
CA TRP B 12 4.86 -6.71 -2.95
C TRP B 12 3.42 -6.23 -2.80
N LYS B 13 2.49 -6.85 -3.50
CA LYS B 13 1.07 -6.52 -3.36
C LYS B 13 0.55 -6.96 -2.00
N HIS B 14 1.14 -8.03 -1.50
CA HIS B 14 0.80 -8.55 -0.18
C HIS B 14 1.58 -7.80 0.87
N ALA B 15 2.75 -7.35 0.51
CA ALA B 15 3.59 -6.67 1.43
C ALA B 15 3.30 -5.18 1.55
N ILE B 16 3.48 -4.44 0.47
CA ILE B 16 3.38 -2.99 0.50
C ILE B 16 1.93 -2.55 0.42
N GLN B 17 1.24 -2.95 -0.66
CA GLN B 17 -0.14 -2.57 -0.90
C GLN B 17 -1.06 -3.02 0.22
N LYS B 18 -0.79 -4.18 0.78
CA LYS B 18 -1.63 -4.73 1.83
C LYS B 18 -1.34 -4.12 3.22
N ALA B 19 -0.09 -3.76 3.49
CA ALA B 19 0.26 -3.16 4.79
C ALA B 19 -0.39 -1.79 4.93
N LYS B 20 -0.28 -1.00 3.89
CA LYS B 20 -0.78 0.37 3.86
C LYS B 20 -2.21 0.43 3.32
N HIS B 21 -2.84 -0.72 3.15
CA HIS B 21 -4.16 -0.83 2.50
C HIS B 21 -5.30 -0.38 3.40
N MET B 22 -5.03 -0.21 4.65
CA MET B 22 -6.11 0.03 5.57
C MET B 22 -5.82 1.18 6.57
N PRO B 23 -4.59 1.32 7.17
CA PRO B 23 -4.27 2.49 8.03
C PRO B 23 -3.93 3.73 7.19
N ASP B 24 -4.12 3.60 5.90
CA ASP B 24 -3.82 4.62 4.92
C ASP B 24 -4.65 4.24 3.71
N PRO B 25 -5.15 5.18 2.92
CA PRO B 25 -5.89 4.84 1.72
C PRO B 25 -4.99 4.35 0.57
N TRP B 26 -4.76 3.06 0.52
CA TRP B 26 -4.00 2.44 -0.54
C TRP B 26 -4.80 1.23 -1.02
N ALA B 27 -4.88 1.05 -2.31
CA ALA B 27 -5.61 -0.03 -2.91
C ALA B 27 -4.66 -1.14 -3.37
CA CA C . -17.25 5.96 -0.42
CA CA D . -11.96 15.89 -3.73
N ALA A 1 -1.65 17.02 1.40
CA ALA A 1 -2.22 17.83 0.34
C ALA A 1 -3.72 17.92 0.58
N ASP A 2 -4.39 18.77 -0.16
CA ASP A 2 -5.85 18.88 -0.07
C ASP A 2 -6.47 18.58 -1.42
N GLN A 3 -5.67 18.64 -2.44
CA GLN A 3 -6.09 18.33 -3.80
C GLN A 3 -5.38 17.08 -4.21
N LEU A 4 -5.90 16.40 -5.19
CA LEU A 4 -5.33 15.15 -5.59
C LEU A 4 -5.17 15.12 -7.09
N THR A 5 -4.16 14.44 -7.56
CA THR A 5 -3.91 14.30 -8.96
C THR A 5 -4.93 13.31 -9.54
N GLU A 6 -5.40 13.56 -10.76
CA GLU A 6 -6.48 12.78 -11.32
C GLU A 6 -6.09 11.33 -11.61
N GLU A 7 -4.83 11.09 -11.91
CA GLU A 7 -4.33 9.73 -12.14
C GLU A 7 -4.46 8.94 -10.85
N GLN A 8 -4.16 9.60 -9.75
CA GLN A 8 -4.23 9.01 -8.43
C GLN A 8 -5.70 8.85 -8.03
N ILE A 9 -6.52 9.81 -8.43
CA ILE A 9 -7.96 9.75 -8.19
C ILE A 9 -8.57 8.54 -8.89
N ALA A 10 -8.10 8.22 -10.09
CA ALA A 10 -8.55 7.03 -10.82
C ALA A 10 -8.20 5.76 -10.04
N GLU A 11 -6.99 5.74 -9.51
CA GLU A 11 -6.54 4.64 -8.67
C GLU A 11 -7.41 4.53 -7.44
N PHE A 12 -7.75 5.68 -6.88
CA PHE A 12 -8.62 5.73 -5.74
C PHE A 12 -10.07 5.47 -6.09
N LYS A 13 -10.41 5.48 -7.37
CA LYS A 13 -11.75 5.10 -7.78
C LYS A 13 -11.92 3.62 -7.55
N GLU A 14 -10.95 2.85 -8.02
CA GLU A 14 -11.01 1.41 -7.79
C GLU A 14 -10.86 1.10 -6.30
N ALA A 15 -9.97 1.83 -5.64
CA ALA A 15 -9.73 1.64 -4.22
C ALA A 15 -10.92 2.11 -3.39
N PHE A 16 -11.71 3.01 -3.94
CA PHE A 16 -12.91 3.47 -3.29
C PHE A 16 -13.90 2.35 -3.25
N SER A 17 -14.15 1.77 -4.40
CA SER A 17 -15.10 0.70 -4.56
C SER A 17 -14.60 -0.59 -3.89
N LEU A 18 -13.31 -0.63 -3.60
CA LEU A 18 -12.72 -1.70 -2.84
C LEU A 18 -13.32 -1.72 -1.43
N PHE A 19 -13.68 -0.52 -0.96
CA PHE A 19 -14.32 -0.31 0.32
C PHE A 19 -15.82 -0.18 0.13
N ASP A 20 -16.21 0.57 -0.88
CA ASP A 20 -17.60 0.74 -1.25
C ASP A 20 -18.05 -0.47 -2.04
N LYS A 21 -18.50 -1.45 -1.30
CA LYS A 21 -18.84 -2.74 -1.81
C LYS A 21 -20.10 -2.72 -2.62
N ASP A 22 -20.96 -1.77 -2.35
CA ASP A 22 -22.25 -1.73 -3.07
C ASP A 22 -22.11 -0.86 -4.32
N GLY A 23 -21.01 -0.11 -4.38
CA GLY A 23 -20.74 0.75 -5.52
C GLY A 23 -21.75 1.88 -5.63
N ASP A 24 -21.85 2.69 -4.60
CA ASP A 24 -22.84 3.78 -4.57
C ASP A 24 -22.13 5.11 -4.63
N GLY A 25 -20.85 5.11 -4.35
CA GLY A 25 -20.11 6.36 -4.24
C GLY A 25 -20.08 6.81 -2.79
N THR A 26 -20.49 5.93 -1.90
CA THR A 26 -20.51 6.17 -0.49
C THR A 26 -20.17 4.88 0.27
N ILE A 27 -19.35 5.01 1.28
CA ILE A 27 -18.96 3.90 2.11
C ILE A 27 -19.69 4.01 3.44
N THR A 28 -20.34 2.94 3.82
CA THR A 28 -21.04 2.86 5.09
C THR A 28 -20.22 2.04 6.10
N THR A 29 -20.66 1.99 7.36
CA THR A 29 -19.99 1.20 8.38
C THR A 29 -20.05 -0.30 8.07
N LYS A 30 -21.09 -0.69 7.33
CA LYS A 30 -21.27 -2.04 6.81
C LYS A 30 -20.04 -2.44 6.02
N GLU A 31 -19.71 -1.59 5.09
CA GLU A 31 -18.65 -1.81 4.15
C GLU A 31 -17.30 -1.70 4.83
N LEU A 32 -17.17 -0.76 5.75
CA LEU A 32 -15.94 -0.61 6.52
C LEU A 32 -15.63 -1.88 7.28
N GLY A 33 -16.61 -2.41 8.00
CA GLY A 33 -16.38 -3.62 8.75
C GLY A 33 -16.08 -4.82 7.87
N THR A 34 -16.60 -4.79 6.66
CA THR A 34 -16.38 -5.86 5.69
C THR A 34 -14.88 -5.89 5.31
N VAL A 35 -14.35 -4.73 4.95
CA VAL A 35 -12.98 -4.64 4.53
C VAL A 35 -12.04 -4.76 5.71
N MET A 36 -12.40 -4.13 6.84
CA MET A 36 -11.63 -4.20 8.06
C MET A 36 -11.43 -5.64 8.51
N ARG A 37 -12.51 -6.40 8.50
CA ARG A 37 -12.47 -7.81 8.85
C ARG A 37 -11.51 -8.57 7.93
N SER A 38 -11.53 -8.22 6.66
CA SER A 38 -10.67 -8.86 5.68
C SER A 38 -9.18 -8.49 5.92
N LEU A 39 -8.96 -7.32 6.50
CA LEU A 39 -7.62 -6.84 6.78
C LEU A 39 -7.09 -7.43 8.09
N GLY A 40 -8.01 -7.88 8.92
CA GLY A 40 -7.66 -8.38 10.23
C GLY A 40 -7.75 -7.26 11.26
N GLN A 41 -8.46 -6.24 10.89
CA GLN A 41 -8.65 -5.07 11.70
C GLN A 41 -10.05 -5.12 12.24
N ASN A 42 -10.23 -5.13 13.53
CA ASN A 42 -11.59 -5.22 14.04
C ASN A 42 -11.92 -4.11 15.03
N PRO A 43 -12.04 -2.84 14.55
CA PRO A 43 -12.44 -1.73 15.39
C PRO A 43 -13.96 -1.77 15.62
N THR A 44 -14.42 -1.08 16.60
CA THR A 44 -15.83 -1.05 16.89
C THR A 44 -16.60 -0.21 15.88
N GLU A 45 -17.91 -0.41 15.83
CA GLU A 45 -18.79 0.36 14.96
C GLU A 45 -18.66 1.84 15.29
N ALA A 46 -18.47 2.13 16.57
CA ALA A 46 -18.30 3.47 17.06
C ALA A 46 -17.10 4.13 16.40
N GLU A 47 -15.97 3.43 16.40
CA GLU A 47 -14.74 3.92 15.80
C GLU A 47 -14.91 4.10 14.30
N LEU A 48 -15.55 3.13 13.67
CA LEU A 48 -15.77 3.15 12.22
C LEU A 48 -16.65 4.32 11.81
N GLN A 49 -17.73 4.53 12.55
CA GLN A 49 -18.67 5.61 12.23
C GLN A 49 -17.97 6.94 12.47
N ASP A 50 -17.19 7.02 13.53
CA ASP A 50 -16.43 8.24 13.85
C ASP A 50 -15.42 8.55 12.74
N MET A 51 -14.81 7.48 12.19
CA MET A 51 -13.87 7.60 11.07
C MET A 51 -14.57 8.24 9.88
N ILE A 52 -15.82 7.84 9.68
CA ILE A 52 -16.65 8.41 8.63
C ILE A 52 -16.96 9.84 8.93
N ASN A 53 -17.54 10.07 10.11
CA ASN A 53 -18.03 11.39 10.52
C ASN A 53 -16.93 12.46 10.50
N GLU A 54 -15.69 12.02 10.66
CA GLU A 54 -14.55 12.87 10.64
C GLU A 54 -14.44 13.54 9.25
N VAL A 55 -14.58 12.76 8.21
CA VAL A 55 -14.46 13.26 6.84
C VAL A 55 -15.81 13.64 6.27
N ASP A 56 -16.86 13.12 6.87
CA ASP A 56 -18.20 13.37 6.45
C ASP A 56 -18.57 14.81 6.71
N ALA A 57 -18.64 15.56 5.66
CA ALA A 57 -18.97 16.97 5.72
C ALA A 57 -20.47 17.20 5.67
N ASP A 58 -21.24 16.15 5.39
CA ASP A 58 -22.68 16.35 5.21
C ASP A 58 -23.42 15.93 6.43
N GLY A 59 -22.73 15.23 7.32
CA GLY A 59 -23.39 14.65 8.47
C GLY A 59 -24.43 13.64 8.00
N ASN A 60 -24.10 12.89 6.96
CA ASN A 60 -25.05 11.94 6.37
C ASN A 60 -24.65 10.50 6.68
N GLY A 61 -23.54 10.36 7.38
CA GLY A 61 -23.14 9.06 7.88
C GLY A 61 -22.38 8.22 6.88
N THR A 62 -22.01 8.80 5.77
CA THR A 62 -21.27 8.06 4.75
C THR A 62 -20.10 8.87 4.23
N ILE A 63 -19.06 8.17 3.80
CA ILE A 63 -17.89 8.80 3.21
C ILE A 63 -18.11 8.84 1.72
N ASP A 64 -18.38 9.99 1.21
CA ASP A 64 -18.60 10.18 -0.20
C ASP A 64 -17.27 10.17 -0.90
N PHE A 65 -17.29 10.00 -2.20
CA PHE A 65 -16.08 9.96 -3.01
C PHE A 65 -15.16 11.20 -2.75
N PRO A 66 -15.67 12.46 -2.87
CA PRO A 66 -14.89 13.69 -2.56
C PRO A 66 -14.24 13.66 -1.16
N GLU A 67 -14.95 13.12 -0.19
CA GLU A 67 -14.48 13.08 1.19
C GLU A 67 -13.34 12.06 1.32
N PHE A 68 -13.52 10.91 0.68
CA PHE A 68 -12.55 9.81 0.69
C PHE A 68 -11.26 10.30 0.02
N LEU A 69 -11.40 11.03 -1.07
CA LEU A 69 -10.25 11.60 -1.78
C LEU A 69 -9.51 12.59 -0.90
N THR A 70 -10.27 13.50 -0.31
CA THR A 70 -9.71 14.56 0.52
C THR A 70 -8.89 14.02 1.70
N MET A 71 -9.41 13.03 2.43
CA MET A 71 -8.66 12.49 3.54
C MET A 71 -7.44 11.75 3.07
N MET A 72 -7.52 11.13 1.91
CA MET A 72 -6.40 10.39 1.38
C MET A 72 -5.32 11.36 0.95
N ALA A 73 -5.74 12.49 0.40
CA ALA A 73 -4.83 13.55 -0.02
C ALA A 73 -4.09 14.12 1.18
N ARG A 74 -4.72 14.08 2.34
CA ARG A 74 -4.12 14.54 3.57
C ARG A 74 -3.09 13.53 4.10
N LYS A 75 -3.30 12.26 3.77
CA LYS A 75 -2.42 11.20 4.21
C LYS A 75 -1.07 11.28 3.51
N MET A 76 -1.07 11.80 2.29
CA MET A 76 0.17 12.19 1.64
C MET A 76 0.40 13.63 2.05
N LYS A 77 1.18 13.78 3.11
CA LYS A 77 1.45 15.07 3.79
C LYS A 77 1.74 16.22 2.81
N ASP A 78 2.96 16.31 2.38
CA ASP A 78 3.37 17.30 1.37
C ASP A 78 4.56 16.73 0.70
N THR A 79 4.53 15.48 0.73
CA THR A 79 5.49 14.64 0.24
C THR A 79 4.77 13.37 -0.17
N ASP A 80 5.03 12.87 -1.35
CA ASP A 80 4.38 11.64 -1.79
C ASP A 80 5.41 10.65 -2.29
N SER A 81 6.32 11.13 -3.10
CA SER A 81 7.28 10.29 -3.77
C SER A 81 8.29 9.69 -2.79
N GLU A 82 8.67 10.45 -1.78
CA GLU A 82 9.63 9.97 -0.80
C GLU A 82 8.94 9.54 0.49
N GLU A 83 7.78 10.12 0.75
CA GLU A 83 7.06 9.89 1.99
C GLU A 83 6.57 8.46 2.06
N GLU A 84 5.99 7.98 0.97
CA GLU A 84 5.41 6.64 0.87
C GLU A 84 6.44 5.59 1.16
N ILE A 85 7.59 5.79 0.59
CA ILE A 85 8.66 4.83 0.64
C ILE A 85 9.12 4.68 2.07
N ARG A 86 9.35 5.80 2.69
CA ARG A 86 9.80 5.85 4.04
C ARG A 86 8.70 5.40 5.00
N GLU A 87 7.45 5.69 4.64
CA GLU A 87 6.29 5.32 5.44
C GLU A 87 6.20 3.81 5.49
N ALA A 88 6.22 3.22 4.31
CA ALA A 88 6.15 1.80 4.14
C ALA A 88 7.31 1.11 4.83
N PHE A 89 8.51 1.63 4.63
CA PHE A 89 9.67 1.05 5.27
C PHE A 89 9.51 1.12 6.79
N ARG A 90 9.14 2.29 7.30
CA ARG A 90 8.99 2.52 8.72
C ARG A 90 7.94 1.60 9.35
N VAL A 91 6.88 1.32 8.62
CA VAL A 91 5.83 0.47 9.14
C VAL A 91 6.25 -1.02 9.12
N PHE A 92 7.16 -1.40 8.22
CA PHE A 92 7.65 -2.79 8.20
C PHE A 92 8.71 -2.95 9.27
N ASP A 93 9.73 -2.13 9.18
CA ASP A 93 10.81 -2.15 10.14
C ASP A 93 10.48 -1.21 11.29
N LYS A 94 9.77 -1.76 12.24
CA LYS A 94 9.26 -0.98 13.36
C LYS A 94 10.32 -0.70 14.41
N ASP A 95 11.37 -1.49 14.41
CA ASP A 95 12.43 -1.33 15.41
C ASP A 95 13.41 -0.26 14.94
N GLY A 96 13.32 0.07 13.67
CA GLY A 96 14.18 1.09 13.10
C GLY A 96 15.60 0.60 12.97
N ASN A 97 15.76 -0.55 12.36
CA ASN A 97 17.05 -1.17 12.17
C ASN A 97 17.74 -0.60 10.96
N GLY A 98 16.94 -0.02 10.07
CA GLY A 98 17.45 0.53 8.83
C GLY A 98 17.56 -0.56 7.78
N TYR A 99 17.23 -1.76 8.19
CA TYR A 99 17.30 -2.95 7.39
C TYR A 99 16.13 -3.81 7.78
N ILE A 100 15.62 -4.60 6.88
CA ILE A 100 14.52 -5.49 7.18
C ILE A 100 15.06 -6.92 7.12
N SER A 101 14.74 -7.71 8.11
CA SER A 101 15.15 -9.10 8.15
C SER A 101 13.97 -9.98 7.66
N ALA A 102 14.24 -11.19 7.17
CA ALA A 102 13.20 -12.05 6.57
C ALA A 102 12.16 -12.55 7.58
N ALA A 103 12.61 -13.10 8.69
CA ALA A 103 11.68 -13.61 9.70
C ALA A 103 10.89 -12.47 10.29
N GLU A 104 11.54 -11.34 10.39
CA GLU A 104 10.95 -10.10 10.85
C GLU A 104 9.86 -9.63 9.89
N LEU A 105 10.17 -9.65 8.61
CA LEU A 105 9.22 -9.27 7.59
C LEU A 105 8.06 -10.29 7.60
N ARG A 106 8.41 -11.54 7.83
CA ARG A 106 7.44 -12.62 7.93
C ARG A 106 6.50 -12.35 9.11
N HIS A 107 7.09 -11.82 10.19
CA HIS A 107 6.34 -11.43 11.39
C HIS A 107 5.35 -10.34 11.05
N VAL A 108 5.83 -9.24 10.44
CA VAL A 108 4.96 -8.13 10.11
C VAL A 108 3.87 -8.56 9.13
N MET A 109 4.20 -9.45 8.20
CA MET A 109 3.21 -9.94 7.23
C MET A 109 2.12 -10.70 7.92
N THR A 110 2.50 -11.51 8.88
CA THR A 110 1.55 -12.27 9.66
C THR A 110 0.68 -11.32 10.50
N ASN A 111 1.29 -10.23 10.93
CA ASN A 111 0.64 -9.19 11.71
C ASN A 111 -0.28 -8.33 10.81
N LEU A 112 0.04 -8.29 9.53
CA LEU A 112 -0.70 -7.49 8.56
C LEU A 112 -1.86 -8.29 7.99
N GLY A 113 -1.77 -9.59 8.10
CA GLY A 113 -2.82 -10.44 7.60
C GLY A 113 -2.42 -11.15 6.33
N GLU A 114 -1.34 -10.69 5.73
CA GLU A 114 -0.78 -11.29 4.52
C GLU A 114 -0.36 -12.71 4.81
N LYS A 115 0.29 -12.88 5.98
CA LYS A 115 0.72 -14.21 6.49
C LYS A 115 1.58 -14.95 5.46
N LEU A 116 2.40 -14.18 4.74
CA LEU A 116 3.25 -14.74 3.69
C LEU A 116 4.19 -15.80 4.24
N THR A 117 4.42 -16.81 3.46
CA THR A 117 5.31 -17.88 3.82
C THR A 117 6.77 -17.40 3.83
N ASP A 118 7.66 -18.21 4.37
CA ASP A 118 9.07 -17.84 4.48
C ASP A 118 9.65 -17.65 3.10
N GLU A 119 9.19 -18.46 2.18
CA GLU A 119 9.55 -18.41 0.78
C GLU A 119 9.34 -17.00 0.20
N GLU A 120 8.13 -16.49 0.36
CA GLU A 120 7.77 -15.22 -0.24
C GLU A 120 8.45 -14.05 0.50
N VAL A 121 8.56 -14.15 1.81
CA VAL A 121 9.17 -13.08 2.60
C VAL A 121 10.67 -13.01 2.36
N ASP A 122 11.29 -14.17 2.15
CA ASP A 122 12.71 -14.25 1.88
C ASP A 122 12.97 -13.73 0.49
N GLU A 123 12.03 -14.02 -0.41
CA GLU A 123 12.06 -13.53 -1.78
C GLU A 123 12.02 -11.99 -1.75
N MET A 124 11.10 -11.45 -0.93
CA MET A 124 10.98 -10.02 -0.72
C MET A 124 12.29 -9.40 -0.30
N ILE A 125 12.92 -9.99 0.70
CA ILE A 125 14.19 -9.52 1.20
C ILE A 125 15.25 -9.61 0.13
N ARG A 126 15.46 -10.81 -0.38
CA ARG A 126 16.56 -11.14 -1.30
C ARG A 126 16.63 -10.25 -2.54
N GLU A 127 15.49 -9.96 -3.14
CA GLU A 127 15.46 -9.11 -4.32
C GLU A 127 15.69 -7.64 -3.99
N ALA A 128 15.26 -7.24 -2.81
CA ALA A 128 15.42 -5.85 -2.40
C ALA A 128 16.81 -5.62 -1.81
N ASP A 129 17.35 -6.69 -1.26
CA ASP A 129 18.71 -6.77 -0.72
C ASP A 129 19.71 -6.65 -1.85
N ILE A 130 20.21 -5.46 -2.06
CA ILE A 130 21.13 -5.19 -3.14
C ILE A 130 22.56 -5.55 -2.76
N ASP A 131 23.00 -5.11 -1.59
CA ASP A 131 24.39 -5.32 -1.13
C ASP A 131 24.68 -6.78 -0.77
N GLY A 132 23.64 -7.57 -0.70
CA GLY A 132 23.81 -8.97 -0.41
C GLY A 132 24.17 -9.17 1.03
N ASP A 133 23.44 -8.52 1.89
CA ASP A 133 23.71 -8.61 3.31
C ASP A 133 22.76 -9.61 3.92
N GLY A 134 21.71 -9.92 3.18
CA GLY A 134 20.70 -10.83 3.64
C GLY A 134 19.60 -10.06 4.31
N GLN A 135 19.67 -8.75 4.17
CA GLN A 135 18.78 -7.81 4.79
C GLN A 135 18.63 -6.63 3.86
N VAL A 136 17.42 -6.19 3.66
CA VAL A 136 17.16 -5.06 2.76
C VAL A 136 17.25 -3.74 3.51
N ASN A 137 18.13 -2.88 3.05
CA ASN A 137 18.31 -1.56 3.65
C ASN A 137 17.31 -0.57 3.05
N TYR A 138 16.99 0.47 3.81
CA TYR A 138 16.08 1.53 3.43
C TYR A 138 16.55 2.17 2.13
N GLU A 139 17.81 2.49 2.09
CA GLU A 139 18.45 3.15 0.96
C GLU A 139 18.42 2.27 -0.30
N GLU A 140 18.28 0.98 -0.13
CA GLU A 140 18.18 0.07 -1.25
C GLU A 140 16.73 -0.04 -1.66
N PHE A 141 15.88 -0.14 -0.67
CA PHE A 141 14.47 -0.30 -0.87
C PHE A 141 13.84 0.94 -1.52
N VAL A 142 14.42 2.12 -1.30
CA VAL A 142 13.92 3.36 -1.93
C VAL A 142 13.96 3.27 -3.45
N GLN A 143 14.91 2.50 -3.97
CA GLN A 143 15.05 2.29 -5.38
C GLN A 143 14.04 1.26 -5.85
N MET A 144 13.95 0.20 -5.08
CA MET A 144 13.09 -0.95 -5.38
C MET A 144 11.61 -0.60 -5.34
N MET A 145 11.21 0.12 -4.32
CA MET A 145 9.80 0.47 -4.13
C MET A 145 9.28 1.38 -5.23
N THR A 146 10.13 2.26 -5.74
CA THR A 146 9.70 3.18 -6.75
C THR A 146 9.82 2.55 -8.17
N ALA A 147 10.27 1.30 -8.22
CA ALA A 147 10.38 0.59 -9.46
C ALA A 147 9.03 0.01 -9.82
N LYS A 148 8.28 0.76 -10.59
CA LYS A 148 6.97 0.36 -11.00
C LYS A 148 7.07 -0.28 -12.35
N SER B 1 15.09 -4.87 -12.70
CA SER B 1 15.07 -5.74 -11.54
C SER B 1 16.06 -6.90 -11.76
N PRO B 2 16.68 -7.43 -10.67
CA PRO B 2 17.63 -8.55 -10.79
C PRO B 2 16.97 -9.81 -11.35
N ALA B 3 15.98 -10.31 -10.66
CA ALA B 3 15.29 -11.49 -11.11
C ALA B 3 13.81 -11.22 -11.18
N ASN B 4 13.28 -10.68 -10.08
CA ASN B 4 11.85 -10.37 -9.89
C ASN B 4 10.99 -11.59 -10.15
N SER B 5 10.69 -12.31 -9.11
CA SER B 5 9.94 -13.57 -9.20
C SER B 5 8.42 -13.38 -9.47
N PHE B 6 8.06 -12.23 -10.07
CA PHE B 6 6.69 -11.89 -10.47
C PHE B 6 5.74 -11.65 -9.32
N HIS B 7 5.45 -12.68 -8.53
CA HIS B 7 4.51 -12.51 -7.42
C HIS B 7 5.10 -11.59 -6.36
N PHE B 8 6.42 -11.48 -6.39
CA PHE B 8 7.19 -10.53 -5.58
C PHE B 8 6.62 -9.12 -5.71
N LYS B 9 6.29 -8.75 -6.94
CA LYS B 9 5.80 -7.43 -7.25
C LYS B 9 4.39 -7.28 -6.68
N GLU B 10 3.57 -8.30 -6.94
CA GLU B 10 2.19 -8.36 -6.48
C GLU B 10 2.14 -8.33 -4.95
N ALA B 11 3.05 -9.05 -4.34
CA ALA B 11 3.14 -9.16 -2.91
C ALA B 11 3.47 -7.82 -2.29
N TRP B 12 4.50 -7.13 -2.81
CA TRP B 12 4.85 -5.80 -2.30
C TRP B 12 3.70 -4.83 -2.47
N LYS B 13 3.01 -4.92 -3.60
CA LYS B 13 1.85 -4.09 -3.90
C LYS B 13 0.84 -4.21 -2.78
N HIS B 14 0.41 -5.43 -2.57
CA HIS B 14 -0.59 -5.75 -1.55
C HIS B 14 -0.09 -5.43 -0.14
N ALA B 15 1.19 -5.67 0.10
CA ALA B 15 1.81 -5.41 1.39
C ALA B 15 1.75 -3.93 1.73
N ILE B 16 2.21 -3.09 0.82
CA ILE B 16 2.25 -1.66 1.09
C ILE B 16 0.85 -1.06 1.24
N GLN B 17 -0.11 -1.60 0.46
CA GLN B 17 -1.51 -1.20 0.56
C GLN B 17 -2.04 -1.45 1.97
N LYS B 18 -1.70 -2.61 2.50
CA LYS B 18 -2.13 -3.04 3.82
C LYS B 18 -1.36 -2.30 4.92
N ALA B 19 -0.06 -2.22 4.74
CA ALA B 19 0.86 -1.67 5.74
C ALA B 19 0.63 -0.19 6.03
N LYS B 20 0.38 0.59 4.98
CA LYS B 20 0.12 2.03 5.14
C LYS B 20 -1.16 2.25 5.92
N HIS B 21 -2.09 1.36 5.70
CA HIS B 21 -3.41 1.40 6.27
C HIS B 21 -3.35 1.19 7.81
N MET B 22 -4.12 1.98 8.54
CA MET B 22 -4.16 1.94 10.02
C MET B 22 -5.60 1.47 10.43
N PRO B 23 -6.16 1.72 11.66
CA PRO B 23 -7.59 1.39 11.94
C PRO B 23 -8.56 2.39 11.25
N ASP B 24 -8.05 3.08 10.26
CA ASP B 24 -8.73 4.13 9.55
C ASP B 24 -9.19 3.60 8.18
N PRO B 25 -10.02 4.36 7.45
CA PRO B 25 -10.36 4.04 6.09
C PRO B 25 -9.30 4.64 5.15
N TRP B 26 -8.33 3.84 4.84
CA TRP B 26 -7.21 4.27 4.04
C TRP B 26 -7.22 3.45 2.77
N ALA B 27 -7.12 4.09 1.66
CA ALA B 27 -7.05 3.38 0.42
C ALA B 27 -5.59 3.05 0.13
CA CA C . -21.96 1.64 -0.35
CA CA D . -20.66 12.39 3.39
N ALA A 1 -1.83 16.48 -4.09
CA ALA A 1 -2.86 15.58 -3.61
C ALA A 1 -3.59 14.91 -4.78
N ASP A 2 -3.72 15.61 -5.91
CA ASP A 2 -4.42 15.06 -7.05
C ASP A 2 -3.61 15.18 -8.33
N GLN A 3 -2.95 14.11 -8.68
CA GLN A 3 -2.23 14.00 -9.95
C GLN A 3 -2.54 12.63 -10.54
N LEU A 4 -3.62 12.55 -11.25
CA LEU A 4 -4.05 11.33 -11.83
C LEU A 4 -4.42 11.59 -13.28
N THR A 5 -3.85 10.82 -14.17
CA THR A 5 -4.14 10.98 -15.58
C THR A 5 -5.53 10.40 -15.89
N GLU A 6 -6.16 10.90 -16.96
CA GLU A 6 -7.54 10.52 -17.34
C GLU A 6 -7.70 9.01 -17.45
N GLU A 7 -6.74 8.38 -18.10
CA GLU A 7 -6.77 6.94 -18.33
C GLU A 7 -6.65 6.18 -17.01
N GLN A 8 -5.88 6.74 -16.09
CA GLN A 8 -5.72 6.13 -14.80
C GLN A 8 -7.02 6.30 -14.01
N ILE A 9 -7.65 7.43 -14.18
CA ILE A 9 -8.94 7.69 -13.57
C ILE A 9 -9.99 6.74 -14.16
N ALA A 10 -9.86 6.45 -15.45
CA ALA A 10 -10.71 5.47 -16.14
C ALA A 10 -10.54 4.07 -15.53
N GLU A 11 -9.29 3.73 -15.22
CA GLU A 11 -8.96 2.49 -14.52
C GLU A 11 -9.73 2.45 -13.22
N PHE A 12 -9.65 3.54 -12.48
CA PHE A 12 -10.32 3.67 -11.21
C PHE A 12 -11.82 3.73 -11.33
N LYS A 13 -12.34 4.18 -12.47
CA LYS A 13 -13.79 4.18 -12.70
C LYS A 13 -14.33 2.77 -12.53
N GLU A 14 -13.78 1.87 -13.30
CA GLU A 14 -14.25 0.48 -13.28
C GLU A 14 -13.85 -0.22 -12.00
N ALA A 15 -12.63 0.02 -11.53
CA ALA A 15 -12.14 -0.59 -10.32
C ALA A 15 -12.93 -0.13 -9.10
N PHE A 16 -13.42 1.10 -9.15
CA PHE A 16 -14.21 1.65 -8.07
C PHE A 16 -15.53 0.93 -7.99
N SER A 17 -16.15 0.69 -9.13
CA SER A 17 -17.44 0.01 -9.19
C SER A 17 -17.33 -1.44 -8.67
N LEU A 18 -16.14 -2.01 -8.76
CA LEU A 18 -15.88 -3.35 -8.23
C LEU A 18 -15.98 -3.30 -6.68
N PHE A 19 -15.52 -2.21 -6.10
CA PHE A 19 -15.52 -2.02 -4.65
C PHE A 19 -16.83 -1.41 -4.17
N ASP A 20 -17.36 -0.48 -4.94
CA ASP A 20 -18.63 0.15 -4.64
C ASP A 20 -19.70 -0.81 -5.07
N LYS A 21 -20.22 -1.51 -4.11
CA LYS A 21 -21.15 -2.56 -4.35
C LYS A 21 -22.55 -2.06 -4.64
N ASP A 22 -22.74 -0.76 -4.53
CA ASP A 22 -24.05 -0.18 -4.76
C ASP A 22 -23.99 0.78 -5.96
N GLY A 23 -22.78 1.11 -6.37
CA GLY A 23 -22.55 2.00 -7.50
C GLY A 23 -23.03 3.42 -7.24
N ASP A 24 -22.57 4.03 -6.15
CA ASP A 24 -23.05 5.37 -5.78
C ASP A 24 -21.94 6.40 -5.97
N GLY A 25 -20.73 5.92 -6.05
CA GLY A 25 -19.58 6.79 -6.08
C GLY A 25 -19.10 7.05 -4.67
N THR A 26 -19.48 6.14 -3.79
CA THR A 26 -19.15 6.20 -2.37
C THR A 26 -18.97 4.79 -1.82
N ILE A 27 -17.89 4.56 -1.13
CA ILE A 27 -17.61 3.29 -0.53
C ILE A 27 -17.66 3.41 0.98
N THR A 28 -18.52 2.63 1.57
CA THR A 28 -18.69 2.59 3.01
C THR A 28 -17.83 1.47 3.61
N THR A 29 -17.83 1.37 4.95
CA THR A 29 -17.12 0.33 5.64
C THR A 29 -17.77 -1.02 5.34
N LYS A 30 -19.06 -0.95 5.03
CA LYS A 30 -19.87 -2.05 4.53
C LYS A 30 -19.15 -2.71 3.38
N GLU A 31 -18.90 -1.92 2.37
CA GLU A 31 -18.32 -2.37 1.13
C GLU A 31 -16.87 -2.73 1.28
N LEU A 32 -16.17 -1.99 2.14
CA LEU A 32 -14.78 -2.30 2.44
C LEU A 32 -14.69 -3.71 3.01
N GLY A 33 -15.49 -3.99 4.02
CA GLY A 33 -15.49 -5.30 4.63
C GLY A 33 -15.98 -6.37 3.67
N THR A 34 -16.87 -6.00 2.76
CA THR A 34 -17.37 -6.92 1.76
C THR A 34 -16.21 -7.45 0.89
N VAL A 35 -15.43 -6.54 0.33
CA VAL A 35 -14.33 -6.93 -0.55
C VAL A 35 -13.21 -7.59 0.24
N MET A 36 -13.02 -7.13 1.46
CA MET A 36 -12.00 -7.67 2.33
C MET A 36 -12.34 -9.08 2.76
N ARG A 37 -13.62 -9.34 2.96
CA ARG A 37 -14.11 -10.69 3.28
C ARG A 37 -13.74 -11.64 2.15
N SER A 38 -13.90 -11.16 0.91
CA SER A 38 -13.52 -11.91 -0.27
C SER A 38 -12.00 -12.14 -0.31
N LEU A 39 -11.25 -11.16 0.22
CA LEU A 39 -9.80 -11.22 0.23
C LEU A 39 -9.28 -12.02 1.42
N GLY A 40 -10.18 -12.43 2.30
CA GLY A 40 -9.82 -13.23 3.45
C GLY A 40 -9.40 -12.40 4.65
N GLN A 41 -9.86 -11.18 4.73
CA GLN A 41 -9.53 -10.33 5.85
C GLN A 41 -10.81 -9.82 6.48
N ASN A 42 -10.90 -9.87 7.77
CA ASN A 42 -12.07 -9.35 8.47
C ASN A 42 -11.66 -8.25 9.45
N PRO A 43 -11.50 -7.01 8.96
CA PRO A 43 -11.18 -5.86 9.80
C PRO A 43 -12.44 -5.28 10.44
N THR A 44 -12.27 -4.64 11.55
CA THR A 44 -13.35 -4.07 12.28
C THR A 44 -13.72 -2.65 11.80
N GLU A 45 -14.94 -2.23 12.16
CA GLU A 45 -15.56 -0.97 11.76
C GLU A 45 -14.62 0.22 11.91
N ALA A 46 -14.13 0.45 13.12
CA ALA A 46 -13.30 1.62 13.42
C ALA A 46 -11.98 1.63 12.65
N GLU A 47 -11.46 0.45 12.32
CA GLU A 47 -10.20 0.37 11.57
C GLU A 47 -10.46 0.86 10.16
N LEU A 48 -11.56 0.40 9.61
CA LEU A 48 -11.99 0.79 8.28
C LEU A 48 -12.30 2.29 8.27
N GLN A 49 -12.92 2.75 9.35
CA GLN A 49 -13.24 4.14 9.54
C GLN A 49 -11.97 5.01 9.46
N ASP A 50 -10.92 4.60 10.17
CA ASP A 50 -9.64 5.35 10.17
C ASP A 50 -9.01 5.36 8.78
N MET A 51 -9.15 4.24 8.07
CA MET A 51 -8.65 4.12 6.69
C MET A 51 -9.33 5.15 5.82
N ILE A 52 -10.65 5.21 5.96
CA ILE A 52 -11.47 6.18 5.25
C ILE A 52 -11.07 7.59 5.64
N ASN A 53 -10.89 7.78 6.93
CA ASN A 53 -10.59 9.07 7.55
C ASN A 53 -9.30 9.70 7.09
N GLU A 54 -8.45 8.94 6.43
CA GLU A 54 -7.24 9.45 5.90
C GLU A 54 -7.56 10.39 4.74
N VAL A 55 -8.53 10.00 3.95
CA VAL A 55 -8.86 10.72 2.74
C VAL A 55 -10.19 11.43 2.84
N ASP A 56 -10.97 11.04 3.84
CA ASP A 56 -12.29 11.60 4.04
C ASP A 56 -12.15 13.01 4.54
N ALA A 57 -12.42 13.95 3.68
CA ALA A 57 -12.29 15.34 4.02
C ALA A 57 -13.56 15.87 4.66
N ASP A 58 -14.69 15.25 4.32
CA ASP A 58 -15.98 15.74 4.82
C ASP A 58 -16.30 15.05 6.12
N GLY A 59 -15.54 14.01 6.43
CA GLY A 59 -15.75 13.23 7.62
C GLY A 59 -17.12 12.62 7.65
N ASN A 60 -17.43 11.77 6.68
CA ASN A 60 -18.76 11.15 6.61
C ASN A 60 -18.63 9.70 6.97
N GLY A 61 -17.42 9.21 6.92
CA GLY A 61 -17.20 7.80 7.09
C GLY A 61 -17.32 7.11 5.76
N THR A 62 -17.12 7.86 4.68
CA THR A 62 -17.19 7.35 3.33
C THR A 62 -16.08 7.93 2.48
N ILE A 63 -15.46 7.07 1.69
CA ILE A 63 -14.47 7.50 0.74
C ILE A 63 -15.23 7.73 -0.53
N ASP A 64 -15.44 8.96 -0.82
CA ASP A 64 -16.22 9.31 -1.98
C ASP A 64 -15.29 9.24 -3.17
N PHE A 65 -15.83 8.98 -4.36
CA PHE A 65 -15.00 8.81 -5.59
C PHE A 65 -13.90 9.89 -5.76
N PRO A 66 -14.23 11.21 -5.70
CA PRO A 66 -13.22 12.28 -5.74
C PRO A 66 -12.05 12.05 -4.74
N GLU A 67 -12.40 11.61 -3.52
CA GLU A 67 -11.41 11.38 -2.47
C GLU A 67 -10.62 10.12 -2.76
N PHE A 68 -11.28 9.16 -3.37
CA PHE A 68 -10.68 7.89 -3.70
C PHE A 68 -9.54 8.11 -4.69
N LEU A 69 -9.78 9.03 -5.62
CA LEU A 69 -8.79 9.41 -6.60
C LEU A 69 -7.60 10.06 -5.90
N THR A 70 -7.89 11.00 -5.01
CA THR A 70 -6.88 11.69 -4.22
C THR A 70 -6.03 10.68 -3.41
N MET A 71 -6.72 9.69 -2.85
CA MET A 71 -6.11 8.63 -2.07
C MET A 71 -5.07 7.89 -2.86
N MET A 72 -5.42 7.58 -4.08
CA MET A 72 -4.55 6.83 -4.95
C MET A 72 -3.47 7.70 -5.52
N ALA A 73 -3.80 8.94 -5.86
CA ALA A 73 -2.84 9.88 -6.41
C ALA A 73 -1.70 10.13 -5.43
N ARG A 74 -2.02 10.35 -4.15
CA ARG A 74 -1.02 10.55 -3.10
C ARG A 74 -0.03 9.37 -3.02
N LYS A 75 -0.52 8.21 -3.33
CA LYS A 75 0.27 7.00 -3.26
C LYS A 75 1.02 6.73 -4.57
N MET A 76 0.50 7.23 -5.66
CA MET A 76 1.04 6.97 -6.98
C MET A 76 1.33 8.28 -7.75
N LYS A 77 2.61 8.61 -7.92
CA LYS A 77 3.09 9.83 -8.65
C LYS A 77 2.99 11.13 -7.83
N ASP A 78 1.83 11.39 -7.27
CA ASP A 78 1.65 12.58 -6.43
C ASP A 78 2.27 12.29 -5.08
N THR A 79 2.65 13.33 -4.35
CA THR A 79 3.25 13.17 -3.04
C THR A 79 4.59 12.39 -3.18
N ASP A 80 5.51 12.95 -3.93
CA ASP A 80 6.82 12.33 -4.16
C ASP A 80 7.82 12.86 -3.15
N SER A 81 7.31 13.34 -2.05
CA SER A 81 8.06 13.88 -0.95
C SER A 81 8.73 12.76 -0.10
N GLU A 82 8.75 11.53 -0.68
CA GLU A 82 9.37 10.32 -0.10
C GLU A 82 8.57 9.75 1.06
N GLU A 83 7.48 10.42 1.39
CA GLU A 83 6.66 10.08 2.53
C GLU A 83 6.07 8.69 2.43
N GLU A 84 5.54 8.36 1.26
CA GLU A 84 4.93 7.05 1.05
C GLU A 84 5.99 5.96 1.09
N ILE A 85 7.16 6.29 0.58
CA ILE A 85 8.25 5.33 0.46
C ILE A 85 8.85 5.09 1.85
N ARG A 86 8.99 6.15 2.60
CA ARG A 86 9.56 6.10 3.91
C ARG A 86 8.59 5.48 4.91
N GLU A 87 7.30 5.73 4.71
CA GLU A 87 6.24 5.11 5.51
C GLU A 87 6.33 3.62 5.33
N ALA A 88 6.44 3.25 4.07
CA ALA A 88 6.58 1.87 3.66
C ALA A 88 7.78 1.23 4.34
N PHE A 89 8.91 1.91 4.35
CA PHE A 89 10.06 1.36 5.00
C PHE A 89 9.86 1.27 6.51
N ARG A 90 9.34 2.33 7.11
CA ARG A 90 9.15 2.39 8.56
C ARG A 90 8.09 1.41 9.07
N VAL A 91 7.18 0.98 8.21
CA VAL A 91 6.18 0.02 8.64
C VAL A 91 6.79 -1.39 8.68
N PHE A 92 7.87 -1.59 7.93
CA PHE A 92 8.58 -2.85 7.95
C PHE A 92 9.73 -2.80 8.95
N ASP A 93 10.42 -1.67 9.01
CA ASP A 93 11.46 -1.47 9.99
C ASP A 93 11.00 -0.47 11.03
N LYS A 94 10.44 -1.00 12.07
CA LYS A 94 9.81 -0.23 13.14
C LYS A 94 10.84 0.34 14.10
N ASP A 95 11.72 -0.51 14.58
CA ASP A 95 12.62 -0.14 15.65
C ASP A 95 13.87 0.54 15.15
N GLY A 96 14.09 0.47 13.86
CA GLY A 96 15.24 1.14 13.31
C GLY A 96 16.42 0.21 13.24
N ASN A 97 16.22 -0.90 12.60
CA ASN A 97 17.25 -1.89 12.42
C ASN A 97 18.09 -1.48 11.22
N GLY A 98 17.51 -0.60 10.39
CA GLY A 98 18.20 -0.03 9.23
C GLY A 98 18.10 -0.93 8.03
N TYR A 99 17.73 -2.13 8.30
CA TYR A 99 17.58 -3.16 7.34
C TYR A 99 16.36 -3.92 7.69
N ILE A 100 15.54 -4.21 6.72
CA ILE A 100 14.36 -4.98 6.94
C ILE A 100 14.79 -6.42 7.10
N SER A 101 14.23 -7.09 8.07
CA SER A 101 14.59 -8.44 8.38
C SER A 101 13.46 -9.39 7.92
N ALA A 102 13.82 -10.54 7.34
CA ALA A 102 12.83 -11.47 6.76
C ALA A 102 11.89 -12.05 7.82
N ALA A 103 12.45 -12.51 8.92
CA ALA A 103 11.65 -13.11 9.98
C ALA A 103 10.70 -12.09 10.59
N GLU A 104 11.19 -10.88 10.81
CA GLU A 104 10.36 -9.81 11.34
C GLU A 104 9.27 -9.42 10.35
N LEU A 105 9.63 -9.35 9.08
CA LEU A 105 8.68 -9.03 8.03
C LEU A 105 7.61 -10.13 7.98
N ARG A 106 8.02 -11.35 8.17
CA ARG A 106 7.09 -12.46 8.16
C ARG A 106 6.18 -12.40 9.39
N HIS A 107 6.70 -11.84 10.48
CA HIS A 107 5.95 -11.68 11.73
C HIS A 107 4.86 -10.64 11.56
N VAL A 108 5.21 -9.50 10.95
CA VAL A 108 4.22 -8.45 10.73
C VAL A 108 3.16 -8.97 9.78
N MET A 109 3.54 -9.89 8.90
CA MET A 109 2.61 -10.50 7.98
C MET A 109 1.50 -11.21 8.69
N THR A 110 1.84 -12.04 9.65
CA THR A 110 0.84 -12.74 10.44
C THR A 110 -0.06 -11.70 11.17
N ASN A 111 0.54 -10.59 11.59
CA ASN A 111 -0.17 -9.51 12.26
C ASN A 111 -1.10 -8.76 11.29
N LEU A 112 -0.68 -8.67 10.04
CA LEU A 112 -1.44 -7.97 9.00
C LEU A 112 -2.54 -8.85 8.44
N GLY A 113 -2.52 -10.09 8.85
CA GLY A 113 -3.52 -11.02 8.40
C GLY A 113 -3.05 -11.82 7.22
N GLU A 114 -1.77 -11.87 7.01
CA GLU A 114 -1.21 -12.63 5.94
C GLU A 114 -0.72 -13.97 6.46
N LYS A 115 -0.24 -14.76 5.58
CA LYS A 115 0.22 -16.10 5.91
C LYS A 115 1.31 -16.51 4.92
N LEU A 116 2.25 -15.62 4.74
CA LEU A 116 3.30 -15.81 3.79
C LEU A 116 4.33 -16.79 4.30
N THR A 117 4.87 -17.57 3.41
CA THR A 117 5.88 -18.50 3.74
C THR A 117 7.21 -17.78 3.87
N ASP A 118 8.21 -18.47 4.35
CA ASP A 118 9.52 -17.87 4.50
C ASP A 118 10.14 -17.63 3.14
N GLU A 119 9.65 -18.35 2.13
CA GLU A 119 10.12 -18.22 0.76
C GLU A 119 9.65 -16.90 0.18
N GLU A 120 8.39 -16.59 0.39
CA GLU A 120 7.78 -15.38 -0.11
C GLU A 120 8.41 -14.15 0.52
N VAL A 121 8.59 -14.19 1.83
CA VAL A 121 9.19 -13.07 2.52
C VAL A 121 10.70 -12.99 2.21
N ASP A 122 11.31 -14.16 1.91
CA ASP A 122 12.71 -14.22 1.49
C ASP A 122 12.90 -13.54 0.17
N GLU A 123 12.02 -13.83 -0.79
CA GLU A 123 12.15 -13.27 -2.12
C GLU A 123 12.00 -11.75 -2.07
N MET A 124 11.13 -11.28 -1.16
CA MET A 124 10.95 -9.85 -0.93
C MET A 124 12.28 -9.22 -0.54
N ILE A 125 12.85 -9.74 0.53
CA ILE A 125 14.10 -9.23 1.09
C ILE A 125 15.23 -9.35 0.08
N ARG A 126 15.46 -10.56 -0.38
CA ARG A 126 16.57 -10.93 -1.25
C ARG A 126 16.70 -10.05 -2.50
N GLU A 127 15.60 -9.78 -3.15
CA GLU A 127 15.65 -9.04 -4.39
C GLU A 127 15.62 -7.52 -4.16
N ALA A 128 15.39 -7.11 -2.93
CA ALA A 128 15.47 -5.71 -2.58
C ALA A 128 16.86 -5.43 -2.01
N ASP A 129 17.39 -6.47 -1.38
CA ASP A 129 18.74 -6.53 -0.85
C ASP A 129 19.74 -6.49 -2.01
N ILE A 130 20.33 -5.36 -2.22
CA ILE A 130 21.19 -5.17 -3.35
C ILE A 130 22.58 -5.72 -3.07
N ASP A 131 23.11 -5.44 -1.89
CA ASP A 131 24.48 -5.85 -1.54
C ASP A 131 24.57 -7.36 -1.26
N GLY A 132 23.44 -8.00 -1.13
CA GLY A 132 23.43 -9.43 -0.92
C GLY A 132 23.82 -9.78 0.48
N ASP A 133 23.27 -9.06 1.43
CA ASP A 133 23.60 -9.26 2.83
C ASP A 133 22.56 -10.13 3.49
N GLY A 134 21.42 -10.28 2.85
CA GLY A 134 20.33 -11.05 3.42
C GLY A 134 19.38 -10.17 4.19
N GLN A 135 19.64 -8.88 4.13
CA GLN A 135 18.85 -7.87 4.78
C GLN A 135 18.71 -6.74 3.80
N VAL A 136 17.65 -5.98 3.86
CA VAL A 136 17.47 -4.88 2.90
C VAL A 136 17.50 -3.51 3.58
N ASN A 137 18.49 -2.71 3.22
CA ASN A 137 18.66 -1.35 3.74
C ASN A 137 17.65 -0.40 3.08
N TYR A 138 17.37 0.70 3.75
CA TYR A 138 16.46 1.75 3.29
C TYR A 138 16.81 2.17 1.87
N GLU A 139 18.08 2.45 1.65
CA GLU A 139 18.60 2.91 0.36
C GLU A 139 18.43 1.84 -0.74
N GLU A 140 18.36 0.61 -0.34
CA GLU A 140 18.18 -0.48 -1.28
C GLU A 140 16.70 -0.64 -1.59
N PHE A 141 15.91 -0.56 -0.54
CA PHE A 141 14.47 -0.65 -0.64
C PHE A 141 13.90 0.49 -1.47
N VAL A 142 14.37 1.72 -1.23
CA VAL A 142 13.87 2.88 -1.97
C VAL A 142 14.20 2.80 -3.46
N GLN A 143 15.31 2.14 -3.78
CA GLN A 143 15.72 1.97 -5.15
C GLN A 143 14.79 0.99 -5.85
N MET A 144 14.48 -0.08 -5.17
CA MET A 144 13.65 -1.14 -5.72
C MET A 144 12.17 -0.72 -5.74
N MET A 145 11.72 -0.05 -4.69
CA MET A 145 10.33 0.37 -4.58
C MET A 145 9.95 1.45 -5.59
N THR A 146 10.91 2.24 -6.03
CA THR A 146 10.60 3.28 -6.99
C THR A 146 10.51 2.71 -8.41
N ALA A 147 11.06 1.52 -8.58
CA ALA A 147 11.02 0.85 -9.85
C ALA A 147 9.94 -0.22 -9.81
N LYS A 148 8.78 0.10 -10.39
CA LYS A 148 7.59 -0.76 -10.45
C LYS A 148 6.87 -0.81 -9.09
N SER B 1 17.59 -12.82 -8.58
CA SER B 1 16.63 -13.29 -9.53
C SER B 1 15.26 -13.45 -8.86
N PRO B 2 14.29 -12.58 -9.17
CA PRO B 2 12.91 -12.61 -8.61
C PRO B 2 12.06 -13.76 -9.19
N ALA B 3 12.70 -14.89 -9.44
CA ALA B 3 12.06 -16.00 -10.05
C ALA B 3 12.35 -17.27 -9.29
N ASN B 4 12.52 -17.15 -7.99
CA ASN B 4 12.68 -18.34 -7.16
C ASN B 4 11.35 -18.73 -6.62
N SER B 5 10.62 -17.74 -6.16
CA SER B 5 9.27 -17.93 -5.73
C SER B 5 8.30 -17.37 -6.78
N PHE B 6 8.89 -16.62 -7.75
CA PHE B 6 8.17 -16.05 -8.91
C PHE B 6 7.06 -15.10 -8.47
N HIS B 7 7.24 -14.45 -7.33
CA HIS B 7 6.15 -13.66 -6.81
C HIS B 7 6.67 -12.36 -6.18
N PHE B 8 7.89 -12.01 -6.47
CA PHE B 8 8.59 -10.84 -5.88
C PHE B 8 7.79 -9.51 -5.90
N LYS B 9 7.41 -9.05 -7.07
CA LYS B 9 6.74 -7.76 -7.17
C LYS B 9 5.31 -7.81 -6.71
N GLU B 10 4.65 -8.91 -6.99
CA GLU B 10 3.29 -9.10 -6.56
C GLU B 10 3.24 -9.17 -5.04
N ALA B 11 4.31 -9.69 -4.45
CA ALA B 11 4.47 -9.79 -3.03
C ALA B 11 4.62 -8.41 -2.41
N TRP B 12 5.62 -7.64 -2.87
CA TRP B 12 5.84 -6.29 -2.34
C TRP B 12 4.65 -5.39 -2.55
N LYS B 13 4.03 -5.48 -3.71
CA LYS B 13 2.83 -4.69 -4.04
C LYS B 13 1.80 -4.89 -2.96
N HIS B 14 1.43 -6.14 -2.82
CA HIS B 14 0.46 -6.61 -1.84
C HIS B 14 0.89 -6.22 -0.40
N ALA B 15 2.15 -6.48 -0.09
CA ALA B 15 2.70 -6.23 1.24
C ALA B 15 2.68 -4.77 1.64
N ILE B 16 3.34 -3.94 0.84
CA ILE B 16 3.52 -2.51 1.14
C ILE B 16 2.20 -1.82 1.37
N GLN B 17 1.29 -2.00 0.45
CA GLN B 17 0.02 -1.31 0.48
C GLN B 17 -0.80 -1.67 1.72
N LYS B 18 -0.86 -2.95 2.05
CA LYS B 18 -1.61 -3.34 3.21
C LYS B 18 -0.85 -3.15 4.52
N ALA B 19 0.45 -3.07 4.45
CA ALA B 19 1.21 -2.76 5.64
C ALA B 19 0.93 -1.32 6.06
N LYS B 20 0.80 -0.45 5.07
CA LYS B 20 0.50 0.97 5.28
C LYS B 20 -0.98 1.16 5.68
N HIS B 21 -1.83 0.30 5.15
CA HIS B 21 -3.26 0.24 5.49
C HIS B 21 -3.65 -1.21 5.56
N MET B 22 -3.79 -1.76 6.76
CA MET B 22 -4.14 -3.18 6.92
C MET B 22 -5.40 -3.53 6.12
N PRO B 23 -6.50 -2.78 6.27
CA PRO B 23 -7.63 -2.91 5.41
C PRO B 23 -7.60 -1.80 4.32
N ASP B 24 -7.07 -2.12 3.17
CA ASP B 24 -6.92 -1.11 2.12
C ASP B 24 -7.87 -1.39 0.95
N PRO B 25 -8.59 -0.35 0.48
CA PRO B 25 -9.45 -0.45 -0.70
C PRO B 25 -8.61 -0.37 -1.98
N TRP B 26 -7.77 -1.35 -2.15
CA TRP B 26 -6.83 -1.45 -3.24
C TRP B 26 -7.53 -1.77 -4.57
N ALA B 27 -7.92 -0.72 -5.25
CA ALA B 27 -8.58 -0.80 -6.52
C ALA B 27 -7.54 -0.79 -7.63
CA CA C . -21.69 2.26 -2.11
CA CA D . -15.99 11.87 2.18
N ALA A 1 -6.31 17.46 -17.65
CA ALA A 1 -5.16 18.34 -17.42
C ALA A 1 -4.10 17.61 -16.58
N ASP A 2 -4.11 16.29 -16.60
CA ASP A 2 -3.22 15.49 -15.78
C ASP A 2 -1.92 15.30 -16.48
N GLN A 3 -0.91 15.90 -15.96
CA GLN A 3 0.39 15.82 -16.57
C GLN A 3 1.10 14.59 -16.04
N LEU A 4 0.71 13.47 -16.55
CA LEU A 4 1.21 12.19 -16.13
C LEU A 4 1.89 11.56 -17.31
N THR A 5 2.98 10.88 -17.08
CA THR A 5 3.60 10.18 -18.17
C THR A 5 2.76 8.99 -18.54
N GLU A 6 2.68 8.69 -19.80
CA GLU A 6 1.80 7.67 -20.31
C GLU A 6 2.26 6.28 -19.95
N GLU A 7 3.52 6.13 -19.60
CA GLU A 7 4.01 4.86 -19.09
C GLU A 7 3.42 4.63 -17.70
N GLN A 8 3.29 5.70 -16.93
CA GLN A 8 2.69 5.56 -15.61
C GLN A 8 1.24 5.28 -15.80
N ILE A 9 0.63 5.96 -16.76
CA ILE A 9 -0.76 5.73 -17.09
C ILE A 9 -0.96 4.26 -17.51
N ALA A 10 -0.01 3.72 -18.26
CA ALA A 10 -0.01 2.32 -18.68
C ALA A 10 0.04 1.38 -17.47
N GLU A 11 0.96 1.69 -16.56
CA GLU A 11 1.13 0.92 -15.34
C GLU A 11 -0.12 1.00 -14.46
N PHE A 12 -0.67 2.18 -14.38
CA PHE A 12 -1.85 2.42 -13.60
C PHE A 12 -3.01 1.67 -14.19
N LYS A 13 -3.06 1.54 -15.52
CA LYS A 13 -4.09 0.73 -16.20
C LYS A 13 -4.05 -0.70 -15.71
N GLU A 14 -2.86 -1.23 -15.57
CA GLU A 14 -2.63 -2.61 -15.12
C GLU A 14 -3.23 -2.79 -13.71
N ALA A 15 -2.71 -2.02 -12.76
CA ALA A 15 -3.13 -2.12 -11.37
C ALA A 15 -4.59 -1.71 -11.19
N PHE A 16 -5.06 -0.87 -12.07
CA PHE A 16 -6.43 -0.37 -12.05
C PHE A 16 -7.41 -1.52 -12.20
N SER A 17 -7.18 -2.38 -13.18
CA SER A 17 -8.04 -3.53 -13.40
C SER A 17 -7.79 -4.62 -12.34
N LEU A 18 -6.66 -4.53 -11.64
CA LEU A 18 -6.42 -5.40 -10.50
C LEU A 18 -7.40 -5.01 -9.37
N PHE A 19 -7.68 -3.72 -9.26
CA PHE A 19 -8.62 -3.21 -8.26
C PHE A 19 -10.06 -3.27 -8.78
N ASP A 20 -10.27 -2.91 -10.03
CA ASP A 20 -11.60 -2.98 -10.64
C ASP A 20 -11.86 -4.40 -11.07
N LYS A 21 -12.60 -5.10 -10.24
CA LYS A 21 -12.81 -6.51 -10.41
C LYS A 21 -13.77 -6.88 -11.55
N ASP A 22 -14.34 -5.93 -12.26
CA ASP A 22 -15.26 -6.33 -13.35
C ASP A 22 -14.75 -5.89 -14.72
N GLY A 23 -13.78 -5.02 -14.73
CA GLY A 23 -13.20 -4.60 -15.99
C GLY A 23 -13.99 -3.49 -16.65
N ASP A 24 -14.64 -2.70 -15.85
CA ASP A 24 -15.43 -1.56 -16.34
C ASP A 24 -14.65 -0.28 -16.14
N GLY A 25 -13.65 -0.34 -15.29
CA GLY A 25 -12.78 0.77 -15.05
C GLY A 25 -13.37 1.86 -14.18
N THR A 26 -14.37 1.57 -13.42
CA THR A 26 -14.84 2.51 -12.45
C THR A 26 -15.01 1.78 -11.13
N ILE A 27 -14.45 2.30 -10.08
CA ILE A 27 -14.46 1.60 -8.83
C ILE A 27 -15.47 2.22 -7.90
N THR A 28 -16.47 1.44 -7.57
CA THR A 28 -17.55 1.86 -6.70
C THR A 28 -17.17 1.70 -5.22
N THR A 29 -18.01 2.18 -4.31
CA THR A 29 -17.75 2.10 -2.88
C THR A 29 -17.63 0.65 -2.41
N LYS A 30 -18.53 -0.20 -2.90
CA LYS A 30 -18.51 -1.60 -2.56
C LYS A 30 -17.27 -2.29 -3.07
N GLU A 31 -16.79 -1.89 -4.22
CA GLU A 31 -15.58 -2.47 -4.77
C GLU A 31 -14.39 -2.03 -3.94
N LEU A 32 -14.33 -0.74 -3.63
CA LEU A 32 -13.29 -0.19 -2.79
C LEU A 32 -13.21 -0.93 -1.48
N GLY A 33 -14.31 -1.00 -0.76
CA GLY A 33 -14.31 -1.67 0.54
C GLY A 33 -13.95 -3.14 0.47
N THR A 34 -14.29 -3.79 -0.63
CA THR A 34 -13.96 -5.20 -0.80
C THR A 34 -12.45 -5.39 -1.03
N VAL A 35 -11.88 -4.60 -1.95
CA VAL A 35 -10.44 -4.70 -2.20
C VAL A 35 -9.65 -4.20 -1.00
N MET A 36 -10.19 -3.18 -0.34
CA MET A 36 -9.60 -2.63 0.85
C MET A 36 -9.62 -3.63 1.99
N ARG A 37 -10.64 -4.46 2.02
CA ARG A 37 -10.76 -5.50 3.04
C ARG A 37 -9.58 -6.48 2.89
N SER A 38 -9.25 -6.81 1.64
CA SER A 38 -8.12 -7.66 1.32
C SER A 38 -6.79 -6.94 1.63
N LEU A 39 -6.85 -5.61 1.71
CA LEU A 39 -5.70 -4.80 2.06
C LEU A 39 -5.72 -4.34 3.52
N GLY A 40 -6.59 -4.96 4.31
CA GLY A 40 -6.62 -4.74 5.75
C GLY A 40 -7.28 -3.44 6.17
N GLN A 41 -8.18 -2.96 5.37
CA GLN A 41 -8.85 -1.73 5.65
C GLN A 41 -10.34 -1.95 5.58
N ASN A 42 -11.02 -1.63 6.64
CA ASN A 42 -12.47 -1.74 6.71
C ASN A 42 -13.09 -0.36 6.96
N PRO A 43 -13.18 0.48 5.92
CA PRO A 43 -13.73 1.81 6.05
C PRO A 43 -15.23 1.83 5.83
N THR A 44 -15.86 2.85 6.31
CA THR A 44 -17.26 3.02 6.10
C THR A 44 -17.51 3.61 4.71
N GLU A 45 -18.70 3.47 4.20
CA GLU A 45 -19.05 3.96 2.88
C GLU A 45 -18.97 5.49 2.85
N ALA A 46 -19.16 6.11 4.01
CA ALA A 46 -19.03 7.55 4.15
C ALA A 46 -17.58 7.99 3.85
N GLU A 47 -16.63 7.26 4.43
CA GLU A 47 -15.20 7.52 4.22
C GLU A 47 -14.82 7.23 2.79
N LEU A 48 -15.44 6.21 2.22
CA LEU A 48 -15.22 5.85 0.84
C LEU A 48 -15.71 6.94 -0.10
N GLN A 49 -16.94 7.38 0.10
CA GLN A 49 -17.54 8.43 -0.72
C GLN A 49 -16.72 9.70 -0.67
N ASP A 50 -16.26 10.08 0.50
CA ASP A 50 -15.44 11.27 0.65
C ASP A 50 -14.10 11.12 -0.07
N MET A 51 -13.51 9.93 0.03
CA MET A 51 -12.25 9.62 -0.63
C MET A 51 -12.44 9.71 -2.14
N ILE A 52 -13.55 9.19 -2.60
CA ILE A 52 -13.92 9.25 -3.99
C ILE A 52 -14.10 10.69 -4.42
N ASN A 53 -14.85 11.43 -3.65
CA ASN A 53 -15.23 12.82 -3.94
C ASN A 53 -14.05 13.73 -4.27
N GLU A 54 -12.91 13.55 -3.61
CA GLU A 54 -11.78 14.42 -3.91
C GLU A 54 -11.24 14.19 -5.32
N VAL A 55 -11.41 12.99 -5.86
CA VAL A 55 -10.92 12.71 -7.20
C VAL A 55 -12.08 12.74 -8.21
N ASP A 56 -13.28 12.57 -7.68
CA ASP A 56 -14.50 12.44 -8.48
C ASP A 56 -14.90 13.77 -9.07
N ALA A 57 -14.81 13.88 -10.37
CA ALA A 57 -15.15 15.09 -11.06
C ALA A 57 -16.63 15.11 -11.39
N ASP A 58 -17.28 13.96 -11.31
CA ASP A 58 -18.69 13.88 -11.67
C ASP A 58 -19.53 13.95 -10.42
N GLY A 59 -18.86 13.81 -9.28
CA GLY A 59 -19.54 13.71 -8.00
C GLY A 59 -20.54 12.57 -7.99
N ASN A 60 -20.22 11.51 -8.73
CA ASN A 60 -21.17 10.42 -8.95
C ASN A 60 -20.93 9.25 -8.03
N GLY A 61 -19.87 9.31 -7.26
CA GLY A 61 -19.63 8.28 -6.28
C GLY A 61 -18.85 7.12 -6.85
N THR A 62 -18.11 7.38 -7.91
CA THR A 62 -17.30 6.35 -8.51
C THR A 62 -16.00 7.00 -9.00
N ILE A 63 -14.90 6.31 -8.82
CA ILE A 63 -13.60 6.80 -9.26
C ILE A 63 -13.34 6.26 -10.65
N ASP A 64 -13.33 7.15 -11.59
CA ASP A 64 -13.09 6.78 -12.97
C ASP A 64 -11.61 6.74 -13.22
N PHE A 65 -11.23 6.16 -14.34
CA PHE A 65 -9.83 6.05 -14.72
C PHE A 65 -9.13 7.43 -14.78
N PRO A 66 -9.69 8.44 -15.53
CA PRO A 66 -9.14 9.81 -15.57
C PRO A 66 -8.96 10.40 -14.16
N GLU A 67 -9.89 10.09 -13.27
CA GLU A 67 -9.88 10.62 -11.91
C GLU A 67 -8.81 9.93 -11.09
N PHE A 68 -8.59 8.66 -11.39
CA PHE A 68 -7.58 7.89 -10.74
C PHE A 68 -6.21 8.43 -11.16
N LEU A 69 -6.13 8.84 -12.43
CA LEU A 69 -4.93 9.47 -12.97
C LEU A 69 -4.66 10.76 -12.22
N THR A 70 -5.71 11.57 -12.04
CA THR A 70 -5.64 12.80 -11.29
C THR A 70 -5.11 12.56 -9.86
N MET A 71 -5.67 11.54 -9.21
CA MET A 71 -5.29 11.15 -7.86
C MET A 71 -3.80 10.81 -7.77
N MET A 72 -3.32 10.11 -8.76
CA MET A 72 -1.93 9.70 -8.80
C MET A 72 -1.01 10.83 -9.16
N ALA A 73 -1.37 11.61 -10.17
CA ALA A 73 -0.55 12.75 -10.60
C ALA A 73 -0.38 13.74 -9.45
N ARG A 74 -1.43 13.91 -8.67
CA ARG A 74 -1.38 14.73 -7.46
C ARG A 74 -0.42 14.13 -6.45
N LYS A 75 -0.54 12.83 -6.25
CA LYS A 75 0.22 12.10 -5.24
C LYS A 75 1.71 12.20 -5.55
N MET A 76 2.02 11.87 -6.78
CA MET A 76 3.36 11.83 -7.33
C MET A 76 4.09 13.18 -7.18
N LYS A 77 3.38 14.25 -7.47
CA LYS A 77 4.00 15.56 -7.49
C LYS A 77 3.97 16.23 -6.11
N ASP A 78 3.02 15.86 -5.27
CA ASP A 78 2.89 16.48 -3.95
C ASP A 78 3.86 15.90 -2.96
N THR A 79 3.73 14.67 -2.79
CA THR A 79 4.54 13.97 -1.84
C THR A 79 5.68 13.21 -2.51
N ASP A 80 6.80 13.89 -2.67
CA ASP A 80 7.98 13.29 -3.29
C ASP A 80 9.12 13.27 -2.29
N SER A 81 8.85 13.76 -1.09
CA SER A 81 9.86 13.94 -0.04
C SER A 81 10.22 12.61 0.68
N GLU A 82 10.24 11.49 -0.08
CA GLU A 82 10.50 10.14 0.45
C GLU A 82 9.45 9.75 1.47
N GLU A 83 8.34 10.45 1.48
CA GLU A 83 7.34 10.27 2.50
C GLU A 83 6.64 8.95 2.34
N GLU A 84 6.06 8.71 1.18
CA GLU A 84 5.37 7.45 0.90
C GLU A 84 6.37 6.29 0.95
N ILE A 85 7.59 6.62 0.63
CA ILE A 85 8.68 5.67 0.57
C ILE A 85 9.05 5.22 1.98
N ARG A 86 9.30 6.19 2.82
CA ARG A 86 9.73 5.96 4.16
C ARG A 86 8.60 5.41 4.98
N GLU A 87 7.39 5.87 4.70
CA GLU A 87 6.19 5.34 5.34
C GLU A 87 6.05 3.85 5.10
N ALA A 88 6.40 3.42 3.91
CA ALA A 88 6.33 2.02 3.54
C ALA A 88 7.41 1.23 4.28
N PHE A 89 8.58 1.78 4.42
CA PHE A 89 9.66 1.10 5.10
C PHE A 89 9.38 1.03 6.61
N ARG A 90 8.95 2.16 7.13
CA ARG A 90 8.68 2.38 8.56
C ARG A 90 7.53 1.52 9.07
N VAL A 91 6.63 1.18 8.18
CA VAL A 91 5.49 0.38 8.58
C VAL A 91 5.90 -1.11 8.72
N PHE A 92 6.98 -1.50 8.06
CA PHE A 92 7.52 -2.85 8.21
C PHE A 92 8.51 -2.82 9.35
N ASP A 93 9.49 -1.96 9.22
CA ASP A 93 10.51 -1.79 10.21
C ASP A 93 10.09 -0.70 11.18
N LYS A 94 9.26 -1.09 12.11
CA LYS A 94 8.66 -0.16 13.06
C LYS A 94 9.59 0.21 14.19
N ASP A 95 10.49 -0.69 14.55
CA ASP A 95 11.41 -0.45 15.65
C ASP A 95 12.58 0.42 15.19
N GLY A 96 12.71 0.55 13.88
CA GLY A 96 13.73 1.40 13.31
C GLY A 96 15.09 0.75 13.39
N ASN A 97 15.31 -0.20 12.51
CA ASN A 97 16.58 -0.90 12.43
C ASN A 97 17.29 -0.52 11.15
N GLY A 98 16.54 0.01 10.20
CA GLY A 98 17.12 0.49 8.96
C GLY A 98 17.27 -0.62 7.93
N TYR A 99 16.84 -1.80 8.29
CA TYR A 99 16.93 -2.96 7.44
C TYR A 99 15.69 -3.78 7.60
N ILE A 100 15.26 -4.41 6.54
CA ILE A 100 14.15 -5.31 6.63
C ILE A 100 14.71 -6.72 6.53
N SER A 101 14.62 -7.46 7.59
CA SER A 101 15.09 -8.81 7.63
C SER A 101 13.92 -9.75 7.35
N ALA A 102 14.21 -10.96 6.87
CA ALA A 102 13.16 -11.93 6.54
C ALA A 102 12.37 -12.31 7.76
N ALA A 103 13.05 -12.48 8.89
CA ALA A 103 12.40 -12.81 10.16
C ALA A 103 11.43 -11.72 10.55
N GLU A 104 11.84 -10.47 10.42
CA GLU A 104 10.98 -9.34 10.71
C GLU A 104 9.83 -9.29 9.74
N LEU A 105 10.15 -9.39 8.47
CA LEU A 105 9.19 -9.24 7.44
C LEU A 105 8.12 -10.34 7.59
N ARG A 106 8.56 -11.54 7.93
CA ARG A 106 7.70 -12.69 8.21
C ARG A 106 6.77 -12.32 9.38
N HIS A 107 7.37 -11.77 10.41
CA HIS A 107 6.67 -11.29 11.60
C HIS A 107 5.58 -10.28 11.25
N VAL A 108 5.92 -9.25 10.50
CA VAL A 108 4.96 -8.22 10.17
C VAL A 108 3.87 -8.79 9.26
N MET A 109 4.24 -9.69 8.35
CA MET A 109 3.27 -10.31 7.43
C MET A 109 2.22 -11.08 8.18
N THR A 110 2.64 -11.81 9.21
CA THR A 110 1.73 -12.53 10.07
C THR A 110 0.73 -11.54 10.71
N ASN A 111 1.23 -10.40 11.12
CA ASN A 111 0.43 -9.36 11.75
C ASN A 111 -0.43 -8.62 10.72
N LEU A 112 -0.01 -8.65 9.48
CA LEU A 112 -0.72 -7.97 8.40
C LEU A 112 -1.78 -8.88 7.83
N GLY A 113 -1.62 -10.15 8.07
CA GLY A 113 -2.56 -11.11 7.56
C GLY A 113 -2.25 -11.48 6.12
N GLU A 114 -0.98 -11.53 5.79
CA GLU A 114 -0.56 -11.93 4.49
C GLU A 114 -0.15 -13.38 4.54
N LYS A 115 -0.61 -14.13 3.60
CA LYS A 115 -0.37 -15.57 3.53
C LYS A 115 0.97 -15.87 2.84
N LEU A 116 1.99 -15.16 3.24
CA LEU A 116 3.30 -15.35 2.66
C LEU A 116 4.03 -16.46 3.38
N THR A 117 4.55 -17.38 2.62
CA THR A 117 5.28 -18.51 3.16
C THR A 117 6.71 -18.08 3.52
N ASP A 118 7.44 -18.93 4.25
CA ASP A 118 8.80 -18.57 4.72
C ASP A 118 9.78 -18.30 3.56
N GLU A 119 9.85 -19.21 2.61
CA GLU A 119 10.73 -19.06 1.45
C GLU A 119 10.32 -17.80 0.66
N GLU A 120 9.04 -17.53 0.69
CA GLU A 120 8.45 -16.41 -0.01
C GLU A 120 8.83 -15.08 0.67
N VAL A 121 8.78 -15.02 2.01
CA VAL A 121 9.19 -13.79 2.71
C VAL A 121 10.69 -13.60 2.57
N ASP A 122 11.40 -14.72 2.51
CA ASP A 122 12.84 -14.72 2.35
C ASP A 122 13.22 -14.20 0.99
N GLU A 123 12.52 -14.67 -0.03
CA GLU A 123 12.79 -14.26 -1.39
C GLU A 123 12.31 -12.83 -1.62
N MET A 124 11.24 -12.44 -0.93
CA MET A 124 10.75 -11.05 -0.92
C MET A 124 11.89 -10.12 -0.54
N ILE A 125 12.56 -10.48 0.54
CA ILE A 125 13.71 -9.75 1.02
C ILE A 125 14.87 -9.87 0.04
N ARG A 126 15.16 -11.08 -0.38
CA ARG A 126 16.31 -11.39 -1.25
C ARG A 126 16.27 -10.60 -2.56
N GLU A 127 15.09 -10.35 -3.09
CA GLU A 127 14.94 -9.62 -4.34
C GLU A 127 15.03 -8.10 -4.12
N ALA A 128 14.71 -7.65 -2.91
CA ALA A 128 14.82 -6.23 -2.59
C ALA A 128 16.24 -5.92 -2.11
N ASP A 129 16.88 -6.96 -1.61
CA ASP A 129 18.26 -6.97 -1.16
C ASP A 129 19.20 -6.84 -2.37
N ILE A 130 19.68 -5.64 -2.59
CA ILE A 130 20.48 -5.34 -3.75
C ILE A 130 21.95 -5.73 -3.57
N ASP A 131 22.56 -5.36 -2.45
CA ASP A 131 24.00 -5.62 -2.21
C ASP A 131 24.24 -7.10 -1.90
N GLY A 132 23.16 -7.83 -1.69
CA GLY A 132 23.28 -9.24 -1.39
C GLY A 132 23.82 -9.44 -0.01
N ASP A 133 23.18 -8.80 0.93
CA ASP A 133 23.64 -8.87 2.31
C ASP A 133 22.68 -9.74 3.11
N GLY A 134 21.52 -9.96 2.53
CA GLY A 134 20.51 -10.78 3.15
C GLY A 134 19.42 -9.94 3.76
N GLN A 135 19.64 -8.65 3.80
CA GLN A 135 18.71 -7.72 4.36
C GLN A 135 18.55 -6.57 3.41
N VAL A 136 17.34 -6.13 3.24
CA VAL A 136 17.08 -4.99 2.39
C VAL A 136 17.17 -3.71 3.20
N ASN A 137 18.11 -2.89 2.83
CA ASN A 137 18.36 -1.61 3.47
C ASN A 137 17.45 -0.55 2.87
N TYR A 138 17.25 0.54 3.61
CA TYR A 138 16.42 1.65 3.20
C TYR A 138 16.83 2.19 1.84
N GLU A 139 18.13 2.40 1.62
CA GLU A 139 18.64 2.92 0.36
C GLU A 139 18.35 1.97 -0.81
N GLU A 140 18.13 0.71 -0.52
CA GLU A 140 17.82 -0.26 -1.55
C GLU A 140 16.32 -0.26 -1.77
N PHE A 141 15.60 -0.23 -0.67
CA PHE A 141 14.16 -0.27 -0.68
C PHE A 141 13.56 0.98 -1.34
N VAL A 142 14.20 2.13 -1.17
CA VAL A 142 13.73 3.37 -1.79
C VAL A 142 13.67 3.23 -3.31
N GLN A 143 14.64 2.50 -3.85
CA GLN A 143 14.76 2.28 -5.28
C GLN A 143 13.72 1.28 -5.79
N MET A 144 13.20 0.48 -4.87
CA MET A 144 12.20 -0.54 -5.20
C MET A 144 10.89 0.16 -5.38
N MET A 145 10.73 1.18 -4.57
CA MET A 145 9.59 2.04 -4.58
C MET A 145 9.64 2.97 -5.79
N THR A 146 10.82 3.20 -6.32
CA THR A 146 11.03 4.04 -7.49
C THR A 146 10.90 3.19 -8.79
N ALA A 147 10.79 1.88 -8.63
CA ALA A 147 10.74 0.94 -9.76
C ALA A 147 9.34 0.86 -10.38
N LYS A 148 8.73 2.00 -10.59
CA LYS A 148 7.42 2.10 -11.16
C LYS A 148 7.55 2.82 -12.49
N SER B 1 19.60 -13.45 -9.93
CA SER B 1 18.41 -13.82 -9.18
C SER B 1 17.43 -14.52 -10.09
N PRO B 2 16.89 -15.70 -9.67
CA PRO B 2 15.84 -16.40 -10.43
C PRO B 2 14.49 -15.69 -10.27
N ALA B 3 14.45 -14.73 -9.37
CA ALA B 3 13.27 -13.96 -9.11
C ALA B 3 13.26 -12.73 -9.99
N ASN B 4 12.12 -12.11 -10.13
CA ASN B 4 11.98 -10.91 -10.92
C ASN B 4 11.51 -9.80 -10.04
N SER B 5 12.17 -8.65 -10.12
CA SER B 5 11.81 -7.49 -9.31
C SER B 5 10.36 -7.07 -9.56
N PHE B 6 9.92 -7.14 -10.83
CA PHE B 6 8.56 -6.77 -11.17
C PHE B 6 7.54 -7.83 -10.72
N HIS B 7 8.01 -9.05 -10.52
CA HIS B 7 7.13 -10.14 -10.06
C HIS B 7 6.92 -9.95 -8.58
N PHE B 8 7.93 -9.50 -7.89
CA PHE B 8 7.79 -9.18 -6.49
C PHE B 8 7.14 -7.84 -6.28
N LYS B 9 7.22 -6.98 -7.28
CA LYS B 9 6.52 -5.70 -7.26
C LYS B 9 5.02 -5.93 -7.17
N GLU B 10 4.57 -7.02 -7.80
CA GLU B 10 3.17 -7.43 -7.75
C GLU B 10 2.81 -7.68 -6.32
N ALA B 11 3.65 -8.46 -5.69
CA ALA B 11 3.51 -8.78 -4.28
C ALA B 11 3.65 -7.52 -3.40
N TRP B 12 4.61 -6.65 -3.73
CA TRP B 12 4.81 -5.38 -3.01
C TRP B 12 3.56 -4.51 -3.03
N LYS B 13 2.81 -4.52 -4.16
CA LYS B 13 1.54 -3.76 -4.27
C LYS B 13 0.62 -4.11 -3.12
N HIS B 14 0.69 -5.35 -2.71
CA HIS B 14 -0.08 -5.82 -1.59
C HIS B 14 0.63 -5.54 -0.30
N ALA B 15 1.87 -6.01 -0.20
CA ALA B 15 2.70 -5.88 1.01
C ALA B 15 2.74 -4.44 1.55
N ILE B 16 3.07 -3.50 0.69
CA ILE B 16 3.18 -2.08 1.06
C ILE B 16 1.83 -1.59 1.56
N GLN B 17 0.84 -1.80 0.74
CA GLN B 17 -0.49 -1.27 0.93
C GLN B 17 -1.22 -1.91 2.13
N LYS B 18 -0.92 -3.18 2.38
CA LYS B 18 -1.52 -3.95 3.48
C LYS B 18 -1.04 -3.39 4.81
N ALA B 19 0.22 -3.05 4.85
CA ALA B 19 0.83 -2.54 6.04
C ALA B 19 0.55 -1.07 6.19
N LYS B 20 0.82 -0.33 5.15
CA LYS B 20 0.68 1.12 5.13
C LYS B 20 -0.77 1.54 5.36
N HIS B 21 -1.73 0.69 4.94
CA HIS B 21 -3.16 0.97 5.09
C HIS B 21 -3.50 2.19 4.27
N MET B 22 -3.60 1.98 2.98
CA MET B 22 -3.79 3.07 2.06
C MET B 22 -5.23 3.19 1.62
N PRO B 23 -5.86 4.35 1.89
CA PRO B 23 -7.21 4.64 1.38
C PRO B 23 -7.19 4.85 -0.13
N ASP B 24 -6.02 5.13 -0.64
CA ASP B 24 -5.80 5.27 -2.05
C ASP B 24 -5.19 3.99 -2.60
N PRO B 25 -5.92 3.29 -3.50
CA PRO B 25 -5.44 2.06 -4.12
C PRO B 25 -4.13 2.33 -4.86
N TRP B 26 -3.08 1.68 -4.40
CA TRP B 26 -1.76 1.96 -4.90
C TRP B 26 -1.50 1.24 -6.21
N ALA B 27 -1.36 2.02 -7.22
CA ALA B 27 -1.07 1.58 -8.55
C ALA B 27 0.38 1.91 -8.84
CA CA C . -16.38 -1.55 -11.26
CA CA D . -16.35 9.92 -11.29
N ALA A 1 4.24 16.09 -13.52
CA ALA A 1 2.97 15.51 -13.10
C ALA A 1 2.09 15.36 -14.32
N ASP A 2 0.81 14.98 -14.11
CA ASP A 2 -0.21 14.85 -15.18
C ASP A 2 0.08 13.71 -16.15
N GLN A 3 1.05 13.90 -16.99
CA GLN A 3 1.41 12.94 -17.99
C GLN A 3 2.31 11.89 -17.37
N LEU A 4 1.83 10.68 -17.38
CA LEU A 4 2.54 9.61 -16.80
C LEU A 4 3.18 8.77 -17.90
N THR A 5 4.16 8.00 -17.56
CA THR A 5 4.86 7.16 -18.50
C THR A 5 4.22 5.77 -18.60
N GLU A 6 4.46 5.10 -19.73
CA GLU A 6 3.85 3.81 -20.08
C GLU A 6 3.97 2.74 -18.99
N GLU A 7 5.17 2.54 -18.47
CA GLU A 7 5.40 1.50 -17.48
C GLU A 7 4.60 1.71 -16.21
N GLN A 8 4.53 2.95 -15.77
CA GLN A 8 3.72 3.31 -14.62
C GLN A 8 2.25 3.13 -14.92
N ILE A 9 1.84 3.57 -16.08
CA ILE A 9 0.45 3.46 -16.47
C ILE A 9 0.00 1.99 -16.57
N ALA A 10 0.84 1.14 -17.14
CA ALA A 10 0.54 -0.30 -17.24
C ALA A 10 0.52 -0.93 -15.86
N GLU A 11 1.40 -0.43 -15.00
CA GLU A 11 1.53 -0.87 -13.64
C GLU A 11 0.25 -0.56 -12.89
N PHE A 12 -0.19 0.67 -13.03
CA PHE A 12 -1.38 1.12 -12.39
C PHE A 12 -2.63 0.51 -12.99
N LYS A 13 -2.59 0.08 -14.27
CA LYS A 13 -3.76 -0.62 -14.85
C LYS A 13 -4.01 -1.92 -14.12
N GLU A 14 -2.93 -2.61 -13.79
CA GLU A 14 -2.96 -3.86 -13.04
C GLU A 14 -3.64 -3.65 -11.69
N ALA A 15 -3.10 -2.72 -10.95
CA ALA A 15 -3.57 -2.45 -9.61
C ALA A 15 -4.93 -1.72 -9.62
N PHE A 16 -5.22 -1.05 -10.69
CA PHE A 16 -6.50 -0.37 -10.85
C PHE A 16 -7.61 -1.40 -10.88
N SER A 17 -7.39 -2.46 -11.62
CA SER A 17 -8.35 -3.53 -11.72
C SER A 17 -8.31 -4.39 -10.42
N LEU A 18 -7.24 -4.23 -9.65
CA LEU A 18 -7.11 -4.87 -8.36
C LEU A 18 -8.04 -4.19 -7.35
N PHE A 19 -8.08 -2.87 -7.41
CA PHE A 19 -8.94 -2.06 -6.53
C PHE A 19 -10.37 -2.02 -7.01
N ASP A 20 -10.54 -1.91 -8.32
CA ASP A 20 -11.88 -1.90 -8.90
C ASP A 20 -12.44 -3.30 -8.82
N LYS A 21 -13.27 -3.52 -7.84
CA LYS A 21 -13.80 -4.81 -7.56
C LYS A 21 -15.02 -5.17 -8.39
N ASP A 22 -15.42 -4.29 -9.29
CA ASP A 22 -16.58 -4.62 -10.11
C ASP A 22 -16.12 -4.96 -11.51
N GLY A 23 -14.89 -4.64 -11.80
CA GLY A 23 -14.34 -4.88 -13.11
C GLY A 23 -14.87 -3.90 -14.15
N ASP A 24 -15.12 -2.68 -13.72
CA ASP A 24 -15.67 -1.64 -14.60
C ASP A 24 -14.66 -0.52 -14.85
N GLY A 25 -13.65 -0.45 -14.02
CA GLY A 25 -12.60 0.53 -14.19
C GLY A 25 -12.93 1.93 -13.70
N THR A 26 -13.70 2.03 -12.65
CA THR A 26 -13.95 3.30 -11.97
C THR A 26 -14.18 3.01 -10.50
N ILE A 27 -13.49 3.70 -9.63
CA ILE A 27 -13.52 3.34 -8.23
C ILE A 27 -14.46 4.22 -7.43
N THR A 28 -15.43 3.57 -6.82
CA THR A 28 -16.42 4.22 -5.99
C THR A 28 -15.99 4.22 -4.52
N THR A 29 -16.78 4.88 -3.66
CA THR A 29 -16.51 4.88 -2.22
C THR A 29 -16.74 3.47 -1.66
N LYS A 30 -17.58 2.72 -2.36
CA LYS A 30 -17.89 1.34 -2.06
C LYS A 30 -16.61 0.53 -2.10
N GLU A 31 -15.94 0.60 -3.24
CA GLU A 31 -14.72 -0.12 -3.49
C GLU A 31 -13.61 0.33 -2.59
N LEU A 32 -13.52 1.65 -2.38
CA LEU A 32 -12.53 2.19 -1.46
C LEU A 32 -12.70 1.60 -0.07
N GLY A 33 -13.91 1.67 0.44
CA GLY A 33 -14.16 1.15 1.77
C GLY A 33 -14.01 -0.35 1.85
N THR A 34 -14.28 -1.05 0.77
CA THR A 34 -14.13 -2.49 0.74
C THR A 34 -12.63 -2.88 0.70
N VAL A 35 -11.82 -2.20 -0.11
CA VAL A 35 -10.39 -2.48 -0.14
C VAL A 35 -9.77 -2.06 1.19
N MET A 36 -10.27 -0.98 1.76
CA MET A 36 -9.82 -0.49 3.05
C MET A 36 -10.21 -1.45 4.15
N ARG A 37 -11.37 -2.06 4.02
CA ARG A 37 -11.83 -3.08 4.95
C ARG A 37 -10.84 -4.25 4.92
N SER A 38 -10.35 -4.55 3.73
CA SER A 38 -9.37 -5.59 3.53
C SER A 38 -7.99 -5.11 4.08
N LEU A 39 -7.77 -3.79 4.07
CA LEU A 39 -6.53 -3.20 4.60
C LEU A 39 -6.58 -3.13 6.12
N GLY A 40 -7.77 -3.20 6.67
CA GLY A 40 -7.93 -3.15 8.11
C GLY A 40 -8.20 -1.76 8.62
N GLN A 41 -8.87 -0.96 7.82
CA GLN A 41 -9.21 0.40 8.20
C GLN A 41 -10.57 0.74 7.61
N ASN A 42 -11.40 1.41 8.35
CA ASN A 42 -12.74 1.76 7.85
C ASN A 42 -13.03 3.25 7.92
N PRO A 43 -12.54 4.06 6.97
CA PRO A 43 -12.90 5.47 6.90
C PRO A 43 -14.36 5.61 6.46
N THR A 44 -15.01 6.64 6.91
CA THR A 44 -16.42 6.79 6.66
C THR A 44 -16.73 7.31 5.23
N GLU A 45 -17.98 7.12 4.82
CA GLU A 45 -18.52 7.41 3.48
C GLU A 45 -18.05 8.77 2.90
N ALA A 46 -18.31 9.86 3.62
CA ALA A 46 -18.00 11.20 3.13
C ALA A 46 -16.51 11.44 3.05
N GLU A 47 -15.76 10.84 3.98
CA GLU A 47 -14.30 10.97 4.01
C GLU A 47 -13.74 10.40 2.71
N LEU A 48 -14.26 9.23 2.36
CA LEU A 48 -13.87 8.54 1.16
C LEU A 48 -14.16 9.38 -0.07
N GLN A 49 -15.34 10.00 -0.10
CA GLN A 49 -15.70 10.78 -1.25
C GLN A 49 -14.94 12.10 -1.33
N ASP A 50 -14.58 12.69 -0.20
CA ASP A 50 -13.76 13.90 -0.23
C ASP A 50 -12.39 13.57 -0.75
N MET A 51 -11.88 12.43 -0.31
CA MET A 51 -10.60 11.91 -0.78
C MET A 51 -10.66 11.69 -2.31
N ILE A 52 -11.82 11.27 -2.78
CA ILE A 52 -12.08 11.13 -4.20
C ILE A 52 -12.10 12.50 -4.87
N ASN A 53 -12.87 13.41 -4.32
CA ASN A 53 -13.12 14.74 -4.90
C ASN A 53 -11.84 15.56 -5.09
N GLU A 54 -10.81 15.22 -4.32
CA GLU A 54 -9.54 15.80 -4.42
C GLU A 54 -8.91 15.54 -5.80
N VAL A 55 -9.15 14.35 -6.34
CA VAL A 55 -8.60 13.98 -7.65
C VAL A 55 -9.68 13.92 -8.71
N ASP A 56 -10.92 13.91 -8.27
CA ASP A 56 -12.04 13.81 -9.16
C ASP A 56 -12.22 15.11 -9.90
N ALA A 57 -12.02 15.04 -11.18
CA ALA A 57 -12.08 16.20 -12.02
C ALA A 57 -13.50 16.45 -12.48
N ASP A 58 -14.36 15.44 -12.40
CA ASP A 58 -15.74 15.59 -12.88
C ASP A 58 -16.60 15.92 -11.69
N GLY A 59 -16.02 15.74 -10.51
CA GLY A 59 -16.76 15.90 -9.27
C GLY A 59 -17.94 14.95 -9.22
N ASN A 60 -17.75 13.76 -9.76
CA ASN A 60 -18.86 12.82 -9.89
C ASN A 60 -18.87 11.75 -8.82
N GLY A 61 -17.82 11.71 -8.04
CA GLY A 61 -17.79 10.83 -6.90
C GLY A 61 -17.06 9.55 -7.18
N THR A 62 -16.26 9.53 -8.22
CA THR A 62 -15.49 8.37 -8.58
C THR A 62 -14.14 8.78 -9.12
N ILE A 63 -13.13 8.02 -8.79
CA ILE A 63 -11.81 8.26 -9.31
C ILE A 63 -11.70 7.42 -10.57
N ASP A 64 -11.69 8.08 -11.68
CA ASP A 64 -11.60 7.43 -12.97
C ASP A 64 -10.15 7.14 -13.25
N PHE A 65 -9.90 6.36 -14.28
CA PHE A 65 -8.54 5.94 -14.62
C PHE A 65 -7.59 7.12 -14.88
N PRO A 66 -7.90 8.07 -15.83
CA PRO A 66 -7.07 9.25 -16.08
C PRO A 66 -6.79 10.05 -14.79
N GLU A 67 -7.80 10.11 -13.92
CA GLU A 67 -7.69 10.86 -12.68
C GLU A 67 -6.74 10.17 -11.73
N PHE A 68 -6.81 8.85 -11.69
CA PHE A 68 -5.97 8.04 -10.84
C PHE A 68 -4.52 8.19 -11.30
N LEU A 69 -4.33 8.20 -12.62
CA LEU A 69 -3.02 8.39 -13.21
C LEU A 69 -2.48 9.77 -12.90
N THR A 70 -3.34 10.79 -13.04
CA THR A 70 -2.98 12.16 -12.72
C THR A 70 -2.51 12.26 -11.27
N MET A 71 -3.26 11.60 -10.38
CA MET A 71 -2.93 11.56 -8.96
C MET A 71 -1.56 10.94 -8.75
N MET A 72 -1.32 9.80 -9.37
CA MET A 72 -0.04 9.12 -9.23
C MET A 72 1.11 9.94 -9.77
N ALA A 73 0.90 10.55 -10.93
CA ALA A 73 1.91 11.39 -11.56
C ALA A 73 2.26 12.62 -10.67
N ARG A 74 1.34 13.00 -9.81
CA ARG A 74 1.56 14.06 -8.84
C ARG A 74 2.28 13.49 -7.63
N LYS A 75 1.83 12.31 -7.23
CA LYS A 75 2.25 11.65 -6.00
C LYS A 75 3.72 11.21 -6.06
N MET A 76 4.19 10.94 -7.25
CA MET A 76 5.57 10.50 -7.44
C MET A 76 6.49 11.66 -7.79
N LYS A 77 5.98 12.88 -7.78
CA LYS A 77 6.80 14.03 -8.14
C LYS A 77 6.71 15.21 -7.20
N ASP A 78 5.52 15.61 -6.83
CA ASP A 78 5.33 16.81 -6.03
C ASP A 78 5.70 16.61 -4.59
N THR A 79 4.84 16.00 -3.93
CA THR A 79 4.96 15.69 -2.52
C THR A 79 4.23 14.36 -2.30
N ASP A 80 4.36 13.75 -1.10
CA ASP A 80 3.69 12.48 -0.73
C ASP A 80 4.37 11.32 -1.47
N SER A 81 5.66 11.48 -1.66
CA SER A 81 6.44 10.50 -2.37
C SER A 81 7.52 9.96 -1.46
N GLU A 82 8.44 10.82 -1.08
CA GLU A 82 9.57 10.43 -0.24
C GLU A 82 9.07 9.96 1.13
N GLU A 83 8.02 10.61 1.60
CA GLU A 83 7.41 10.27 2.85
C GLU A 83 6.70 8.93 2.73
N GLU A 84 6.17 8.65 1.54
CA GLU A 84 5.47 7.39 1.27
C GLU A 84 6.46 6.27 1.39
N ILE A 85 7.61 6.48 0.77
CA ILE A 85 8.64 5.48 0.72
C ILE A 85 9.16 5.22 2.12
N ARG A 86 9.21 6.26 2.92
CA ARG A 86 9.58 6.11 4.31
C ARG A 86 8.57 5.27 5.04
N GLU A 87 7.30 5.62 4.90
CA GLU A 87 6.23 4.94 5.60
C GLU A 87 6.10 3.47 5.18
N ALA A 88 6.35 3.22 3.91
CA ALA A 88 6.31 1.89 3.35
C ALA A 88 7.46 1.06 3.90
N PHE A 89 8.54 1.71 4.28
CA PHE A 89 9.67 1.03 4.89
C PHE A 89 9.36 0.83 6.38
N ARG A 90 8.95 1.91 7.01
CA ARG A 90 8.60 2.02 8.42
C ARG A 90 7.55 0.98 8.85
N VAL A 91 6.68 0.59 7.95
CA VAL A 91 5.67 -0.38 8.29
C VAL A 91 6.27 -1.79 8.48
N PHE A 92 7.36 -2.07 7.79
CA PHE A 92 8.03 -3.35 7.98
C PHE A 92 8.99 -3.20 9.15
N ASP A 93 9.78 -2.15 9.07
CA ASP A 93 10.74 -1.84 10.10
C ASP A 93 10.09 -0.98 11.19
N LYS A 94 9.36 -1.66 12.05
CA LYS A 94 8.60 -1.03 13.13
C LYS A 94 9.52 -0.59 14.28
N ASP A 95 10.59 -1.32 14.46
CA ASP A 95 11.52 -1.03 15.56
C ASP A 95 12.53 0.03 15.20
N GLY A 96 12.63 0.36 13.93
CA GLY A 96 13.53 1.40 13.50
C GLY A 96 14.96 0.92 13.47
N ASN A 97 15.16 -0.18 12.82
CA ASN A 97 16.47 -0.79 12.70
C ASN A 97 17.17 -0.28 11.47
N GLY A 98 16.41 0.30 10.55
CA GLY A 98 16.99 0.86 9.36
C GLY A 98 17.18 -0.17 8.28
N TYR A 99 16.62 -1.35 8.48
CA TYR A 99 16.67 -2.42 7.52
C TYR A 99 15.52 -3.36 7.78
N ILE A 100 15.13 -4.10 6.79
CA ILE A 100 14.07 -5.07 6.93
C ILE A 100 14.71 -6.45 6.97
N SER A 101 14.28 -7.27 7.89
CA SER A 101 14.77 -8.62 8.00
C SER A 101 13.65 -9.57 7.52
N ALA A 102 14.02 -10.74 6.98
CA ALA A 102 13.04 -11.70 6.40
C ALA A 102 12.01 -12.17 7.40
N ALA A 103 12.46 -12.71 8.52
CA ALA A 103 11.55 -13.24 9.53
C ALA A 103 10.73 -12.13 10.15
N GLU A 104 11.28 -10.94 10.14
CA GLU A 104 10.61 -9.76 10.64
C GLU A 104 9.50 -9.33 9.70
N LEU A 105 9.76 -9.41 8.41
CA LEU A 105 8.78 -9.09 7.39
C LEU A 105 7.63 -10.08 7.52
N ARG A 106 7.96 -11.34 7.79
CA ARG A 106 6.96 -12.37 8.00
C ARG A 106 6.18 -12.07 9.29
N HIS A 107 6.89 -11.59 10.30
CA HIS A 107 6.31 -11.25 11.58
C HIS A 107 5.24 -10.19 11.41
N VAL A 108 5.56 -9.11 10.69
CA VAL A 108 4.60 -8.05 10.49
C VAL A 108 3.40 -8.55 9.68
N MET A 109 3.65 -9.48 8.76
CA MET A 109 2.58 -10.08 7.94
C MET A 109 1.55 -10.75 8.79
N THR A 110 2.01 -11.53 9.74
CA THR A 110 1.13 -12.22 10.65
C THR A 110 0.34 -11.20 11.52
N ASN A 111 0.94 -10.04 11.77
CA ASN A 111 0.28 -8.96 12.53
C ASN A 111 -0.69 -8.17 11.63
N LEU A 112 -0.45 -8.19 10.32
CA LEU A 112 -1.26 -7.46 9.35
C LEU A 112 -2.42 -8.32 8.87
N GLY A 113 -2.31 -9.62 9.03
CA GLY A 113 -3.35 -10.51 8.59
C GLY A 113 -3.01 -11.14 7.25
N GLU A 114 -1.73 -11.23 6.95
CA GLU A 114 -1.29 -11.80 5.73
C GLU A 114 -0.58 -13.10 6.01
N LYS A 115 -0.57 -13.95 5.04
CA LYS A 115 0.06 -15.23 5.15
C LYS A 115 1.06 -15.40 4.05
N LEU A 116 2.31 -15.29 4.41
CA LEU A 116 3.38 -15.47 3.48
C LEU A 116 4.29 -16.52 4.05
N THR A 117 4.96 -17.24 3.20
CA THR A 117 5.87 -18.24 3.63
C THR A 117 7.23 -17.63 3.88
N ASP A 118 8.11 -18.40 4.48
CA ASP A 118 9.47 -17.96 4.71
C ASP A 118 10.17 -17.80 3.38
N GLU A 119 9.82 -18.68 2.45
CA GLU A 119 10.32 -18.63 1.09
C GLU A 119 9.93 -17.30 0.44
N GLU A 120 8.69 -16.89 0.65
CA GLU A 120 8.14 -15.68 0.08
C GLU A 120 8.84 -14.45 0.63
N VAL A 121 8.89 -14.33 1.95
CA VAL A 121 9.46 -13.16 2.61
C VAL A 121 10.98 -13.04 2.34
N ASP A 122 11.66 -14.18 2.29
CA ASP A 122 13.10 -14.23 2.03
C ASP A 122 13.40 -13.81 0.60
N GLU A 123 12.50 -14.17 -0.30
CA GLU A 123 12.60 -13.79 -1.71
C GLU A 123 12.39 -12.28 -1.84
N MET A 124 11.41 -11.78 -1.07
CA MET A 124 11.12 -10.35 -1.01
C MET A 124 12.34 -9.56 -0.61
N ILE A 125 12.96 -10.00 0.48
CA ILE A 125 14.18 -9.37 0.97
C ILE A 125 15.25 -9.42 -0.12
N ARG A 126 15.38 -10.57 -0.73
CA ARG A 126 16.40 -10.83 -1.73
C ARG A 126 16.35 -9.90 -2.97
N GLU A 127 15.17 -9.42 -3.39
CA GLU A 127 15.17 -8.51 -4.54
C GLU A 127 15.57 -7.11 -4.09
N ALA A 128 15.19 -6.78 -2.87
CA ALA A 128 15.40 -5.46 -2.33
C ALA A 128 16.80 -5.30 -1.75
N ASP A 129 17.36 -6.42 -1.36
CA ASP A 129 18.72 -6.51 -0.87
C ASP A 129 19.68 -6.35 -2.04
N ILE A 130 20.03 -5.13 -2.29
CA ILE A 130 20.83 -4.74 -3.43
C ILE A 130 22.31 -4.93 -3.16
N ASP A 131 22.73 -4.68 -1.94
CA ASP A 131 24.14 -4.82 -1.59
C ASP A 131 24.51 -6.28 -1.31
N GLY A 132 23.50 -7.14 -1.25
CA GLY A 132 23.72 -8.56 -1.10
C GLY A 132 24.18 -8.93 0.28
N ASP A 133 23.49 -8.46 1.26
CA ASP A 133 23.87 -8.72 2.64
C ASP A 133 22.80 -9.55 3.34
N GLY A 134 21.63 -9.59 2.76
CA GLY A 134 20.53 -10.33 3.34
C GLY A 134 19.66 -9.45 4.19
N GLN A 135 19.97 -8.17 4.16
CA GLN A 135 19.24 -7.19 4.90
C GLN A 135 18.94 -6.06 3.95
N VAL A 136 17.71 -5.70 3.83
CA VAL A 136 17.35 -4.63 2.93
C VAL A 136 17.27 -3.33 3.68
N ASN A 137 18.20 -2.46 3.39
CA ASN A 137 18.25 -1.17 4.03
C ASN A 137 17.36 -0.20 3.31
N TYR A 138 17.14 0.96 3.93
CA TYR A 138 16.25 1.97 3.39
C TYR A 138 16.66 2.40 1.98
N GLU A 139 17.95 2.66 1.78
CA GLU A 139 18.48 3.10 0.49
C GLU A 139 18.26 2.05 -0.59
N GLU A 140 18.20 0.83 -0.18
CA GLU A 140 18.04 -0.23 -1.12
C GLU A 140 16.57 -0.36 -1.46
N PHE A 141 15.76 -0.22 -0.44
CA PHE A 141 14.33 -0.26 -0.54
C PHE A 141 13.79 0.85 -1.46
N VAL A 142 14.32 2.09 -1.29
CA VAL A 142 13.86 3.26 -2.06
C VAL A 142 13.96 3.03 -3.56
N GLN A 143 14.97 2.28 -3.96
CA GLN A 143 15.26 2.07 -5.34
C GLN A 143 14.36 1.01 -5.94
N MET A 144 14.27 -0.13 -5.30
CA MET A 144 13.49 -1.24 -5.85
C MET A 144 11.99 -0.95 -5.79
N MET A 145 11.58 -0.07 -4.88
CA MET A 145 10.18 0.28 -4.78
C MET A 145 9.76 1.28 -5.85
N THR A 146 10.63 2.24 -6.17
CA THR A 146 10.28 3.22 -7.18
C THR A 146 10.57 2.66 -8.58
N ALA A 147 11.37 1.62 -8.65
CA ALA A 147 11.68 0.96 -9.88
C ALA A 147 11.20 -0.46 -9.84
N LYS A 148 9.93 -0.64 -9.93
CA LYS A 148 9.36 -1.94 -9.92
C LYS A 148 8.35 -2.01 -11.03
N SER B 1 12.66 -3.85 -10.67
CA SER B 1 12.95 -5.13 -10.09
C SER B 1 13.02 -6.17 -11.21
N PRO B 2 13.61 -7.36 -10.95
CA PRO B 2 13.65 -8.44 -11.93
C PRO B 2 12.23 -8.90 -12.26
N ALA B 3 11.49 -9.30 -11.19
CA ALA B 3 10.07 -9.69 -11.28
C ALA B 3 9.86 -10.78 -12.34
N ASN B 4 10.82 -11.66 -12.45
CA ASN B 4 10.85 -12.66 -13.51
C ASN B 4 9.80 -13.75 -13.29
N SER B 5 9.34 -13.88 -12.06
CA SER B 5 8.32 -14.85 -11.73
C SER B 5 6.92 -14.20 -11.81
N PHE B 6 6.91 -12.89 -12.09
CA PHE B 6 5.69 -12.08 -12.28
C PHE B 6 4.80 -11.92 -11.02
N HIS B 7 4.22 -13.00 -10.49
CA HIS B 7 3.33 -12.88 -9.30
C HIS B 7 4.07 -12.37 -8.07
N PHE B 8 5.38 -12.52 -8.08
CA PHE B 8 6.25 -12.00 -7.03
C PHE B 8 6.21 -10.47 -6.97
N LYS B 9 5.99 -9.86 -8.10
CA LYS B 9 5.94 -8.42 -8.18
C LYS B 9 4.66 -7.94 -7.49
N GLU B 10 3.61 -8.73 -7.64
CA GLU B 10 2.34 -8.48 -7.01
C GLU B 10 2.43 -8.72 -5.52
N ALA B 11 3.40 -9.53 -5.12
CA ALA B 11 3.62 -9.83 -3.72
C ALA B 11 4.04 -8.55 -3.00
N TRP B 12 4.95 -7.78 -3.60
CA TRP B 12 5.33 -6.50 -3.03
C TRP B 12 4.22 -5.49 -3.18
N LYS B 13 3.49 -5.56 -4.29
CA LYS B 13 2.35 -4.68 -4.55
C LYS B 13 1.36 -4.83 -3.40
N HIS B 14 1.01 -6.08 -3.19
CA HIS B 14 0.10 -6.51 -2.13
C HIS B 14 0.65 -6.14 -0.74
N ALA B 15 1.94 -6.40 -0.52
CA ALA B 15 2.59 -6.10 0.76
C ALA B 15 2.50 -4.64 1.09
N ILE B 16 3.00 -3.80 0.18
CA ILE B 16 3.00 -2.37 0.40
C ILE B 16 1.59 -1.85 0.59
N GLN B 17 0.70 -2.27 -0.28
CA GLN B 17 -0.71 -1.88 -0.24
C GLN B 17 -1.36 -2.17 1.13
N LYS B 18 -1.22 -3.41 1.59
CA LYS B 18 -1.82 -3.83 2.85
C LYS B 18 -1.12 -3.18 4.05
N ALA B 19 0.16 -3.00 3.94
CA ALA B 19 0.96 -2.45 5.00
C ALA B 19 0.81 -0.91 5.09
N LYS B 20 0.65 -0.26 3.94
CA LYS B 20 0.51 1.19 3.81
C LYS B 20 -0.60 1.69 4.74
N HIS B 21 -1.76 1.01 4.67
CA HIS B 21 -2.89 1.20 5.61
C HIS B 21 -3.23 2.68 5.86
N MET B 22 -3.75 3.34 4.86
CA MET B 22 -4.09 4.77 4.94
C MET B 22 -5.26 5.01 4.01
N PRO B 23 -6.06 6.08 4.25
CA PRO B 23 -7.21 6.40 3.40
C PRO B 23 -6.81 7.01 2.05
N ASP B 24 -5.52 7.23 1.88
CA ASP B 24 -4.96 7.77 0.65
C ASP B 24 -4.96 6.70 -0.43
N PRO B 25 -5.58 6.97 -1.60
CA PRO B 25 -5.66 6.02 -2.70
C PRO B 25 -4.30 5.58 -3.22
N TRP B 26 -4.08 4.31 -3.11
CA TRP B 26 -2.90 3.65 -3.55
C TRP B 26 -3.34 2.63 -4.62
N ALA B 27 -2.42 2.15 -5.41
CA ALA B 27 -2.68 1.11 -6.34
C ALA B 27 -1.45 0.21 -6.40
CA CA C . -16.07 -0.02 -9.93
CA CA D . -14.19 11.34 -11.76
N ALA A 1 4.73 12.36 -10.22
CA ALA A 1 3.37 12.58 -9.74
C ALA A 1 2.45 11.56 -10.34
N ASP A 2 2.19 11.69 -11.61
CA ASP A 2 1.38 10.74 -12.30
C ASP A 2 1.98 10.46 -13.67
N GLN A 3 2.95 9.60 -13.67
CA GLN A 3 3.58 9.18 -14.88
C GLN A 3 3.03 7.82 -15.23
N LEU A 4 2.05 7.82 -16.09
CA LEU A 4 1.36 6.62 -16.42
C LEU A 4 1.23 6.55 -17.93
N THR A 5 1.33 5.38 -18.51
CA THR A 5 1.16 5.27 -19.93
C THR A 5 -0.32 5.17 -20.27
N GLU A 6 -0.69 5.49 -21.50
CA GLU A 6 -2.06 5.53 -21.92
C GLU A 6 -2.72 4.15 -21.83
N GLU A 7 -1.93 3.09 -22.01
CA GLU A 7 -2.44 1.71 -21.88
C GLU A 7 -3.01 1.52 -20.49
N GLN A 8 -2.25 1.99 -19.52
CA GLN A 8 -2.64 1.89 -18.13
C GLN A 8 -3.88 2.73 -17.92
N ILE A 9 -3.79 3.98 -18.35
CA ILE A 9 -4.84 4.98 -18.16
C ILE A 9 -6.19 4.54 -18.77
N ALA A 10 -6.15 3.87 -19.91
CA ALA A 10 -7.35 3.35 -20.56
C ALA A 10 -7.98 2.23 -19.70
N GLU A 11 -7.12 1.39 -19.16
CA GLU A 11 -7.56 0.33 -18.27
C GLU A 11 -8.15 0.95 -17.01
N PHE A 12 -7.49 2.01 -16.53
CA PHE A 12 -7.97 2.79 -15.43
C PHE A 12 -9.31 3.39 -15.72
N LYS A 13 -9.53 3.85 -16.95
CA LYS A 13 -10.82 4.42 -17.35
C LYS A 13 -11.98 3.48 -17.02
N GLU A 14 -11.91 2.26 -17.54
CA GLU A 14 -12.95 1.27 -17.28
C GLU A 14 -13.05 0.88 -15.82
N ALA A 15 -11.93 0.50 -15.25
CA ALA A 15 -11.89 0.03 -13.89
C ALA A 15 -12.29 1.11 -12.88
N PHE A 16 -11.89 2.34 -13.15
CA PHE A 16 -12.24 3.50 -12.31
C PHE A 16 -13.73 3.68 -12.25
N SER A 17 -14.37 3.51 -13.38
CA SER A 17 -15.80 3.67 -13.46
C SER A 17 -16.51 2.53 -12.71
N LEU A 18 -15.83 1.41 -12.54
CA LEU A 18 -16.36 0.29 -11.78
C LEU A 18 -16.32 0.64 -10.27
N PHE A 19 -15.33 1.42 -9.88
CA PHE A 19 -15.16 1.86 -8.49
C PHE A 19 -15.96 3.13 -8.22
N ASP A 20 -16.06 3.95 -9.24
CA ASP A 20 -16.90 5.14 -9.22
C ASP A 20 -18.34 4.70 -9.48
N LYS A 21 -19.02 4.42 -8.41
CA LYS A 21 -20.31 3.80 -8.42
C LYS A 21 -21.39 4.63 -9.06
N ASP A 22 -21.46 5.88 -8.69
CA ASP A 22 -22.50 6.75 -9.23
C ASP A 22 -22.11 7.31 -10.60
N GLY A 23 -20.83 7.17 -10.94
CA GLY A 23 -20.34 7.61 -12.22
C GLY A 23 -20.31 9.11 -12.36
N ASP A 24 -19.59 9.77 -11.48
CA ASP A 24 -19.47 11.23 -11.53
C ASP A 24 -18.03 11.63 -11.86
N GLY A 25 -17.13 10.68 -11.72
CA GLY A 25 -15.75 10.94 -11.98
C GLY A 25 -14.91 11.12 -10.74
N THR A 26 -15.46 10.82 -9.58
CA THR A 26 -14.69 10.89 -8.35
C THR A 26 -15.00 9.67 -7.49
N ILE A 27 -14.15 9.33 -6.55
CA ILE A 27 -14.39 8.20 -5.68
C ILE A 27 -14.41 8.70 -4.25
N THR A 28 -15.52 8.50 -3.59
CA THR A 28 -15.69 8.92 -2.22
C THR A 28 -15.38 7.79 -1.24
N THR A 29 -15.42 8.11 0.05
CA THR A 29 -15.21 7.16 1.12
C THR A 29 -16.22 6.03 1.05
N LYS A 30 -17.47 6.41 0.79
CA LYS A 30 -18.57 5.45 0.65
C LYS A 30 -18.29 4.45 -0.46
N GLU A 31 -17.82 4.96 -1.59
CA GLU A 31 -17.51 4.12 -2.74
C GLU A 31 -16.33 3.20 -2.45
N LEU A 32 -15.34 3.73 -1.73
CA LEU A 32 -14.18 2.93 -1.31
C LEU A 32 -14.64 1.79 -0.42
N GLY A 33 -15.49 2.09 0.55
CA GLY A 33 -15.98 1.08 1.45
C GLY A 33 -16.91 0.10 0.76
N THR A 34 -17.55 0.53 -0.30
CA THR A 34 -18.42 -0.34 -1.08
C THR A 34 -17.58 -1.44 -1.76
N VAL A 35 -16.56 -1.00 -2.51
CA VAL A 35 -15.70 -1.93 -3.23
C VAL A 35 -14.87 -2.76 -2.26
N MET A 36 -14.45 -2.15 -1.15
CA MET A 36 -13.68 -2.84 -0.14
C MET A 36 -14.48 -3.91 0.56
N ARG A 37 -15.72 -3.60 0.93
CA ARG A 37 -16.58 -4.55 1.63
C ARG A 37 -16.77 -5.79 0.79
N SER A 38 -16.86 -5.59 -0.51
CA SER A 38 -17.01 -6.66 -1.47
C SER A 38 -15.74 -7.56 -1.52
N LEU A 39 -14.65 -7.07 -0.96
CA LEU A 39 -13.41 -7.80 -0.91
C LEU A 39 -13.17 -8.38 0.48
N GLY A 40 -13.96 -7.96 1.44
CA GLY A 40 -13.79 -8.47 2.78
C GLY A 40 -13.22 -7.46 3.77
N GLN A 41 -12.81 -6.30 3.29
CA GLN A 41 -12.30 -5.28 4.20
C GLN A 41 -13.27 -4.15 4.33
N ASN A 42 -13.56 -3.76 5.50
CA ASN A 42 -14.39 -2.58 5.64
C ASN A 42 -13.92 -1.59 6.69
N PRO A 43 -12.80 -0.89 6.36
CA PRO A 43 -12.29 0.23 7.17
C PRO A 43 -13.34 1.33 7.35
N THR A 44 -13.19 2.10 8.38
CA THR A 44 -14.12 3.15 8.67
C THR A 44 -13.85 4.36 7.76
N GLU A 45 -14.81 5.26 7.73
CA GLU A 45 -14.74 6.46 6.91
C GLU A 45 -13.48 7.27 7.19
N ALA A 46 -13.11 7.39 8.45
CA ALA A 46 -11.92 8.13 8.86
C ALA A 46 -10.67 7.56 8.21
N GLU A 47 -10.57 6.23 8.21
CA GLU A 47 -9.43 5.52 7.63
C GLU A 47 -9.38 5.76 6.12
N LEU A 48 -10.53 5.71 5.49
CA LEU A 48 -10.64 5.90 4.05
C LEU A 48 -10.37 7.35 3.66
N GLN A 49 -10.85 8.28 4.47
CA GLN A 49 -10.64 9.70 4.27
C GLN A 49 -9.15 10.02 4.37
N ASP A 50 -8.49 9.38 5.34
CA ASP A 50 -7.05 9.53 5.53
C ASP A 50 -6.32 9.03 4.30
N MET A 51 -6.87 8.00 3.68
CA MET A 51 -6.30 7.44 2.46
C MET A 51 -6.58 8.33 1.26
N ILE A 52 -7.72 8.98 1.25
CA ILE A 52 -8.04 9.94 0.19
C ILE A 52 -7.11 11.12 0.28
N ASN A 53 -6.86 11.56 1.49
CA ASN A 53 -6.00 12.70 1.77
C ASN A 53 -4.54 12.47 1.33
N GLU A 54 -4.19 11.22 1.00
CA GLU A 54 -2.93 10.87 0.51
C GLU A 54 -2.70 11.46 -0.89
N VAL A 55 -3.78 11.75 -1.59
CA VAL A 55 -3.68 12.42 -2.88
C VAL A 55 -4.40 13.74 -2.85
N ASP A 56 -5.31 13.89 -1.91
CA ASP A 56 -6.17 15.05 -1.84
C ASP A 56 -5.45 16.26 -1.27
N ALA A 57 -4.72 16.92 -2.12
CA ALA A 57 -3.99 18.10 -1.77
C ALA A 57 -4.87 19.34 -1.92
N ASP A 58 -5.92 19.21 -2.72
CA ASP A 58 -6.86 20.32 -2.96
C ASP A 58 -7.90 20.45 -1.84
N GLY A 59 -7.99 19.45 -0.98
CA GLY A 59 -8.84 19.54 0.19
C GLY A 59 -10.33 19.35 -0.07
N ASN A 60 -10.73 18.88 -1.26
CA ASN A 60 -12.17 18.70 -1.49
C ASN A 60 -12.65 17.40 -0.87
N GLY A 61 -11.70 16.55 -0.51
CA GLY A 61 -12.01 15.31 0.16
C GLY A 61 -12.49 14.23 -0.77
N THR A 62 -12.19 14.35 -2.04
CA THR A 62 -12.57 13.34 -2.98
C THR A 62 -11.43 13.15 -3.98
N ILE A 63 -11.29 11.94 -4.47
CA ILE A 63 -10.23 11.62 -5.41
C ILE A 63 -10.78 11.79 -6.83
N ASP A 64 -10.23 12.71 -7.58
CA ASP A 64 -10.61 12.83 -8.98
C ASP A 64 -9.72 11.87 -9.77
N PHE A 65 -9.97 11.69 -11.04
CA PHE A 65 -9.23 10.72 -11.86
C PHE A 65 -7.70 10.97 -11.86
N PRO A 66 -7.21 12.23 -12.15
CA PRO A 66 -5.77 12.57 -12.07
C PRO A 66 -5.14 12.19 -10.71
N GLU A 67 -5.88 12.45 -9.63
CA GLU A 67 -5.41 12.14 -8.27
C GLU A 67 -5.32 10.63 -8.09
N PHE A 68 -6.30 9.94 -8.64
CA PHE A 68 -6.38 8.50 -8.56
C PHE A 68 -5.22 7.88 -9.33
N LEU A 69 -4.93 8.46 -10.49
CA LEU A 69 -3.80 8.03 -11.30
C LEU A 69 -2.50 8.27 -10.56
N THR A 70 -2.43 9.36 -9.84
CA THR A 70 -1.27 9.71 -9.04
C THR A 70 -0.96 8.62 -7.99
N MET A 71 -1.98 8.24 -7.23
CA MET A 71 -1.82 7.23 -6.18
C MET A 71 -1.49 5.87 -6.75
N MET A 72 -2.07 5.56 -7.87
CA MET A 72 -1.85 4.26 -8.44
C MET A 72 -0.56 4.20 -9.23
N ALA A 73 -0.09 5.33 -9.72
CA ALA A 73 1.20 5.40 -10.36
C ALA A 73 2.28 5.21 -9.30
N ARG A 74 1.97 5.63 -8.07
CA ARG A 74 2.83 5.41 -6.92
C ARG A 74 2.91 3.93 -6.62
N LYS A 75 1.83 3.25 -6.93
CA LYS A 75 1.73 1.83 -6.76
C LYS A 75 2.41 1.10 -7.94
N MET A 76 2.72 1.83 -8.98
CA MET A 76 3.34 1.26 -10.14
C MET A 76 4.84 1.59 -10.20
N LYS A 77 5.20 2.73 -10.76
CA LYS A 77 6.61 3.06 -10.99
C LYS A 77 6.93 4.53 -10.74
N ASP A 78 6.06 5.22 -10.08
CA ASP A 78 6.31 6.61 -9.81
C ASP A 78 6.12 6.85 -8.33
N THR A 79 6.63 7.93 -7.84
CA THR A 79 6.46 8.33 -6.46
C THR A 79 6.56 9.86 -6.45
N ASP A 80 6.02 10.51 -5.44
CA ASP A 80 6.07 11.95 -5.40
C ASP A 80 7.14 12.42 -4.46
N SER A 81 7.06 11.97 -3.26
CA SER A 81 7.99 12.35 -2.27
C SER A 81 8.69 11.12 -1.73
N GLU A 82 9.36 11.27 -0.63
CA GLU A 82 10.03 10.17 0.02
C GLU A 82 9.18 9.68 1.17
N GLU A 83 8.04 10.34 1.36
CA GLU A 83 7.12 9.99 2.42
C GLU A 83 6.61 8.61 2.22
N GLU A 84 5.98 8.41 1.07
CA GLU A 84 5.37 7.15 0.65
C GLU A 84 6.37 5.99 0.85
N ILE A 85 7.58 6.24 0.41
CA ILE A 85 8.64 5.26 0.46
C ILE A 85 9.02 4.97 1.91
N ARG A 86 9.27 6.01 2.69
CA ARG A 86 9.70 5.85 4.05
C ARG A 86 8.57 5.32 4.94
N GLU A 87 7.32 5.60 4.59
CA GLU A 87 6.17 5.05 5.33
C GLU A 87 6.20 3.54 5.27
N ALA A 88 6.46 3.03 4.08
CA ALA A 88 6.54 1.59 3.88
C ALA A 88 7.75 1.01 4.58
N PHE A 89 8.85 1.72 4.56
CA PHE A 89 10.05 1.23 5.21
C PHE A 89 9.84 1.19 6.74
N ARG A 90 9.23 2.25 7.25
CA ARG A 90 9.01 2.46 8.68
C ARG A 90 8.02 1.44 9.25
N VAL A 91 7.15 0.91 8.40
CA VAL A 91 6.20 -0.07 8.87
C VAL A 91 6.82 -1.49 8.88
N PHE A 92 7.90 -1.69 8.14
CA PHE A 92 8.59 -2.97 8.12
C PHE A 92 9.68 -2.99 9.18
N ASP A 93 10.51 -1.97 9.18
CA ASP A 93 11.57 -1.83 10.18
C ASP A 93 10.95 -1.20 11.41
N LYS A 94 10.77 -1.99 12.43
CA LYS A 94 10.06 -1.57 13.62
C LYS A 94 10.86 -0.59 14.47
N ASP A 95 12.17 -0.66 14.38
CA ASP A 95 13.01 0.19 15.23
C ASP A 95 13.58 1.34 14.44
N GLY A 96 13.48 1.24 13.13
CA GLY A 96 14.06 2.23 12.29
C GLY A 96 15.55 2.14 12.35
N ASN A 97 16.04 0.93 12.28
CA ASN A 97 17.45 0.67 12.37
C ASN A 97 18.09 0.82 10.99
N GLY A 98 17.26 0.79 9.98
CA GLY A 98 17.70 1.06 8.64
C GLY A 98 17.90 -0.19 7.84
N TYR A 99 17.36 -1.28 8.31
CA TYR A 99 17.54 -2.58 7.65
C TYR A 99 16.29 -3.40 7.83
N ILE A 100 15.80 -3.97 6.77
CA ILE A 100 14.62 -4.81 6.86
C ILE A 100 15.06 -6.27 6.84
N SER A 101 14.63 -7.02 7.81
CA SER A 101 14.92 -8.42 7.89
C SER A 101 13.65 -9.21 7.54
N ALA A 102 13.82 -10.35 6.87
CA ALA A 102 12.70 -11.19 6.43
C ALA A 102 11.90 -11.73 7.60
N ALA A 103 12.59 -12.11 8.66
CA ALA A 103 11.95 -12.62 9.87
C ALA A 103 10.96 -11.60 10.44
N GLU A 104 11.38 -10.35 10.48
CA GLU A 104 10.55 -9.27 10.97
C GLU A 104 9.45 -8.98 10.00
N LEU A 105 9.82 -8.89 8.75
CA LEU A 105 8.87 -8.53 7.75
C LEU A 105 7.73 -9.57 7.75
N ARG A 106 8.11 -10.82 7.95
CA ARG A 106 7.17 -11.94 8.03
C ARG A 106 6.24 -11.74 9.23
N HIS A 107 6.80 -11.21 10.34
CA HIS A 107 6.04 -10.91 11.57
C HIS A 107 4.83 -10.08 11.25
N VAL A 108 5.05 -8.97 10.56
CA VAL A 108 3.98 -8.06 10.27
C VAL A 108 3.03 -8.67 9.24
N MET A 109 3.56 -9.50 8.34
CA MET A 109 2.74 -10.15 7.32
C MET A 109 1.72 -11.06 7.92
N THR A 110 2.16 -11.88 8.85
CA THR A 110 1.27 -12.79 9.55
C THR A 110 0.22 -11.98 10.33
N ASN A 111 0.63 -10.81 10.80
CA ASN A 111 -0.26 -9.89 11.52
C ASN A 111 -1.25 -9.21 10.57
N LEU A 112 -0.81 -8.95 9.35
CA LEU A 112 -1.63 -8.24 8.37
C LEU A 112 -2.56 -9.19 7.65
N GLY A 113 -2.24 -10.45 7.67
CA GLY A 113 -3.06 -11.44 7.04
C GLY A 113 -2.67 -11.65 5.60
N GLU A 114 -1.47 -11.23 5.25
CA GLU A 114 -0.99 -11.45 3.92
C GLU A 114 -0.39 -12.83 3.87
N LYS A 115 -1.08 -13.73 3.21
CA LYS A 115 -0.67 -15.11 3.11
C LYS A 115 0.56 -15.25 2.24
N LEU A 116 1.68 -15.34 2.89
CA LEU A 116 2.97 -15.41 2.28
C LEU A 116 3.75 -16.47 3.02
N THR A 117 4.63 -17.14 2.34
CA THR A 117 5.43 -18.16 2.96
C THR A 117 6.72 -17.53 3.51
N ASP A 118 7.51 -18.31 4.23
CA ASP A 118 8.80 -17.83 4.71
C ASP A 118 9.69 -17.61 3.51
N GLU A 119 9.50 -18.47 2.51
CA GLU A 119 10.20 -18.39 1.24
C GLU A 119 9.86 -17.07 0.57
N GLU A 120 8.57 -16.74 0.53
CA GLU A 120 8.08 -15.54 -0.14
C GLU A 120 8.64 -14.26 0.52
N VAL A 121 8.56 -14.19 1.85
CA VAL A 121 9.03 -12.99 2.56
C VAL A 121 10.56 -12.84 2.45
N ASP A 122 11.26 -13.97 2.40
CA ASP A 122 12.72 -13.97 2.27
C ASP A 122 13.11 -13.61 0.84
N GLU A 123 12.31 -14.09 -0.10
CA GLU A 123 12.49 -13.84 -1.52
C GLU A 123 12.38 -12.33 -1.76
N MET A 124 11.39 -11.72 -1.07
CA MET A 124 11.17 -10.27 -1.09
C MET A 124 12.46 -9.56 -0.72
N ILE A 125 12.95 -9.91 0.46
CA ILE A 125 14.14 -9.33 1.02
C ILE A 125 15.32 -9.49 0.10
N ARG A 126 15.58 -10.71 -0.36
CA ARG A 126 16.72 -10.97 -1.24
C ARG A 126 16.70 -10.23 -2.57
N GLU A 127 15.53 -9.78 -3.01
CA GLU A 127 15.47 -9.00 -4.24
C GLU A 127 15.77 -7.53 -3.93
N ALA A 128 15.31 -7.07 -2.79
CA ALA A 128 15.54 -5.69 -2.41
C ALA A 128 16.96 -5.52 -1.83
N ASP A 129 17.45 -6.57 -1.21
CA ASP A 129 18.81 -6.68 -0.67
C ASP A 129 19.81 -6.79 -1.82
N ILE A 130 20.34 -5.66 -2.19
CA ILE A 130 21.25 -5.59 -3.31
C ILE A 130 22.67 -5.98 -2.89
N ASP A 131 23.09 -5.56 -1.70
CA ASP A 131 24.47 -5.81 -1.25
C ASP A 131 24.67 -7.27 -0.85
N GLY A 132 23.60 -8.01 -0.74
CA GLY A 132 23.69 -9.39 -0.39
C GLY A 132 24.02 -9.58 1.07
N ASP A 133 23.34 -8.84 1.89
CA ASP A 133 23.60 -8.84 3.32
C ASP A 133 22.49 -9.62 4.04
N GLY A 134 21.40 -9.83 3.33
CA GLY A 134 20.27 -10.55 3.87
C GLY A 134 19.33 -9.61 4.56
N GLN A 135 19.64 -8.35 4.44
CA GLN A 135 18.89 -7.28 5.03
C GLN A 135 18.94 -6.13 4.06
N VAL A 136 17.81 -5.65 3.69
CA VAL A 136 17.71 -4.55 2.75
C VAL A 136 17.74 -3.23 3.49
N ASN A 137 18.62 -2.32 3.09
CA ASN A 137 18.66 -1.02 3.74
C ASN A 137 17.74 -0.04 3.02
N TYR A 138 17.53 1.13 3.60
CA TYR A 138 16.59 2.13 3.07
C TYR A 138 16.90 2.49 1.61
N GLU A 139 18.15 2.69 1.31
CA GLU A 139 18.57 3.12 -0.02
C GLU A 139 18.37 2.04 -1.08
N GLU A 140 18.37 0.80 -0.66
CA GLU A 140 18.12 -0.29 -1.56
C GLU A 140 16.62 -0.43 -1.76
N PHE A 141 15.89 -0.23 -0.67
CA PHE A 141 14.46 -0.35 -0.70
C PHE A 141 13.83 0.75 -1.52
N VAL A 142 14.31 2.00 -1.37
CA VAL A 142 13.73 3.15 -2.09
C VAL A 142 13.66 2.92 -3.60
N GLN A 143 14.68 2.25 -4.12
CA GLN A 143 14.81 1.99 -5.52
C GLN A 143 13.76 1.00 -6.02
N MET A 144 13.53 -0.01 -5.24
CA MET A 144 12.56 -1.04 -5.61
C MET A 144 11.15 -0.66 -5.19
N MET A 145 11.05 0.08 -4.11
CA MET A 145 9.76 0.55 -3.61
C MET A 145 9.13 1.58 -4.54
N THR A 146 9.93 2.28 -5.30
CA THR A 146 9.39 3.21 -6.23
C THR A 146 8.94 2.46 -7.51
N ALA A 147 9.69 1.43 -7.89
CA ALA A 147 9.46 0.74 -9.14
C ALA A 147 8.96 -0.69 -8.96
N LYS A 148 7.70 -0.92 -9.21
CA LYS A 148 7.16 -2.24 -9.13
C LYS A 148 6.92 -2.78 -10.53
N SER B 1 4.96 -6.53 -14.37
CA SER B 1 6.35 -6.60 -14.00
C SER B 1 6.61 -7.93 -13.32
N PRO B 2 7.92 -8.38 -13.19
CA PRO B 2 8.32 -9.67 -12.57
C PRO B 2 7.49 -10.10 -11.37
N ALA B 3 6.57 -11.01 -11.63
CA ALA B 3 5.72 -11.59 -10.62
C ALA B 3 5.21 -12.95 -11.08
N ASN B 4 5.86 -13.49 -12.09
CA ASN B 4 5.40 -14.74 -12.69
C ASN B 4 6.24 -15.94 -12.25
N SER B 5 7.56 -15.80 -12.26
CA SER B 5 8.43 -16.86 -11.83
C SER B 5 8.55 -16.80 -10.32
N PHE B 6 8.64 -15.59 -9.83
CA PHE B 6 8.63 -15.30 -8.43
C PHE B 6 7.69 -14.15 -8.27
N HIS B 7 6.97 -14.11 -7.21
CA HIS B 7 5.86 -13.16 -7.05
C HIS B 7 6.32 -11.75 -6.61
N PHE B 8 7.60 -11.43 -6.85
CA PHE B 8 8.26 -10.21 -6.31
C PHE B 8 7.43 -8.94 -6.31
N LYS B 9 6.95 -8.51 -7.46
CA LYS B 9 6.27 -7.23 -7.49
C LYS B 9 4.86 -7.28 -6.95
N GLU B 10 4.21 -8.42 -7.06
CA GLU B 10 2.86 -8.55 -6.52
C GLU B 10 2.89 -8.82 -5.03
N ALA B 11 3.96 -9.44 -4.59
CA ALA B 11 4.18 -9.72 -3.19
C ALA B 11 4.40 -8.41 -2.44
N TRP B 12 5.32 -7.58 -2.93
CA TRP B 12 5.55 -6.26 -2.34
C TRP B 12 4.33 -5.38 -2.44
N LYS B 13 3.55 -5.56 -3.51
CA LYS B 13 2.29 -4.85 -3.72
C LYS B 13 1.41 -5.07 -2.50
N HIS B 14 1.14 -6.33 -2.25
CA HIS B 14 0.35 -6.76 -1.08
C HIS B 14 0.96 -6.27 0.22
N ALA B 15 2.27 -6.44 0.32
CA ALA B 15 3.04 -6.08 1.48
C ALA B 15 2.87 -4.61 1.87
N ILE B 16 3.26 -3.73 0.97
CA ILE B 16 3.26 -2.30 1.26
C ILE B 16 1.86 -1.75 1.49
N GLN B 17 0.88 -2.26 0.76
CA GLN B 17 -0.48 -1.79 0.89
C GLN B 17 -1.05 -2.07 2.26
N LYS B 18 -1.04 -3.33 2.65
CA LYS B 18 -1.67 -3.70 3.89
C LYS B 18 -0.92 -3.13 5.08
N ALA B 19 0.39 -2.99 4.93
CA ALA B 19 1.23 -2.42 5.97
C ALA B 19 0.97 -0.92 6.11
N LYS B 20 0.74 -0.24 4.98
CA LYS B 20 0.43 1.19 4.97
C LYS B 20 -1.05 1.42 5.37
N HIS B 21 -1.74 0.30 5.62
CA HIS B 21 -3.13 0.25 6.06
C HIS B 21 -4.07 0.67 4.91
N MET B 22 -3.63 0.40 3.72
CA MET B 22 -4.41 0.66 2.55
C MET B 22 -4.73 -0.68 1.94
N PRO B 23 -5.92 -1.24 2.25
CA PRO B 23 -6.32 -2.58 1.75
C PRO B 23 -6.10 -2.72 0.25
N ASP B 24 -6.95 -2.09 -0.55
CA ASP B 24 -6.78 -2.01 -2.01
C ASP B 24 -7.95 -1.28 -2.64
N PRO B 25 -7.78 0.00 -2.93
CA PRO B 25 -8.77 0.77 -3.66
C PRO B 25 -8.31 0.94 -5.11
N TRP B 26 -7.72 -0.10 -5.65
CA TRP B 26 -7.13 -0.06 -6.96
C TRP B 26 -8.06 -0.59 -7.98
N ALA B 27 -8.33 0.24 -8.93
CA ALA B 27 -9.17 -0.08 -10.01
C ALA B 27 -8.33 -0.76 -11.08
CA CA C . -18.41 8.81 -7.41
CA CA D . -9.27 16.25 -4.71
N ALA A 1 -0.32 21.33 1.91
CA ALA A 1 -0.30 21.26 0.45
C ALA A 1 -1.69 20.95 -0.10
N ASP A 2 -2.32 21.93 -0.75
CA ASP A 2 -3.59 21.69 -1.45
C ASP A 2 -3.61 22.41 -2.79
N GLN A 3 -2.59 23.23 -3.03
CA GLN A 3 -2.49 23.98 -4.26
C GLN A 3 -2.15 23.06 -5.40
N LEU A 4 -3.06 22.95 -6.28
CA LEU A 4 -2.91 22.14 -7.43
C LEU A 4 -3.36 23.02 -8.56
N THR A 5 -2.70 23.01 -9.69
CA THR A 5 -3.09 23.89 -10.77
C THR A 5 -4.43 23.45 -11.30
N GLU A 6 -5.23 24.39 -11.76
CA GLU A 6 -6.55 24.07 -12.31
C GLU A 6 -6.42 23.17 -13.54
N GLU A 7 -5.26 23.26 -14.20
CA GLU A 7 -4.92 22.40 -15.31
C GLU A 7 -4.81 20.97 -14.83
N GLN A 8 -4.03 20.78 -13.76
CA GLN A 8 -3.80 19.49 -13.15
C GLN A 8 -5.11 18.96 -12.54
N ILE A 9 -5.89 19.88 -12.02
CA ILE A 9 -7.19 19.55 -11.46
C ILE A 9 -8.15 19.09 -12.54
N ALA A 10 -8.03 19.62 -13.74
CA ALA A 10 -8.84 19.18 -14.86
C ALA A 10 -8.46 17.73 -15.20
N GLU A 11 -7.16 17.45 -15.16
CA GLU A 11 -6.64 16.11 -15.38
C GLU A 11 -7.20 15.19 -14.31
N PHE A 12 -7.22 15.69 -13.08
CA PHE A 12 -7.75 14.96 -11.98
C PHE A 12 -9.26 14.88 -11.97
N LYS A 13 -9.94 15.69 -12.75
CA LYS A 13 -11.40 15.57 -12.85
C LYS A 13 -11.73 14.34 -13.65
N GLU A 14 -10.99 14.17 -14.72
CA GLU A 14 -11.08 13.02 -15.57
C GLU A 14 -10.70 11.76 -14.77
N ALA A 15 -9.58 11.83 -14.10
CA ALA A 15 -9.08 10.75 -13.29
C ALA A 15 -10.04 10.45 -12.11
N PHE A 16 -10.57 11.51 -11.51
CA PHE A 16 -11.52 11.40 -10.40
C PHE A 16 -12.74 10.67 -10.85
N SER A 17 -13.28 11.06 -11.97
CA SER A 17 -14.51 10.48 -12.48
C SER A 17 -14.29 9.02 -12.93
N LEU A 18 -13.03 8.63 -13.15
CA LEU A 18 -12.72 7.24 -13.48
C LEU A 18 -13.02 6.39 -12.23
N PHE A 19 -12.79 6.97 -11.07
CA PHE A 19 -13.06 6.32 -9.80
C PHE A 19 -14.47 6.63 -9.33
N ASP A 20 -14.83 7.88 -9.44
CA ASP A 20 -16.13 8.34 -9.06
C ASP A 20 -17.03 8.17 -10.24
N LYS A 21 -17.54 6.98 -10.40
CA LYS A 21 -18.25 6.59 -11.59
C LYS A 21 -19.61 7.23 -11.73
N ASP A 22 -20.15 7.79 -10.66
CA ASP A 22 -21.43 8.45 -10.79
C ASP A 22 -21.22 9.95 -10.97
N GLY A 23 -19.99 10.38 -10.77
CA GLY A 23 -19.59 11.75 -10.96
C GLY A 23 -20.33 12.73 -10.06
N ASP A 24 -20.36 12.45 -8.79
CA ASP A 24 -21.09 13.35 -7.88
C ASP A 24 -20.13 14.22 -7.10
N GLY A 25 -18.88 13.81 -7.07
CA GLY A 25 -17.89 14.58 -6.35
C GLY A 25 -17.52 14.01 -5.01
N THR A 26 -18.06 12.85 -4.62
CA THR A 26 -17.63 12.20 -3.38
C THR A 26 -17.49 10.69 -3.64
N ILE A 27 -16.36 10.13 -3.26
CA ILE A 27 -16.08 8.74 -3.54
C ILE A 27 -16.43 7.90 -2.35
N THR A 28 -17.30 6.97 -2.58
CA THR A 28 -17.73 6.07 -1.56
C THR A 28 -16.90 4.78 -1.62
N THR A 29 -16.94 3.97 -0.55
CA THR A 29 -16.17 2.74 -0.48
C THR A 29 -16.61 1.75 -1.55
N LYS A 30 -17.89 1.80 -1.90
CA LYS A 30 -18.47 0.96 -2.94
C LYS A 30 -17.76 1.21 -4.27
N GLU A 31 -17.59 2.49 -4.60
CA GLU A 31 -16.92 2.88 -5.83
C GLU A 31 -15.47 2.41 -5.80
N LEU A 32 -14.83 2.67 -4.67
CA LEU A 32 -13.44 2.29 -4.46
C LEU A 32 -13.20 0.81 -4.71
N GLY A 33 -13.93 -0.04 -4.05
CA GLY A 33 -13.68 -1.46 -4.21
C GLY A 33 -14.04 -1.98 -5.57
N THR A 34 -15.03 -1.37 -6.20
CA THR A 34 -15.43 -1.78 -7.53
C THR A 34 -14.33 -1.46 -8.55
N VAL A 35 -13.77 -0.26 -8.48
CA VAL A 35 -12.69 0.09 -9.39
C VAL A 35 -11.44 -0.68 -9.04
N MET A 36 -11.22 -0.88 -7.75
CA MET A 36 -10.05 -1.59 -7.27
C MET A 36 -10.07 -3.03 -7.70
N ARG A 37 -11.25 -3.65 -7.67
CA ARG A 37 -11.40 -5.04 -8.09
C ARG A 37 -11.15 -5.17 -9.56
N SER A 38 -11.52 -4.15 -10.29
CA SER A 38 -11.30 -4.09 -11.73
C SER A 38 -9.80 -3.94 -12.01
N LEU A 39 -9.07 -3.37 -11.05
CA LEU A 39 -7.63 -3.19 -11.13
C LEU A 39 -6.89 -4.43 -10.61
N GLY A 40 -7.64 -5.41 -10.15
CA GLY A 40 -7.05 -6.66 -9.71
C GLY A 40 -6.95 -6.79 -8.19
N GLN A 41 -7.21 -5.72 -7.50
CA GLN A 41 -7.11 -5.69 -6.06
C GLN A 41 -8.46 -5.95 -5.44
N ASN A 42 -8.52 -6.73 -4.41
CA ASN A 42 -9.77 -6.99 -3.72
C ASN A 42 -9.70 -6.49 -2.28
N PRO A 43 -9.90 -5.19 -2.07
CA PRO A 43 -9.88 -4.61 -0.74
C PRO A 43 -11.22 -4.74 -0.04
N THR A 44 -11.18 -4.83 1.24
CA THR A 44 -12.37 -4.96 2.03
C THR A 44 -12.91 -3.59 2.46
N GLU A 45 -14.12 -3.59 3.02
CA GLU A 45 -14.82 -2.39 3.47
C GLU A 45 -13.94 -1.61 4.47
N ALA A 46 -13.38 -2.35 5.43
CA ALA A 46 -12.53 -1.79 6.48
C ALA A 46 -11.34 -1.03 5.91
N GLU A 47 -10.69 -1.64 4.93
CA GLU A 47 -9.49 -1.08 4.31
C GLU A 47 -9.79 0.21 3.57
N LEU A 48 -10.87 0.21 2.83
CA LEU A 48 -11.25 1.36 2.03
C LEU A 48 -11.69 2.52 2.91
N GLN A 49 -12.42 2.21 3.96
CA GLN A 49 -12.87 3.23 4.88
C GLN A 49 -11.68 3.77 5.68
N ASP A 50 -10.73 2.90 5.97
CA ASP A 50 -9.50 3.28 6.65
C ASP A 50 -8.71 4.26 5.80
N MET A 51 -8.77 4.04 4.50
CA MET A 51 -8.13 4.92 3.52
C MET A 51 -8.80 6.26 3.47
N ILE A 52 -10.12 6.25 3.40
CA ILE A 52 -10.90 7.48 3.38
C ILE A 52 -10.64 8.30 4.63
N ASN A 53 -10.62 7.62 5.74
CA ASN A 53 -10.51 8.23 7.04
C ASN A 53 -9.28 9.15 7.23
N GLU A 54 -8.19 8.90 6.53
CA GLU A 54 -7.00 9.75 6.73
C GLU A 54 -7.21 11.17 6.20
N VAL A 55 -8.06 11.33 5.22
CA VAL A 55 -8.36 12.68 4.70
C VAL A 55 -9.68 13.15 5.26
N ASP A 56 -10.40 12.23 5.85
CA ASP A 56 -11.74 12.48 6.31
C ASP A 56 -11.74 13.03 7.73
N ALA A 57 -11.40 14.29 7.84
CA ALA A 57 -11.38 14.98 9.12
C ALA A 57 -12.79 15.43 9.49
N ASP A 58 -13.63 15.52 8.47
CA ASP A 58 -15.04 15.90 8.66
C ASP A 58 -15.89 14.70 9.08
N GLY A 59 -15.27 13.52 9.08
CA GLY A 59 -15.88 12.32 9.59
C GLY A 59 -17.19 11.89 8.92
N ASN A 60 -17.25 11.96 7.62
CA ASN A 60 -18.49 11.53 6.95
C ASN A 60 -18.26 10.23 6.20
N GLY A 61 -17.02 9.74 6.25
CA GLY A 61 -16.67 8.49 5.63
C GLY A 61 -16.70 8.52 4.12
N THR A 62 -16.56 9.72 3.54
CA THR A 62 -16.56 9.86 2.11
C THR A 62 -15.51 10.94 1.78
N ILE A 63 -14.88 10.84 0.63
CA ILE A 63 -13.84 11.80 0.24
C ILE A 63 -14.41 12.78 -0.79
N ASP A 64 -14.52 14.03 -0.45
CA ASP A 64 -14.92 15.02 -1.44
C ASP A 64 -13.78 15.37 -2.34
N PHE A 65 -14.11 15.96 -3.47
CA PHE A 65 -13.13 16.37 -4.45
C PHE A 65 -12.06 17.27 -3.80
N PRO A 66 -12.43 18.35 -3.04
CA PRO A 66 -11.46 19.14 -2.26
C PRO A 66 -10.50 18.24 -1.42
N GLU A 67 -11.04 17.29 -0.62
CA GLU A 67 -10.20 16.34 0.17
C GLU A 67 -9.26 15.56 -0.75
N PHE A 68 -9.81 15.06 -1.83
CA PHE A 68 -9.10 14.25 -2.79
C PHE A 68 -7.95 15.04 -3.45
N LEU A 69 -8.22 16.29 -3.80
CA LEU A 69 -7.22 17.17 -4.39
C LEU A 69 -6.10 17.43 -3.40
N THR A 70 -6.49 17.69 -2.16
CA THR A 70 -5.54 17.95 -1.10
C THR A 70 -4.61 16.75 -0.93
N MET A 71 -5.19 15.56 -0.87
CA MET A 71 -4.44 14.33 -0.72
C MET A 71 -3.49 14.11 -1.89
N MET A 72 -3.95 14.40 -3.09
CA MET A 72 -3.12 14.26 -4.27
C MET A 72 -2.00 15.27 -4.31
N ALA A 73 -2.31 16.51 -3.97
CA ALA A 73 -1.32 17.57 -3.94
C ALA A 73 -0.23 17.26 -2.92
N ARG A 74 -0.64 16.71 -1.77
CA ARG A 74 0.30 16.27 -0.76
C ARG A 74 1.19 15.16 -1.32
N LYS A 75 0.58 14.29 -2.11
CA LYS A 75 1.25 13.12 -2.66
C LYS A 75 2.08 13.51 -3.91
N MET A 76 1.99 14.77 -4.28
CA MET A 76 2.74 15.29 -5.38
C MET A 76 3.92 16.10 -4.84
N LYS A 77 4.01 16.18 -3.53
CA LYS A 77 5.04 16.93 -2.88
C LYS A 77 5.57 16.14 -1.66
N ASP A 78 5.36 14.84 -1.68
CA ASP A 78 5.73 14.02 -0.52
C ASP A 78 7.00 13.24 -0.78
N THR A 79 7.34 13.19 -2.00
CA THR A 79 8.39 12.34 -2.45
C THR A 79 9.77 12.99 -2.30
N ASP A 80 9.78 14.30 -2.18
CA ASP A 80 11.06 14.99 -1.94
C ASP A 80 11.39 14.94 -0.45
N SER A 81 10.41 14.56 0.33
CA SER A 81 10.59 14.32 1.74
C SER A 81 10.58 12.81 1.96
N GLU A 82 10.45 12.08 0.84
CA GLU A 82 10.45 10.62 0.79
C GLU A 82 9.40 9.98 1.71
N GLU A 83 8.29 10.69 1.94
CA GLU A 83 7.22 10.22 2.80
C GLU A 83 6.72 8.85 2.43
N GLU A 84 6.19 8.72 1.22
CA GLU A 84 5.69 7.45 0.68
C GLU A 84 6.69 6.31 0.87
N ILE A 85 7.92 6.62 0.57
CA ILE A 85 8.97 5.63 0.50
C ILE A 85 9.30 5.14 1.90
N ARG A 86 9.56 6.06 2.77
CA ARG A 86 9.93 5.76 4.11
C ARG A 86 8.73 5.32 4.94
N GLU A 87 7.53 5.70 4.51
CA GLU A 87 6.30 5.28 5.15
C GLU A 87 6.17 3.78 5.00
N ALA A 88 6.28 3.34 3.76
CA ALA A 88 6.21 1.94 3.41
C ALA A 88 7.33 1.18 4.08
N PHE A 89 8.49 1.78 4.14
CA PHE A 89 9.64 1.15 4.77
C PHE A 89 9.38 0.97 6.28
N ARG A 90 8.89 2.02 6.91
CA ARG A 90 8.67 2.07 8.36
C ARG A 90 7.54 1.16 8.82
N VAL A 91 6.59 0.91 7.97
CA VAL A 91 5.50 0.04 8.35
C VAL A 91 5.98 -1.43 8.41
N PHE A 92 7.09 -1.71 7.74
CA PHE A 92 7.73 -3.00 7.85
C PHE A 92 8.75 -2.93 8.97
N ASP A 93 9.71 -2.04 8.79
CA ASP A 93 10.74 -1.79 9.79
C ASP A 93 10.23 -0.76 10.78
N LYS A 94 9.50 -1.28 11.72
CA LYS A 94 8.80 -0.50 12.72
C LYS A 94 9.73 -0.04 13.83
N ASP A 95 10.75 -0.81 14.09
CA ASP A 95 11.65 -0.52 15.21
C ASP A 95 12.72 0.45 14.79
N GLY A 96 12.83 0.67 13.50
CA GLY A 96 13.80 1.58 13.00
C GLY A 96 15.17 0.97 13.01
N ASN A 97 15.33 -0.07 12.26
CA ASN A 97 16.59 -0.75 12.16
C ASN A 97 17.37 -0.19 11.02
N GLY A 98 16.68 0.48 10.13
CA GLY A 98 17.32 1.02 8.95
C GLY A 98 17.46 -0.06 7.91
N TYR A 99 16.76 -1.15 8.14
CA TYR A 99 16.76 -2.31 7.28
C TYR A 99 15.61 -3.22 7.66
N ILE A 100 15.15 -3.97 6.70
CA ILE A 100 14.08 -4.91 6.91
C ILE A 100 14.68 -6.30 6.80
N SER A 101 14.43 -7.13 7.77
CA SER A 101 14.90 -8.49 7.75
C SER A 101 13.74 -9.44 7.39
N ALA A 102 14.04 -10.64 6.93
CA ALA A 102 13.02 -11.62 6.54
C ALA A 102 12.15 -12.01 7.72
N ALA A 103 12.79 -12.28 8.85
CA ALA A 103 12.09 -12.64 10.08
C ALA A 103 11.11 -11.54 10.47
N GLU A 104 11.59 -10.30 10.39
CA GLU A 104 10.78 -9.13 10.66
C GLU A 104 9.57 -9.10 9.75
N LEU A 105 9.85 -9.15 8.46
CA LEU A 105 8.86 -9.01 7.43
C LEU A 105 7.80 -10.11 7.61
N ARG A 106 8.27 -11.32 7.85
CA ARG A 106 7.41 -12.47 8.04
C ARG A 106 6.49 -12.25 9.25
N HIS A 107 7.11 -11.84 10.35
CA HIS A 107 6.42 -11.61 11.60
C HIS A 107 5.32 -10.54 11.45
N VAL A 108 5.60 -9.49 10.69
CA VAL A 108 4.59 -8.45 10.53
C VAL A 108 3.48 -8.95 9.63
N MET A 109 3.84 -9.77 8.65
CA MET A 109 2.87 -10.33 7.72
C MET A 109 1.88 -11.20 8.42
N THR A 110 2.38 -12.01 9.33
CA THR A 110 1.53 -12.86 10.14
C THR A 110 0.57 -11.99 11.00
N ASN A 111 1.08 -10.85 11.45
CA ASN A 111 0.28 -9.87 12.21
C ASN A 111 -0.79 -9.22 11.32
N LEU A 112 -0.44 -9.04 10.06
CA LEU A 112 -1.29 -8.38 9.08
C LEU A 112 -2.31 -9.36 8.52
N GLY A 113 -2.03 -10.63 8.72
CA GLY A 113 -2.90 -11.66 8.25
C GLY A 113 -2.61 -12.03 6.81
N GLU A 114 -1.36 -11.97 6.42
CA GLU A 114 -1.02 -12.32 5.09
C GLU A 114 -0.41 -13.70 5.05
N LYS A 115 -0.77 -14.42 4.04
CA LYS A 115 -0.44 -15.83 3.86
C LYS A 115 0.96 -16.05 3.29
N LEU A 116 1.83 -15.08 3.47
CA LEU A 116 3.17 -15.15 2.88
C LEU A 116 3.99 -16.23 3.55
N THR A 117 4.64 -17.03 2.73
CA THR A 117 5.45 -18.11 3.19
C THR A 117 6.81 -17.60 3.64
N ASP A 118 7.57 -18.43 4.33
CA ASP A 118 8.92 -18.06 4.74
C ASP A 118 9.80 -17.89 3.50
N GLU A 119 9.44 -18.60 2.44
CA GLU A 119 10.08 -18.47 1.18
C GLU A 119 9.82 -17.08 0.60
N GLU A 120 8.54 -16.74 0.51
CA GLU A 120 8.11 -15.47 -0.07
C GLU A 120 8.76 -14.29 0.64
N VAL A 121 8.67 -14.27 1.97
CA VAL A 121 9.21 -13.17 2.77
C VAL A 121 10.75 -13.04 2.59
N ASP A 122 11.43 -14.18 2.46
CA ASP A 122 12.89 -14.22 2.33
C ASP A 122 13.28 -13.74 0.95
N GLU A 123 12.55 -14.24 -0.03
CA GLU A 123 12.83 -13.95 -1.41
C GLU A 123 12.54 -12.46 -1.70
N MET A 124 11.49 -11.92 -1.03
CA MET A 124 11.17 -10.49 -1.10
C MET A 124 12.37 -9.68 -0.66
N ILE A 125 12.86 -9.99 0.53
CA ILE A 125 14.00 -9.29 1.11
C ILE A 125 15.20 -9.41 0.21
N ARG A 126 15.47 -10.59 -0.23
CA ARG A 126 16.63 -10.90 -1.07
C ARG A 126 16.63 -10.11 -2.39
N GLU A 127 15.47 -9.92 -2.98
CA GLU A 127 15.38 -9.14 -4.21
C GLU A 127 15.36 -7.66 -3.96
N ALA A 128 14.91 -7.28 -2.79
CA ALA A 128 14.91 -5.89 -2.40
C ALA A 128 16.32 -5.51 -1.95
N ASP A 129 17.00 -6.50 -1.45
CA ASP A 129 18.38 -6.42 -1.08
C ASP A 129 19.22 -6.50 -2.34
N ILE A 130 19.40 -5.39 -2.95
CA ILE A 130 20.12 -5.30 -4.19
C ILE A 130 21.63 -5.39 -3.94
N ASP A 131 22.04 -5.04 -2.75
CA ASP A 131 23.47 -4.98 -2.45
C ASP A 131 24.01 -6.34 -1.98
N GLY A 132 23.12 -7.28 -1.72
CA GLY A 132 23.54 -8.62 -1.38
C GLY A 132 24.03 -8.72 0.05
N ASP A 133 23.34 -8.06 0.95
CA ASP A 133 23.72 -8.06 2.36
C ASP A 133 22.82 -9.03 3.13
N GLY A 134 21.72 -9.40 2.51
CA GLY A 134 20.76 -10.30 3.09
C GLY A 134 19.62 -9.58 3.76
N GLN A 135 19.75 -8.28 3.91
CA GLN A 135 18.74 -7.46 4.56
C GLN A 135 18.55 -6.19 3.75
N VAL A 136 17.33 -5.85 3.46
CA VAL A 136 17.02 -4.69 2.64
C VAL A 136 17.08 -3.39 3.45
N ASN A 137 18.04 -2.55 3.13
CA ASN A 137 18.17 -1.25 3.80
C ASN A 137 17.33 -0.22 3.06
N TYR A 138 17.30 1.00 3.56
CA TYR A 138 16.46 2.03 2.98
C TYR A 138 16.90 2.43 1.57
N GLU A 139 18.19 2.52 1.33
CA GLU A 139 18.70 2.91 0.02
C GLU A 139 18.40 1.84 -1.02
N GLU A 140 18.32 0.62 -0.57
CA GLU A 140 17.94 -0.47 -1.44
C GLU A 140 16.43 -0.49 -1.65
N PHE A 141 15.70 -0.10 -0.63
CA PHE A 141 14.25 -0.07 -0.70
C PHE A 141 13.75 1.12 -1.53
N VAL A 142 14.50 2.24 -1.55
CA VAL A 142 14.09 3.40 -2.37
C VAL A 142 14.00 3.02 -3.85
N GLN A 143 14.87 2.11 -4.26
CA GLN A 143 14.89 1.63 -5.61
C GLN A 143 13.69 0.73 -5.85
N MET A 144 13.38 -0.08 -4.86
CA MET A 144 12.27 -1.04 -4.90
C MET A 144 10.93 -0.34 -4.89
N MET A 145 10.81 0.71 -4.11
CA MET A 145 9.57 1.46 -4.00
C MET A 145 9.24 2.15 -5.32
N THR A 146 10.26 2.38 -6.10
CA THR A 146 10.12 3.04 -7.36
C THR A 146 9.99 1.98 -8.49
N ALA A 147 9.85 0.73 -8.12
CA ALA A 147 9.75 -0.36 -9.08
C ALA A 147 8.29 -0.80 -9.24
N LYS A 148 7.42 0.19 -9.32
CA LYS A 148 5.99 -0.05 -9.46
C LYS A 148 5.60 0.14 -10.93
N SER B 1 6.43 1.54 -13.80
CA SER B 1 7.58 0.83 -14.33
C SER B 1 7.15 -0.49 -15.01
N PRO B 2 6.94 -0.48 -16.34
CA PRO B 2 6.48 -1.65 -17.10
C PRO B 2 7.57 -2.67 -17.41
N ALA B 3 8.84 -2.29 -17.26
CA ALA B 3 9.98 -3.14 -17.63
C ALA B 3 10.27 -4.25 -16.60
N ASN B 4 9.24 -4.68 -15.90
CA ASN B 4 9.35 -5.74 -14.93
C ASN B 4 8.09 -6.54 -14.91
N SER B 5 8.18 -7.76 -15.32
CA SER B 5 7.07 -8.65 -15.33
C SER B 5 7.20 -9.69 -14.19
N PHE B 6 8.15 -9.45 -13.30
CA PHE B 6 8.46 -10.39 -12.23
C PHE B 6 7.45 -10.36 -11.09
N HIS B 7 7.45 -11.44 -10.34
CA HIS B 7 6.56 -11.65 -9.20
C HIS B 7 6.89 -10.70 -8.05
N PHE B 8 8.09 -10.17 -8.03
CA PHE B 8 8.50 -9.31 -6.94
C PHE B 8 7.81 -7.98 -6.95
N LYS B 9 7.35 -7.57 -8.12
CA LYS B 9 6.56 -6.36 -8.20
C LYS B 9 5.22 -6.61 -7.53
N GLU B 10 4.64 -7.78 -7.81
CA GLU B 10 3.36 -8.20 -7.25
C GLU B 10 3.51 -8.35 -5.75
N ALA B 11 4.58 -9.04 -5.38
CA ALA B 11 4.93 -9.35 -4.01
C ALA B 11 5.03 -8.09 -3.16
N TRP B 12 5.90 -7.17 -3.53
CA TRP B 12 6.07 -5.95 -2.78
C TRP B 12 4.86 -5.05 -2.87
N LYS B 13 4.16 -5.07 -4.00
CA LYS B 13 2.91 -4.33 -4.16
C LYS B 13 1.97 -4.77 -3.07
N HIS B 14 1.72 -6.06 -3.08
CA HIS B 14 0.85 -6.72 -2.12
C HIS B 14 1.33 -6.50 -0.67
N ALA B 15 2.64 -6.54 -0.46
CA ALA B 15 3.23 -6.33 0.86
C ALA B 15 2.92 -4.92 1.39
N ILE B 16 3.24 -3.91 0.60
CA ILE B 16 2.99 -2.51 0.96
C ILE B 16 1.49 -2.28 1.10
N GLN B 17 0.75 -2.90 0.21
CA GLN B 17 -0.71 -2.89 0.18
C GLN B 17 -1.30 -3.41 1.48
N LYS B 18 -0.74 -4.47 1.99
CA LYS B 18 -1.26 -5.08 3.18
C LYS B 18 -0.78 -4.34 4.43
N ALA B 19 0.49 -3.97 4.45
CA ALA B 19 1.08 -3.34 5.61
C ALA B 19 0.71 -1.87 5.75
N LYS B 20 0.91 -1.09 4.71
CA LYS B 20 0.69 0.35 4.81
C LYS B 20 -0.73 0.68 4.41
N HIS B 21 -1.41 -0.33 3.85
CA HIS B 21 -2.75 -0.19 3.25
C HIS B 21 -2.67 0.60 1.98
N MET B 22 -2.68 -0.09 0.87
CA MET B 22 -2.66 0.60 -0.40
C MET B 22 -3.77 0.16 -1.38
N PRO B 23 -5.04 0.40 -1.02
CA PRO B 23 -6.16 0.35 -1.94
C PRO B 23 -6.58 1.80 -2.20
N ASP B 24 -5.55 2.60 -2.36
CA ASP B 24 -5.62 4.04 -2.52
C ASP B 24 -6.33 4.42 -3.79
N PRO B 25 -7.21 5.44 -3.74
CA PRO B 25 -7.91 5.95 -4.93
C PRO B 25 -6.95 6.70 -5.86
N TRP B 26 -5.99 5.98 -6.36
CA TRP B 26 -4.97 6.48 -7.22
C TRP B 26 -5.53 6.68 -8.62
N ALA B 27 -6.23 7.79 -8.76
CA ALA B 27 -6.88 8.20 -9.97
C ALA B 27 -5.88 8.47 -11.07
CA CA C . -19.32 9.14 -6.22
CA CA D . -15.05 13.87 4.07
N ALA A 1 -1.34 20.94 9.74
CA ALA A 1 -2.48 20.11 9.35
C ALA A 1 -2.82 20.29 7.88
N ASP A 2 -3.19 21.50 7.47
CA ASP A 2 -3.55 21.71 6.09
C ASP A 2 -3.13 23.09 5.62
N GLN A 3 -3.68 23.51 4.47
CA GLN A 3 -3.31 24.73 3.76
C GLN A 3 -2.08 24.46 2.93
N LEU A 4 -2.30 24.25 1.69
CA LEU A 4 -1.31 23.82 0.76
C LEU A 4 -0.98 24.96 -0.18
N THR A 5 0.11 24.84 -0.84
CA THR A 5 0.58 25.82 -1.75
C THR A 5 -0.04 25.61 -3.12
N GLU A 6 -0.29 26.72 -3.79
CA GLU A 6 -0.95 26.79 -5.10
C GLU A 6 -0.29 25.87 -6.12
N GLU A 7 1.02 25.81 -6.09
CA GLU A 7 1.78 25.01 -7.01
C GLU A 7 1.48 23.51 -6.82
N GLN A 8 1.45 23.08 -5.56
CA GLN A 8 1.11 21.69 -5.26
C GLN A 8 -0.33 21.46 -5.65
N ILE A 9 -1.19 22.38 -5.26
CA ILE A 9 -2.61 22.29 -5.53
C ILE A 9 -2.90 22.15 -7.04
N ALA A 10 -2.23 22.94 -7.86
CA ALA A 10 -2.38 22.88 -9.33
C ALA A 10 -1.99 21.51 -9.87
N GLU A 11 -0.87 21.00 -9.39
CA GLU A 11 -0.39 19.70 -9.79
C GLU A 11 -1.40 18.64 -9.36
N PHE A 12 -1.93 18.83 -8.17
CA PHE A 12 -2.88 17.92 -7.60
C PHE A 12 -4.25 18.05 -8.27
N LYS A 13 -4.49 19.17 -8.95
CA LYS A 13 -5.73 19.35 -9.73
C LYS A 13 -5.74 18.36 -10.87
N GLU A 14 -4.66 18.34 -11.60
CA GLU A 14 -4.51 17.41 -12.70
C GLU A 14 -4.48 15.96 -12.22
N ALA A 15 -3.71 15.72 -11.17
CA ALA A 15 -3.59 14.39 -10.58
C ALA A 15 -4.92 13.89 -10.01
N PHE A 16 -5.68 14.80 -9.44
CA PHE A 16 -6.99 14.48 -8.88
C PHE A 16 -7.91 13.98 -9.97
N SER A 17 -7.90 14.68 -11.09
CA SER A 17 -8.74 14.35 -12.22
C SER A 17 -8.31 13.02 -12.88
N LEU A 18 -7.09 12.59 -12.62
CA LEU A 18 -6.64 11.28 -13.07
C LEU A 18 -7.45 10.22 -12.31
N PHE A 19 -7.63 10.45 -11.02
CA PHE A 19 -8.36 9.54 -10.16
C PHE A 19 -9.87 9.73 -10.28
N ASP A 20 -10.31 10.98 -10.14
CA ASP A 20 -11.71 11.38 -10.27
C ASP A 20 -12.18 11.10 -11.68
N LYS A 21 -12.88 10.02 -11.81
CA LYS A 21 -13.31 9.53 -13.08
C LYS A 21 -14.39 10.37 -13.70
N ASP A 22 -14.93 11.30 -12.93
CA ASP A 22 -15.97 12.18 -13.43
C ASP A 22 -15.41 13.57 -13.63
N GLY A 23 -14.23 13.81 -13.07
CA GLY A 23 -13.61 15.14 -13.13
C GLY A 23 -14.52 16.21 -12.54
N ASP A 24 -15.12 15.92 -11.41
CA ASP A 24 -16.10 16.83 -10.80
C ASP A 24 -15.59 17.43 -9.50
N GLY A 25 -14.56 16.84 -8.95
CA GLY A 25 -13.97 17.33 -7.74
C GLY A 25 -14.36 16.52 -6.53
N THR A 26 -14.86 15.32 -6.74
CA THR A 26 -15.13 14.40 -5.63
C THR A 26 -14.80 12.99 -6.04
N ILE A 27 -14.20 12.25 -5.16
CA ILE A 27 -13.89 10.88 -5.41
C ILE A 27 -14.73 10.04 -4.47
N THR A 28 -15.62 9.29 -5.05
CA THR A 28 -16.55 8.46 -4.32
C THR A 28 -15.91 7.11 -3.95
N THR A 29 -16.63 6.31 -3.17
CA THR A 29 -16.21 4.95 -2.83
C THR A 29 -16.11 4.12 -4.12
N LYS A 30 -16.99 4.44 -5.06
CA LYS A 30 -17.05 3.83 -6.38
C LYS A 30 -15.69 4.02 -7.07
N GLU A 31 -15.29 5.27 -7.15
CA GLU A 31 -14.07 5.66 -7.80
C GLU A 31 -12.84 5.15 -7.05
N LEU A 32 -12.88 5.19 -5.72
CA LEU A 32 -11.79 4.67 -4.91
C LEU A 32 -11.53 3.21 -5.20
N GLY A 33 -12.56 2.40 -5.17
CA GLY A 33 -12.35 0.98 -5.44
C GLY A 33 -11.94 0.73 -6.87
N THR A 34 -12.40 1.58 -7.77
CA THR A 34 -12.02 1.49 -9.16
C THR A 34 -10.50 1.76 -9.33
N VAL A 35 -10.02 2.83 -8.73
CA VAL A 35 -8.60 3.15 -8.83
C VAL A 35 -7.77 2.15 -8.04
N MET A 36 -8.27 1.73 -6.90
CA MET A 36 -7.58 0.76 -6.07
C MET A 36 -7.49 -0.58 -6.77
N ARG A 37 -8.53 -0.95 -7.48
CA ARG A 37 -8.56 -2.19 -8.25
C ARG A 37 -7.51 -2.14 -9.34
N SER A 38 -7.28 -0.96 -9.88
CA SER A 38 -6.28 -0.76 -10.90
C SER A 38 -4.87 -0.89 -10.28
N LEU A 39 -4.73 -0.53 -9.00
CA LEU A 39 -3.46 -0.66 -8.30
C LEU A 39 -3.26 -2.05 -7.73
N GLY A 40 -4.33 -2.79 -7.60
CA GLY A 40 -4.24 -4.15 -7.12
C GLY A 40 -4.83 -4.36 -5.73
N GLN A 41 -5.90 -3.66 -5.41
CA GLN A 41 -6.65 -3.90 -4.18
C GLN A 41 -8.11 -3.78 -4.49
N ASN A 42 -8.90 -4.72 -4.07
CA ASN A 42 -10.33 -4.60 -4.27
C ASN A 42 -11.00 -4.53 -2.91
N PRO A 43 -11.07 -3.33 -2.29
CA PRO A 43 -11.67 -3.17 -0.97
C PRO A 43 -13.17 -2.94 -1.05
N THR A 44 -13.86 -3.24 0.02
CA THR A 44 -15.28 -3.02 0.09
C THR A 44 -15.53 -1.55 0.46
N GLU A 45 -16.71 -1.06 0.14
CA GLU A 45 -17.08 0.34 0.36
C GLU A 45 -17.01 0.73 1.82
N ALA A 46 -17.22 -0.23 2.72
CA ALA A 46 -17.13 0.01 4.16
C ALA A 46 -15.76 0.56 4.53
N GLU A 47 -14.72 -0.04 3.94
CA GLU A 47 -13.35 0.36 4.20
C GLU A 47 -13.09 1.74 3.61
N LEU A 48 -13.57 1.92 2.42
CA LEU A 48 -13.41 3.15 1.68
C LEU A 48 -14.11 4.31 2.37
N GLN A 49 -15.28 4.04 2.90
CA GLN A 49 -16.06 5.03 3.62
C GLN A 49 -15.32 5.45 4.87
N ASP A 50 -14.67 4.50 5.53
CA ASP A 50 -13.89 4.75 6.76
C ASP A 50 -12.80 5.78 6.48
N MET A 51 -12.14 5.62 5.34
CA MET A 51 -11.11 6.56 4.90
C MET A 51 -11.71 7.91 4.55
N ILE A 52 -12.72 7.90 3.67
CA ILE A 52 -13.38 9.12 3.21
C ILE A 52 -13.89 9.96 4.36
N ASN A 53 -14.59 9.31 5.25
CA ASN A 53 -15.30 9.95 6.36
C ASN A 53 -14.37 10.76 7.27
N GLU A 54 -13.08 10.47 7.24
CA GLU A 54 -12.14 11.16 8.05
C GLU A 54 -11.89 12.57 7.50
N VAL A 55 -11.77 12.67 6.19
CA VAL A 55 -11.53 13.94 5.56
C VAL A 55 -12.85 14.59 5.18
N ASP A 56 -13.90 13.80 5.21
CA ASP A 56 -15.23 14.25 4.87
C ASP A 56 -15.86 14.93 6.05
N ALA A 57 -15.65 16.23 6.16
CA ALA A 57 -16.16 16.97 7.30
C ALA A 57 -17.58 17.46 7.10
N ASP A 58 -18.05 17.38 5.88
CA ASP A 58 -19.40 17.85 5.53
C ASP A 58 -20.44 16.76 5.64
N GLY A 59 -20.00 15.53 5.81
CA GLY A 59 -20.91 14.43 5.99
C GLY A 59 -21.60 14.02 4.70
N ASN A 60 -20.97 14.21 3.57
CA ASN A 60 -21.56 13.78 2.30
C ASN A 60 -21.04 12.44 1.87
N GLY A 61 -19.95 12.01 2.46
CA GLY A 61 -19.39 10.73 2.13
C GLY A 61 -18.61 10.74 0.84
N THR A 62 -18.13 11.91 0.45
CA THR A 62 -17.38 12.07 -0.76
C THR A 62 -16.21 13.02 -0.50
N ILE A 63 -15.04 12.70 -1.01
CA ILE A 63 -13.85 13.51 -0.72
C ILE A 63 -13.76 14.57 -1.77
N ASP A 64 -13.99 15.78 -1.37
CA ASP A 64 -13.93 16.90 -2.28
C ASP A 64 -12.48 17.26 -2.46
N PHE A 65 -12.20 18.01 -3.51
CA PHE A 65 -10.84 18.45 -3.80
C PHE A 65 -10.16 19.15 -2.60
N PRO A 66 -10.80 20.19 -1.97
CA PRO A 66 -10.27 20.83 -0.75
C PRO A 66 -9.94 19.81 0.36
N GLU A 67 -10.81 18.81 0.54
CA GLU A 67 -10.62 17.79 1.58
C GLU A 67 -9.44 16.90 1.21
N PHE A 68 -9.30 16.65 -0.07
CA PHE A 68 -8.21 15.84 -0.59
C PHE A 68 -6.90 16.59 -0.34
N LEU A 69 -6.94 17.90 -0.53
CA LEU A 69 -5.81 18.77 -0.27
C LEU A 69 -5.47 18.73 1.20
N THR A 70 -6.50 18.79 2.04
CA THR A 70 -6.35 18.70 3.48
C THR A 70 -5.62 17.39 3.85
N MET A 71 -6.10 16.30 3.29
CA MET A 71 -5.52 14.97 3.51
C MET A 71 -4.06 14.92 3.05
N MET A 72 -3.81 15.47 1.89
CA MET A 72 -2.47 15.45 1.32
C MET A 72 -1.51 16.30 2.13
N ALA A 73 -2.00 17.43 2.57
CA ALA A 73 -1.21 18.36 3.33
C ALA A 73 -0.93 17.83 4.75
N ARG A 74 -1.81 16.95 5.24
CA ARG A 74 -1.59 16.25 6.50
C ARG A 74 -0.56 15.16 6.29
N LYS A 75 -0.57 14.64 5.09
CA LYS A 75 0.24 13.52 4.71
C LYS A 75 1.69 13.95 4.54
N MET A 76 1.90 14.96 3.72
CA MET A 76 3.24 15.43 3.41
C MET A 76 3.86 16.15 4.62
N LYS A 77 5.13 15.94 4.81
CA LYS A 77 5.88 16.69 5.80
C LYS A 77 6.93 17.40 5.04
N ASP A 78 6.52 18.50 4.43
CA ASP A 78 7.30 19.24 3.46
C ASP A 78 7.58 18.34 2.26
N THR A 79 6.59 18.29 1.37
CA THR A 79 6.59 17.44 0.18
C THR A 79 6.33 15.94 0.54
N ASP A 80 5.56 15.26 -0.29
CA ASP A 80 5.28 13.85 -0.08
C ASP A 80 5.76 13.07 -1.28
N SER A 81 6.96 12.56 -1.20
CA SER A 81 7.53 11.78 -2.27
C SER A 81 8.25 10.56 -1.72
N GLU A 82 9.22 10.79 -0.83
CA GLU A 82 9.88 9.67 -0.18
C GLU A 82 9.06 9.18 0.96
N GLU A 83 8.16 10.03 1.45
CA GLU A 83 7.26 9.70 2.54
C GLU A 83 6.49 8.41 2.33
N GLU A 84 6.09 8.14 1.09
CA GLU A 84 5.42 6.89 0.75
C GLU A 84 6.32 5.69 1.01
N ILE A 85 7.52 5.83 0.55
CA ILE A 85 8.52 4.78 0.63
C ILE A 85 8.92 4.61 2.09
N ARG A 86 9.11 5.72 2.74
CA ARG A 86 9.53 5.79 4.11
C ARG A 86 8.46 5.29 5.06
N GLU A 87 7.20 5.52 4.73
CA GLU A 87 6.07 5.04 5.54
C GLU A 87 6.10 3.55 5.55
N ALA A 88 6.25 3.03 4.35
CA ALA A 88 6.36 1.62 4.11
C ALA A 88 7.57 1.05 4.82
N PHE A 89 8.69 1.72 4.72
CA PHE A 89 9.89 1.25 5.36
C PHE A 89 9.71 1.21 6.88
N ARG A 90 9.18 2.31 7.44
CA ARG A 90 8.91 2.41 8.88
C ARG A 90 7.96 1.31 9.38
N VAL A 91 7.00 0.92 8.56
CA VAL A 91 6.05 -0.10 8.98
C VAL A 91 6.68 -1.51 8.93
N PHE A 92 7.65 -1.71 8.04
CA PHE A 92 8.29 -3.01 7.94
C PHE A 92 9.45 -3.15 8.91
N ASP A 93 10.25 -2.10 9.03
CA ASP A 93 11.38 -2.07 9.97
C ASP A 93 10.84 -1.92 11.39
N LYS A 94 10.52 -3.04 11.97
CA LYS A 94 9.91 -3.13 13.28
C LYS A 94 10.94 -2.98 14.39
N ASP A 95 12.09 -3.62 14.23
CA ASP A 95 13.09 -3.61 15.30
C ASP A 95 13.98 -2.39 15.24
N GLY A 96 13.91 -1.68 14.15
CA GLY A 96 14.74 -0.50 14.00
C GLY A 96 16.14 -0.89 13.63
N ASN A 97 16.26 -1.64 12.59
CA ASN A 97 17.54 -2.14 12.14
C ASN A 97 18.04 -1.29 10.99
N GLY A 98 17.11 -0.58 10.36
CA GLY A 98 17.44 0.24 9.20
C GLY A 98 17.54 -0.62 7.97
N TYR A 99 17.26 -1.88 8.18
CA TYR A 99 17.28 -2.93 7.22
C TYR A 99 16.12 -3.83 7.54
N ILE A 100 15.34 -4.15 6.56
CA ILE A 100 14.17 -4.99 6.77
C ILE A 100 14.62 -6.43 6.81
N SER A 101 14.26 -7.13 7.85
CA SER A 101 14.62 -8.51 7.99
C SER A 101 13.47 -9.39 7.46
N ALA A 102 13.81 -10.58 6.95
CA ALA A 102 12.80 -11.48 6.39
C ALA A 102 11.86 -12.00 7.47
N ALA A 103 12.43 -12.40 8.60
CA ALA A 103 11.64 -12.89 9.72
C ALA A 103 10.74 -11.78 10.23
N GLU A 104 11.25 -10.58 10.18
CA GLU A 104 10.56 -9.39 10.58
C GLU A 104 9.39 -9.10 9.65
N LEU A 105 9.64 -9.19 8.37
CA LEU A 105 8.62 -8.97 7.38
C LEU A 105 7.54 -10.05 7.56
N ARG A 106 7.98 -11.27 7.84
CA ARG A 106 7.08 -12.39 8.09
C ARG A 106 6.23 -12.07 9.34
N HIS A 107 6.87 -11.45 10.35
CA HIS A 107 6.20 -11.05 11.58
C HIS A 107 5.05 -10.10 11.31
N VAL A 108 5.31 -9.05 10.52
CA VAL A 108 4.26 -8.07 10.22
C VAL A 108 3.19 -8.72 9.36
N MET A 109 3.57 -9.69 8.54
CA MET A 109 2.62 -10.40 7.68
C MET A 109 1.61 -11.16 8.47
N THR A 110 2.06 -11.83 9.50
CA THR A 110 1.18 -12.56 10.37
C THR A 110 0.25 -11.57 11.10
N ASN A 111 0.79 -10.40 11.37
CA ASN A 111 0.08 -9.31 12.04
C ASN A 111 -0.96 -8.67 11.09
N LEU A 112 -0.66 -8.70 9.80
CA LEU A 112 -1.52 -8.10 8.78
C LEU A 112 -2.53 -9.12 8.27
N GLY A 113 -2.32 -10.35 8.66
CA GLY A 113 -3.19 -11.42 8.27
C GLY A 113 -2.98 -11.84 6.83
N GLU A 114 -1.82 -11.53 6.28
CA GLU A 114 -1.52 -11.90 4.90
C GLU A 114 -1.18 -13.35 4.81
N LYS A 115 -0.66 -13.89 5.91
CA LYS A 115 -0.33 -15.30 6.03
C LYS A 115 0.69 -15.73 4.98
N LEU A 116 1.69 -14.91 4.79
CA LEU A 116 2.77 -15.22 3.89
C LEU A 116 3.80 -16.01 4.66
N THR A 117 4.58 -16.80 3.99
CA THR A 117 5.55 -17.57 4.70
C THR A 117 6.92 -16.95 4.57
N ASP A 118 7.89 -17.54 5.22
CA ASP A 118 9.25 -17.03 5.23
C ASP A 118 9.87 -17.09 3.84
N GLU A 119 9.28 -17.90 2.99
CA GLU A 119 9.76 -18.11 1.66
C GLU A 119 9.55 -16.88 0.77
N GLU A 120 8.32 -16.43 0.63
CA GLU A 120 8.04 -15.31 -0.24
C GLU A 120 8.60 -14.02 0.32
N VAL A 121 8.55 -13.89 1.64
CA VAL A 121 9.03 -12.68 2.27
C VAL A 121 10.56 -12.59 2.16
N ASP A 122 11.23 -13.75 2.07
CA ASP A 122 12.68 -13.76 1.92
C ASP A 122 13.04 -13.31 0.54
N GLU A 123 12.21 -13.67 -0.47
CA GLU A 123 12.45 -13.20 -1.83
C GLU A 123 12.23 -11.71 -1.90
N MET A 124 11.23 -11.24 -1.12
CA MET A 124 10.93 -9.82 -1.00
C MET A 124 12.16 -9.06 -0.58
N ILE A 125 12.83 -9.59 0.42
CA ILE A 125 14.07 -9.03 0.91
C ILE A 125 15.14 -9.16 -0.17
N ARG A 126 15.32 -10.36 -0.64
CA ARG A 126 16.37 -10.78 -1.59
C ARG A 126 16.54 -9.84 -2.80
N GLU A 127 15.49 -9.66 -3.59
CA GLU A 127 15.58 -8.84 -4.80
C GLU A 127 15.76 -7.35 -4.47
N ALA A 128 15.40 -6.97 -3.26
CA ALA A 128 15.54 -5.60 -2.82
C ALA A 128 16.89 -5.39 -2.13
N ASP A 129 17.45 -6.49 -1.67
CA ASP A 129 18.74 -6.51 -1.00
C ASP A 129 19.86 -6.45 -2.02
N ILE A 130 20.02 -5.29 -2.57
CA ILE A 130 21.09 -5.02 -3.50
C ILE A 130 22.37 -4.69 -2.71
N ASP A 131 22.22 -4.51 -1.38
CA ASP A 131 23.36 -4.17 -0.51
C ASP A 131 24.09 -5.43 -0.09
N GLY A 132 23.46 -6.57 -0.36
CA GLY A 132 24.03 -7.85 -0.07
C GLY A 132 24.20 -8.09 1.41
N ASP A 133 23.26 -7.61 2.20
CA ASP A 133 23.38 -7.74 3.65
C ASP A 133 22.51 -8.88 4.15
N GLY A 134 21.59 -9.30 3.33
CA GLY A 134 20.65 -10.32 3.72
C GLY A 134 19.40 -9.69 4.27
N GLN A 135 19.42 -8.37 4.28
CA GLN A 135 18.37 -7.54 4.78
C GLN A 135 18.31 -6.32 3.89
N VAL A 136 17.13 -5.87 3.56
CA VAL A 136 16.99 -4.75 2.64
C VAL A 136 17.12 -3.37 3.32
N ASN A 137 18.12 -2.63 2.88
CA ASN A 137 18.44 -1.28 3.37
C ASN A 137 17.42 -0.26 2.84
N TYR A 138 17.26 0.87 3.54
CA TYR A 138 16.31 1.93 3.13
C TYR A 138 16.58 2.43 1.72
N GLU A 139 17.83 2.75 1.42
CA GLU A 139 18.19 3.23 0.10
C GLU A 139 18.00 2.15 -0.97
N GLU A 140 18.22 0.92 -0.63
CA GLU A 140 17.98 -0.18 -1.54
C GLU A 140 16.49 -0.39 -1.73
N PHE A 141 15.75 -0.15 -0.67
CA PHE A 141 14.32 -0.25 -0.70
C PHE A 141 13.74 0.87 -1.56
N VAL A 142 14.26 2.10 -1.42
CA VAL A 142 13.74 3.20 -2.25
C VAL A 142 14.03 2.93 -3.72
N GLN A 143 15.19 2.31 -3.98
CA GLN A 143 15.60 1.99 -5.32
C GLN A 143 14.66 0.96 -5.92
N MET A 144 14.41 -0.10 -5.18
CA MET A 144 13.54 -1.19 -5.61
C MET A 144 12.08 -0.76 -5.68
N MET A 145 11.61 -0.05 -4.67
CA MET A 145 10.22 0.38 -4.61
C MET A 145 9.89 1.38 -5.73
N THR A 146 10.82 2.26 -6.03
CA THR A 146 10.64 3.21 -7.12
C THR A 146 10.94 2.53 -8.49
N ALA A 147 11.48 1.32 -8.46
CA ALA A 147 11.78 0.60 -9.68
C ALA A 147 10.52 0.00 -10.24
N LYS A 148 10.00 0.65 -11.27
CA LYS A 148 8.81 0.24 -11.99
C LYS A 148 7.61 0.23 -11.04
N SER B 1 10.35 -10.64 -12.28
CA SER B 1 11.21 -11.43 -11.44
C SER B 1 10.49 -12.74 -11.13
N PRO B 2 11.22 -13.88 -11.16
CA PRO B 2 10.63 -15.21 -10.90
C PRO B 2 10.47 -15.51 -9.39
N ALA B 3 10.66 -14.47 -8.58
CA ALA B 3 10.63 -14.54 -7.13
C ALA B 3 9.39 -15.24 -6.60
N ASN B 4 9.63 -16.38 -5.96
CA ASN B 4 8.64 -17.22 -5.28
C ASN B 4 7.49 -17.67 -6.18
N SER B 5 6.45 -16.87 -6.27
CA SER B 5 5.30 -17.21 -7.07
C SER B 5 5.39 -16.48 -8.41
N PHE B 6 6.62 -16.13 -8.79
CA PHE B 6 6.96 -15.46 -10.05
C PHE B 6 6.37 -14.07 -10.10
N HIS B 7 6.11 -13.53 -8.92
CA HIS B 7 5.51 -12.22 -8.78
C HIS B 7 6.15 -11.49 -7.64
N PHE B 8 7.16 -10.74 -7.94
CA PHE B 8 7.86 -9.98 -6.93
C PHE B 8 7.18 -8.65 -6.72
N LYS B 9 6.72 -8.07 -7.82
CA LYS B 9 6.05 -6.78 -7.78
C LYS B 9 4.76 -6.87 -7.02
N GLU B 10 3.94 -7.84 -7.37
CA GLU B 10 2.65 -8.06 -6.72
C GLU B 10 2.84 -8.38 -5.25
N ALA B 11 3.92 -9.10 -4.96
CA ALA B 11 4.26 -9.48 -3.60
C ALA B 11 4.47 -8.25 -2.73
N TRP B 12 5.37 -7.36 -3.17
CA TRP B 12 5.62 -6.11 -2.44
C TRP B 12 4.44 -5.18 -2.51
N LYS B 13 3.76 -5.13 -3.65
CA LYS B 13 2.60 -4.27 -3.85
C LYS B 13 1.60 -4.54 -2.77
N HIS B 14 1.21 -5.80 -2.69
CA HIS B 14 0.25 -6.25 -1.69
C HIS B 14 0.77 -6.09 -0.27
N ALA B 15 2.08 -6.12 -0.10
CA ALA B 15 2.70 -5.94 1.19
C ALA B 15 2.58 -4.48 1.65
N ILE B 16 3.05 -3.56 0.81
CA ILE B 16 3.03 -2.12 1.08
C ILE B 16 1.59 -1.68 1.33
N GLN B 17 0.75 -2.07 0.42
CA GLN B 17 -0.65 -1.72 0.38
C GLN B 17 -1.41 -2.23 1.61
N LYS B 18 -1.15 -3.47 2.02
CA LYS B 18 -1.86 -4.02 3.17
C LYS B 18 -1.32 -3.46 4.49
N ALA B 19 -0.02 -3.14 4.51
CA ALA B 19 0.59 -2.54 5.69
C ALA B 19 -0.01 -1.16 5.93
N LYS B 20 -0.25 -0.46 4.84
CA LYS B 20 -0.92 0.83 4.86
C LYS B 20 -2.42 0.68 5.12
N HIS B 21 -2.97 -0.45 4.64
CA HIS B 21 -4.39 -0.86 4.66
C HIS B 21 -5.10 -0.36 3.39
N MET B 22 -4.58 0.71 2.87
CA MET B 22 -5.04 1.34 1.64
C MET B 22 -3.80 1.73 0.89
N PRO B 23 -3.81 1.79 -0.44
CA PRO B 23 -2.63 2.23 -1.19
C PRO B 23 -2.40 3.72 -0.97
N ASP B 24 -3.48 4.37 -0.50
CA ASP B 24 -3.60 5.81 -0.29
C ASP B 24 -3.94 6.53 -1.56
N PRO B 25 -4.87 7.50 -1.52
CA PRO B 25 -5.20 8.28 -2.69
C PRO B 25 -4.10 9.32 -2.94
N TRP B 26 -3.24 9.03 -3.88
CA TRP B 26 -2.15 9.90 -4.20
C TRP B 26 -2.58 11.01 -5.11
N ALA B 27 -1.79 12.02 -5.13
CA ALA B 27 -1.91 13.13 -6.01
C ALA B 27 -0.51 13.45 -6.46
CA CA C . -16.16 11.83 -9.19
CA CA D . -16.94 16.07 1.60
N ALA A 1 -1.31 12.21 -10.81
CA ALA A 1 -1.54 10.93 -11.47
C ALA A 1 -2.99 10.54 -11.29
N ASP A 2 -3.67 10.25 -12.38
CA ASP A 2 -5.09 9.88 -12.28
C ASP A 2 -5.47 8.83 -13.31
N GLN A 3 -4.59 8.57 -14.24
CA GLN A 3 -4.85 7.59 -15.25
C GLN A 3 -3.95 6.40 -15.01
N LEU A 4 -4.37 5.25 -15.45
CA LEU A 4 -3.62 4.07 -15.20
C LEU A 4 -3.48 3.28 -16.49
N THR A 5 -2.50 2.44 -16.55
CA THR A 5 -2.24 1.63 -17.70
C THR A 5 -3.20 0.45 -17.76
N GLU A 6 -3.50 -0.01 -18.97
CA GLU A 6 -4.46 -1.07 -19.19
C GLU A 6 -4.07 -2.36 -18.46
N GLU A 7 -2.77 -2.65 -18.39
CA GLU A 7 -2.26 -3.83 -17.68
C GLU A 7 -2.70 -3.78 -16.23
N GLN A 8 -2.39 -2.65 -15.61
CA GLN A 8 -2.69 -2.46 -14.22
C GLN A 8 -4.15 -2.52 -13.98
N ILE A 9 -4.91 -1.81 -14.80
CA ILE A 9 -6.35 -1.80 -14.67
C ILE A 9 -6.94 -3.22 -14.83
N ALA A 10 -6.35 -4.02 -15.71
CA ALA A 10 -6.79 -5.40 -15.90
C ALA A 10 -6.52 -6.23 -14.65
N GLU A 11 -5.33 -6.05 -14.09
CA GLU A 11 -4.96 -6.72 -12.84
C GLU A 11 -5.90 -6.28 -11.71
N PHE A 12 -6.29 -5.01 -11.74
CA PHE A 12 -7.22 -4.48 -10.76
C PHE A 12 -8.63 -4.97 -10.97
N LYS A 13 -9.04 -5.19 -12.21
CA LYS A 13 -10.38 -5.74 -12.51
C LYS A 13 -10.55 -7.10 -11.84
N GLU A 14 -9.50 -7.88 -11.95
CA GLU A 14 -9.41 -9.22 -11.38
C GLU A 14 -9.51 -9.14 -9.83
N ALA A 15 -8.65 -8.34 -9.25
CA ALA A 15 -8.56 -8.22 -7.82
C ALA A 15 -9.77 -7.51 -7.22
N PHE A 16 -10.36 -6.60 -7.98
CA PHE A 16 -11.55 -5.89 -7.54
C PHE A 16 -12.67 -6.89 -7.38
N SER A 17 -12.84 -7.73 -8.38
CA SER A 17 -13.90 -8.73 -8.39
C SER A 17 -13.63 -9.83 -7.32
N LEU A 18 -12.40 -9.90 -6.84
CA LEU A 18 -12.04 -10.79 -5.75
C LEU A 18 -12.62 -10.26 -4.44
N PHE A 19 -12.70 -8.95 -4.34
CA PHE A 19 -13.22 -8.30 -3.15
C PHE A 19 -14.70 -7.97 -3.31
N ASP A 20 -15.08 -7.62 -4.51
CA ASP A 20 -16.47 -7.36 -4.85
C ASP A 20 -17.17 -8.70 -5.02
N LYS A 21 -17.86 -9.09 -3.98
CA LYS A 21 -18.47 -10.40 -3.87
C LYS A 21 -19.56 -10.67 -4.87
N ASP A 22 -20.15 -9.64 -5.42
CA ASP A 22 -21.20 -9.85 -6.41
C ASP A 22 -20.76 -9.37 -7.79
N GLY A 23 -19.67 -8.62 -7.83
CA GLY A 23 -19.11 -8.17 -9.09
C GLY A 23 -19.97 -7.15 -9.79
N ASP A 24 -20.26 -6.08 -9.11
CA ASP A 24 -21.14 -5.05 -9.67
C ASP A 24 -20.37 -3.77 -9.93
N GLY A 25 -19.17 -3.69 -9.37
CA GLY A 25 -18.35 -2.53 -9.56
C GLY A 25 -18.34 -1.63 -8.35
N THR A 26 -18.95 -2.06 -7.26
CA THR A 26 -18.90 -1.31 -6.04
C THR A 26 -18.67 -2.26 -4.86
N ILE A 27 -17.74 -1.94 -4.03
CA ILE A 27 -17.47 -2.72 -2.87
C ILE A 27 -18.09 -2.01 -1.67
N THR A 28 -18.91 -2.73 -0.96
CA THR A 28 -19.55 -2.23 0.23
C THR A 28 -18.73 -2.62 1.47
N THR A 29 -19.06 -2.03 2.62
CA THR A 29 -18.39 -2.35 3.87
C THR A 29 -18.68 -3.80 4.26
N LYS A 30 -19.83 -4.30 3.79
CA LYS A 30 -20.24 -5.67 3.96
C LYS A 30 -19.17 -6.58 3.41
N GLU A 31 -18.91 -6.40 2.12
CA GLU A 31 -17.95 -7.16 1.37
C GLU A 31 -16.56 -6.97 1.95
N LEU A 32 -16.25 -5.72 2.30
CA LEU A 32 -14.97 -5.35 2.88
C LEU A 32 -14.66 -6.13 4.15
N GLY A 33 -15.47 -5.99 5.17
CA GLY A 33 -15.14 -6.61 6.44
C GLY A 33 -15.08 -8.11 6.37
N THR A 34 -15.90 -8.70 5.52
CA THR A 34 -15.90 -10.13 5.35
C THR A 34 -14.59 -10.61 4.72
N VAL A 35 -14.12 -9.93 3.68
CA VAL A 35 -12.86 -10.32 3.06
C VAL A 35 -11.70 -9.99 3.98
N MET A 36 -11.81 -8.87 4.68
CA MET A 36 -10.79 -8.43 5.62
C MET A 36 -10.61 -9.39 6.76
N ARG A 37 -11.72 -9.84 7.32
CA ARG A 37 -11.68 -10.81 8.40
C ARG A 37 -11.10 -12.13 7.91
N SER A 38 -11.35 -12.47 6.66
CA SER A 38 -10.81 -13.67 6.04
C SER A 38 -9.28 -13.53 5.81
N LEU A 39 -8.81 -12.29 5.75
CA LEU A 39 -7.38 -12.02 5.59
C LEU A 39 -6.69 -11.95 6.95
N GLY A 40 -7.45 -11.67 7.98
CA GLY A 40 -6.89 -11.57 9.30
C GLY A 40 -6.86 -10.15 9.82
N GLN A 41 -7.38 -9.23 9.05
CA GLN A 41 -7.44 -7.83 9.45
C GLN A 41 -8.83 -7.53 9.94
N ASN A 42 -8.97 -6.91 11.06
CA ASN A 42 -10.30 -6.56 11.53
C ASN A 42 -10.47 -5.06 11.76
N PRO A 43 -10.69 -4.28 10.69
CA PRO A 43 -11.08 -2.88 10.84
C PRO A 43 -12.57 -2.82 11.19
N THR A 44 -13.00 -1.78 11.84
CA THR A 44 -14.37 -1.68 12.23
C THR A 44 -15.25 -1.17 11.08
N GLU A 45 -16.54 -1.17 11.29
CA GLU A 45 -17.53 -0.79 10.29
C GLU A 45 -17.29 0.67 9.83
N ALA A 46 -16.97 1.53 10.77
CA ALA A 46 -16.72 2.93 10.49
C ALA A 46 -15.39 3.12 9.76
N GLU A 47 -14.40 2.30 10.12
CA GLU A 47 -13.08 2.35 9.50
C GLU A 47 -13.16 2.07 8.02
N LEU A 48 -13.87 1.02 7.69
CA LEU A 48 -14.07 0.60 6.32
C LEU A 48 -14.81 1.69 5.55
N GLN A 49 -15.81 2.28 6.19
CA GLN A 49 -16.63 3.29 5.56
C GLN A 49 -15.84 4.58 5.28
N ASP A 50 -14.92 4.93 6.18
CA ASP A 50 -14.07 6.12 5.99
C ASP A 50 -13.14 5.92 4.84
N MET A 51 -12.58 4.72 4.78
CA MET A 51 -11.67 4.32 3.72
C MET A 51 -12.38 4.41 2.38
N ILE A 52 -13.65 4.07 2.39
CA ILE A 52 -14.48 4.20 1.22
C ILE A 52 -14.66 5.67 0.86
N ASN A 53 -15.03 6.47 1.84
CA ASN A 53 -15.35 7.88 1.62
C ASN A 53 -14.15 8.67 1.08
N GLU A 54 -12.95 8.15 1.33
CA GLU A 54 -11.72 8.70 0.83
C GLU A 54 -11.80 8.83 -0.70
N VAL A 55 -12.30 7.80 -1.35
CA VAL A 55 -12.39 7.77 -2.80
C VAL A 55 -13.81 7.97 -3.30
N ASP A 56 -14.76 7.82 -2.41
CA ASP A 56 -16.16 7.92 -2.77
C ASP A 56 -16.56 9.34 -3.07
N ALA A 57 -16.70 9.61 -4.33
CA ALA A 57 -17.07 10.92 -4.77
C ALA A 57 -18.58 11.10 -4.80
N ASP A 58 -19.32 9.99 -4.86
CA ASP A 58 -20.80 10.07 -5.03
C ASP A 58 -21.45 10.29 -3.69
N GLY A 59 -20.68 10.11 -2.62
CA GLY A 59 -21.24 10.16 -1.29
C GLY A 59 -22.24 9.04 -1.09
N ASN A 60 -22.04 7.94 -1.80
CA ASN A 60 -22.99 6.83 -1.77
C ASN A 60 -22.52 5.74 -0.83
N GLY A 61 -21.30 5.87 -0.36
CA GLY A 61 -20.79 4.97 0.63
C GLY A 61 -20.16 3.72 0.06
N THR A 62 -19.91 3.69 -1.23
CA THR A 62 -19.29 2.52 -1.85
C THR A 62 -18.14 2.93 -2.75
N ILE A 63 -17.15 2.05 -2.89
CA ILE A 63 -16.00 2.31 -3.75
C ILE A 63 -16.27 1.76 -5.12
N ASP A 64 -16.41 2.62 -6.06
CA ASP A 64 -16.58 2.23 -7.43
C ASP A 64 -15.22 1.88 -7.97
N PHE A 65 -15.17 1.02 -8.96
CA PHE A 65 -13.90 0.62 -9.57
C PHE A 65 -13.07 1.84 -10.02
N PRO A 66 -13.66 2.81 -10.80
CA PRO A 66 -12.98 4.08 -11.16
C PRO A 66 -12.36 4.79 -9.93
N GLU A 67 -13.12 4.92 -8.85
CA GLU A 67 -12.67 5.61 -7.62
C GLU A 67 -11.48 4.87 -7.00
N PHE A 68 -11.57 3.55 -7.01
CA PHE A 68 -10.52 2.68 -6.55
C PHE A 68 -9.26 2.87 -7.38
N LEU A 69 -9.42 2.96 -8.69
CA LEU A 69 -8.31 3.18 -9.59
C LEU A 69 -7.64 4.52 -9.32
N THR A 70 -8.45 5.51 -8.96
CA THR A 70 -7.96 6.83 -8.64
C THR A 70 -6.95 6.78 -7.48
N MET A 71 -7.33 6.18 -6.34
CA MET A 71 -6.43 6.14 -5.18
C MET A 71 -5.18 5.34 -5.46
N MET A 72 -5.30 4.33 -6.30
CA MET A 72 -4.19 3.49 -6.55
C MET A 72 -3.23 4.13 -7.51
N ALA A 73 -3.76 4.80 -8.51
CA ALA A 73 -2.94 5.45 -9.50
C ALA A 73 -2.22 6.66 -8.90
N ARG A 74 -2.79 7.23 -7.84
CA ARG A 74 -2.16 8.31 -7.10
C ARG A 74 -0.98 7.79 -6.29
N LYS A 75 -1.05 6.53 -5.94
CA LYS A 75 0.02 5.86 -5.24
C LYS A 75 1.09 5.49 -6.24
N MET A 76 0.62 4.92 -7.32
CA MET A 76 1.44 4.42 -8.39
C MET A 76 1.81 5.54 -9.35
N LYS A 77 2.52 6.49 -8.83
CA LYS A 77 3.02 7.58 -9.57
C LYS A 77 4.51 7.61 -9.34
N ASP A 78 5.14 8.64 -9.76
CA ASP A 78 6.55 8.79 -9.49
C ASP A 78 6.71 9.32 -8.10
N THR A 79 6.94 8.45 -7.18
CA THR A 79 7.18 8.87 -5.85
C THR A 79 8.66 9.14 -5.70
N ASP A 80 9.03 10.34 -6.05
CA ASP A 80 10.41 10.76 -6.08
C ASP A 80 10.82 11.36 -4.76
N SER A 81 9.91 11.33 -3.83
CA SER A 81 10.17 11.79 -2.53
C SER A 81 10.38 10.56 -1.64
N GLU A 82 10.57 10.78 -0.37
CA GLU A 82 10.72 9.70 0.56
C GLU A 82 9.41 9.45 1.28
N GLU A 83 8.37 10.19 0.88
CA GLU A 83 7.09 10.22 1.61
C GLU A 83 6.48 8.87 1.87
N GLU A 84 6.13 8.15 0.83
CA GLU A 84 5.46 6.87 1.02
C GLU A 84 6.49 5.80 1.23
N ILE A 85 7.67 6.10 0.79
CA ILE A 85 8.75 5.17 0.76
C ILE A 85 9.16 4.84 2.18
N ARG A 86 9.31 5.86 2.96
CA ARG A 86 9.68 5.71 4.33
C ARG A 86 8.52 5.16 5.15
N GLU A 87 7.28 5.47 4.74
CA GLU A 87 6.12 4.91 5.43
C GLU A 87 6.09 3.40 5.25
N ALA A 88 6.29 2.97 4.02
CA ALA A 88 6.28 1.58 3.67
C ALA A 88 7.47 0.88 4.30
N PHE A 89 8.62 1.51 4.25
CA PHE A 89 9.81 0.93 4.83
C PHE A 89 9.61 0.73 6.34
N ARG A 90 9.06 1.74 6.99
CA ARG A 90 8.80 1.75 8.42
C ARG A 90 7.85 0.64 8.84
N VAL A 91 6.93 0.27 7.98
CA VAL A 91 6.00 -0.76 8.35
C VAL A 91 6.63 -2.17 8.20
N PHE A 92 7.61 -2.31 7.30
CA PHE A 92 8.31 -3.60 7.17
C PHE A 92 9.37 -3.69 8.24
N ASP A 93 10.22 -2.66 8.30
CA ASP A 93 11.23 -2.56 9.33
C ASP A 93 10.62 -1.88 10.51
N LYS A 94 9.93 -2.67 11.26
CA LYS A 94 9.16 -2.25 12.38
C LYS A 94 10.06 -1.93 13.56
N ASP A 95 11.18 -2.62 13.64
CA ASP A 95 12.13 -2.39 14.72
C ASP A 95 12.89 -1.08 14.51
N GLY A 96 12.78 -0.53 13.31
CA GLY A 96 13.35 0.76 13.02
C GLY A 96 14.86 0.78 13.07
N ASN A 97 15.48 -0.23 12.52
CA ASN A 97 16.94 -0.32 12.53
C ASN A 97 17.53 0.14 11.23
N GLY A 98 16.69 0.33 10.22
CA GLY A 98 17.15 0.88 8.97
C GLY A 98 17.33 -0.15 7.90
N TYR A 99 16.95 -1.37 8.20
CA TYR A 99 17.04 -2.46 7.26
C TYR A 99 15.99 -3.51 7.54
N ILE A 100 15.30 -3.92 6.51
CA ILE A 100 14.23 -4.89 6.64
C ILE A 100 14.84 -6.26 6.74
N SER A 101 14.46 -7.00 7.73
CA SER A 101 14.92 -8.34 7.89
C SER A 101 13.72 -9.28 7.69
N ALA A 102 13.98 -10.45 7.09
CA ALA A 102 12.95 -11.42 6.69
C ALA A 102 11.99 -11.79 7.81
N ALA A 103 12.53 -12.17 8.96
CA ALA A 103 11.71 -12.60 10.10
C ALA A 103 10.71 -11.54 10.52
N GLU A 104 11.16 -10.31 10.60
CA GLU A 104 10.29 -9.22 11.00
C GLU A 104 9.27 -8.89 9.94
N LEU A 105 9.68 -8.96 8.68
CA LEU A 105 8.79 -8.69 7.57
C LEU A 105 7.64 -9.73 7.63
N ARG A 106 8.01 -10.98 7.89
CA ARG A 106 7.04 -12.09 8.01
C ARG A 106 6.14 -11.83 9.21
N HIS A 107 6.76 -11.44 10.32
CA HIS A 107 6.07 -11.19 11.57
C HIS A 107 5.02 -10.08 11.42
N VAL A 108 5.39 -8.98 10.79
CA VAL A 108 4.46 -7.88 10.59
C VAL A 108 3.33 -8.32 9.66
N MET A 109 3.66 -9.14 8.66
CA MET A 109 2.67 -9.65 7.71
C MET A 109 1.62 -10.45 8.41
N THR A 110 2.04 -11.27 9.34
CA THR A 110 1.14 -12.09 10.11
C THR A 110 0.17 -11.20 10.91
N ASN A 111 0.69 -10.06 11.37
CA ASN A 111 -0.10 -9.08 12.12
C ASN A 111 -1.05 -8.31 11.19
N LEU A 112 -0.61 -8.12 9.96
CA LEU A 112 -1.34 -7.31 8.96
C LEU A 112 -2.39 -8.14 8.25
N GLY A 113 -2.24 -9.43 8.28
CA GLY A 113 -3.17 -10.26 7.61
C GLY A 113 -2.75 -10.57 6.19
N GLU A 114 -1.46 -10.70 5.99
CA GLU A 114 -0.94 -11.07 4.69
C GLU A 114 -0.18 -12.36 4.89
N LYS A 115 -0.67 -13.44 4.33
CA LYS A 115 -0.01 -14.71 4.51
C LYS A 115 1.17 -14.85 3.57
N LEU A 116 2.33 -14.51 4.06
CA LEU A 116 3.56 -14.68 3.31
C LEU A 116 4.41 -15.59 4.13
N THR A 117 4.99 -16.59 3.54
CA THR A 117 5.82 -17.44 4.32
C THR A 117 7.27 -17.00 4.20
N ASP A 118 8.16 -17.74 4.81
CA ASP A 118 9.57 -17.39 4.88
C ASP A 118 10.17 -17.21 3.50
N GLU A 119 9.82 -18.08 2.57
CA GLU A 119 10.33 -18.01 1.23
C GLU A 119 9.81 -16.79 0.44
N GLU A 120 8.64 -16.28 0.79
CA GLU A 120 8.14 -15.07 0.13
C GLU A 120 8.81 -13.85 0.67
N VAL A 121 8.89 -13.76 2.00
CA VAL A 121 9.51 -12.61 2.63
C VAL A 121 11.01 -12.59 2.29
N ASP A 122 11.61 -13.78 2.19
CA ASP A 122 13.00 -13.96 1.81
C ASP A 122 13.24 -13.44 0.42
N GLU A 123 12.32 -13.76 -0.48
CA GLU A 123 12.45 -13.34 -1.86
C GLU A 123 12.36 -11.82 -1.92
N MET A 124 11.44 -11.29 -1.13
CA MET A 124 11.23 -9.85 -1.03
C MET A 124 12.48 -9.15 -0.52
N ILE A 125 13.13 -9.75 0.45
CA ILE A 125 14.38 -9.22 0.98
C ILE A 125 15.45 -9.27 -0.10
N ARG A 126 15.63 -10.46 -0.67
CA ARG A 126 16.68 -10.72 -1.66
C ARG A 126 16.59 -9.78 -2.86
N GLU A 127 15.40 -9.52 -3.32
CA GLU A 127 15.20 -8.67 -4.48
C GLU A 127 15.30 -7.19 -4.15
N ALA A 128 15.37 -6.86 -2.88
CA ALA A 128 15.53 -5.49 -2.47
C ALA A 128 16.95 -5.25 -1.93
N ASP A 129 17.57 -6.33 -1.49
CA ASP A 129 18.95 -6.37 -1.02
C ASP A 129 19.90 -6.19 -2.20
N ILE A 130 20.33 -4.98 -2.40
CA ILE A 130 21.18 -4.62 -3.50
C ILE A 130 22.67 -4.88 -3.19
N ASP A 131 23.13 -4.43 -2.03
CA ASP A 131 24.58 -4.51 -1.72
C ASP A 131 24.99 -5.86 -1.11
N GLY A 132 24.03 -6.64 -0.74
CA GLY A 132 24.32 -7.95 -0.22
C GLY A 132 24.63 -7.94 1.25
N ASP A 133 23.65 -7.64 2.05
CA ASP A 133 23.80 -7.65 3.49
C ASP A 133 22.94 -8.78 4.04
N GLY A 134 22.02 -9.25 3.19
CA GLY A 134 21.09 -10.29 3.58
C GLY A 134 19.85 -9.66 4.14
N GLN A 135 19.83 -8.36 4.05
CA GLN A 135 18.80 -7.49 4.56
C GLN A 135 18.78 -6.26 3.69
N VAL A 136 17.66 -5.65 3.57
CA VAL A 136 17.51 -4.50 2.69
C VAL A 136 17.46 -3.17 3.47
N ASN A 137 18.44 -2.34 3.23
CA ASN A 137 18.55 -1.02 3.86
C ASN A 137 17.61 -0.02 3.18
N TYR A 138 17.31 1.07 3.85
CA TYR A 138 16.40 2.09 3.36
C TYR A 138 16.83 2.63 2.00
N GLU A 139 18.10 2.92 1.85
CA GLU A 139 18.62 3.44 0.61
C GLU A 139 18.55 2.44 -0.54
N GLU A 140 18.47 1.18 -0.20
CA GLU A 140 18.30 0.16 -1.20
C GLU A 140 16.82 0.03 -1.54
N PHE A 141 16.00 0.16 -0.51
CA PHE A 141 14.58 0.01 -0.65
C PHE A 141 13.93 1.23 -1.34
N VAL A 142 14.56 2.41 -1.27
CA VAL A 142 14.02 3.60 -1.96
C VAL A 142 13.87 3.32 -3.45
N GLN A 143 14.70 2.43 -3.96
CA GLN A 143 14.63 2.00 -5.32
C GLN A 143 13.48 1.01 -5.48
N MET A 144 13.62 -0.14 -4.82
CA MET A 144 12.73 -1.30 -4.97
C MET A 144 11.25 -1.01 -4.68
N MET A 145 11.00 -0.06 -3.82
CA MET A 145 9.63 0.32 -3.46
C MET A 145 8.85 0.71 -4.72
N THR A 146 9.40 1.60 -5.50
CA THR A 146 8.72 2.06 -6.67
C THR A 146 9.25 1.34 -7.92
N ALA A 147 10.55 1.12 -7.97
CA ALA A 147 11.22 0.47 -9.08
C ALA A 147 11.34 -1.00 -8.78
N LYS A 148 10.53 -1.80 -9.41
CA LYS A 148 10.54 -3.21 -9.15
C LYS A 148 11.13 -3.92 -10.34
N SER B 1 13.96 -17.90 -4.20
CA SER B 1 14.52 -18.39 -5.44
C SER B 1 13.44 -18.60 -6.54
N PRO B 2 12.30 -19.33 -6.29
CA PRO B 2 11.29 -19.49 -7.32
C PRO B 2 10.08 -18.56 -7.13
N ALA B 3 10.23 -17.55 -6.27
CA ALA B 3 9.12 -16.67 -5.98
C ALA B 3 9.22 -15.40 -6.80
N ASN B 4 10.43 -14.95 -7.07
CA ASN B 4 10.64 -13.73 -7.87
C ASN B 4 10.39 -14.01 -9.34
N SER B 5 10.27 -15.27 -9.65
CA SER B 5 10.04 -15.72 -10.98
C SER B 5 8.62 -15.38 -11.48
N PHE B 6 7.61 -15.58 -10.64
CA PHE B 6 6.22 -15.35 -11.04
C PHE B 6 5.41 -14.79 -9.89
N HIS B 7 4.51 -13.85 -10.21
CA HIS B 7 3.53 -13.28 -9.25
C HIS B 7 4.21 -12.36 -8.20
N PHE B 8 5.49 -12.16 -8.35
CA PHE B 8 6.29 -11.37 -7.44
C PHE B 8 6.02 -9.89 -7.66
N LYS B 9 5.71 -9.56 -8.89
CA LYS B 9 5.33 -8.22 -9.30
C LYS B 9 4.08 -7.79 -8.53
N GLU B 10 3.07 -8.67 -8.53
CA GLU B 10 1.84 -8.41 -7.81
C GLU B 10 2.07 -8.49 -6.30
N ALA B 11 3.05 -9.28 -5.90
CA ALA B 11 3.38 -9.45 -4.49
C ALA B 11 3.84 -8.13 -3.88
N TRP B 12 4.82 -7.48 -4.48
CA TRP B 12 5.29 -6.17 -3.99
C TRP B 12 4.25 -5.10 -4.16
N LYS B 13 3.50 -5.19 -5.25
CA LYS B 13 2.40 -4.29 -5.58
C LYS B 13 1.46 -4.23 -4.38
N HIS B 14 1.01 -5.40 -4.00
CA HIS B 14 0.13 -5.55 -2.86
C HIS B 14 0.82 -5.24 -1.55
N ALA B 15 2.08 -5.63 -1.40
CA ALA B 15 2.81 -5.43 -0.13
C ALA B 15 2.84 -3.97 0.31
N ILE B 16 3.21 -3.07 -0.59
CA ILE B 16 3.29 -1.64 -0.24
C ILE B 16 1.91 -1.00 -0.10
N GLN B 17 0.93 -1.63 -0.67
CA GLN B 17 -0.46 -1.23 -0.56
C GLN B 17 -1.03 -1.70 0.82
N LYS B 18 -0.80 -2.97 1.09
CA LYS B 18 -1.29 -3.69 2.25
C LYS B 18 -0.62 -3.29 3.54
N ALA B 19 0.70 -3.34 3.56
CA ALA B 19 1.48 -3.21 4.80
C ALA B 19 1.17 -1.96 5.60
N LYS B 20 1.22 -0.80 4.97
CA LYS B 20 1.02 0.43 5.64
C LYS B 20 -0.48 0.70 5.88
N HIS B 21 -1.31 -0.28 5.49
CA HIS B 21 -2.76 -0.19 5.55
C HIS B 21 -3.19 1.05 4.80
N MET B 22 -2.94 1.05 3.51
CA MET B 22 -3.31 2.19 2.70
C MET B 22 -4.81 2.22 2.49
N PRO B 23 -5.41 1.25 1.76
CA PRO B 23 -6.82 1.12 1.73
C PRO B 23 -7.22 -0.06 2.60
N ASP B 24 -8.42 -0.48 2.47
CA ASP B 24 -8.85 -1.71 3.05
C ASP B 24 -9.05 -2.76 1.98
N PRO B 25 -9.73 -2.47 0.82
CA PRO B 25 -9.77 -3.44 -0.27
C PRO B 25 -8.38 -3.54 -0.92
N TRP B 26 -7.62 -4.51 -0.48
CA TRP B 26 -6.30 -4.73 -1.00
C TRP B 26 -6.34 -5.50 -2.28
N ALA B 27 -6.65 -4.79 -3.30
CA ALA B 27 -6.79 -5.31 -4.60
C ALA B 27 -5.70 -4.72 -5.45
CA CA C . -20.53 -5.40 -4.64
CA CA D . -18.77 5.68 -5.10
#